data_6MPH
#
_entry.id   6MPH
#
loop_
_entity.id
_entity.type
_entity.pdbx_description
1 polymer 'DF1W-a.01 heavy chain'
2 polymer 'DF1W-a.01 Light chain'
3 polymer 'Envelope glycoprotein gp41'
4 polymer 'Envelope glycoprotein gp120'
5 polymer 'PGT122 heavy chain'
6 polymer 'PGT122 Light Chain'
7 polymer 'VRC03 Heavy chain'
8 polymer 'VRC03 Light Chain'
9 branched alpha-D-mannopyranose-(1-3)-[alpha-D-mannopyranose-(1-6)]beta-D-mannopyranose-(1-4)-2-acetamido-2-deoxy-beta-D-glucopyranose-(1-4)-2-acetamido-2-deoxy-beta-D-glucopyranose
10 branched 2-acetamido-2-deoxy-beta-D-glucopyranose-(1-4)-2-acetamido-2-deoxy-beta-D-glucopyranose
11 branched alpha-D-mannopyranose-(1-3)-beta-D-mannopyranose-(1-4)-2-acetamido-2-deoxy-beta-D-glucopyranose-(1-4)-2-acetamido-2-deoxy-beta-D-glucopyranose
12 branched beta-D-mannopyranose-(1-4)-2-acetamido-2-deoxy-beta-D-glucopyranose-(1-4)-2-acetamido-2-deoxy-beta-D-glucopyranose
13 branched alpha-D-mannopyranose-(1-2)-alpha-D-mannopyranose-(1-3)-[alpha-D-mannopyranose-(1-6)]beta-D-mannopyranose-(1-4)-2-acetamido-2-deoxy-beta-D-glucopyranose-(1-4)-2-acetamido-2-deoxy-beta-D-glucopyranose
14 non-polymer 2-acetamido-2-deoxy-beta-D-glucopyranose
#
loop_
_entity_poly.entity_id
_entity_poly.type
_entity_poly.pdbx_seq_one_letter_code
_entity_poly.pdbx_strand_id
1 'polypeptide(L)'
;QVQLVESGPGLVRPSETLSLTCAVSGASIRTKAWWSWIRQPPGKGLEWIGYVSGGWDLPNYNPSLKNRVIILKDTSLNQF
SLRLTSVTAADTALYYCAREGPEDFDVWGPGFLVTVSS
;
1,3,H
2 'polypeptide(L)'
;DVVMTQSPLSLSITPGQPASISCRSSQSLVHSDGKTYLSWYQQKPGQPPRLLIYQVSNWYSGVPDRFSGSGTGTNFTLKI
SRVEAADVGVYYCGQGVHLPRTFGQGTKVDIK
;
2,4,L
3 'polypeptide(L)'
;AVGIGAVFLGFLGAAGSTMGAASMTLTVQARNLLSGIVQQQSNLLRAIEAQQHLLKLTVWGIKQLQARVLAVERYLRDQQ
LLGIWGCSGKLICCTNVPWNSSWSNRNLSEIWDNMTWLQWDKEISNYTQIIYGLLEESQNQQEKNEQDLLALD
;
6,D,E
4 'polypeptide(L)'
;AENLWVTVYYGVPVWKDAETTLFCASDAKAYETEKHNVWATHACVPTDPNPQEIHLENVTEEFNMWKNNMVEQMHTDIIS
LWDQSLKPCVKLTPLCVTLQCTNVTNNITDDMRGELKNCSFNMTTELRDKKQKVYSLFYRLDVVQINENQGNRSNNSNKE
YRLINCNTSACTQACPKVSFEPIPIHYCAPAGFAILKCKDKKFNGTGPCPSVSTVQCTHGIKPVVSTQLLLNGSLAEEEV
MIRSENITNNAKNILVQFNTPVQINCTRPNNNTRKSIRIGPGQAFYATGDIIGDIRQAHCNVSKATWNETLGKVVKQLRK
HFGNNTIIRFANSSGGDLEVTTHSFNCGGEFFYCNTSGLFNSTWISNTSVQGSNSTGSNDSITLPCRIKQIINMWQRIGQ
CMYAPPIQGVIRCVSNITGLILTRDGGSTNSTTETFRPGGGDMRDNWRSELYKYKVVKIEPLGVAPTRCKRRV
;
A,B,C
5 'polypeptide(L)'
;QVHLQESGPGLVKPSETLSLTCNVSGTLVRDNYWSWIRQPLGKQPEWIGYVHDSGDTNYNPSLKSRVHLSLDKSKNLVSL
RLTGVTAADSAIYYCATTKHGRRIYGVVAFKEWFTYFYMDVWGKGTSVTVSS
;
M,X,Y
6 'polypeptide(L)'
;APTFVSVAPGQTARITCGEESLGSRSVIWYQQRPGQAPSLIIYNNNDRPSGIPDRFSGSPGSTFGTTATLTITSVEAGDE
ADYYCHIWDSRRPTNWVFGEGTTLIVL
;
N,Z,a
7 'polypeptide(L)'
;QVQLVQSGAVIKTPGSSVKISCRASGYNFRDYSIHWVRLIPDKGFEWIGWIKPLWGAVSYARQLQGRVSMTRQLSQDPDD
PDWGVAYMEFSGLTPADTAEYFCVRRGSCDYCGDFPWQYWGQGTVVVVSSASTKGPSVFPLAPSSGGTAALGCLVKDYFP
EPVTVSWNSGALTSGVHTFPAVLQSSGLYSLSSVVTVPSSSLGTQTYICNVNHKPSNTKVDKKVEPK
;
Q,f,g
8 'polypeptide(L)'
;EIVLTQSPGILSLSPGETATLFCKASQGGNAMTWYQKRRGQVPRLLIYDTSRRASGVPDRFVGSGSGTDFFLTINKLDRE
DFAVYYCQQFEFFGLGSELEVH
;
R,h,i
#
# COMPACT_ATOMS: atom_id res chain seq x y z
N GLN A 1 15.06 -38.72 -22.54
CA GLN A 1 13.68 -38.71 -22.06
C GLN A 1 12.78 -37.91 -22.99
N VAL A 2 13.38 -37.37 -24.04
CA VAL A 2 12.61 -36.62 -25.03
C VAL A 2 11.77 -37.58 -25.86
N GLN A 3 10.60 -37.13 -26.27
CA GLN A 3 9.67 -37.96 -27.05
C GLN A 3 9.08 -37.12 -28.17
N LEU A 4 9.28 -37.57 -29.41
CA LEU A 4 8.76 -36.89 -30.59
C LEU A 4 7.77 -37.80 -31.28
N VAL A 5 6.61 -37.26 -31.64
CA VAL A 5 5.55 -38.03 -32.27
C VAL A 5 5.02 -37.24 -33.46
N GLU A 6 5.09 -37.83 -34.66
CA GLU A 6 4.54 -37.17 -35.84
C GLU A 6 3.02 -37.26 -35.86
N SER A 7 2.42 -36.39 -36.65
CA SER A 7 0.98 -36.42 -36.89
C SER A 7 0.71 -35.80 -38.25
N GLY A 8 -0.32 -36.29 -38.91
CA GLY A 8 -0.66 -35.84 -40.25
C GLY A 8 -1.02 -36.99 -41.16
N PRO A 9 -1.19 -36.70 -42.45
CA PRO A 9 -1.62 -37.74 -43.39
C PRO A 9 -0.48 -38.69 -43.74
N GLY A 10 -0.87 -39.82 -44.31
CA GLY A 10 0.07 -40.77 -44.88
C GLY A 10 -0.34 -41.14 -46.28
N LEU A 11 -1.46 -40.58 -46.74
CA LEU A 11 -2.00 -40.85 -48.06
C LEU A 11 -2.53 -39.52 -48.62
N VAL A 12 -1.81 -38.95 -49.57
CA VAL A 12 -2.21 -37.70 -50.21
C VAL A 12 -2.09 -37.84 -51.72
N ARG A 13 -2.84 -36.99 -52.42
CA ARG A 13 -2.75 -36.94 -53.86
C ARG A 13 -1.49 -36.19 -54.29
N PRO A 14 -0.91 -36.54 -55.43
CA PRO A 14 0.18 -35.73 -55.98
C PRO A 14 -0.30 -34.37 -56.44
N SER A 15 0.68 -33.47 -56.64
CA SER A 15 0.47 -32.06 -56.98
C SER A 15 -0.43 -31.35 -55.96
N GLU A 16 -0.11 -31.55 -54.69
CA GLU A 16 -0.83 -30.92 -53.58
C GLU A 16 0.17 -30.43 -52.55
N THR A 17 -0.33 -29.77 -51.51
CA THR A 17 0.49 -29.23 -50.44
C THR A 17 0.46 -30.20 -49.26
N LEU A 18 1.58 -30.88 -49.02
CA LEU A 18 1.71 -31.82 -47.93
C LEU A 18 2.20 -31.09 -46.68
N SER A 19 1.69 -31.50 -45.52
CA SER A 19 2.09 -30.89 -44.26
C SER A 19 1.92 -31.87 -43.12
N LEU A 20 2.99 -32.12 -42.39
CA LEU A 20 2.96 -32.88 -41.14
C LEU A 20 3.17 -31.93 -39.97
N THR A 21 3.09 -32.49 -38.76
CA THR A 21 3.36 -31.72 -37.55
C THR A 21 3.81 -32.69 -36.46
N CYS A 22 4.99 -32.47 -35.90
CA CYS A 22 5.54 -33.34 -34.89
C CYS A 22 5.44 -32.68 -33.53
N ALA A 23 4.79 -33.36 -32.59
CA ALA A 23 4.70 -32.90 -31.21
C ALA A 23 5.92 -33.38 -30.42
N VAL A 24 6.37 -32.54 -29.50
CA VAL A 24 7.57 -32.77 -28.72
C VAL A 24 7.21 -32.71 -27.24
N SER A 25 7.59 -33.75 -26.50
CA SER A 25 7.50 -33.76 -25.04
C SER A 25 8.85 -34.22 -24.50
N GLY A 26 8.98 -34.24 -23.17
CA GLY A 26 10.20 -34.67 -22.53
C GLY A 26 11.28 -33.62 -22.41
N ALA A 27 11.21 -32.55 -23.20
CA ALA A 27 12.18 -31.47 -23.16
C ALA A 27 11.53 -30.23 -23.75
N SER A 28 12.31 -29.17 -23.95
CA SER A 28 11.82 -27.94 -24.51
C SER A 28 12.24 -27.80 -25.96
N ILE A 29 11.47 -27.01 -26.71
CA ILE A 29 11.80 -26.81 -28.12
C ILE A 29 12.95 -25.84 -28.27
N ARG A 30 12.99 -24.79 -27.44
CA ARG A 30 13.98 -23.73 -27.58
C ARG A 30 15.29 -24.10 -26.87
N THR A 31 15.90 -25.18 -27.34
CA THR A 31 17.14 -25.67 -26.76
C THR A 31 18.26 -25.57 -27.79
N LYS A 32 19.44 -26.04 -27.41
CA LYS A 32 20.57 -26.11 -28.32
C LYS A 32 20.32 -27.31 -29.24
N ALA A 33 19.51 -27.09 -30.27
CA ALA A 33 18.94 -28.18 -31.03
C ALA A 33 18.44 -27.70 -32.37
N TRP A 34 18.45 -28.60 -33.35
CA TRP A 34 17.79 -28.40 -34.62
C TRP A 34 16.68 -29.44 -34.73
N TRP A 35 15.44 -28.99 -34.60
CA TRP A 35 14.28 -29.84 -34.79
C TRP A 35 14.12 -30.06 -36.29
N SER A 36 14.34 -31.29 -36.73
CA SER A 36 14.60 -31.56 -38.13
C SER A 36 13.60 -32.55 -38.69
N TRP A 37 13.45 -32.51 -40.01
CA TRP A 37 12.68 -33.49 -40.76
C TRP A 37 13.64 -34.23 -41.68
N ILE A 38 13.57 -35.57 -41.62
CA ILE A 38 14.41 -36.46 -42.41
C ILE A 38 13.50 -37.54 -42.97
N ARG A 39 13.60 -37.82 -44.27
CA ARG A 39 12.74 -38.83 -44.87
C ARG A 39 13.56 -39.99 -45.41
N GLN A 40 12.85 -41.01 -45.86
CA GLN A 40 13.44 -42.24 -46.37
C GLN A 40 12.50 -42.92 -47.35
N PRO A 41 12.81 -42.94 -48.64
CA PRO A 41 12.00 -43.73 -49.59
C PRO A 41 12.08 -45.21 -49.26
N PRO A 42 11.01 -45.96 -49.49
CA PRO A 42 10.92 -47.33 -48.95
C PRO A 42 11.88 -48.29 -49.64
N GLY A 43 12.62 -49.03 -48.84
CA GLY A 43 13.68 -49.89 -49.33
C GLY A 43 14.98 -49.20 -49.65
N LYS A 44 15.05 -47.88 -49.44
CA LYS A 44 16.21 -47.08 -49.80
C LYS A 44 16.77 -46.40 -48.56
N GLY A 45 17.82 -45.61 -48.77
CA GLY A 45 18.49 -44.90 -47.70
C GLY A 45 17.71 -43.68 -47.24
N LEU A 46 18.30 -42.99 -46.27
CA LEU A 46 17.69 -41.80 -45.70
C LEU A 46 17.83 -40.61 -46.64
N GLU A 47 16.99 -39.61 -46.42
CA GLU A 47 17.02 -38.36 -47.18
C GLU A 47 16.69 -37.23 -46.23
N TRP A 48 17.70 -36.45 -45.87
CA TRP A 48 17.53 -35.34 -44.93
C TRP A 48 16.79 -34.20 -45.61
N ILE A 49 15.60 -33.87 -45.10
CA ILE A 49 14.82 -32.80 -45.71
C ILE A 49 15.33 -31.44 -45.27
N GLY A 50 15.42 -31.23 -43.95
CA GLY A 50 15.84 -29.94 -43.46
C GLY A 50 15.68 -29.88 -41.95
N TYR A 51 15.81 -28.66 -41.41
CA TYR A 51 15.66 -28.45 -39.98
C TYR A 51 15.02 -27.10 -39.72
N VAL A 52 14.83 -26.83 -38.43
CA VAL A 52 14.55 -25.49 -37.92
C VAL A 52 15.22 -25.45 -36.55
N SER A 53 15.45 -24.25 -36.04
CA SER A 53 16.15 -24.13 -34.77
C SER A 53 15.28 -23.43 -33.74
N GLY A 54 15.47 -23.83 -32.48
CA GLY A 54 14.81 -23.18 -31.37
C GLY A 54 15.43 -21.87 -30.94
N GLY A 55 16.56 -21.51 -31.54
CA GLY A 55 17.17 -20.22 -31.28
C GLY A 55 16.64 -19.19 -32.26
N TRP A 56 17.52 -18.63 -33.08
CA TRP A 56 17.07 -17.69 -34.10
C TRP A 56 17.73 -17.95 -35.45
N ASP A 57 18.20 -19.18 -35.67
CA ASP A 57 18.77 -19.53 -36.96
C ASP A 57 17.71 -19.50 -38.05
N LEU A 58 18.13 -19.11 -39.24
CA LEU A 58 17.24 -19.32 -40.37
C LEU A 58 17.29 -20.78 -40.78
N PRO A 59 16.14 -21.37 -41.12
CA PRO A 59 16.13 -22.79 -41.48
C PRO A 59 16.81 -23.03 -42.82
N ASN A 60 17.61 -24.08 -42.87
CA ASN A 60 18.39 -24.41 -44.05
C ASN A 60 18.04 -25.83 -44.48
N TYR A 61 17.64 -25.99 -45.72
CA TYR A 61 17.15 -27.27 -46.22
C TYR A 61 18.16 -27.86 -47.19
N ASN A 62 17.84 -29.06 -47.66
CA ASN A 62 18.55 -29.64 -48.78
C ASN A 62 18.10 -28.96 -50.07
N PRO A 63 19.03 -28.43 -50.88
CA PRO A 63 18.61 -27.76 -52.13
C PRO A 63 17.97 -28.67 -53.15
N SER A 64 18.09 -30.00 -53.00
CA SER A 64 17.35 -30.93 -53.85
C SER A 64 15.85 -30.90 -53.60
N LEU A 65 15.40 -30.31 -52.49
CA LEU A 65 13.98 -30.22 -52.18
C LEU A 65 13.28 -29.08 -52.90
N LYS A 66 14.02 -28.31 -53.71
CA LYS A 66 13.48 -27.39 -54.72
C LYS A 66 12.64 -26.26 -54.12
N ASN A 67 12.98 -25.84 -52.89
CA ASN A 67 12.39 -24.68 -52.21
C ASN A 67 10.89 -24.83 -51.99
N ARG A 68 10.41 -26.07 -51.89
CA ARG A 68 9.02 -26.36 -51.59
C ARG A 68 8.81 -26.77 -50.13
N VAL A 69 9.85 -26.68 -49.31
CA VAL A 69 9.83 -27.16 -47.94
C VAL A 69 9.96 -25.97 -47.01
N ILE A 70 8.95 -25.76 -46.18
CA ILE A 70 8.96 -24.73 -45.14
C ILE A 70 8.68 -25.42 -43.82
N ILE A 71 9.69 -25.52 -42.97
CA ILE A 71 9.53 -26.05 -41.62
C ILE A 71 9.26 -24.88 -40.69
N LEU A 72 8.13 -24.91 -40.00
CA LEU A 72 7.72 -23.81 -39.15
C LEU A 72 7.60 -24.30 -37.71
N LYS A 73 8.28 -23.61 -36.80
CA LYS A 73 8.25 -24.01 -35.40
C LYS A 73 7.10 -23.32 -34.68
N ASP A 74 6.57 -24.01 -33.67
CA ASP A 74 5.43 -23.57 -32.87
C ASP A 74 5.87 -23.74 -31.42
N THR A 75 6.53 -22.72 -30.88
CA THR A 75 7.06 -22.77 -29.53
C THR A 75 5.96 -22.69 -28.48
N SER A 76 4.82 -22.09 -28.81
CA SER A 76 3.69 -22.05 -27.89
C SER A 76 2.96 -23.37 -27.79
N LEU A 77 3.23 -24.32 -28.69
CA LEU A 77 2.61 -25.63 -28.64
C LEU A 77 3.64 -26.76 -28.64
N ASN A 78 4.93 -26.43 -28.54
CA ASN A 78 6.05 -27.39 -28.50
C ASN A 78 6.06 -28.30 -29.72
N GLN A 79 5.84 -27.71 -30.89
CA GLN A 79 5.75 -28.47 -32.13
C GLN A 79 6.60 -27.82 -33.20
N PHE A 80 6.76 -28.53 -34.31
CA PHE A 80 7.41 -27.99 -35.50
C PHE A 80 6.92 -28.80 -36.69
N SER A 81 6.60 -28.10 -37.78
CA SER A 81 5.82 -28.66 -38.87
C SER A 81 6.63 -28.68 -40.16
N LEU A 82 6.57 -29.79 -40.87
CA LEU A 82 7.07 -29.90 -42.23
C LEU A 82 6.02 -29.42 -43.21
N ARG A 83 6.48 -28.85 -44.33
CA ARG A 83 5.62 -28.58 -45.46
C ARG A 83 6.27 -29.14 -46.73
N LEU A 84 5.43 -29.48 -47.70
CA LEU A 84 5.92 -29.94 -49.00
C LEU A 84 4.83 -29.63 -50.03
N THR A 85 5.00 -28.54 -50.77
CA THR A 85 4.06 -28.19 -51.82
C THR A 85 4.42 -28.90 -53.12
N SER A 86 3.38 -29.20 -53.91
CA SER A 86 3.48 -29.83 -55.23
C SER A 86 4.20 -31.18 -55.17
N VAL A 87 3.57 -32.12 -54.46
CA VAL A 87 4.16 -33.44 -54.27
C VAL A 87 3.95 -34.30 -55.51
N THR A 88 4.75 -35.35 -55.61
CA THR A 88 4.61 -36.36 -56.65
C THR A 88 4.51 -37.73 -55.99
N ALA A 89 4.14 -38.74 -56.78
CA ALA A 89 4.04 -40.09 -56.26
C ALA A 89 5.40 -40.71 -55.97
N ALA A 90 6.47 -40.17 -56.56
CA ALA A 90 7.82 -40.61 -56.23
C ALA A 90 8.32 -40.06 -54.90
N ASP A 91 7.56 -39.16 -54.27
CA ASP A 91 7.90 -38.65 -52.95
C ASP A 91 7.30 -39.49 -51.83
N THR A 92 6.84 -40.71 -52.14
CA THR A 92 6.41 -41.65 -51.10
C THR A 92 7.61 -42.05 -50.24
N ALA A 93 7.50 -41.82 -48.94
CA ALA A 93 8.63 -42.01 -48.04
C ALA A 93 8.15 -42.07 -46.60
N LEU A 94 8.90 -42.80 -45.78
CA LEU A 94 8.79 -42.67 -44.34
C LEU A 94 9.33 -41.31 -43.91
N TYR A 95 8.56 -40.58 -43.11
CA TYR A 95 8.94 -39.26 -42.62
C TYR A 95 9.29 -39.36 -41.14
N TYR A 96 10.28 -38.56 -40.73
CA TYR A 96 10.84 -38.63 -39.40
C TYR A 96 11.09 -37.22 -38.88
N CYS A 97 10.56 -36.92 -37.70
CA CYS A 97 10.99 -35.74 -36.97
C CYS A 97 12.05 -36.14 -35.95
N ALA A 98 13.08 -35.31 -35.83
CA ALA A 98 14.23 -35.64 -34.99
C ALA A 98 14.80 -34.36 -34.40
N ARG A 99 15.87 -34.51 -33.62
CA ARG A 99 16.45 -33.42 -32.87
C ARG A 99 17.97 -33.54 -32.93
N GLU A 100 18.61 -32.67 -33.70
CA GLU A 100 20.06 -32.59 -33.66
C GLU A 100 20.50 -31.84 -32.41
N GLY A 101 21.41 -32.43 -31.66
CA GLY A 101 21.92 -31.83 -30.45
C GLY A 101 23.44 -31.86 -30.41
N PRO A 102 24.03 -31.90 -29.22
CA PRO A 102 25.47 -32.14 -29.12
C PRO A 102 25.85 -33.54 -29.56
N GLU A 103 24.93 -34.49 -29.46
CA GLU A 103 25.00 -35.75 -30.17
C GLU A 103 24.08 -35.67 -31.39
N ASP A 104 24.21 -36.63 -32.28
CA ASP A 104 23.62 -36.55 -33.61
C ASP A 104 22.30 -37.30 -33.64
N PHE A 105 21.20 -36.53 -33.56
CA PHE A 105 19.82 -37.01 -33.76
C PHE A 105 19.44 -38.11 -32.79
N ASP A 106 19.52 -37.80 -31.49
CA ASP A 106 19.27 -38.79 -30.45
C ASP A 106 17.83 -39.30 -30.43
N VAL A 107 16.87 -38.42 -30.21
CA VAL A 107 15.46 -38.80 -30.16
C VAL A 107 14.84 -38.49 -31.51
N TRP A 108 14.37 -39.53 -32.19
CA TRP A 108 13.63 -39.37 -33.43
C TRP A 108 12.14 -39.42 -33.13
N GLY A 109 11.32 -39.23 -34.17
CA GLY A 109 9.95 -39.66 -34.14
C GLY A 109 9.89 -41.09 -34.60
N PRO A 110 8.74 -41.74 -34.47
CA PRO A 110 8.61 -43.12 -34.95
C PRO A 110 8.74 -43.25 -36.45
N GLY A 111 8.33 -42.23 -37.20
CA GLY A 111 8.49 -42.26 -38.64
C GLY A 111 7.29 -42.90 -39.32
N PHE A 112 6.55 -42.13 -40.11
CA PHE A 112 5.32 -42.63 -40.71
C PHE A 112 5.41 -42.59 -42.22
N LEU A 113 4.94 -43.65 -42.87
CA LEU A 113 5.01 -43.76 -44.31
C LEU A 113 3.95 -42.87 -44.94
N VAL A 114 4.37 -41.77 -45.57
CA VAL A 114 3.50 -40.97 -46.41
C VAL A 114 3.58 -41.57 -47.81
N THR A 115 2.51 -42.23 -48.23
CA THR A 115 2.44 -42.85 -49.56
C THR A 115 1.60 -41.93 -50.45
N VAL A 116 2.29 -41.11 -51.24
CA VAL A 116 1.62 -40.20 -52.15
C VAL A 116 1.08 -41.00 -53.32
N SER A 117 -0.25 -41.08 -53.43
CA SER A 117 -0.90 -41.85 -54.48
C SER A 117 -2.10 -41.07 -54.99
N SER A 118 -2.38 -41.22 -56.27
CA SER A 118 -3.50 -40.53 -56.90
C SER A 118 -4.74 -41.41 -56.95
N ASP B 1 27.36 -31.90 -52.26
CA ASP B 1 27.06 -32.42 -50.94
C ASP B 1 28.02 -33.55 -50.58
N VAL B 2 27.98 -33.98 -49.33
CA VAL B 2 28.86 -35.03 -48.86
C VAL B 2 28.34 -36.38 -49.33
N VAL B 3 29.23 -37.23 -49.81
CA VAL B 3 28.89 -38.57 -50.28
C VAL B 3 29.43 -39.58 -49.28
N MET B 4 28.59 -40.52 -48.86
CA MET B 4 28.94 -41.54 -47.89
C MET B 4 28.90 -42.91 -48.54
N THR B 5 29.87 -43.76 -48.18
CA THR B 5 29.96 -45.11 -48.73
C THR B 5 30.38 -46.09 -47.64
N GLN B 6 29.63 -47.17 -47.49
CA GLN B 6 29.92 -48.19 -46.48
C GLN B 6 30.39 -49.45 -47.19
N SER B 7 31.44 -50.07 -46.64
CA SER B 7 31.95 -51.32 -47.18
C SER B 7 32.15 -52.31 -46.04
N PRO B 8 31.60 -53.53 -46.14
CA PRO B 8 30.81 -54.08 -47.24
C PRO B 8 29.34 -53.67 -47.19
N LEU B 9 28.64 -53.82 -48.32
CA LEU B 9 27.23 -53.50 -48.37
C LEU B 9 26.35 -54.57 -47.75
N SER B 10 26.91 -55.75 -47.47
CA SER B 10 26.18 -56.81 -46.79
C SER B 10 27.18 -57.75 -46.13
N LEU B 11 26.90 -58.13 -44.89
CA LEU B 11 27.78 -59.04 -44.15
C LEU B 11 26.92 -59.80 -43.14
N SER B 12 26.53 -61.02 -43.50
CA SER B 12 25.81 -61.89 -42.57
C SER B 12 26.76 -62.32 -41.46
N ILE B 13 26.42 -61.98 -40.23
CA ILE B 13 27.36 -62.10 -39.13
C ILE B 13 27.44 -63.54 -38.65
N THR B 14 28.64 -63.94 -38.24
CA THR B 14 28.82 -65.20 -37.53
C THR B 14 28.81 -64.91 -36.04
N PRO B 15 27.89 -65.49 -35.27
CA PRO B 15 27.84 -65.22 -33.83
C PRO B 15 29.07 -65.75 -33.11
N GLY B 16 29.70 -64.87 -32.34
CA GLY B 16 31.00 -65.14 -31.74
C GLY B 16 32.16 -64.57 -32.50
N GLN B 17 31.93 -64.02 -33.68
CA GLN B 17 32.96 -63.47 -34.56
C GLN B 17 32.69 -61.99 -34.85
N PRO B 18 33.73 -61.18 -34.97
CA PRO B 18 33.54 -59.74 -35.19
C PRO B 18 33.06 -59.44 -36.61
N ALA B 19 32.64 -58.18 -36.79
CA ALA B 19 32.26 -57.65 -38.09
C ALA B 19 32.70 -56.19 -38.14
N SER B 20 32.76 -55.65 -39.36
CA SER B 20 33.29 -54.31 -39.52
C SER B 20 32.65 -53.61 -40.70
N ILE B 21 32.55 -52.28 -40.60
CA ILE B 21 32.07 -51.40 -41.66
C ILE B 21 33.07 -50.26 -41.80
N SER B 22 33.66 -50.13 -42.99
CA SER B 22 34.51 -49.00 -43.32
C SER B 22 33.65 -47.94 -44.01
N CYS B 23 33.62 -46.76 -43.41
CA CYS B 23 32.90 -45.61 -43.95
C CYS B 23 33.87 -44.71 -44.69
N ARG B 24 33.40 -44.20 -45.84
CA ARG B 24 34.19 -43.32 -46.69
C ARG B 24 33.33 -42.10 -46.99
N SER B 25 33.72 -40.96 -46.43
CA SER B 25 33.08 -39.69 -46.73
C SER B 25 33.82 -39.02 -47.88
N SER B 26 33.10 -38.17 -48.61
CA SER B 26 33.71 -37.49 -49.75
C SER B 26 34.68 -36.41 -49.30
N GLN B 27 34.37 -35.74 -48.19
CA GLN B 27 35.13 -34.59 -47.74
C GLN B 27 35.67 -34.83 -46.34
N SER B 28 36.59 -33.96 -45.92
CA SER B 28 37.21 -34.06 -44.61
C SER B 28 36.21 -33.64 -43.53
N LEU B 29 35.91 -34.54 -42.61
CA LEU B 29 34.91 -34.29 -41.58
C LEU B 29 35.49 -33.69 -40.31
N VAL B 30 36.81 -33.53 -40.22
CA VAL B 30 37.45 -33.01 -39.02
C VAL B 30 37.28 -31.50 -39.01
N HIS B 31 36.48 -31.00 -38.07
CA HIS B 31 36.31 -29.56 -37.89
C HIS B 31 37.56 -28.98 -37.25
N SER B 32 37.71 -27.66 -37.36
CA SER B 32 38.89 -26.93 -36.92
C SER B 32 39.11 -26.98 -35.42
N ASP B 33 38.11 -27.35 -34.62
CA ASP B 33 38.31 -27.48 -33.18
C ASP B 33 39.17 -28.70 -32.85
N GLY B 34 39.10 -29.74 -33.67
CA GLY B 34 39.80 -30.99 -33.42
C GLY B 34 38.90 -32.20 -33.28
N LYS B 35 37.60 -32.06 -33.46
CA LYS B 35 36.66 -33.15 -33.31
C LYS B 35 36.29 -33.72 -34.67
N THR B 36 35.30 -34.62 -34.68
CA THR B 36 34.82 -35.22 -35.92
C THR B 36 33.33 -35.47 -35.77
N TYR B 37 32.53 -34.80 -36.59
CA TYR B 37 31.07 -34.86 -36.49
C TYR B 37 30.57 -35.96 -37.41
N LEU B 38 30.70 -37.19 -36.93
CA LEU B 38 30.35 -38.40 -37.67
C LEU B 38 29.57 -39.31 -36.74
N SER B 39 28.53 -39.95 -37.27
CA SER B 39 27.64 -40.74 -36.44
C SER B 39 27.30 -42.06 -37.14
N TRP B 40 26.93 -43.04 -36.31
CA TRP B 40 26.55 -44.36 -36.79
C TRP B 40 25.14 -44.70 -36.30
N TYR B 41 24.34 -45.25 -37.21
CA TYR B 41 22.97 -45.62 -36.92
C TYR B 41 22.75 -47.09 -37.27
N GLN B 42 21.62 -47.63 -36.84
CA GLN B 42 21.30 -49.03 -37.10
C GLN B 42 19.79 -49.13 -37.38
N GLN B 43 19.44 -49.30 -38.66
CA GLN B 43 18.07 -49.47 -39.10
C GLN B 43 17.43 -50.71 -38.52
N LYS B 44 16.29 -50.50 -37.85
CA LYS B 44 15.28 -51.47 -37.49
C LYS B 44 14.03 -51.21 -38.33
N PRO B 45 13.34 -52.26 -38.80
CA PRO B 45 12.31 -52.06 -39.84
C PRO B 45 11.06 -51.37 -39.31
N GLY B 46 10.68 -50.28 -39.98
CA GLY B 46 9.55 -49.48 -39.56
C GLY B 46 9.76 -48.71 -38.28
N GLN B 47 11.01 -48.47 -37.90
CA GLN B 47 11.37 -47.93 -36.61
C GLN B 47 12.29 -46.73 -36.77
N PRO B 48 12.40 -45.88 -35.76
CA PRO B 48 13.56 -45.00 -35.67
C PRO B 48 14.81 -45.82 -35.42
N PRO B 49 15.92 -45.48 -36.07
CA PRO B 49 17.10 -46.36 -36.00
C PRO B 49 17.78 -46.32 -34.65
N ARG B 50 18.53 -47.37 -34.37
CA ARG B 50 19.34 -47.46 -33.16
C ARG B 50 20.68 -46.80 -33.44
N LEU B 51 21.21 -46.11 -32.44
CA LEU B 51 22.35 -45.22 -32.63
C LEU B 51 23.56 -45.83 -31.92
N LEU B 52 24.58 -46.20 -32.69
CA LEU B 52 25.71 -46.93 -32.12
C LEU B 52 26.82 -46.00 -31.63
N ILE B 53 27.42 -45.24 -32.54
CA ILE B 53 28.58 -44.42 -32.23
C ILE B 53 28.45 -43.08 -32.95
N TYR B 54 28.51 -41.99 -32.20
CA TYR B 54 28.70 -40.65 -32.72
C TYR B 54 30.05 -40.14 -32.23
N GLN B 55 30.70 -39.32 -33.06
CA GLN B 55 31.92 -38.58 -32.72
C GLN B 55 33.02 -39.52 -32.24
N VAL B 56 33.54 -40.29 -33.19
CA VAL B 56 33.89 -41.72 -33.13
C VAL B 56 34.40 -42.21 -31.77
N SER B 57 35.24 -41.42 -31.10
CA SER B 57 35.68 -41.78 -29.76
C SER B 57 34.55 -41.72 -28.72
N ASN B 58 33.47 -40.99 -29.01
CA ASN B 58 32.40 -40.84 -28.02
C ASN B 58 31.44 -42.02 -28.07
N TRP B 59 30.58 -42.08 -27.04
CA TRP B 59 29.62 -43.15 -26.86
C TRP B 59 28.24 -42.58 -26.58
N TYR B 60 27.22 -43.17 -27.20
CA TYR B 60 25.85 -42.86 -26.83
C TYR B 60 25.52 -43.40 -25.45
N SER B 61 24.63 -42.71 -24.75
CA SER B 61 24.08 -43.23 -23.50
C SER B 61 23.01 -44.27 -23.85
N GLY B 62 23.28 -45.52 -23.52
CA GLY B 62 22.44 -46.62 -23.94
C GLY B 62 23.10 -47.58 -24.91
N VAL B 63 24.44 -47.64 -24.94
CA VAL B 63 25.18 -48.47 -25.86
C VAL B 63 26.23 -49.24 -25.07
N PRO B 64 26.22 -50.58 -25.12
CA PRO B 64 27.27 -51.35 -24.44
C PRO B 64 28.60 -51.22 -25.16
N ASP B 65 29.67 -51.51 -24.44
CA ASP B 65 31.03 -51.31 -24.92
C ASP B 65 31.54 -52.49 -25.75
N ARG B 66 30.65 -53.33 -26.27
CA ARG B 66 31.07 -54.41 -27.17
C ARG B 66 31.23 -53.94 -28.62
N PHE B 67 30.99 -52.66 -28.89
CA PHE B 67 31.31 -52.04 -30.16
C PHE B 67 32.63 -51.28 -30.05
N SER B 68 33.09 -50.78 -31.18
CA SER B 68 34.31 -49.99 -31.23
C SER B 68 34.30 -49.14 -32.50
N GLY B 69 35.11 -48.09 -32.50
CA GLY B 69 35.17 -47.21 -33.65
C GLY B 69 36.50 -46.49 -33.69
N SER B 70 37.00 -46.29 -34.91
CA SER B 70 38.23 -45.54 -35.14
C SER B 70 38.13 -44.88 -36.50
N GLY B 71 39.28 -44.43 -37.01
CA GLY B 71 39.34 -43.91 -38.36
C GLY B 71 40.30 -42.77 -38.60
N THR B 72 40.80 -42.68 -39.83
CA THR B 72 41.74 -41.64 -40.23
C THR B 72 41.24 -40.97 -41.49
N GLY B 73 41.38 -39.64 -41.54
CA GLY B 73 41.01 -38.85 -42.71
C GLY B 73 39.53 -38.89 -43.03
N THR B 74 39.18 -39.58 -44.11
CA THR B 74 37.80 -39.85 -44.45
C THR B 74 37.44 -41.33 -44.34
N ASN B 75 38.42 -42.19 -44.07
CA ASN B 75 38.16 -43.61 -43.88
C ASN B 75 37.96 -43.86 -42.39
N PHE B 76 36.71 -43.95 -41.97
CA PHE B 76 36.38 -44.26 -40.59
C PHE B 76 35.92 -45.70 -40.50
N THR B 77 35.82 -46.21 -39.27
CA THR B 77 35.63 -47.64 -39.07
C THR B 77 34.73 -47.88 -37.87
N LEU B 78 33.57 -48.48 -38.12
CA LEU B 78 32.76 -49.11 -37.09
C LEU B 78 33.13 -50.59 -37.01
N LYS B 79 33.26 -51.10 -35.79
CA LYS B 79 33.55 -52.52 -35.61
C LYS B 79 32.70 -53.06 -34.48
N ILE B 80 32.25 -54.31 -34.64
CA ILE B 80 31.54 -55.04 -33.61
C ILE B 80 32.43 -56.24 -33.28
N SER B 81 33.17 -56.16 -32.18
CA SER B 81 34.10 -57.22 -31.79
C SER B 81 33.39 -58.49 -31.37
N ARG B 82 32.13 -58.40 -30.94
CA ARG B 82 31.33 -59.57 -30.61
C ARG B 82 29.90 -59.27 -31.04
N VAL B 83 29.49 -59.87 -32.15
CA VAL B 83 28.13 -59.64 -32.63
C VAL B 83 27.14 -60.43 -31.78
N GLU B 84 25.89 -59.98 -31.81
CA GLU B 84 24.81 -60.61 -31.07
C GLU B 84 23.61 -60.77 -31.99
N ALA B 85 22.53 -61.32 -31.46
CA ALA B 85 21.27 -61.32 -32.20
C ALA B 85 20.60 -59.95 -32.16
N ALA B 86 21.01 -59.09 -31.24
CA ALA B 86 20.48 -57.72 -31.14
C ALA B 86 21.13 -56.77 -32.15
N ASP B 87 22.10 -57.23 -32.93
CA ASP B 87 22.73 -56.43 -33.96
C ASP B 87 22.00 -56.53 -35.31
N VAL B 88 20.71 -56.88 -35.30
CA VAL B 88 19.94 -56.91 -36.54
C VAL B 88 19.67 -55.48 -37.00
N GLY B 89 19.45 -55.34 -38.30
CA GLY B 89 19.20 -54.06 -38.92
C GLY B 89 20.20 -53.77 -40.03
N VAL B 90 20.05 -52.59 -40.61
CA VAL B 90 20.93 -52.13 -41.68
C VAL B 90 21.55 -50.81 -41.25
N TYR B 91 22.87 -50.76 -41.15
CA TYR B 91 23.53 -49.67 -40.45
C TYR B 91 23.57 -48.40 -41.29
N TYR B 92 24.20 -47.38 -40.74
CA TYR B 92 24.33 -46.09 -41.41
C TYR B 92 25.56 -45.37 -40.91
N CYS B 93 26.26 -44.73 -41.83
CA CYS B 93 27.31 -43.77 -41.52
C CYS B 93 26.85 -42.41 -42.01
N GLY B 94 26.73 -41.46 -41.09
CA GLY B 94 26.19 -40.16 -41.44
C GLY B 94 26.98 -38.99 -40.89
N GLN B 95 27.36 -38.06 -41.76
CA GLN B 95 28.16 -36.92 -41.35
C GLN B 95 27.27 -35.84 -40.74
N GLY B 96 27.90 -34.94 -40.01
CA GLY B 96 27.20 -33.83 -39.40
C GLY B 96 27.99 -32.55 -39.41
N VAL B 97 29.11 -32.53 -40.13
CA VAL B 97 30.00 -31.37 -40.14
C VAL B 97 29.70 -30.41 -41.30
N HIS B 98 28.96 -30.84 -42.31
CA HIS B 98 28.69 -30.00 -43.47
C HIS B 98 27.20 -29.97 -43.75
N LEU B 99 26.68 -28.76 -43.96
CA LEU B 99 25.36 -28.67 -44.55
C LEU B 99 25.46 -28.92 -46.05
N PRO B 100 24.53 -29.68 -46.64
CA PRO B 100 23.39 -30.37 -46.04
C PRO B 100 23.76 -31.66 -45.32
N ARG B 101 22.98 -32.03 -44.31
CA ARG B 101 23.19 -33.31 -43.65
C ARG B 101 22.91 -34.45 -44.62
N THR B 102 23.75 -35.47 -44.57
CA THR B 102 23.60 -36.62 -45.45
C THR B 102 23.74 -37.89 -44.63
N PHE B 103 23.36 -39.00 -45.27
CA PHE B 103 23.46 -40.32 -44.65
C PHE B 103 24.05 -41.31 -45.66
N GLY B 104 24.04 -42.60 -45.31
CA GLY B 104 24.70 -43.61 -46.11
C GLY B 104 23.73 -44.58 -46.76
N GLN B 105 24.30 -45.68 -47.24
CA GLN B 105 23.53 -46.75 -47.88
C GLN B 105 23.22 -47.86 -46.89
N GLY B 106 24.26 -48.44 -46.30
CA GLY B 106 24.06 -49.38 -45.21
C GLY B 106 24.56 -50.77 -45.54
N THR B 107 24.78 -51.54 -44.48
CA THR B 107 25.25 -52.92 -44.56
C THR B 107 24.14 -53.87 -44.12
N LYS B 108 23.81 -54.84 -44.96
CA LYS B 108 22.79 -55.83 -44.61
C LYS B 108 23.40 -56.87 -43.68
N VAL B 109 22.75 -57.10 -42.54
CA VAL B 109 23.23 -58.01 -41.51
C VAL B 109 22.06 -58.90 -41.09
N ASP B 110 22.21 -60.21 -41.30
CA ASP B 110 21.22 -61.18 -40.86
C ASP B 110 21.95 -62.38 -40.28
N ILE B 111 21.20 -63.44 -39.99
CA ILE B 111 21.71 -64.59 -39.25
C ILE B 111 22.36 -65.55 -40.23
N LYS B 112 23.55 -66.03 -39.89
CA LYS B 112 24.27 -66.98 -40.72
C LYS B 112 24.33 -68.35 -40.04
N GLN C 1 -23.96 22.51 -33.97
CA GLN C 1 -24.02 23.10 -32.63
C GLN C 1 -22.74 23.86 -32.32
N VAL C 2 -21.82 23.89 -33.29
CA VAL C 2 -20.59 24.64 -33.12
C VAL C 2 -20.90 26.13 -33.20
N GLN C 3 -20.13 26.93 -32.45
CA GLN C 3 -20.33 28.36 -32.40
C GLN C 3 -18.98 29.05 -32.43
N LEU C 4 -18.77 29.91 -33.43
CA LEU C 4 -17.53 30.65 -33.60
C LEU C 4 -17.83 32.13 -33.46
N VAL C 5 -17.02 32.84 -32.67
CA VAL C 5 -17.22 34.26 -32.41
C VAL C 5 -15.88 34.97 -32.55
N GLU C 6 -15.80 35.94 -33.46
CA GLU C 6 -14.58 36.71 -33.60
C GLU C 6 -14.44 37.72 -32.47
N SER C 7 -13.21 38.19 -32.28
CA SER C 7 -12.91 39.24 -31.33
C SER C 7 -11.67 39.97 -31.79
N GLY C 8 -11.62 41.27 -31.51
CA GLY C 8 -10.53 42.11 -31.93
C GLY C 8 -11.00 43.43 -32.48
N PRO C 9 -10.09 44.22 -33.04
CA PRO C 9 -10.45 45.55 -33.53
C PRO C 9 -11.23 45.49 -34.84
N GLY C 10 -11.86 46.61 -35.16
CA GLY C 10 -12.50 46.81 -36.44
C GLY C 10 -12.06 48.12 -37.06
N LEU C 11 -11.20 48.85 -36.34
CA LEU C 11 -10.69 50.14 -36.77
C LEU C 11 -9.21 50.20 -36.40
N VAL C 12 -8.34 50.09 -37.40
CA VAL C 12 -6.91 50.16 -37.19
C VAL C 12 -6.28 51.09 -38.22
N ARG C 13 -5.11 51.61 -37.88
CA ARG C 13 -4.35 52.43 -38.81
C ARG C 13 -3.67 51.55 -39.84
N PRO C 14 -3.48 52.05 -41.07
CA PRO C 14 -2.65 51.33 -42.04
C PRO C 14 -1.18 51.29 -41.64
N SER C 15 -0.46 50.38 -42.29
CA SER C 15 0.95 50.07 -42.02
C SER C 15 1.17 49.67 -40.56
N GLU C 16 0.32 48.77 -40.08
CA GLU C 16 0.42 48.24 -38.72
C GLU C 16 0.16 46.73 -38.76
N THR C 17 0.29 46.10 -37.59
CA THR C 17 0.09 44.65 -37.45
C THR C 17 -1.32 44.40 -36.94
N LEU C 18 -2.18 43.88 -37.81
CA LEU C 18 -3.55 43.54 -37.45
C LEU C 18 -3.62 42.13 -36.92
N SER C 19 -4.48 41.91 -35.92
CA SER C 19 -4.65 40.59 -35.33
C SER C 19 -6.04 40.45 -34.74
N LEU C 20 -6.76 39.43 -35.18
CA LEU C 20 -8.03 39.03 -34.57
C LEU C 20 -7.83 37.73 -33.82
N THR C 21 -8.90 37.27 -33.16
CA THR C 21 -8.89 35.99 -32.46
C THR C 21 -10.33 35.48 -32.37
N CYS C 22 -10.57 34.28 -32.89
CA CYS C 22 -11.91 33.71 -32.91
C CYS C 22 -12.01 32.62 -31.86
N ALA C 23 -12.97 32.77 -30.95
CA ALA C 23 -13.26 31.76 -29.95
C ALA C 23 -14.22 30.72 -30.52
N VAL C 24 -14.02 29.47 -30.12
CA VAL C 24 -14.78 28.33 -30.62
C VAL C 24 -15.40 27.60 -29.44
N SER C 25 -16.72 27.39 -29.51
CA SER C 25 -17.45 26.55 -28.57
C SER C 25 -18.30 25.58 -29.37
N GLY C 26 -18.98 24.68 -28.67
CA GLY C 26 -19.83 23.70 -29.31
C GLY C 26 -19.14 22.46 -29.83
N ALA C 27 -17.82 22.50 -30.01
CA ALA C 27 -17.04 21.37 -30.49
C ALA C 27 -15.60 21.57 -30.05
N SER C 28 -14.71 20.72 -30.53
CA SER C 28 -13.30 20.79 -30.21
C SER C 28 -12.52 21.37 -31.37
N ILE C 29 -11.36 21.94 -31.06
CA ILE C 29 -10.53 22.52 -32.10
C ILE C 29 -9.78 21.44 -32.87
N ARG C 30 -9.29 20.42 -32.16
CA ARG C 30 -8.45 19.40 -32.77
C ARG C 30 -9.29 18.31 -33.43
N THR C 31 -10.06 18.70 -34.42
CA THR C 31 -10.94 17.79 -35.13
C THR C 31 -10.49 17.69 -36.58
N LYS C 32 -11.23 16.90 -37.36
CA LYS C 32 -10.99 16.81 -38.80
C LYS C 32 -11.54 18.08 -39.42
N ALA C 33 -10.73 19.14 -39.38
CA ALA C 33 -11.22 20.48 -39.65
C ALA C 33 -10.05 21.40 -39.96
N TRP C 34 -10.35 22.42 -40.76
CA TRP C 34 -9.44 23.55 -40.97
C TRP C 34 -10.12 24.79 -40.43
N TRP C 35 -9.62 25.28 -39.31
CA TRP C 35 -10.11 26.53 -38.72
C TRP C 35 -9.53 27.68 -39.55
N SER C 36 -10.39 28.38 -40.27
CA SER C 36 -9.97 29.22 -41.38
C SER C 36 -10.41 30.65 -41.17
N TRP C 37 -9.71 31.55 -41.84
CA TRP C 37 -10.08 32.94 -41.94
C TRP C 37 -10.38 33.27 -43.39
N ILE C 38 -11.53 33.89 -43.62
CA ILE C 38 -12.03 34.27 -44.94
C ILE C 38 -12.56 35.69 -44.83
N ARG C 39 -12.15 36.57 -45.74
CA ARG C 39 -12.60 37.95 -45.69
C ARG C 39 -13.43 38.31 -46.90
N GLN C 40 -13.99 39.51 -46.86
CA GLN C 40 -14.87 40.02 -47.90
C GLN C 40 -14.82 41.55 -47.91
N PRO C 41 -14.24 42.17 -48.94
CA PRO C 41 -14.32 43.62 -49.05
C PRO C 41 -15.76 44.06 -49.26
N PRO C 42 -16.15 45.24 -48.76
CA PRO C 42 -17.57 45.59 -48.68
C PRO C 42 -18.17 45.87 -50.06
N GLY C 43 -19.32 45.26 -50.32
CA GLY C 43 -19.94 45.30 -51.62
C GLY C 43 -19.36 44.34 -52.63
N LYS C 44 -18.36 43.56 -52.27
CA LYS C 44 -17.65 42.69 -53.18
C LYS C 44 -17.76 41.24 -52.70
N GLY C 45 -17.12 40.35 -53.46
CA GLY C 45 -17.15 38.94 -53.15
C GLY C 45 -16.24 38.57 -52.00
N LEU C 46 -16.21 37.27 -51.71
CA LEU C 46 -15.39 36.75 -50.63
C LEU C 46 -13.93 36.68 -51.04
N GLU C 47 -13.06 36.61 -50.03
CA GLU C 47 -11.63 36.49 -50.23
C GLU C 47 -11.08 35.57 -49.15
N TRP C 48 -10.73 34.34 -49.53
CA TRP C 48 -10.23 33.35 -48.59
C TRP C 48 -8.81 33.71 -48.16
N ILE C 49 -8.62 33.99 -46.87
CA ILE C 49 -7.30 34.37 -46.39
C ILE C 49 -6.43 33.14 -46.20
N GLY C 50 -6.91 32.17 -45.44
CA GLY C 50 -6.11 31.01 -45.15
C GLY C 50 -6.77 30.14 -44.11
N TYR C 51 -6.01 29.16 -43.61
CA TYR C 51 -6.52 28.27 -42.59
C TYR C 51 -5.41 27.88 -41.63
N VAL C 52 -5.78 27.07 -40.64
CA VAL C 52 -4.86 26.31 -39.82
C VAL C 52 -5.60 25.01 -39.49
N SER C 53 -4.86 23.99 -39.08
CA SER C 53 -5.47 22.70 -38.81
C SER C 53 -5.25 22.29 -37.36
N GLY C 54 -6.24 21.60 -36.82
CA GLY C 54 -6.12 21.04 -35.49
C GLY C 54 -5.31 19.78 -35.40
N GLY C 55 -4.88 19.25 -36.54
CA GLY C 55 -4.00 18.11 -36.55
C GLY C 55 -2.56 18.58 -36.54
N TRP C 56 -1.79 18.26 -37.58
CA TRP C 56 -0.42 18.75 -37.65
C TRP C 56 -0.08 19.26 -39.05
N ASP C 57 -1.09 19.68 -39.81
CA ASP C 57 -0.83 20.29 -41.11
C ASP C 57 -0.11 21.62 -40.96
N LEU C 58 0.75 21.91 -41.90
CA LEU C 58 1.27 23.26 -41.94
C LEU C 58 0.22 24.19 -42.56
N PRO C 59 0.05 25.39 -42.03
CA PRO C 59 -0.98 26.29 -42.55
C PRO C 59 -0.62 26.80 -43.93
N ASN C 60 -1.61 26.81 -44.82
CA ASN C 60 -1.42 27.20 -46.21
C ASN C 60 -2.38 28.34 -46.53
N TYR C 61 -1.84 29.45 -47.01
CA TYR C 61 -2.62 30.65 -47.23
C TYR C 61 -2.80 30.90 -48.72
N ASN C 62 -3.53 31.95 -49.02
CA ASN C 62 -3.55 32.48 -50.37
C ASN C 62 -2.26 33.24 -50.63
N PRO C 63 -1.53 32.92 -51.71
CA PRO C 63 -0.27 33.65 -51.98
C PRO C 63 -0.47 35.12 -52.32
N SER C 64 -1.68 35.55 -52.64
CA SER C 64 -1.96 36.97 -52.80
C SER C 64 -1.88 37.75 -51.50
N LEU C 65 -1.87 37.07 -50.35
CA LEU C 65 -1.75 37.72 -49.05
C LEU C 65 -0.32 38.08 -48.69
N LYS C 66 0.64 37.76 -49.56
CA LYS C 66 2.00 38.31 -49.56
C LYS C 66 2.80 37.94 -48.30
N ASN C 67 2.50 36.76 -47.73
CA ASN C 67 3.23 36.18 -46.59
C ASN C 67 3.20 37.05 -45.36
N ARG C 68 2.15 37.85 -45.21
CA ARG C 68 1.94 38.67 -44.03
C ARG C 68 0.90 38.10 -43.09
N VAL C 69 0.41 36.89 -43.37
CA VAL C 69 -0.69 36.28 -42.63
C VAL C 69 -0.13 35.06 -41.88
N ILE C 70 -0.22 35.09 -40.57
CA ILE C 70 0.14 33.97 -39.72
C ILE C 70 -1.07 33.64 -38.86
N ILE C 71 -1.73 32.51 -39.15
CA ILE C 71 -2.83 32.03 -38.33
C ILE C 71 -2.25 31.07 -37.30
N LEU C 72 -2.47 31.37 -36.02
CA LEU C 72 -1.90 30.59 -34.94
C LEU C 72 -3.03 30.00 -34.10
N LYS C 73 -2.99 28.69 -33.91
CA LYS C 73 -4.02 28.02 -33.14
C LYS C 73 -3.65 27.99 -31.67
N ASP C 74 -4.67 28.02 -30.81
CA ASP C 74 -4.54 28.01 -29.36
C ASP C 74 -5.47 26.90 -28.88
N THR C 75 -4.93 25.69 -28.82
CA THR C 75 -5.70 24.53 -28.42
C THR C 75 -6.00 24.52 -26.93
N SER C 76 -5.17 25.18 -26.13
CA SER C 76 -5.45 25.29 -24.70
C SER C 76 -6.54 26.30 -24.39
N LEU C 77 -6.95 27.12 -25.35
CA LEU C 77 -8.01 28.08 -25.15
C LEU C 77 -9.12 27.97 -26.19
N ASN C 78 -9.06 26.94 -27.05
CA ASN C 78 -10.06 26.65 -28.08
C ASN C 78 -10.23 27.82 -29.04
N GLN C 79 -9.12 28.42 -29.44
CA GLN C 79 -9.14 29.61 -30.28
C GLN C 79 -8.17 29.44 -31.43
N PHE C 80 -8.24 30.36 -32.40
CA PHE C 80 -7.28 30.45 -33.48
C PHE C 80 -7.31 31.86 -34.01
N SER C 81 -6.13 32.42 -34.25
CA SER C 81 -5.95 33.86 -34.43
C SER C 81 -5.42 34.15 -35.83
N LEU C 82 -6.02 35.15 -36.47
CA LEU C 82 -5.51 35.73 -37.71
C LEU C 82 -4.45 36.79 -37.38
N ARG C 83 -3.47 36.92 -38.26
CA ARG C 83 -2.56 38.05 -38.24
C ARG C 83 -2.49 38.68 -39.62
N LEU C 84 -2.19 39.98 -39.65
CA LEU C 84 -2.00 40.69 -40.92
C LEU C 84 -1.07 41.87 -40.64
N THR C 85 0.21 41.71 -40.97
CA THR C 85 1.17 42.79 -40.80
C THR C 85 1.16 43.71 -42.01
N SER C 86 1.45 44.99 -41.76
CA SER C 86 1.56 46.06 -42.77
C SER C 86 0.26 46.19 -43.59
N VAL C 87 -0.80 46.58 -42.89
CA VAL C 87 -2.10 46.70 -43.53
C VAL C 87 -2.19 48.01 -44.31
N THR C 88 -3.16 48.07 -45.22
CA THR C 88 -3.47 49.28 -45.97
C THR C 88 -4.96 49.55 -45.82
N ALA C 89 -5.38 50.75 -46.24
CA ALA C 89 -6.78 51.12 -46.16
C ALA C 89 -7.64 50.38 -47.18
N ALA C 90 -7.02 49.81 -48.22
CA ALA C 90 -7.74 48.96 -49.17
C ALA C 90 -8.01 47.58 -48.62
N ASP C 91 -7.47 47.23 -47.46
CA ASP C 91 -7.74 45.96 -46.79
C ASP C 91 -8.94 46.02 -45.86
N THR C 92 -9.76 47.06 -45.97
CA THR C 92 -11.02 47.13 -45.25
C THR C 92 -11.95 46.03 -45.73
N ALA C 93 -12.39 45.18 -44.81
CA ALA C 93 -13.16 44.00 -45.18
C ALA C 93 -13.87 43.42 -43.95
N LEU C 94 -15.01 42.78 -44.21
CA LEU C 94 -15.60 41.90 -43.21
C LEU C 94 -14.72 40.66 -43.06
N TYR C 95 -14.39 40.31 -41.82
CA TYR C 95 -13.57 39.14 -41.53
C TYR C 95 -14.43 38.05 -40.93
N TYR C 96 -14.10 36.80 -41.26
CA TYR C 96 -14.91 35.64 -40.90
C TYR C 96 -13.99 34.51 -40.44
N CYS C 97 -14.24 33.97 -39.26
CA CYS C 97 -13.65 32.70 -38.88
C CYS C 97 -14.64 31.58 -39.17
N ALA C 98 -14.12 30.46 -39.68
CA ALA C 98 -14.99 29.38 -40.13
C ALA C 98 -14.26 28.05 -39.92
N ARG C 99 -14.92 26.96 -40.29
CA ARG C 99 -14.43 25.61 -40.03
C ARG C 99 -14.71 24.75 -41.25
N GLU C 100 -13.66 24.43 -42.01
CA GLU C 100 -13.82 23.45 -43.08
C GLU C 100 -13.86 22.05 -42.48
N GLY C 101 -14.89 21.29 -42.86
CA GLY C 101 -15.05 19.92 -42.39
C GLY C 101 -15.31 18.99 -43.55
N PRO C 102 -16.00 17.87 -43.28
CA PRO C 102 -16.45 17.03 -44.40
C PRO C 102 -17.49 17.71 -45.27
N GLU C 103 -18.23 18.67 -44.72
CA GLU C 103 -18.95 19.65 -45.51
C GLU C 103 -18.15 20.95 -45.50
N ASP C 104 -18.54 21.88 -46.37
CA ASP C 104 -17.72 23.03 -46.70
C ASP C 104 -18.16 24.24 -45.87
N PHE C 105 -17.40 24.52 -44.80
CA PHE C 105 -17.52 25.72 -43.97
C PHE C 105 -18.90 25.87 -43.34
N ASP C 106 -19.29 24.86 -42.57
CA ASP C 106 -20.63 24.82 -41.97
C ASP C 106 -20.88 25.95 -40.99
N VAL C 107 -20.10 26.02 -39.91
CA VAL C 107 -20.27 27.06 -38.90
C VAL C 107 -19.24 28.14 -39.16
N TRP C 108 -19.72 29.34 -39.46
CA TRP C 108 -18.87 30.52 -39.59
C TRP C 108 -18.87 31.28 -38.27
N GLY C 109 -18.09 32.36 -38.24
CA GLY C 109 -18.28 33.40 -37.26
C GLY C 109 -19.27 34.39 -37.83
N PRO C 110 -19.73 35.35 -37.01
CA PRO C 110 -20.65 36.37 -37.54
C PRO C 110 -20.02 37.29 -38.57
N GLY C 111 -18.71 37.54 -38.46
CA GLY C 111 -18.03 38.35 -39.47
C GLY C 111 -18.09 39.81 -39.11
N PHE C 112 -16.94 40.42 -38.83
CA PHE C 112 -16.91 41.80 -38.37
C PHE C 112 -16.11 42.66 -39.35
N LEU C 113 -16.64 43.85 -39.61
CA LEU C 113 -16.01 44.76 -40.56
C LEU C 113 -14.79 45.41 -39.92
N VAL C 114 -13.61 45.03 -40.38
CA VAL C 114 -12.38 45.73 -40.03
C VAL C 114 -12.19 46.82 -41.07
N THR C 115 -12.40 48.08 -40.67
CA THR C 115 -12.25 49.23 -41.54
C THR C 115 -10.92 49.89 -41.23
N VAL C 116 -9.91 49.57 -42.04
CA VAL C 116 -8.58 50.13 -41.85
C VAL C 116 -8.60 51.59 -42.34
N SER C 117 -8.44 52.51 -41.41
CA SER C 117 -8.47 53.93 -41.72
C SER C 117 -7.40 54.65 -40.91
N SER C 118 -6.82 55.69 -41.52
CA SER C 118 -5.77 56.46 -40.87
C SER C 118 -6.34 57.68 -40.17
N ASP D 1 -4.99 30.17 -59.73
CA ASP D 1 -6.05 29.74 -58.83
C ASP D 1 -7.33 29.44 -59.61
N VAL D 2 -8.32 28.89 -58.92
CA VAL D 2 -9.58 28.54 -59.55
C VAL D 2 -10.42 29.79 -59.73
N VAL D 3 -11.03 29.92 -60.91
CA VAL D 3 -11.89 31.05 -61.24
C VAL D 3 -13.33 30.56 -61.29
N MET D 4 -14.21 31.26 -60.59
CA MET D 4 -15.62 30.91 -60.50
C MET D 4 -16.47 31.97 -61.18
N THR D 5 -17.50 31.54 -61.90
CA THR D 5 -18.39 32.45 -62.59
C THR D 5 -19.83 31.96 -62.48
N GLN D 6 -20.73 32.85 -62.07
CA GLN D 6 -22.14 32.51 -61.92
C GLN D 6 -22.94 33.24 -62.99
N SER D 7 -23.88 32.52 -63.61
CA SER D 7 -24.75 33.11 -64.62
C SER D 7 -26.19 32.73 -64.31
N PRO D 8 -27.12 33.71 -64.23
CA PRO D 8 -26.93 35.14 -64.41
C PRO D 8 -26.40 35.85 -63.16
N LEU D 9 -25.87 37.06 -63.34
CA LEU D 9 -25.37 37.85 -62.22
C LEU D 9 -26.49 38.50 -61.42
N SER D 10 -27.72 38.52 -61.95
CA SER D 10 -28.86 39.05 -61.23
C SER D 10 -30.12 38.44 -61.80
N LEU D 11 -31.03 38.03 -60.93
CA LEU D 11 -32.29 37.43 -61.36
C LEU D 11 -33.34 37.70 -60.28
N SER D 12 -34.15 38.74 -60.48
CA SER D 12 -35.25 39.02 -59.56
C SER D 12 -36.31 37.94 -59.72
N ILE D 13 -36.59 37.23 -58.65
CA ILE D 13 -37.38 36.00 -58.72
C ILE D 13 -38.86 36.33 -58.83
N THR D 14 -39.57 35.51 -59.60
CA THR D 14 -41.02 35.54 -59.60
C THR D 14 -41.51 34.48 -58.63
N PRO D 15 -42.25 34.85 -57.57
CA PRO D 15 -42.73 33.86 -56.60
C PRO D 15 -43.73 32.88 -57.23
N GLY D 16 -43.44 31.59 -57.04
CA GLY D 16 -44.15 30.52 -57.73
C GLY D 16 -43.45 30.00 -58.96
N GLN D 17 -42.35 30.63 -59.37
CA GLN D 17 -41.60 30.27 -60.56
C GLN D 17 -40.15 29.94 -60.20
N PRO D 18 -39.55 28.97 -60.90
CA PRO D 18 -38.18 28.57 -60.55
C PRO D 18 -37.14 29.61 -60.97
N ALA D 19 -35.92 29.40 -60.47
CA ALA D 19 -34.76 30.20 -60.84
C ALA D 19 -33.55 29.28 -60.88
N SER D 20 -32.48 29.75 -61.51
CA SER D 20 -31.32 28.89 -61.71
C SER D 20 -30.04 29.71 -61.75
N ILE D 21 -28.94 29.08 -61.33
CA ILE D 21 -27.60 29.64 -61.40
C ILE D 21 -26.69 28.57 -61.98
N SER D 22 -26.07 28.88 -63.12
CA SER D 22 -25.06 28.02 -63.71
C SER D 22 -23.69 28.49 -63.23
N CYS D 23 -22.96 27.60 -62.57
CA CYS D 23 -21.62 27.85 -62.09
C CYS D 23 -20.60 27.30 -63.07
N ARG D 24 -19.54 28.06 -63.29
CA ARG D 24 -18.46 27.69 -64.21
C ARG D 24 -17.16 27.85 -63.46
N SER D 25 -16.52 26.73 -63.15
CA SER D 25 -15.19 26.73 -62.55
C SER D 25 -14.15 26.66 -63.64
N SER D 26 -12.95 27.17 -63.33
CA SER D 26 -11.89 27.18 -64.33
C SER D 26 -11.32 25.79 -64.55
N GLN D 27 -11.25 24.97 -63.51
CA GLN D 27 -10.58 23.69 -63.54
C GLN D 27 -11.55 22.58 -63.17
N SER D 28 -11.13 21.34 -63.41
CA SER D 28 -11.96 20.18 -63.12
C SER D 28 -12.01 19.95 -61.61
N LEU D 29 -13.21 20.00 -61.04
CA LEU D 29 -13.38 19.87 -59.60
C LEU D 29 -13.60 18.43 -59.16
N VAL D 30 -13.68 17.48 -60.08
CA VAL D 30 -13.92 16.08 -59.73
C VAL D 30 -12.60 15.48 -59.26
N HIS D 31 -12.52 15.17 -57.97
CA HIS D 31 -11.37 14.49 -57.40
C HIS D 31 -11.36 13.02 -57.84
N SER D 32 -10.19 12.39 -57.72
CA SER D 32 -9.97 11.02 -58.16
C SER D 32 -10.79 9.98 -57.42
N ASP D 33 -11.37 10.31 -56.27
CA ASP D 33 -12.23 9.37 -55.57
C ASP D 33 -13.55 9.16 -56.31
N GLY D 34 -14.02 10.18 -57.02
CA GLY D 34 -15.32 10.16 -57.69
C GLY D 34 -16.29 11.20 -57.19
N LYS D 35 -15.88 12.08 -56.28
CA LYS D 35 -16.77 13.08 -55.71
C LYS D 35 -16.53 14.43 -56.38
N THR D 36 -17.16 15.47 -55.83
CA THR D 36 -16.99 16.82 -56.34
C THR D 36 -17.07 17.78 -55.17
N TYR D 37 -15.98 18.49 -54.91
CA TYR D 37 -15.89 19.37 -53.74
C TYR D 37 -16.31 20.78 -54.17
N LEU D 38 -17.61 20.97 -54.26
CA LEU D 38 -18.23 22.20 -54.71
C LEU D 38 -19.36 22.54 -53.76
N SER D 39 -19.50 23.81 -53.42
CA SER D 39 -20.48 24.22 -52.42
C SER D 39 -21.22 25.48 -52.88
N TRP D 40 -22.42 25.66 -52.33
CA TRP D 40 -23.25 26.80 -52.63
C TRP D 40 -23.59 27.55 -51.34
N TYR D 41 -23.51 28.87 -51.40
CA TYR D 41 -23.78 29.72 -50.26
C TYR D 41 -24.82 30.76 -50.65
N GLN D 42 -25.35 31.46 -49.63
CA GLN D 42 -26.38 32.48 -49.87
C GLN D 42 -26.12 33.65 -48.91
N GLN D 43 -25.58 34.74 -49.46
CA GLN D 43 -25.30 35.96 -48.72
C GLN D 43 -26.56 36.58 -48.15
N LYS D 44 -26.57 36.78 -46.84
CA LYS D 44 -27.43 37.65 -46.06
C LYS D 44 -26.62 38.83 -45.56
N PRO D 45 -27.19 40.04 -45.54
CA PRO D 45 -26.36 41.25 -45.34
C PRO D 45 -25.86 41.38 -43.91
N GLY D 46 -24.54 41.53 -43.78
CA GLY D 46 -23.91 41.61 -42.48
C GLY D 46 -23.92 40.31 -41.69
N GLN D 47 -24.07 39.19 -42.36
CA GLN D 47 -24.30 37.90 -41.73
C GLN D 47 -23.33 36.86 -42.27
N PRO D 48 -23.11 35.78 -41.55
CA PRO D 48 -22.55 34.58 -42.18
C PRO D 48 -23.55 34.00 -43.16
N PRO D 49 -23.10 33.55 -44.32
CA PRO D 49 -24.04 33.17 -45.39
C PRO D 49 -24.78 31.88 -45.08
N ARG D 50 -25.92 31.73 -45.73
CA ARG D 50 -26.70 30.51 -45.62
C ARG D 50 -26.21 29.53 -46.68
N LEU D 51 -26.18 28.26 -46.33
CA LEU D 51 -25.48 27.25 -47.12
C LEU D 51 -26.52 26.34 -47.75
N LEU D 52 -26.59 26.35 -49.08
CA LEU D 52 -27.66 25.62 -49.77
C LEU D 52 -27.26 24.19 -50.11
N ILE D 53 -26.24 24.02 -50.95
CA ILE D 53 -25.85 22.71 -51.46
C ILE D 53 -24.34 22.63 -51.50
N TYR D 54 -23.79 21.61 -50.83
CA TYR D 54 -22.41 21.20 -51.00
C TYR D 54 -22.40 19.80 -51.61
N GLN D 55 -21.37 19.54 -52.42
CA GLN D 55 -21.07 18.22 -52.98
C GLN D 55 -22.27 17.64 -53.74
N VAL D 56 -22.51 18.28 -54.90
CA VAL D 56 -23.81 18.68 -55.45
C VAL D 56 -24.98 17.75 -55.13
N SER D 57 -24.76 16.44 -55.19
CA SER D 57 -25.81 15.50 -54.81
C SER D 57 -26.10 15.51 -53.31
N ASN D 58 -25.21 16.04 -52.47
CA ASN D 58 -25.42 16.02 -51.04
C ASN D 58 -26.25 17.22 -50.59
N TRP D 59 -26.72 17.14 -49.34
CA TRP D 59 -27.59 18.14 -48.74
C TRP D 59 -27.06 18.55 -47.38
N TYR D 60 -27.11 19.85 -47.10
CA TYR D 60 -26.83 20.34 -45.76
C TYR D 60 -27.94 19.94 -44.80
N SER D 61 -27.56 19.74 -43.54
CA SER D 61 -28.55 19.55 -42.49
C SER D 61 -29.12 20.92 -42.11
N GLY D 62 -30.40 21.13 -42.41
CA GLY D 62 -31.02 22.42 -42.28
C GLY D 62 -31.44 23.05 -43.60
N VAL D 63 -31.67 22.25 -44.64
CA VAL D 63 -32.03 22.76 -45.96
C VAL D 63 -33.23 21.97 -46.46
N PRO D 64 -34.35 22.62 -46.79
CA PRO D 64 -35.48 21.90 -47.36
C PRO D 64 -35.19 21.46 -48.79
N ASP D 65 -35.96 20.46 -49.24
CA ASP D 65 -35.73 19.83 -50.53
C ASP D 65 -36.40 20.56 -51.69
N ARG D 66 -36.74 21.84 -51.51
CA ARG D 66 -37.27 22.65 -52.60
C ARG D 66 -36.17 23.22 -53.49
N PHE D 67 -34.92 22.95 -53.18
CA PHE D 67 -33.79 23.26 -54.05
C PHE D 67 -33.38 22.01 -54.81
N SER D 68 -32.43 22.18 -55.74
CA SER D 68 -31.89 21.08 -56.52
C SER D 68 -30.54 21.48 -57.07
N GLY D 69 -29.75 20.48 -57.42
CA GLY D 69 -28.42 20.74 -57.96
C GLY D 69 -27.97 19.59 -58.84
N SER D 70 -27.26 19.96 -59.91
CA SER D 70 -26.69 18.97 -60.83
C SER D 70 -25.43 19.58 -61.43
N GLY D 71 -24.94 18.97 -62.50
CA GLY D 71 -23.84 19.54 -63.26
C GLY D 71 -22.87 18.54 -63.87
N THR D 72 -22.25 18.95 -64.97
CA THR D 72 -21.30 18.14 -65.70
C THR D 72 -20.02 18.93 -65.94
N GLY D 73 -18.88 18.25 -65.76
CA GLY D 73 -17.58 18.84 -66.00
C GLY D 73 -17.25 19.98 -65.06
N THR D 74 -17.24 21.20 -65.60
CA THR D 74 -17.13 22.41 -64.81
C THR D 74 -18.39 23.24 -64.80
N ASN D 75 -19.40 22.87 -65.59
CA ASN D 75 -20.67 23.57 -65.62
C ASN D 75 -21.60 22.88 -64.63
N PHE D 76 -21.72 23.45 -63.44
CA PHE D 76 -22.62 22.94 -62.42
C PHE D 76 -23.84 23.84 -62.34
N THR D 77 -24.87 23.38 -61.64
CA THR D 77 -26.18 24.03 -61.70
C THR D 77 -26.85 23.97 -60.33
N LEU D 78 -27.09 25.14 -59.75
CA LEU D 78 -28.03 25.28 -58.65
C LEU D 78 -29.38 25.70 -59.21
N LYS D 79 -30.45 25.10 -58.71
CA LYS D 79 -31.79 25.47 -59.15
C LYS D 79 -32.70 25.55 -57.95
N ILE D 80 -33.63 26.51 -57.99
CA ILE D 80 -34.68 26.65 -57.00
C ILE D 80 -35.99 26.45 -57.75
N SER D 81 -36.58 25.25 -57.63
CA SER D 81 -37.80 24.92 -58.36
C SER D 81 -39.01 25.71 -57.84
N ARG D 82 -38.96 26.19 -56.60
CA ARG D 82 -40.02 27.01 -56.05
C ARG D 82 -39.35 28.05 -55.15
N VAL D 83 -39.24 29.28 -55.64
CA VAL D 83 -38.62 30.32 -54.85
C VAL D 83 -39.58 30.79 -53.75
N GLU D 84 -39.01 31.39 -52.71
CA GLU D 84 -39.76 31.89 -51.58
C GLU D 84 -39.27 33.31 -51.27
N ALA D 85 -39.87 33.92 -50.26
CA ALA D 85 -39.33 35.16 -49.73
C ALA D 85 -38.10 34.93 -48.88
N ALA D 86 -37.87 33.69 -48.43
CA ALA D 86 -36.69 33.33 -47.66
C ALA D 86 -35.46 33.11 -48.53
N ASP D 87 -35.59 33.20 -49.86
CA ASP D 87 -34.46 33.08 -50.77
C ASP D 87 -33.79 34.42 -51.06
N VAL D 88 -33.90 35.38 -50.13
CA VAL D 88 -33.19 36.64 -50.29
C VAL D 88 -31.70 36.44 -50.04
N GLY D 89 -30.92 37.33 -50.62
CA GLY D 89 -29.48 37.28 -50.52
C GLY D 89 -28.81 37.21 -51.88
N VAL D 90 -27.48 37.12 -51.86
CA VAL D 90 -26.69 37.01 -53.07
C VAL D 90 -25.85 35.74 -52.97
N TYR D 91 -26.04 34.83 -53.92
CA TYR D 91 -25.55 33.47 -53.75
C TYR D 91 -24.05 33.37 -53.97
N TYR D 92 -23.54 32.14 -53.90
CA TYR D 92 -22.12 31.88 -54.10
C TYR D 92 -21.93 30.45 -54.59
N CYS D 93 -21.01 30.30 -55.52
CA CYS D 93 -20.50 29.00 -55.93
C CYS D 93 -19.03 28.96 -55.57
N GLY D 94 -18.64 28.02 -54.70
CA GLY D 94 -17.28 27.97 -54.21
C GLY D 94 -16.67 26.59 -54.21
N GLN D 95 -15.49 26.46 -54.80
CA GLN D 95 -14.83 25.17 -54.91
C GLN D 95 -14.08 24.85 -53.62
N GLY D 96 -13.76 23.57 -53.45
CA GLY D 96 -13.02 23.12 -52.30
C GLY D 96 -12.02 22.02 -52.62
N VAL D 97 -11.79 21.77 -53.90
CA VAL D 97 -10.91 20.68 -54.30
C VAL D 97 -9.47 21.14 -54.56
N HIS D 98 -9.23 22.44 -54.71
CA HIS D 98 -7.91 22.95 -55.01
C HIS D 98 -7.52 24.04 -54.03
N LEU D 99 -6.33 23.94 -53.49
CA LEU D 99 -5.77 25.08 -52.80
C LEU D 99 -5.22 26.08 -53.83
N PRO D 100 -5.44 27.38 -53.64
CA PRO D 100 -6.18 28.05 -52.56
C PRO D 100 -7.70 27.97 -52.73
N ARG D 101 -8.44 28.01 -51.62
CA ARG D 101 -9.89 28.05 -51.67
C ARG D 101 -10.34 29.36 -52.31
N THR D 102 -11.35 29.29 -53.16
CA THR D 102 -11.89 30.45 -53.83
C THR D 102 -13.40 30.47 -53.73
N PHE D 103 -13.98 31.61 -54.08
CA PHE D 103 -15.43 31.78 -54.08
C PHE D 103 -15.86 32.50 -55.36
N GLY D 104 -17.14 32.88 -55.44
CA GLY D 104 -17.70 33.43 -56.64
C GLY D 104 -18.08 34.90 -56.54
N GLN D 105 -18.87 35.34 -57.49
CA GLN D 105 -19.37 36.72 -57.55
C GLN D 105 -20.77 36.81 -56.97
N GLY D 106 -21.71 36.07 -57.54
CA GLY D 106 -23.02 35.94 -56.96
C GLY D 106 -24.11 36.48 -57.86
N THR D 107 -25.34 36.04 -57.57
CA THR D 107 -26.53 36.44 -58.30
C THR D 107 -27.41 37.29 -57.41
N LYS D 108 -27.77 38.48 -57.88
CA LYS D 108 -28.65 39.37 -57.13
C LYS D 108 -30.09 38.90 -57.26
N VAL D 109 -30.75 38.71 -56.12
CA VAL D 109 -32.12 38.19 -56.06
C VAL D 109 -32.93 39.09 -55.13
N ASP D 110 -33.96 39.72 -55.67
CA ASP D 110 -34.88 40.53 -54.87
C ASP D 110 -36.30 40.27 -55.36
N ILE D 111 -37.24 41.05 -54.84
CA ILE D 111 -38.66 40.80 -55.07
C ILE D 111 -39.09 41.45 -56.36
N LYS D 112 -39.83 40.72 -57.18
CA LYS D 112 -40.33 41.24 -58.45
C LYS D 112 -41.84 41.43 -58.41
N ALA E 1 28.70 -28.38 -32.70
CA ALA E 1 27.76 -29.38 -32.24
C ALA E 1 26.58 -29.48 -33.20
N VAL E 2 25.38 -29.22 -32.68
CA VAL E 2 24.21 -29.10 -33.54
C VAL E 2 24.37 -27.89 -34.45
N GLY E 3 24.84 -26.78 -33.90
CA GLY E 3 25.06 -25.58 -34.69
C GLY E 3 26.41 -25.53 -35.38
N ILE E 4 27.05 -26.67 -35.59
CA ILE E 4 28.30 -26.67 -36.35
C ILE E 4 27.99 -26.49 -37.83
N GLY E 5 28.98 -25.98 -38.56
CA GLY E 5 28.77 -25.64 -39.95
C GLY E 5 28.12 -24.28 -40.08
N ALA E 6 26.83 -24.19 -39.79
CA ALA E 6 26.10 -22.93 -39.74
C ALA E 6 26.16 -22.45 -38.30
N VAL E 7 27.18 -21.66 -38.00
CA VAL E 7 27.57 -21.40 -36.61
C VAL E 7 26.63 -20.41 -35.97
N PHE E 8 25.57 -20.93 -35.34
CA PHE E 8 24.62 -20.15 -34.57
C PHE E 8 23.76 -21.09 -33.73
N LEU E 9 23.35 -20.58 -32.57
CA LEU E 9 22.27 -21.12 -31.75
C LEU E 9 21.79 -19.97 -30.88
N GLY E 10 21.07 -20.29 -29.79
CA GLY E 10 20.50 -19.28 -28.90
C GLY E 10 21.47 -18.35 -28.20
N PHE E 11 20.95 -17.43 -27.38
CA PHE E 11 21.78 -16.39 -26.82
C PHE E 11 22.67 -16.95 -25.72
N LEU E 12 23.84 -16.31 -25.57
CA LEU E 12 25.00 -16.78 -24.80
C LEU E 12 25.53 -18.13 -25.28
N GLY E 13 25.17 -18.56 -26.49
CA GLY E 13 25.68 -19.81 -26.99
C GLY E 13 27.11 -19.69 -27.48
N ALA E 14 27.47 -18.52 -28.00
CA ALA E 14 28.82 -18.29 -28.49
C ALA E 14 29.79 -17.90 -27.38
N ALA E 15 29.34 -17.85 -26.13
CA ALA E 15 30.16 -17.35 -25.03
C ALA E 15 31.34 -18.24 -24.72
N GLY E 16 31.28 -19.51 -25.11
CA GLY E 16 32.42 -20.38 -24.92
C GLY E 16 33.41 -20.33 -26.06
N SER E 17 32.93 -20.02 -27.25
CA SER E 17 33.80 -20.00 -28.43
C SER E 17 34.68 -18.76 -28.42
N THR E 18 35.58 -18.71 -29.40
CA THR E 18 36.49 -17.58 -29.53
C THR E 18 35.72 -16.34 -29.99
N MET E 19 36.36 -15.18 -29.79
CA MET E 19 35.68 -13.92 -30.06
C MET E 19 35.48 -13.69 -31.56
N GLY E 20 36.35 -14.26 -32.39
CA GLY E 20 36.14 -14.19 -33.82
C GLY E 20 34.91 -14.96 -34.26
N ALA E 21 34.66 -16.12 -33.65
CA ALA E 21 33.45 -16.86 -33.96
C ALA E 21 32.24 -16.20 -33.34
N ALA E 22 32.41 -15.62 -32.15
CA ALA E 22 31.29 -15.00 -31.46
C ALA E 22 30.89 -13.67 -32.07
N SER E 23 31.77 -13.06 -32.86
CA SER E 23 31.47 -11.75 -33.45
C SER E 23 30.36 -11.84 -34.49
N MET E 24 30.17 -12.99 -35.12
CA MET E 24 29.11 -13.14 -36.11
C MET E 24 27.74 -13.29 -35.47
N THR E 25 27.65 -13.51 -34.16
CA THR E 25 26.39 -13.72 -33.46
C THR E 25 26.30 -12.70 -32.33
N LEU E 26 25.82 -11.51 -32.66
CA LEU E 26 25.68 -10.45 -31.68
C LEU E 26 24.28 -9.89 -31.60
N THR E 27 23.41 -10.22 -32.55
CA THR E 27 22.09 -9.60 -32.60
C THR E 27 21.18 -10.08 -31.49
N VAL E 28 21.40 -11.29 -30.99
CA VAL E 28 20.49 -11.87 -30.02
C VAL E 28 20.83 -11.47 -28.60
N GLN E 29 22.12 -11.34 -28.29
CA GLN E 29 22.52 -10.77 -27.00
C GLN E 29 22.11 -9.31 -26.91
N ALA E 30 22.09 -8.60 -28.04
CA ALA E 30 21.47 -7.29 -28.05
C ALA E 30 19.96 -7.38 -27.91
N ARG E 31 19.36 -8.45 -28.45
CA ARG E 31 17.91 -8.60 -28.38
C ARG E 31 17.45 -8.96 -26.98
N ASN E 32 18.09 -9.95 -26.37
CA ASN E 32 17.67 -10.39 -25.04
C ASN E 32 18.27 -9.52 -23.94
N LEU E 33 18.10 -8.23 -24.08
CA LEU E 33 18.50 -7.25 -23.09
C LEU E 33 17.35 -6.32 -22.71
N LEU E 34 16.32 -6.22 -23.54
CA LEU E 34 15.21 -5.32 -23.33
C LEU E 34 13.91 -6.05 -23.05
N SER E 35 13.53 -7.00 -23.90
CA SER E 35 12.22 -7.64 -23.79
C SER E 35 12.16 -8.59 -22.60
N GLY E 36 13.03 -9.60 -22.59
CA GLY E 36 13.04 -10.57 -21.52
C GLY E 36 12.84 -11.99 -22.02
N THR E 58 0.26 -7.01 -4.51
CA THR E 58 0.04 -5.59 -4.72
C THR E 58 1.30 -4.78 -4.41
N VAL E 59 2.27 -5.43 -3.79
CA VAL E 59 3.60 -4.84 -3.61
C VAL E 59 4.63 -5.47 -4.54
N TRP E 60 4.35 -6.65 -5.09
CA TRP E 60 5.25 -7.28 -6.05
C TRP E 60 5.24 -6.56 -7.38
N GLY E 61 4.17 -5.79 -7.65
CA GLY E 61 4.17 -4.92 -8.81
C GLY E 61 5.25 -3.87 -8.75
N ILE E 62 5.62 -3.43 -7.55
CA ILE E 62 6.74 -2.49 -7.40
C ILE E 62 8.05 -3.17 -7.76
N LYS E 63 8.20 -4.46 -7.42
CA LYS E 63 9.41 -5.19 -7.78
C LYS E 63 9.50 -5.43 -9.28
N GLN E 64 8.37 -5.85 -9.88
CA GLN E 64 8.29 -6.01 -11.33
C GLN E 64 8.58 -4.71 -12.05
N LEU E 65 8.04 -3.60 -11.54
CA LEU E 65 8.20 -2.32 -12.19
C LEU E 65 9.63 -1.79 -12.05
N GLN E 66 10.25 -2.00 -10.89
CA GLN E 66 11.62 -1.52 -10.75
C GLN E 66 12.59 -2.38 -11.54
N ALA E 67 12.28 -3.66 -11.72
CA ALA E 67 13.08 -4.49 -12.61
C ALA E 67 12.95 -4.03 -14.06
N ARG E 68 11.72 -3.75 -14.50
CA ARG E 68 11.50 -3.31 -15.88
C ARG E 68 12.15 -1.95 -16.15
N VAL E 69 12.03 -1.01 -15.21
CA VAL E 69 12.62 0.29 -15.47
C VAL E 69 14.13 0.27 -15.28
N LEU E 70 14.67 -0.66 -14.48
CA LEU E 70 16.12 -0.81 -14.43
C LEU E 70 16.64 -1.38 -15.73
N ALA E 71 15.90 -2.32 -16.33
CA ALA E 71 16.28 -2.88 -17.61
C ALA E 71 16.27 -1.82 -18.71
N VAL E 72 15.22 -1.01 -18.77
CA VAL E 72 15.19 -0.01 -19.82
C VAL E 72 16.14 1.14 -19.53
N GLU E 73 16.49 1.37 -18.26
CA GLU E 73 17.47 2.40 -17.95
C GLU E 73 18.85 1.97 -18.37
N ARG E 74 19.19 0.69 -18.13
CA ARG E 74 20.48 0.18 -18.58
C ARG E 74 20.57 0.15 -20.10
N TYR E 75 19.49 -0.25 -20.77
CA TYR E 75 19.49 -0.27 -22.23
C TYR E 75 19.59 1.13 -22.81
N LEU E 76 18.93 2.10 -22.17
CA LEU E 76 19.03 3.47 -22.67
C LEU E 76 20.39 4.06 -22.40
N ARG E 77 21.03 3.69 -21.29
CA ARG E 77 22.40 4.15 -21.04
C ARG E 77 23.36 3.58 -22.07
N ASP E 78 23.16 2.33 -22.47
CA ASP E 78 24.04 1.75 -23.49
C ASP E 78 23.79 2.37 -24.86
N GLN E 79 22.52 2.61 -25.20
CA GLN E 79 22.24 3.25 -26.48
C GLN E 79 22.69 4.71 -26.50
N GLN E 80 22.72 5.38 -25.37
CA GLN E 80 23.23 6.74 -25.34
C GLN E 80 24.76 6.75 -25.40
N LEU E 81 25.40 5.75 -24.79
CA LEU E 81 26.84 5.64 -24.89
C LEU E 81 27.27 5.35 -26.32
N LEU E 82 26.47 4.56 -27.03
CA LEU E 82 26.77 4.36 -28.45
C LEU E 82 26.46 5.61 -29.26
N GLY E 83 25.35 6.29 -28.97
CA GLY E 83 24.91 7.40 -29.78
C GLY E 83 25.81 8.62 -29.71
N ILE E 84 26.52 8.79 -28.60
CA ILE E 84 27.53 9.85 -28.56
C ILE E 84 28.82 9.45 -29.23
N TRP E 85 28.96 8.19 -29.61
CA TRP E 85 30.10 7.76 -30.41
C TRP E 85 29.69 7.78 -31.88
N GLY E 86 30.50 7.16 -32.74
CA GLY E 86 30.28 7.24 -34.17
C GLY E 86 29.05 6.50 -34.66
N CYS E 87 28.58 5.50 -33.92
CA CYS E 87 27.53 4.62 -34.41
C CYS E 87 26.29 4.71 -33.53
N SER E 88 25.16 5.03 -34.15
CA SER E 88 23.90 5.02 -33.42
C SER E 88 23.44 3.59 -33.17
N GLY E 89 23.22 2.82 -34.24
CA GLY E 89 22.79 1.45 -34.10
C GLY E 89 23.45 0.52 -35.09
N LYS E 90 24.69 0.84 -35.48
CA LYS E 90 25.35 0.04 -36.50
C LYS E 90 25.84 -1.30 -35.98
N LEU E 91 26.04 -1.43 -34.66
CA LEU E 91 26.32 -2.64 -33.89
C LEU E 91 27.72 -3.20 -34.12
N ILE E 92 28.41 -2.71 -35.15
CA ILE E 92 29.85 -2.91 -35.37
C ILE E 92 30.35 -1.58 -35.88
N CYS E 93 31.28 -0.96 -35.15
CA CYS E 93 31.69 0.41 -35.50
C CYS E 93 33.20 0.49 -35.58
N CYS E 94 33.71 0.60 -36.79
CA CYS E 94 35.06 1.09 -36.97
C CYS E 94 35.07 2.58 -36.63
N THR E 95 36.15 3.06 -36.05
CA THR E 95 36.23 4.45 -35.64
C THR E 95 37.65 4.96 -35.88
N ASN E 96 37.89 6.20 -35.44
CA ASN E 96 39.08 6.92 -35.82
C ASN E 96 40.12 7.03 -34.71
N VAL E 97 39.87 6.45 -33.54
CA VAL E 97 40.88 6.47 -32.49
C VAL E 97 41.86 5.34 -32.72
N PRO E 98 43.16 5.56 -32.51
CA PRO E 98 44.12 4.47 -32.67
C PRO E 98 44.12 3.53 -31.49
N TRP E 99 45.01 2.54 -31.50
CA TRP E 99 45.09 1.57 -30.44
C TRP E 99 46.50 1.57 -29.87
N ASN E 100 46.61 1.83 -28.58
CA ASN E 100 47.88 1.64 -27.88
C ASN E 100 48.18 0.16 -27.82
N SER E 101 49.33 -0.25 -28.37
CA SER E 101 49.71 -1.65 -28.33
C SER E 101 50.19 -2.10 -26.96
N SER E 102 50.40 -1.17 -26.03
CA SER E 102 50.71 -1.55 -24.65
C SER E 102 49.53 -2.23 -23.98
N TRP E 103 48.31 -1.91 -24.41
CA TRP E 103 47.12 -2.44 -23.77
C TRP E 103 46.92 -3.91 -24.10
N SER E 104 46.83 -4.23 -25.39
CA SER E 104 46.63 -5.62 -25.79
C SER E 104 47.88 -6.45 -25.60
N ASN E 105 49.03 -5.94 -26.07
CA ASN E 105 50.37 -6.53 -26.10
C ASN E 105 50.38 -8.02 -26.42
N ARG E 106 49.58 -8.43 -27.40
CA ARG E 106 49.53 -9.80 -27.88
C ARG E 106 49.46 -9.80 -29.39
N ASN E 107 49.60 -10.99 -29.97
CA ASN E 107 49.49 -11.14 -31.41
C ASN E 107 48.05 -10.92 -31.84
N LEU E 108 47.86 -10.13 -32.89
CA LEU E 108 46.53 -9.60 -33.23
C LEU E 108 45.61 -10.70 -33.72
N SER E 109 46.03 -11.49 -34.69
CA SER E 109 45.18 -12.57 -35.18
C SER E 109 45.13 -13.76 -34.23
N GLU E 110 45.96 -13.78 -33.19
CA GLU E 110 45.91 -14.87 -32.23
C GLU E 110 44.68 -14.76 -31.34
N ILE E 111 44.28 -13.54 -30.99
CA ILE E 111 43.22 -13.37 -30.00
C ILE E 111 41.85 -13.71 -30.57
N TRP E 112 41.68 -13.66 -31.88
CA TRP E 112 40.39 -14.01 -32.47
C TRP E 112 40.23 -15.50 -32.69
N ASP E 113 41.30 -16.28 -32.53
CA ASP E 113 41.22 -17.73 -32.57
C ASP E 113 41.65 -18.36 -31.25
N ASN E 114 41.96 -17.57 -30.24
CA ASN E 114 42.58 -18.08 -29.03
C ASN E 114 41.89 -17.64 -27.75
N MET E 115 41.13 -16.56 -27.75
CA MET E 115 40.61 -16.00 -26.52
C MET E 115 39.09 -15.92 -26.54
N THR E 116 38.51 -16.11 -25.35
CA THR E 116 37.11 -15.85 -25.12
C THR E 116 36.92 -14.39 -24.72
N TRP E 117 35.67 -13.92 -24.83
CA TRP E 117 35.38 -12.55 -24.46
C TRP E 117 35.54 -12.31 -22.97
N LEU E 118 35.30 -13.33 -22.16
CA LEU E 118 35.53 -13.23 -20.71
C LEU E 118 37.00 -12.99 -20.42
N GLN E 119 37.88 -13.76 -21.06
CA GLN E 119 39.31 -13.61 -20.84
C GLN E 119 39.81 -12.28 -21.39
N TRP E 120 39.23 -11.82 -22.49
CA TRP E 120 39.63 -10.52 -23.04
C TRP E 120 39.17 -9.38 -22.15
N ASP E 121 37.99 -9.51 -21.54
CA ASP E 121 37.54 -8.48 -20.62
C ASP E 121 38.33 -8.50 -19.32
N LYS E 122 38.83 -9.68 -18.93
CA LYS E 122 39.79 -9.74 -17.84
C LYS E 122 41.11 -9.08 -18.22
N GLU E 123 41.47 -9.12 -19.50
CA GLU E 123 42.74 -8.53 -19.91
C GLU E 123 42.70 -7.01 -19.89
N ILE E 124 41.62 -6.41 -20.37
CA ILE E 124 41.60 -4.95 -20.54
C ILE E 124 40.73 -4.30 -19.48
N SER E 125 40.64 -4.94 -18.32
CA SER E 125 39.87 -4.39 -17.20
C SER E 125 40.49 -3.08 -16.71
N ASN E 126 41.82 -3.03 -16.61
CA ASN E 126 42.50 -1.78 -16.27
C ASN E 126 42.30 -0.74 -17.36
N TYR E 127 42.58 -1.12 -18.61
CA TYR E 127 42.51 -0.20 -19.73
C TYR E 127 41.05 -0.04 -20.16
N THR E 128 40.31 0.69 -19.33
CA THR E 128 38.94 1.06 -19.61
C THR E 128 38.75 2.48 -19.12
N GLN E 129 37.69 3.12 -19.63
CA GLN E 129 37.22 4.47 -19.29
C GLN E 129 38.15 5.59 -19.78
N ILE E 130 39.29 5.23 -20.33
CA ILE E 130 40.07 6.17 -21.11
C ILE E 130 39.71 6.04 -22.58
N ILE E 131 39.34 4.83 -23.00
CA ILE E 131 38.92 4.58 -24.37
C ILE E 131 37.67 5.36 -24.69
N TYR E 132 36.77 5.50 -23.71
CA TYR E 132 35.48 6.12 -23.95
C TYR E 132 35.63 7.63 -24.13
N GLY E 133 36.50 8.25 -23.34
CA GLY E 133 36.78 9.66 -23.54
C GLY E 133 37.50 9.94 -24.84
N LEU E 134 38.37 9.00 -25.27
CA LEU E 134 38.99 9.11 -26.58
C LEU E 134 37.95 9.02 -27.69
N LEU E 135 36.95 8.15 -27.52
CA LEU E 135 35.88 8.04 -28.49
C LEU E 135 35.05 9.32 -28.55
N GLU E 136 34.79 9.93 -27.39
CA GLU E 136 34.01 11.17 -27.37
C GLU E 136 34.79 12.31 -28.00
N GLU E 137 36.10 12.40 -27.73
CA GLU E 137 36.94 13.41 -28.35
C GLU E 137 37.00 13.22 -29.86
N SER E 138 37.09 11.97 -30.32
CA SER E 138 37.13 11.69 -31.74
C SER E 138 35.82 12.04 -32.42
N GLN E 139 34.70 11.76 -31.76
CA GLN E 139 33.41 12.05 -32.37
C GLN E 139 33.14 13.55 -32.40
N ASN E 140 33.51 14.27 -31.35
CA ASN E 140 33.34 15.72 -31.37
C ASN E 140 34.28 16.39 -32.35
N GLN E 141 35.49 15.84 -32.54
CA GLN E 141 36.40 16.36 -33.54
C GLN E 141 35.88 16.11 -34.95
N GLN E 142 35.30 14.93 -35.18
CA GLN E 142 34.68 14.64 -36.47
C GLN E 142 33.47 15.54 -36.72
N GLU E 143 32.74 15.87 -35.66
CA GLU E 143 31.57 16.73 -35.81
C GLU E 143 31.97 18.17 -36.14
N LYS E 144 33.01 18.69 -35.48
CA LYS E 144 33.43 20.05 -35.80
C LYS E 144 34.11 20.11 -37.17
N ASN E 145 34.79 19.03 -37.58
CA ASN E 145 35.35 18.99 -38.92
C ASN E 145 34.27 18.94 -39.98
N GLU E 146 33.20 18.17 -39.73
CA GLU E 146 32.10 18.13 -40.69
C GLU E 146 31.32 19.44 -40.71
N GLN E 147 31.23 20.12 -39.57
CA GLN E 147 30.60 21.44 -39.53
C GLN E 147 31.40 22.45 -40.33
N ASP E 148 32.74 22.42 -40.22
CA ASP E 148 33.58 23.30 -41.03
C ASP E 148 33.48 22.97 -42.51
N LEU E 149 33.43 21.67 -42.84
CA LEU E 149 33.36 21.23 -44.22
C LEU E 149 32.05 21.64 -44.87
N LEU E 150 30.93 21.48 -44.17
CA LEU E 150 29.65 21.94 -44.69
C LEU E 150 29.47 23.43 -44.56
N ALA E 151 30.32 24.11 -43.78
CA ALA E 151 30.23 25.56 -43.66
C ALA E 151 30.92 26.25 -44.82
N LEU E 152 32.14 25.83 -45.16
CA LEU E 152 32.86 26.53 -46.24
C LEU E 152 32.31 26.19 -47.62
N ASP E 153 31.56 25.10 -47.75
CA ASP E 153 30.90 24.80 -49.01
C ASP E 153 29.63 25.64 -49.15
N ALA F 1 48.93 -1.80 -41.28
CA ALA F 1 48.39 -2.94 -40.54
C ALA F 1 48.68 -2.78 -39.05
N GLU F 2 49.89 -2.32 -38.73
CA GLU F 2 50.27 -2.05 -37.35
C GLU F 2 49.65 -0.77 -36.81
N ASN F 3 49.03 0.05 -37.66
CA ASN F 3 48.23 1.18 -37.23
C ASN F 3 46.85 0.67 -36.81
N LEU F 4 46.83 0.05 -35.63
CA LEU F 4 45.63 -0.61 -35.14
C LEU F 4 44.59 0.42 -34.72
N TRP F 5 43.36 0.21 -35.16
CA TRP F 5 42.25 1.01 -34.67
C TRP F 5 41.42 0.19 -33.69
N VAL F 6 40.43 0.82 -33.10
CA VAL F 6 39.60 0.14 -32.13
C VAL F 6 38.19 0.01 -32.71
N THR F 7 37.46 -0.97 -32.19
CA THR F 7 36.10 -1.21 -32.62
C THR F 7 35.27 -1.56 -31.40
N VAL F 8 34.08 -1.01 -31.34
CA VAL F 8 33.14 -1.37 -30.31
C VAL F 8 32.20 -2.43 -30.87
N TYR F 9 32.07 -3.53 -30.14
CA TYR F 9 31.15 -4.59 -30.49
C TYR F 9 30.05 -4.59 -29.44
N TYR F 10 28.83 -4.28 -29.86
CA TYR F 10 27.70 -4.27 -28.96
C TYR F 10 27.02 -5.63 -28.97
N GLY F 11 26.53 -6.04 -27.81
CA GLY F 11 25.98 -7.37 -27.70
C GLY F 11 27.02 -8.46 -27.56
N VAL F 12 28.20 -8.12 -27.04
CA VAL F 12 29.23 -9.12 -26.78
C VAL F 12 28.75 -10.07 -25.68
N PRO F 13 28.84 -11.38 -25.86
CA PRO F 13 28.52 -12.28 -24.75
C PRO F 13 29.62 -12.30 -23.70
N VAL F 14 29.38 -11.58 -22.60
CA VAL F 14 30.24 -11.59 -21.43
C VAL F 14 29.40 -11.12 -20.26
N TRP F 15 29.65 -11.71 -19.09
CA TRP F 15 28.85 -11.39 -17.93
C TRP F 15 29.76 -11.08 -16.75
N LYS F 16 29.15 -10.59 -15.69
CA LYS F 16 29.80 -10.48 -14.39
C LYS F 16 28.86 -11.00 -13.31
N ASP F 17 29.42 -11.30 -12.16
CA ASP F 17 28.61 -11.71 -11.02
C ASP F 17 27.92 -10.49 -10.44
N ALA F 18 26.63 -10.62 -10.16
CA ALA F 18 25.86 -9.49 -9.66
C ALA F 18 24.77 -10.02 -8.73
N GLU F 19 24.09 -9.08 -8.09
CA GLU F 19 23.05 -9.38 -7.09
C GLU F 19 21.88 -8.45 -7.37
N THR F 20 20.87 -8.97 -8.05
CA THR F 20 19.69 -8.19 -8.39
C THR F 20 18.46 -8.90 -7.87
N THR F 21 17.30 -8.26 -8.06
CA THR F 21 16.06 -8.88 -7.67
C THR F 21 15.67 -9.96 -8.67
N LEU F 22 14.61 -10.68 -8.33
CA LEU F 22 14.21 -11.81 -9.17
C LEU F 22 12.76 -11.76 -9.57
N PHE F 23 12.28 -12.86 -10.13
CA PHE F 23 11.06 -12.89 -10.93
C PHE F 23 10.30 -14.14 -10.53
N CYS F 24 9.15 -13.98 -9.90
CA CYS F 24 8.36 -15.15 -9.52
C CYS F 24 7.74 -15.78 -10.75
N ALA F 25 7.49 -17.10 -10.66
CA ALA F 25 6.80 -17.81 -11.74
C ALA F 25 6.12 -19.02 -11.13
N SER F 26 4.82 -19.16 -11.36
CA SER F 26 4.09 -20.34 -10.92
C SER F 26 3.44 -21.01 -12.12
N ASP F 27 3.24 -22.32 -12.02
CA ASP F 27 2.60 -23.05 -13.10
C ASP F 27 1.12 -22.73 -13.14
N ALA F 28 0.54 -22.82 -14.34
CA ALA F 28 -0.85 -22.41 -14.54
C ALA F 28 -1.85 -23.42 -14.01
N LYS F 29 -1.41 -24.62 -13.61
CA LYS F 29 -2.32 -25.60 -13.03
C LYS F 29 -2.77 -25.17 -11.64
N ALA F 30 -1.87 -24.55 -10.87
CA ALA F 30 -2.24 -23.95 -9.59
C ALA F 30 -3.07 -22.69 -9.77
N TYR F 31 -2.98 -22.05 -10.95
CA TYR F 31 -3.84 -20.92 -11.27
C TYR F 31 -5.26 -21.38 -11.61
N GLU F 32 -5.45 -22.65 -11.98
CA GLU F 32 -6.77 -23.15 -12.33
C GLU F 32 -7.69 -23.22 -11.12
N THR F 33 -7.14 -23.37 -9.92
CA THR F 33 -7.96 -23.40 -8.72
C THR F 33 -8.36 -21.98 -8.35
N GLU F 34 -9.65 -21.77 -8.13
CA GLU F 34 -10.20 -20.44 -7.99
C GLU F 34 -9.91 -19.86 -6.61
N LYS F 35 -9.80 -18.53 -6.57
CA LYS F 35 -9.81 -17.70 -5.36
C LYS F 35 -8.66 -17.97 -4.40
N HIS F 36 -7.58 -18.60 -4.90
CA HIS F 36 -6.30 -18.73 -4.22
C HIS F 36 -6.41 -19.47 -2.89
N ASN F 37 -6.80 -20.74 -2.98
CA ASN F 37 -6.76 -21.61 -1.81
C ASN F 37 -5.35 -22.04 -1.44
N VAL F 38 -4.37 -21.74 -2.28
CA VAL F 38 -2.97 -21.62 -1.87
C VAL F 38 -2.58 -20.17 -2.07
N TRP F 39 -1.45 -19.79 -1.49
CA TRP F 39 -1.03 -18.40 -1.56
C TRP F 39 -0.49 -18.05 -2.93
N ALA F 40 -0.90 -16.87 -3.41
CA ALA F 40 -0.17 -16.04 -4.39
C ALA F 40 0.19 -16.75 -5.69
N THR F 41 -0.83 -17.07 -6.47
CA THR F 41 -0.64 -17.21 -7.90
C THR F 41 -1.12 -15.97 -8.64
N HIS F 42 -1.73 -15.03 -7.92
CA HIS F 42 -2.01 -13.70 -8.44
C HIS F 42 -0.86 -12.74 -8.21
N ALA F 43 -0.08 -12.94 -7.13
CA ALA F 43 1.12 -12.17 -6.87
C ALA F 43 2.35 -12.78 -7.50
N CYS F 44 2.18 -13.54 -8.58
CA CYS F 44 3.24 -14.30 -9.20
C CYS F 44 2.82 -14.58 -10.64
N VAL F 45 3.75 -14.38 -11.57
CA VAL F 45 3.42 -14.44 -13.00
C VAL F 45 3.23 -15.89 -13.41
N PRO F 46 2.39 -16.17 -14.40
CA PRO F 46 2.26 -17.54 -14.89
C PRO F 46 3.49 -17.95 -15.67
N THR F 47 3.91 -19.20 -15.47
CA THR F 47 5.11 -19.72 -16.11
C THR F 47 4.84 -20.02 -17.58
N ASP F 48 5.66 -19.47 -18.46
CA ASP F 48 5.66 -19.92 -19.84
C ASP F 48 6.16 -21.35 -19.89
N PRO F 49 5.41 -22.28 -20.48
CA PRO F 49 5.80 -23.69 -20.44
C PRO F 49 7.00 -23.96 -21.31
N ASN F 50 7.78 -24.99 -20.89
CA ASN F 50 9.06 -25.49 -21.41
C ASN F 50 9.99 -24.39 -21.92
N PRO F 51 10.53 -23.55 -21.02
CA PRO F 51 11.37 -22.43 -21.46
C PRO F 51 12.75 -22.85 -21.95
N GLN F 52 13.60 -21.89 -22.29
CA GLN F 52 14.85 -22.17 -23.00
C GLN F 52 15.95 -22.57 -22.02
N GLU F 53 16.27 -23.85 -21.98
CA GLU F 53 17.43 -24.35 -21.25
C GLU F 53 18.61 -24.54 -22.19
N ILE F 54 19.04 -23.46 -22.82
CA ILE F 54 20.06 -23.55 -23.86
C ILE F 54 21.41 -23.82 -23.23
N HIS F 55 22.09 -24.85 -23.73
CA HIS F 55 23.35 -25.30 -23.18
C HIS F 55 24.46 -24.30 -23.49
N LEU F 56 25.52 -24.37 -22.71
CA LEU F 56 26.74 -23.62 -22.90
C LEU F 56 27.88 -24.61 -22.89
N GLU F 57 28.85 -24.42 -23.79
CA GLU F 57 29.97 -25.34 -23.87
C GLU F 57 31.29 -24.58 -23.79
N ASN F 58 32.31 -25.32 -23.33
CA ASN F 58 33.68 -24.84 -23.11
C ASN F 58 33.71 -23.57 -22.27
N VAL F 59 33.04 -23.64 -21.12
CA VAL F 59 32.84 -22.48 -20.26
C VAL F 59 32.99 -22.93 -18.82
N THR F 60 33.84 -22.24 -18.07
CA THR F 60 34.14 -22.61 -16.69
C THR F 60 33.82 -21.43 -15.78
N GLU F 61 32.79 -21.60 -14.95
CA GLU F 61 32.41 -20.58 -13.97
C GLU F 61 32.55 -21.13 -12.56
N GLU F 62 32.95 -20.28 -11.64
CA GLU F 62 33.08 -20.68 -10.24
C GLU F 62 31.78 -20.40 -9.49
N PHE F 63 31.20 -21.46 -8.96
CA PHE F 63 29.97 -21.38 -8.17
C PHE F 63 30.30 -21.42 -6.70
N ASN F 64 29.41 -20.83 -5.90
CA ASN F 64 29.60 -20.82 -4.45
C ASN F 64 28.21 -20.73 -3.82
N MET F 65 27.69 -21.87 -3.37
CA MET F 65 26.36 -21.90 -2.80
C MET F 65 26.30 -21.27 -1.42
N TRP F 66 27.43 -21.12 -0.75
CA TRP F 66 27.40 -20.65 0.63
C TRP F 66 27.34 -19.14 0.72
N LYS F 67 28.12 -18.43 -0.11
CA LYS F 67 27.98 -16.99 -0.24
C LYS F 67 27.03 -16.60 -1.35
N ASN F 68 26.12 -17.51 -1.72
CA ASN F 68 25.23 -17.28 -2.84
C ASN F 68 24.15 -16.27 -2.47
N ASN F 69 23.72 -15.51 -3.46
CA ASN F 69 22.54 -14.69 -3.30
C ASN F 69 21.32 -15.52 -3.66
N MET F 70 20.15 -14.88 -3.65
CA MET F 70 18.84 -15.39 -4.09
C MET F 70 18.27 -16.46 -3.16
N VAL F 71 19.08 -17.00 -2.25
CA VAL F 71 18.55 -17.79 -1.16
C VAL F 71 18.13 -16.86 -0.03
N GLU F 72 18.88 -15.77 0.16
CA GLU F 72 18.43 -14.69 1.03
C GLU F 72 17.18 -14.04 0.47
N GLN F 73 17.12 -13.85 -0.84
CA GLN F 73 15.91 -13.30 -1.44
C GLN F 73 14.76 -14.29 -1.38
N MET F 74 15.03 -15.59 -1.45
CA MET F 74 13.95 -16.56 -1.31
C MET F 74 13.42 -16.58 0.12
N HIS F 75 14.31 -16.43 1.10
CA HIS F 75 13.90 -16.37 2.49
C HIS F 75 13.07 -15.13 2.76
N THR F 76 13.51 -13.98 2.23
CA THR F 76 12.78 -12.74 2.41
C THR F 76 11.43 -12.78 1.68
N ASP F 77 11.38 -13.40 0.51
CA ASP F 77 10.13 -13.49 -0.24
C ASP F 77 9.14 -14.40 0.45
N ILE F 78 9.61 -15.52 1.00
CA ILE F 78 8.69 -16.43 1.68
C ILE F 78 8.21 -15.83 2.99
N ILE F 79 9.06 -15.09 3.69
CA ILE F 79 8.65 -14.43 4.93
C ILE F 79 7.62 -13.35 4.64
N SER F 80 7.86 -12.53 3.62
CA SER F 80 6.93 -11.46 3.29
C SER F 80 5.63 -12.01 2.72
N LEU F 81 5.69 -13.16 2.05
CA LEU F 81 4.48 -13.78 1.54
C LEU F 81 3.67 -14.41 2.66
N TRP F 82 4.35 -15.01 3.63
CA TRP F 82 3.66 -15.58 4.79
C TRP F 82 3.00 -14.49 5.61
N ASP F 83 3.63 -13.32 5.70
CA ASP F 83 2.97 -12.19 6.34
C ASP F 83 1.79 -11.70 5.52
N GLN F 84 1.94 -11.64 4.19
CA GLN F 84 0.89 -11.08 3.34
C GLN F 84 -0.32 -12.00 3.20
N SER F 85 -0.24 -13.24 3.67
CA SER F 85 -1.37 -14.15 3.64
C SER F 85 -2.02 -14.28 5.00
N LEU F 86 -1.89 -13.28 5.87
CA LEU F 86 -2.48 -13.35 7.19
C LEU F 86 -3.31 -12.11 7.52
N LYS F 87 -2.93 -10.97 6.96
CA LYS F 87 -3.67 -9.73 7.10
C LYS F 87 -5.16 -9.79 6.73
N PRO F 88 -5.61 -10.62 5.78
CA PRO F 88 -7.07 -10.82 5.70
C PRO F 88 -7.65 -11.59 6.86
N CYS F 89 -6.86 -12.45 7.50
CA CYS F 89 -7.45 -13.41 8.41
C CYS F 89 -7.71 -12.79 9.79
N VAL F 90 -8.41 -13.55 10.62
CA VAL F 90 -9.01 -13.03 11.84
C VAL F 90 -7.97 -12.98 12.94
N LYS F 91 -7.88 -11.84 13.63
CA LYS F 91 -7.04 -11.76 14.82
C LYS F 91 -7.77 -12.38 16.00
N LEU F 92 -7.00 -13.06 16.85
CA LEU F 92 -7.56 -13.79 17.99
C LEU F 92 -7.29 -13.06 19.29
N THR F 93 -7.40 -11.74 19.25
CA THR F 93 -7.32 -10.94 20.48
C THR F 93 -8.37 -11.27 21.55
N PRO F 94 -9.66 -11.49 21.27
CA PRO F 94 -10.58 -11.77 22.38
C PRO F 94 -10.45 -13.16 22.95
N LEU F 95 -9.63 -14.03 22.37
CA LEU F 95 -9.51 -15.39 22.88
C LEU F 95 -8.63 -15.48 24.12
N CYS F 96 -7.78 -14.49 24.37
CA CYS F 96 -6.93 -14.49 25.54
C CYS F 96 -7.79 -14.26 26.77
N VAL F 97 -8.12 -15.35 27.47
CA VAL F 97 -9.14 -15.31 28.50
C VAL F 97 -8.86 -16.44 29.47
N THR F 98 -9.44 -16.35 30.67
CA THR F 98 -9.21 -17.36 31.69
C THR F 98 -9.90 -18.66 31.30
N LEU F 99 -9.11 -19.73 31.13
CA LEU F 99 -9.64 -21.02 30.71
C LEU F 99 -9.77 -21.94 31.90
N GLN F 100 -10.96 -22.49 32.09
CA GLN F 100 -11.17 -23.56 33.05
C GLN F 100 -10.94 -24.88 32.33
N CYS F 101 -9.80 -25.50 32.58
CA CYS F 101 -9.41 -26.69 31.85
C CYS F 101 -9.39 -27.89 32.78
N THR F 102 -9.88 -29.01 32.28
CA THR F 102 -9.72 -30.30 32.91
C THR F 102 -9.17 -31.27 31.88
N ASN F 103 -8.88 -32.48 32.32
CA ASN F 103 -8.43 -33.51 31.39
C ASN F 103 -9.58 -33.96 30.52
N VAL F 104 -9.22 -34.49 29.34
CA VAL F 104 -10.22 -35.03 28.44
C VAL F 104 -10.80 -36.29 29.06
N THR F 105 -12.06 -36.58 28.73
CA THR F 105 -12.72 -37.78 29.24
C THR F 105 -12.04 -38.98 28.63
N ASN F 106 -11.17 -39.62 29.41
CA ASN F 106 -10.36 -40.72 28.92
C ASN F 106 -9.86 -41.50 30.12
N ASN F 107 -9.69 -42.81 29.94
CA ASN F 107 -9.14 -43.68 30.99
C ASN F 107 -7.64 -43.49 31.00
N ILE F 108 -7.20 -42.39 31.61
CA ILE F 108 -5.80 -42.01 31.62
C ILE F 108 -5.12 -42.64 32.82
N THR F 109 -3.94 -43.21 32.58
CA THR F 109 -3.07 -43.59 33.67
C THR F 109 -2.46 -42.34 34.30
N ASP F 110 -2.01 -42.48 35.54
CA ASP F 110 -1.38 -41.36 36.22
C ASP F 110 0.01 -41.08 35.68
N ASP F 111 0.64 -42.05 35.01
CA ASP F 111 1.97 -41.85 34.47
C ASP F 111 1.92 -41.01 33.19
N MET F 112 1.25 -41.53 32.16
CA MET F 112 1.17 -40.83 30.89
C MET F 112 0.07 -39.78 31.00
N ARG F 113 0.47 -38.51 30.99
CA ARG F 113 -0.48 -37.42 31.09
C ARG F 113 -1.28 -37.28 29.82
N GLY F 114 -2.48 -36.72 29.95
CA GLY F 114 -3.31 -36.48 28.78
C GLY F 114 -2.72 -35.38 27.93
N GLU F 115 -2.49 -35.67 26.66
CA GLU F 115 -1.95 -34.67 25.75
C GLU F 115 -3.00 -33.61 25.44
N LEU F 116 -4.26 -33.99 25.42
CA LEU F 116 -5.35 -33.07 25.13
C LEU F 116 -6.05 -32.66 26.41
N LYS F 117 -6.18 -31.37 26.63
CA LYS F 117 -6.91 -30.81 27.75
C LYS F 117 -8.20 -30.18 27.22
N ASN F 118 -9.32 -30.55 27.83
CA ASN F 118 -10.56 -29.85 27.55
C ASN F 118 -10.61 -28.54 28.33
N CYS F 119 -11.09 -27.48 27.69
CA CYS F 119 -11.11 -26.15 28.32
C CYS F 119 -12.42 -25.47 28.00
N SER F 120 -13.15 -25.07 29.04
CA SER F 120 -14.33 -24.24 28.91
C SER F 120 -14.01 -22.82 29.36
N PHE F 121 -14.68 -21.84 28.75
CA PHE F 121 -14.36 -20.45 29.01
C PHE F 121 -15.50 -19.57 28.53
N ASN F 122 -15.49 -18.34 29.03
CA ASN F 122 -16.39 -17.30 28.54
C ASN F 122 -15.95 -16.83 27.17
N MET F 123 -16.92 -16.46 26.34
CA MET F 123 -16.59 -15.93 25.02
C MET F 123 -17.67 -14.95 24.63
N THR F 124 -17.27 -13.83 24.03
CA THR F 124 -18.24 -12.87 23.57
C THR F 124 -18.96 -13.40 22.34
N THR F 125 -20.25 -13.15 22.26
CA THR F 125 -21.01 -13.53 21.09
C THR F 125 -20.93 -12.40 20.07
N GLU F 126 -21.79 -12.47 19.06
CA GLU F 126 -21.94 -11.37 18.13
C GLU F 126 -22.51 -10.14 18.82
N LEU F 127 -23.41 -10.35 19.77
CA LEU F 127 -23.99 -9.26 20.52
C LEU F 127 -23.08 -8.92 21.68
N ARG F 128 -22.88 -7.61 21.90
CA ARG F 128 -21.95 -7.19 22.94
C ARG F 128 -22.48 -7.42 24.35
N ASP F 129 -23.80 -7.42 24.52
CA ASP F 129 -24.36 -7.61 25.86
C ASP F 129 -24.28 -9.06 26.31
N LYS F 130 -24.43 -10.01 25.41
CA LYS F 130 -24.55 -11.41 25.76
C LYS F 130 -23.22 -12.11 25.52
N LYS F 131 -22.77 -12.85 26.53
CA LYS F 131 -21.62 -13.73 26.41
C LYS F 131 -22.07 -15.17 26.63
N GLN F 132 -21.30 -16.10 26.07
CA GLN F 132 -21.65 -17.50 26.10
C GLN F 132 -20.53 -18.28 26.79
N LYS F 133 -20.88 -19.44 27.30
CA LYS F 133 -19.91 -20.37 27.84
C LYS F 133 -19.67 -21.46 26.81
N VAL F 134 -18.42 -21.66 26.40
CA VAL F 134 -18.13 -22.61 25.35
C VAL F 134 -16.89 -23.40 25.71
N TYR F 135 -16.79 -24.61 25.19
CA TYR F 135 -15.69 -25.50 25.48
C TYR F 135 -14.96 -25.86 24.19
N SER F 136 -13.76 -26.38 24.36
CA SER F 136 -12.90 -26.73 23.25
C SER F 136 -11.83 -27.69 23.75
N LEU F 137 -10.99 -28.14 22.84
CA LEU F 137 -9.85 -28.96 23.18
C LEU F 137 -8.58 -28.25 22.78
N PHE F 138 -7.53 -28.44 23.58
CA PHE F 138 -6.23 -27.87 23.27
C PHE F 138 -5.17 -28.89 23.64
N TYR F 139 -3.95 -28.63 23.19
CA TYR F 139 -2.85 -29.52 23.53
C TYR F 139 -2.13 -29.01 24.77
N ARG F 140 -1.27 -29.86 25.33
CA ARG F 140 -0.47 -29.45 26.48
C ARG F 140 0.50 -28.33 26.13
N LEU F 141 0.96 -28.30 24.89
CA LEU F 141 1.95 -27.33 24.46
C LEU F 141 1.36 -25.98 24.08
N ASP F 142 0.10 -25.74 24.39
CA ASP F 142 -0.52 -24.45 24.11
C ASP F 142 -1.16 -23.81 25.32
N VAL F 143 -1.18 -24.48 26.46
CA VAL F 143 -1.79 -23.93 27.66
C VAL F 143 -0.78 -23.97 28.79
N VAL F 144 -0.84 -22.95 29.64
CA VAL F 144 -0.01 -22.89 30.83
C VAL F 144 -0.92 -22.60 32.01
N GLN F 145 -0.42 -22.93 33.20
CA GLN F 145 -1.24 -22.84 34.41
C GLN F 145 -1.02 -21.48 35.05
N ILE F 146 -1.99 -20.58 34.85
CA ILE F 146 -1.95 -19.31 35.54
C ILE F 146 -2.33 -19.53 37.00
N ASN F 147 -1.78 -18.69 37.88
CA ASN F 147 -1.95 -18.90 39.31
C ASN F 147 -1.80 -17.60 40.07
N SER F 157 -7.98 -27.16 45.47
CA SER F 157 -8.36 -25.92 44.81
C SER F 157 -8.72 -26.15 43.35
N ASN F 158 -8.81 -25.06 42.59
CA ASN F 158 -9.18 -25.13 41.19
C ASN F 158 -7.94 -25.21 40.31
N LYS F 159 -8.17 -25.47 39.03
CA LYS F 159 -7.08 -25.59 38.05
C LYS F 159 -7.49 -24.81 36.82
N GLU F 160 -6.90 -23.62 36.63
CA GLU F 160 -7.28 -22.74 35.55
C GLU F 160 -6.06 -22.40 34.72
N TYR F 161 -6.25 -22.35 33.41
CA TYR F 161 -5.15 -22.20 32.46
C TYR F 161 -5.34 -20.94 31.65
N ARG F 162 -4.35 -20.67 30.81
CA ARG F 162 -4.44 -19.67 29.77
C ARG F 162 -3.65 -20.15 28.57
N LEU F 163 -3.76 -19.43 27.47
CA LEU F 163 -2.95 -19.79 26.32
C LEU F 163 -1.52 -19.34 26.52
N ILE F 164 -0.62 -19.94 25.75
CA ILE F 164 0.80 -19.70 25.95
C ILE F 164 1.21 -18.34 25.38
N ASN F 165 0.58 -17.90 24.32
CA ASN F 165 1.00 -16.69 23.64
C ASN F 165 0.40 -15.42 24.25
N CYS F 166 -0.50 -15.55 25.22
CA CYS F 166 -1.31 -14.42 25.64
C CYS F 166 -0.58 -13.44 26.54
N ASN F 167 0.72 -13.58 26.74
CA ASN F 167 1.49 -12.52 27.36
C ASN F 167 2.76 -12.20 26.58
N THR F 168 2.77 -12.47 25.28
CA THR F 168 3.85 -11.96 24.45
C THR F 168 3.35 -11.32 23.17
N SER F 169 2.21 -11.77 22.65
CA SER F 169 1.73 -11.32 21.35
C SER F 169 0.28 -11.73 21.15
N ALA F 170 -0.39 -11.03 20.26
CA ALA F 170 -1.65 -11.53 19.77
C ALA F 170 -1.40 -12.62 18.72
N CYS F 171 -2.43 -13.40 18.45
CA CYS F 171 -2.33 -14.50 17.51
C CYS F 171 -3.32 -14.28 16.37
N THR F 172 -2.92 -14.69 15.18
CA THR F 172 -3.77 -14.62 14.01
C THR F 172 -4.15 -16.03 13.61
N GLN F 173 -5.45 -16.33 13.62
CA GLN F 173 -5.91 -17.62 13.15
C GLN F 173 -5.77 -17.67 11.64
N ALA F 174 -5.24 -18.77 11.14
CA ALA F 174 -5.10 -18.92 9.70
C ALA F 174 -6.46 -19.11 9.05
N CYS F 175 -6.62 -18.55 7.87
CA CYS F 175 -7.84 -18.77 7.12
C CYS F 175 -7.88 -20.20 6.61
N PRO F 176 -8.98 -20.94 6.80
CA PRO F 176 -9.06 -22.29 6.23
C PRO F 176 -9.17 -22.31 4.71
N LYS F 177 -9.39 -21.17 4.06
CA LYS F 177 -9.26 -21.09 2.61
C LYS F 177 -7.84 -21.39 2.16
N VAL F 178 -6.90 -20.53 2.57
CA VAL F 178 -5.53 -20.64 2.09
C VAL F 178 -4.86 -21.83 2.76
N SER F 179 -4.31 -22.72 1.95
CA SER F 179 -3.63 -23.90 2.42
C SER F 179 -2.12 -23.71 2.29
N PHE F 180 -1.38 -24.39 3.16
CA PHE F 180 0.06 -24.22 3.23
C PHE F 180 0.82 -25.24 2.42
N GLU F 181 0.14 -26.04 1.61
CA GLU F 181 0.85 -27.02 0.80
C GLU F 181 1.67 -26.30 -0.28
N PRO F 182 2.90 -26.74 -0.52
CA PRO F 182 3.77 -26.00 -1.44
C PRO F 182 3.41 -26.24 -2.89
N ILE F 183 3.21 -25.16 -3.62
CA ILE F 183 3.16 -25.23 -5.08
C ILE F 183 4.57 -24.90 -5.55
N PRO F 184 5.05 -25.47 -6.65
CA PRO F 184 6.43 -25.21 -7.06
C PRO F 184 6.62 -23.79 -7.55
N ILE F 185 7.67 -23.15 -7.05
CA ILE F 185 8.05 -21.80 -7.46
C ILE F 185 9.19 -21.92 -8.44
N HIS F 186 9.02 -21.36 -9.63
CA HIS F 186 10.11 -21.16 -10.57
C HIS F 186 10.63 -19.75 -10.41
N TYR F 187 11.93 -19.61 -10.22
CA TYR F 187 12.57 -18.31 -10.19
C TYR F 187 13.09 -17.98 -11.57
N CYS F 188 12.91 -16.73 -11.99
CA CYS F 188 13.34 -16.28 -13.30
C CYS F 188 14.10 -14.99 -13.16
N ALA F 189 15.07 -14.80 -14.03
CA ALA F 189 15.81 -13.56 -14.10
C ALA F 189 15.04 -12.53 -14.90
N PRO F 190 15.22 -11.24 -14.63
CA PRO F 190 14.61 -10.23 -15.48
C PRO F 190 15.45 -9.97 -16.72
N ALA F 191 15.12 -8.93 -17.48
CA ALA F 191 15.89 -8.62 -18.67
C ALA F 191 17.26 -8.09 -18.28
N GLY F 192 18.28 -8.49 -19.04
CA GLY F 192 19.64 -8.10 -18.73
C GLY F 192 20.33 -8.96 -17.70
N PHE F 193 19.74 -10.09 -17.32
CA PHE F 193 20.36 -11.01 -16.40
C PHE F 193 20.05 -12.42 -16.84
N ALA F 194 20.92 -13.36 -16.48
CA ALA F 194 20.72 -14.74 -16.87
C ALA F 194 21.11 -15.65 -15.71
N ILE F 195 20.46 -16.80 -15.61
CA ILE F 195 20.72 -17.71 -14.50
C ILE F 195 21.56 -18.86 -15.02
N LEU F 196 22.78 -18.97 -14.52
CA LEU F 196 23.66 -20.07 -14.90
C LEU F 196 23.41 -21.25 -13.97
N LYS F 197 23.06 -22.39 -14.55
CA LYS F 197 22.84 -23.61 -13.81
C LYS F 197 24.04 -24.52 -14.03
N CYS F 198 24.73 -24.85 -12.95
CA CYS F 198 25.81 -25.82 -13.01
C CYS F 198 25.21 -27.20 -13.16
N LYS F 199 25.33 -27.78 -14.36
CA LYS F 199 24.76 -29.08 -14.66
C LYS F 199 25.72 -30.23 -14.39
N ASP F 200 26.77 -29.99 -13.59
CA ASP F 200 27.72 -31.05 -13.30
C ASP F 200 27.08 -32.10 -12.41
N LYS F 201 27.38 -33.37 -12.72
CA LYS F 201 26.90 -34.48 -11.91
C LYS F 201 27.54 -34.45 -10.52
N LYS F 202 28.86 -34.54 -10.47
CA LYS F 202 29.60 -34.52 -9.21
C LYS F 202 30.06 -33.09 -8.96
N PHE F 203 29.46 -32.44 -7.97
CA PHE F 203 29.76 -31.03 -7.70
C PHE F 203 29.43 -30.74 -6.25
N ASN F 204 30.44 -30.34 -5.48
CA ASN F 204 30.30 -30.14 -4.05
C ASN F 204 29.98 -28.70 -3.68
N GLY F 205 29.35 -27.93 -4.57
CA GLY F 205 28.80 -26.65 -4.21
C GLY F 205 29.74 -25.48 -4.36
N THR F 206 31.05 -25.73 -4.37
CA THR F 206 32.02 -24.64 -4.38
C THR F 206 33.11 -24.96 -5.38
N GLY F 207 33.45 -23.99 -6.21
CA GLY F 207 34.56 -24.13 -7.13
C GLY F 207 34.15 -24.06 -8.58
N PRO F 208 35.06 -24.44 -9.48
CA PRO F 208 34.76 -24.37 -10.91
C PRO F 208 33.84 -25.50 -11.33
N CYS F 209 32.77 -25.16 -12.02
CA CYS F 209 31.87 -26.14 -12.59
C CYS F 209 32.14 -26.22 -14.08
N PRO F 210 32.67 -27.34 -14.59
CA PRO F 210 33.11 -27.38 -15.98
C PRO F 210 32.00 -27.49 -17.00
N SER F 211 30.78 -27.83 -16.60
CA SER F 211 29.67 -28.01 -17.53
C SER F 211 28.47 -27.23 -17.03
N VAL F 212 28.35 -25.99 -17.47
CA VAL F 212 27.25 -25.12 -17.06
C VAL F 212 26.29 -24.97 -18.22
N SER F 213 25.15 -24.36 -17.94
CA SER F 213 24.20 -24.01 -18.99
C SER F 213 23.39 -22.81 -18.54
N THR F 214 23.22 -21.85 -19.43
CA THR F 214 22.40 -20.71 -19.06
C THR F 214 20.93 -21.08 -19.13
N VAL F 215 20.10 -20.27 -18.47
CA VAL F 215 18.67 -20.49 -18.44
C VAL F 215 18.01 -19.16 -18.11
N GLN F 216 16.73 -19.05 -18.43
CA GLN F 216 15.92 -17.91 -18.06
C GLN F 216 15.11 -18.17 -16.79
N CYS F 217 14.67 -19.40 -16.57
CA CYS F 217 13.88 -19.72 -15.40
C CYS F 217 14.39 -21.01 -14.75
N THR F 218 14.36 -21.05 -13.42
CA THR F 218 14.80 -22.21 -12.68
C THR F 218 13.74 -23.30 -12.71
N HIS F 219 14.09 -24.44 -12.12
CA HIS F 219 13.16 -25.56 -12.03
C HIS F 219 12.13 -25.31 -10.95
N GLY F 220 11.22 -26.26 -10.79
CA GLY F 220 10.20 -26.16 -9.77
C GLY F 220 10.76 -26.33 -8.37
N ILE F 221 10.78 -25.25 -7.61
CA ILE F 221 11.28 -25.28 -6.24
C ILE F 221 10.09 -25.16 -5.29
N LYS F 222 9.61 -26.28 -4.80
CA LYS F 222 8.49 -26.21 -3.86
C LYS F 222 9.00 -25.81 -2.49
N PRO F 223 8.46 -24.76 -1.89
CA PRO F 223 8.94 -24.36 -0.57
C PRO F 223 8.40 -25.24 0.53
N VAL F 224 9.22 -26.16 1.01
CA VAL F 224 8.83 -26.98 2.13
C VAL F 224 9.42 -26.38 3.40
N VAL F 225 8.78 -26.63 4.51
CA VAL F 225 9.23 -26.14 5.80
C VAL F 225 9.56 -27.35 6.64
N SER F 226 10.86 -27.56 6.87
CA SER F 226 11.31 -28.69 7.65
C SER F 226 12.64 -28.35 8.28
N THR F 227 12.89 -28.92 9.44
CA THR F 227 14.08 -28.60 10.21
C THR F 227 15.18 -29.65 10.02
N GLN F 228 14.89 -30.88 10.41
CA GLN F 228 15.72 -32.01 10.01
C GLN F 228 14.95 -32.80 8.98
N LEU F 229 15.70 -33.58 8.18
CA LEU F 229 15.15 -34.48 7.16
C LEU F 229 14.32 -33.69 6.15
N LEU F 230 15.01 -32.86 5.36
CA LEU F 230 14.34 -32.02 4.38
C LEU F 230 13.60 -32.86 3.35
N LEU F 231 12.41 -32.42 2.99
CA LEU F 231 11.43 -33.26 2.31
C LEU F 231 11.20 -32.79 0.88
N ASN F 232 11.00 -33.77 -0.02
CA ASN F 232 10.57 -33.59 -1.40
C ASN F 232 11.53 -32.76 -2.23
N GLY F 233 12.80 -32.70 -1.84
CA GLY F 233 13.77 -31.91 -2.57
C GLY F 233 14.23 -32.62 -3.83
N SER F 234 15.15 -31.97 -4.51
CA SER F 234 15.75 -32.57 -5.70
C SER F 234 16.83 -33.53 -5.26
N LEU F 235 16.67 -34.80 -5.58
CA LEU F 235 17.65 -35.81 -5.24
C LEU F 235 18.76 -35.83 -6.28
N ALA F 236 19.91 -36.38 -5.88
CA ALA F 236 21.08 -36.38 -6.74
C ALA F 236 20.93 -37.37 -7.88
N GLU F 237 21.89 -37.33 -8.81
CA GLU F 237 21.78 -38.16 -10.01
C GLU F 237 22.12 -39.61 -9.72
N GLU F 238 23.37 -39.88 -9.31
CA GLU F 238 23.77 -41.24 -9.02
C GLU F 238 24.25 -41.43 -7.60
N GLU F 239 25.18 -40.61 -7.13
CA GLU F 239 25.81 -40.84 -5.84
C GLU F 239 24.95 -40.24 -4.72
N VAL F 240 25.55 -40.15 -3.53
CA VAL F 240 24.99 -39.44 -2.41
C VAL F 240 25.99 -38.34 -2.09
N MET F 241 25.59 -37.09 -2.25
CA MET F 241 26.53 -35.98 -2.13
C MET F 241 26.34 -35.26 -0.82
N ILE F 242 27.41 -35.15 -0.07
CA ILE F 242 27.44 -34.27 1.09
C ILE F 242 28.01 -32.94 0.65
N ARG F 243 27.58 -31.88 1.30
CA ARG F 243 28.03 -30.54 0.98
C ARG F 243 28.24 -29.79 2.28
N SER F 244 29.35 -29.08 2.38
CA SER F 244 29.58 -28.20 3.51
C SER F 244 30.35 -26.98 3.03
N GLU F 245 30.19 -25.89 3.77
CA GLU F 245 31.05 -24.74 3.53
C GLU F 245 32.48 -25.04 3.97
N ASN F 246 32.62 -25.81 5.05
CA ASN F 246 33.92 -26.33 5.46
C ASN F 246 33.69 -27.56 6.30
N ILE F 247 34.17 -28.71 5.83
CA ILE F 247 33.93 -29.96 6.53
C ILE F 247 34.74 -30.02 7.82
N THR F 248 35.94 -29.45 7.82
CA THR F 248 36.74 -29.40 9.05
C THR F 248 36.12 -28.48 10.08
N ASN F 249 35.43 -27.44 9.65
CA ASN F 249 34.65 -26.63 10.56
C ASN F 249 33.42 -27.41 11.01
N ASN F 250 33.01 -27.17 12.25
CA ASN F 250 31.82 -27.81 12.80
C ASN F 250 30.68 -26.85 13.06
N ALA F 251 30.94 -25.54 13.06
CA ALA F 251 29.85 -24.59 13.24
C ALA F 251 28.95 -24.52 12.02
N LYS F 252 29.49 -24.83 10.85
CA LYS F 252 28.66 -24.91 9.66
C LYS F 252 27.99 -26.26 9.58
N ASN F 253 26.76 -26.27 9.06
CA ASN F 253 26.01 -27.50 8.93
C ASN F 253 26.54 -28.32 7.76
N ILE F 254 26.04 -29.54 7.64
CA ILE F 254 26.39 -30.44 6.55
C ILE F 254 25.10 -30.85 5.87
N LEU F 255 24.95 -30.44 4.61
CA LEU F 255 23.75 -30.75 3.84
C LEU F 255 24.00 -32.07 3.11
N VAL F 256 23.29 -33.11 3.50
CA VAL F 256 23.42 -34.42 2.88
C VAL F 256 22.26 -34.60 1.94
N GLN F 257 22.53 -34.82 0.66
CA GLN F 257 21.51 -35.07 -0.33
C GLN F 257 21.74 -36.47 -0.88
N PHE F 258 20.77 -37.36 -0.69
CA PHE F 258 20.96 -38.74 -1.11
C PHE F 258 20.09 -39.09 -2.30
N ASN F 259 20.41 -40.23 -2.89
CA ASN F 259 19.94 -40.57 -4.23
C ASN F 259 18.52 -41.12 -4.20
N THR F 260 18.33 -42.26 -3.56
CA THR F 260 17.00 -42.86 -3.51
C THR F 260 16.18 -42.17 -2.42
N PRO F 261 15.03 -41.59 -2.76
CA PRO F 261 14.22 -40.93 -1.73
C PRO F 261 13.56 -41.95 -0.82
N VAL F 262 13.61 -41.70 0.47
CA VAL F 262 13.08 -42.63 1.46
C VAL F 262 11.62 -42.30 1.71
N GLN F 263 10.75 -43.27 1.52
CA GLN F 263 9.32 -43.03 1.70
C GLN F 263 9.00 -42.94 3.19
N ILE F 264 8.33 -41.87 3.58
CA ILE F 264 7.91 -41.67 4.96
C ILE F 264 6.38 -41.55 4.98
N ASN F 265 5.77 -42.23 5.94
CA ASN F 265 4.33 -42.16 6.15
C ASN F 265 4.06 -41.53 7.52
N CYS F 266 3.26 -40.48 7.54
CA CYS F 266 2.97 -39.76 8.77
C CYS F 266 1.47 -39.61 8.92
N THR F 267 0.98 -39.74 10.15
CA THR F 267 -0.45 -39.64 10.37
C THR F 267 -0.76 -39.14 11.77
N ARG F 268 -1.83 -38.36 11.87
CA ARG F 268 -2.56 -38.24 13.10
C ARG F 268 -3.80 -39.11 13.00
N PRO F 269 -3.93 -40.12 13.86
CA PRO F 269 -5.11 -40.99 13.82
C PRO F 269 -6.27 -40.50 14.66
N ASN F 270 -6.09 -39.45 15.46
CA ASN F 270 -7.19 -38.91 16.22
C ASN F 270 -8.14 -38.18 15.29
N ASN F 271 -9.34 -38.73 15.14
CA ASN F 271 -10.35 -38.08 14.33
C ASN F 271 -10.89 -36.86 15.05
N ASN F 272 -11.01 -35.75 14.33
CA ASN F 272 -11.38 -34.48 14.92
C ASN F 272 -12.63 -33.91 14.27
N THR F 273 -13.38 -33.16 15.07
CA THR F 273 -14.55 -32.43 14.60
C THR F 273 -14.31 -30.96 14.88
N ARG F 274 -14.27 -30.15 13.84
CA ARG F 274 -14.11 -28.73 14.08
C ARG F 274 -15.43 -28.12 14.51
N LYS F 275 -15.35 -26.96 15.14
CA LYS F 275 -16.53 -26.32 15.71
C LYS F 275 -16.38 -24.82 15.53
N SER F 276 -17.36 -24.22 14.86
CA SER F 276 -17.35 -22.78 14.61
C SER F 276 -17.93 -22.06 15.82
N ILE F 277 -17.15 -21.18 16.42
CA ILE F 277 -17.56 -20.33 17.52
C ILE F 277 -17.54 -18.90 17.01
N ARG F 278 -18.63 -18.18 17.19
CA ARG F 278 -18.72 -16.82 16.69
C ARG F 278 -18.13 -15.86 17.71
N ILE F 279 -16.97 -15.31 17.38
CA ILE F 279 -16.32 -14.33 18.26
C ILE F 279 -17.12 -13.02 18.24
N GLY F 280 -17.51 -12.57 17.07
CA GLY F 280 -18.27 -11.36 16.95
C GLY F 280 -19.02 -11.30 15.64
N PRO F 281 -19.22 -10.11 15.11
CA PRO F 281 -19.87 -9.99 13.80
C PRO F 281 -18.97 -10.46 12.67
N GLY F 282 -19.29 -11.61 12.08
CA GLY F 282 -18.48 -12.14 11.00
C GLY F 282 -17.11 -12.62 11.42
N GLN F 283 -16.94 -12.97 12.69
CA GLN F 283 -15.66 -13.46 13.20
C GLN F 283 -15.86 -14.92 13.58
N ALA F 284 -15.23 -15.81 12.82
CA ALA F 284 -15.36 -17.24 13.05
C ALA F 284 -14.07 -17.76 13.66
N PHE F 285 -14.20 -18.53 14.73
CA PHE F 285 -13.07 -19.22 15.35
C PHE F 285 -13.33 -20.71 15.29
N TYR F 286 -12.30 -21.48 14.99
CA TYR F 286 -12.46 -22.90 14.72
C TYR F 286 -11.80 -23.70 15.83
N ALA F 287 -12.59 -24.17 16.77
CA ALA F 287 -12.09 -24.94 17.88
C ALA F 287 -12.25 -26.43 17.60
N THR F 288 -11.73 -27.26 18.51
CA THR F 288 -11.83 -28.70 18.39
C THR F 288 -13.01 -29.18 19.20
N GLY F 289 -13.83 -30.03 18.60
CA GLY F 289 -15.01 -30.54 19.27
C GLY F 289 -14.77 -31.89 19.91
N ASP F 290 -15.34 -32.93 19.33
CA ASP F 290 -15.26 -34.27 19.87
C ASP F 290 -14.12 -35.05 19.22
N ILE F 291 -13.55 -35.97 19.99
CA ILE F 291 -12.63 -36.96 19.46
C ILE F 291 -13.48 -38.19 19.12
N ILE F 292 -13.86 -38.31 17.85
CA ILE F 292 -14.66 -39.44 17.43
C ILE F 292 -13.74 -40.65 17.33
N GLY F 293 -13.85 -41.56 18.29
CA GLY F 293 -13.09 -42.79 18.26
C GLY F 293 -12.06 -42.87 19.38
N ASP F 294 -11.02 -43.64 19.10
CA ASP F 294 -9.96 -43.84 20.08
C ASP F 294 -9.06 -42.63 20.17
N ILE F 295 -8.44 -42.46 21.33
CA ILE F 295 -7.48 -41.39 21.57
C ILE F 295 -6.10 -42.00 21.40
N ARG F 296 -5.48 -41.75 20.26
CA ARG F 296 -4.19 -42.33 19.94
C ARG F 296 -3.15 -41.23 19.80
N GLN F 297 -1.95 -41.62 19.41
CA GLN F 297 -0.82 -40.69 19.33
C GLN F 297 -0.34 -40.62 17.90
N ALA F 298 -0.04 -39.41 17.44
CA ALA F 298 0.45 -39.22 16.08
C ALA F 298 1.84 -39.78 15.93
N HIS F 299 2.11 -40.38 14.77
CA HIS F 299 3.39 -41.03 14.55
C HIS F 299 3.77 -40.95 13.09
N CYS F 300 5.07 -41.12 12.83
CA CYS F 300 5.61 -41.13 11.49
C CYS F 300 6.42 -42.40 11.29
N ASN F 301 6.02 -43.24 10.34
CA ASN F 301 6.89 -44.37 10.05
C ASN F 301 8.00 -44.06 9.06
N VAL F 302 8.82 -45.06 8.77
CA VAL F 302 9.88 -45.12 7.78
C VAL F 302 10.19 -46.60 7.62
N SER F 303 10.75 -47.00 6.48
CA SER F 303 11.10 -48.40 6.26
C SER F 303 12.50 -48.69 6.82
N LYS F 304 12.61 -49.79 7.56
CA LYS F 304 13.82 -50.08 8.32
C LYS F 304 15.00 -50.42 7.41
N ALA F 305 14.76 -51.25 6.41
CA ALA F 305 15.83 -51.70 5.53
C ALA F 305 16.34 -50.57 4.65
N THR F 306 15.42 -49.76 4.10
CA THR F 306 15.82 -48.65 3.26
C THR F 306 16.54 -47.57 4.05
N TRP F 307 16.13 -47.35 5.30
CA TRP F 307 16.81 -46.35 6.12
C TRP F 307 18.20 -46.83 6.52
N ASN F 308 18.33 -48.12 6.84
CA ASN F 308 19.65 -48.66 7.14
C ASN F 308 20.56 -48.63 5.91
N GLU F 309 19.98 -48.87 4.73
CA GLU F 309 20.76 -48.83 3.50
C GLU F 309 21.23 -47.41 3.18
N THR F 310 20.35 -46.43 3.35
CA THR F 310 20.74 -45.05 3.09
C THR F 310 21.72 -44.53 4.12
N LEU F 311 21.62 -45.01 5.37
CA LEU F 311 22.63 -44.67 6.35
C LEU F 311 23.97 -45.31 6.00
N GLY F 312 23.95 -46.52 5.44
CA GLY F 312 25.19 -47.10 4.94
C GLY F 312 25.78 -46.30 3.79
N LYS F 313 24.92 -45.77 2.93
CA LYS F 313 25.38 -44.94 1.81
C LYS F 313 26.01 -43.65 2.31
N VAL F 314 25.39 -43.00 3.30
CA VAL F 314 25.98 -41.75 3.76
C VAL F 314 27.19 -42.01 4.64
N VAL F 315 27.31 -43.19 5.25
CA VAL F 315 28.53 -43.53 5.96
C VAL F 315 29.67 -43.75 4.98
N LYS F 316 29.39 -44.48 3.89
CA LYS F 316 30.37 -44.71 2.84
C LYS F 316 30.82 -43.41 2.19
N GLN F 317 29.92 -42.45 2.06
CA GLN F 317 30.31 -41.17 1.50
C GLN F 317 31.00 -40.26 2.51
N LEU F 318 30.63 -40.35 3.79
CA LEU F 318 31.25 -39.51 4.80
C LEU F 318 32.65 -39.97 5.17
N ARG F 319 32.97 -41.24 4.89
CA ARG F 319 34.33 -41.69 5.17
C ARG F 319 35.35 -41.14 4.19
N LYS F 320 34.92 -40.51 3.10
CA LYS F 320 35.85 -39.90 2.17
C LYS F 320 36.56 -38.71 2.81
N HIS F 321 35.81 -37.87 3.51
CA HIS F 321 36.38 -36.65 4.08
C HIS F 321 37.02 -36.86 5.45
N PHE F 322 36.89 -38.05 6.05
CA PHE F 322 37.39 -38.26 7.40
C PHE F 322 38.28 -39.49 7.52
N GLY F 323 38.84 -39.97 6.42
CA GLY F 323 39.68 -41.15 6.45
C GLY F 323 38.88 -42.44 6.47
N ASN F 324 39.54 -43.51 6.06
CA ASN F 324 38.87 -44.80 5.96
C ASN F 324 38.63 -45.40 7.35
N ASN F 325 39.69 -45.60 8.12
CA ASN F 325 39.56 -46.19 9.45
C ASN F 325 39.07 -45.12 10.43
N THR F 326 37.77 -44.84 10.35
CA THR F 326 37.13 -43.88 11.23
C THR F 326 35.77 -44.42 11.63
N ILE F 327 35.49 -44.45 12.92
CA ILE F 327 34.18 -44.87 13.41
C ILE F 327 33.23 -43.69 13.26
N ILE F 328 32.07 -43.94 12.65
CA ILE F 328 31.08 -42.87 12.50
C ILE F 328 29.81 -43.30 13.22
N ARG F 329 29.40 -42.51 14.20
CA ARG F 329 28.17 -42.81 14.91
C ARG F 329 27.25 -41.60 14.87
N PHE F 330 25.97 -41.87 15.07
CA PHE F 330 24.96 -40.84 15.08
C PHE F 330 24.38 -40.72 16.49
N ALA F 331 23.86 -39.55 16.79
CA ALA F 331 23.17 -39.31 18.05
C ALA F 331 21.95 -38.47 17.74
N ASN F 332 21.06 -38.34 18.73
CA ASN F 332 19.93 -37.45 18.54
C ASN F 332 20.34 -36.03 18.88
N SER F 333 19.38 -35.11 18.81
CA SER F 333 19.68 -33.69 18.98
C SER F 333 20.00 -33.38 20.43
N SER F 334 20.96 -32.47 20.64
CA SER F 334 21.46 -32.23 21.99
C SER F 334 20.53 -31.38 22.83
N GLY F 335 19.61 -30.65 22.23
CA GLY F 335 18.65 -29.91 23.00
C GLY F 335 18.34 -28.58 22.37
N GLY F 336 17.72 -27.71 23.16
CA GLY F 336 17.34 -26.39 22.70
C GLY F 336 15.84 -26.20 22.77
N ASP F 337 15.33 -25.41 21.83
CA ASP F 337 13.89 -25.26 21.67
C ASP F 337 13.30 -26.55 21.10
N LEU F 338 11.97 -26.61 21.04
CA LEU F 338 11.29 -27.80 20.56
C LEU F 338 11.62 -28.07 19.10
N GLU F 339 11.37 -27.11 18.23
CA GLU F 339 11.39 -27.31 16.79
C GLU F 339 12.80 -27.33 16.20
N VAL F 340 13.83 -27.53 17.01
CA VAL F 340 15.12 -27.95 16.51
C VAL F 340 15.56 -29.28 17.10
N THR F 341 14.93 -29.76 18.17
CA THR F 341 15.21 -31.09 18.67
C THR F 341 14.55 -32.14 17.79
N THR F 342 13.26 -32.01 17.54
CA THR F 342 12.55 -32.94 16.67
C THR F 342 12.77 -32.55 15.22
N HIS F 343 12.03 -33.15 14.32
CA HIS F 343 11.92 -32.64 12.96
C HIS F 343 10.47 -32.26 12.75
N SER F 344 10.26 -31.07 12.21
CA SER F 344 8.94 -30.47 12.15
C SER F 344 8.52 -30.27 10.71
N PHE F 345 7.23 -30.39 10.45
CA PHE F 345 6.73 -30.14 9.10
C PHE F 345 5.25 -29.82 9.17
N ASN F 346 4.64 -29.64 8.01
CA ASN F 346 3.24 -29.22 7.92
C ASN F 346 2.52 -30.19 6.98
N CYS F 347 1.89 -31.20 7.56
CA CYS F 347 1.20 -32.23 6.80
C CYS F 347 -0.29 -31.91 6.78
N GLY F 348 -0.85 -31.78 5.58
CA GLY F 348 -2.27 -31.53 5.41
C GLY F 348 -2.77 -30.24 5.98
N GLY F 349 -1.89 -29.27 6.21
CA GLY F 349 -2.29 -28.06 6.90
C GLY F 349 -2.34 -28.17 8.40
N GLU F 350 -1.62 -29.13 8.97
CA GLU F 350 -1.45 -29.18 10.42
C GLU F 350 -0.03 -29.61 10.73
N PHE F 351 0.52 -29.07 11.81
CA PHE F 351 1.95 -29.14 12.07
C PHE F 351 2.30 -30.35 12.90
N PHE F 352 3.37 -31.02 12.51
CA PHE F 352 3.92 -32.16 13.23
C PHE F 352 5.29 -31.80 13.75
N TYR F 353 5.59 -32.29 14.96
CA TYR F 353 6.89 -32.18 15.58
C TYR F 353 7.24 -33.60 16.02
N CYS F 354 8.03 -34.30 15.21
CA CYS F 354 8.18 -35.73 15.39
C CYS F 354 9.60 -36.08 15.79
N ASN F 355 9.70 -36.93 16.80
CA ASN F 355 10.95 -37.29 17.44
C ASN F 355 11.80 -38.12 16.50
N THR F 356 13.12 -37.94 16.58
CA THR F 356 14.03 -38.58 15.63
C THR F 356 15.07 -39.42 16.32
N SER F 357 14.84 -39.83 17.57
CA SER F 357 15.82 -40.68 18.23
C SER F 357 15.86 -42.08 17.64
N GLY F 358 14.77 -42.52 17.01
CA GLY F 358 14.78 -43.84 16.38
C GLY F 358 15.57 -43.92 15.10
N LEU F 359 15.90 -42.79 14.49
CA LEU F 359 16.60 -42.78 13.21
C LEU F 359 18.09 -42.56 13.35
N PHE F 360 18.57 -42.20 14.53
CA PHE F 360 19.96 -41.79 14.66
C PHE F 360 20.65 -42.45 15.84
N ASN F 361 20.29 -43.68 16.16
CA ASN F 361 21.05 -44.43 17.15
C ASN F 361 21.76 -45.55 16.41
N SER F 362 22.96 -45.25 15.94
CA SER F 362 23.75 -46.23 15.21
C SER F 362 25.21 -45.87 15.33
N THR F 363 26.06 -46.90 15.25
CA THR F 363 27.49 -46.70 15.11
C THR F 363 27.99 -47.57 13.96
N TRP F 364 29.08 -47.14 13.36
CA TRP F 364 29.56 -47.72 12.10
C TRP F 364 31.06 -47.89 12.16
N ILE F 365 31.49 -49.14 12.02
CA ILE F 365 32.89 -49.55 12.12
C ILE F 365 33.45 -49.62 10.71
N SER F 366 34.77 -49.47 10.60
CA SER F 366 35.45 -49.28 9.32
C SER F 366 35.47 -50.52 8.43
N ASN F 367 34.93 -51.66 8.86
CA ASN F 367 34.96 -52.86 8.03
C ASN F 367 33.82 -52.85 7.00
N ASN F 379 11.32 -56.25 6.74
CA ASN F 379 9.91 -55.98 6.50
C ASN F 379 9.32 -55.11 7.60
N ASP F 380 10.16 -54.75 8.57
CA ASP F 380 9.72 -53.98 9.72
C ASP F 380 9.63 -52.51 9.35
N SER F 381 9.38 -51.66 10.36
CA SER F 381 9.20 -50.24 10.15
C SER F 381 9.50 -49.51 11.45
N ILE F 382 10.32 -48.47 11.37
CA ILE F 382 10.61 -47.67 12.55
C ILE F 382 9.46 -46.69 12.77
N THR F 383 8.79 -46.81 13.91
CA THR F 383 7.84 -45.80 14.31
C THR F 383 8.51 -44.82 15.27
N LEU F 384 8.07 -43.57 15.20
CA LEU F 384 8.59 -42.55 16.09
C LEU F 384 7.45 -41.60 16.41
N PRO F 385 7.22 -41.28 17.68
CA PRO F 385 6.05 -40.49 18.05
C PRO F 385 6.24 -39.02 17.75
N CYS F 386 5.13 -38.36 17.41
CA CYS F 386 5.14 -36.93 17.18
C CYS F 386 4.33 -36.22 18.25
N ARG F 387 4.38 -34.89 18.20
CA ARG F 387 3.50 -34.03 18.96
C ARG F 387 2.95 -32.97 18.02
N ILE F 388 1.76 -32.47 18.33
CA ILE F 388 1.06 -31.55 17.45
C ILE F 388 0.75 -30.28 18.22
N LYS F 389 1.46 -29.21 17.91
CA LYS F 389 1.12 -27.90 18.43
C LYS F 389 0.05 -27.27 17.56
N GLN F 390 -0.91 -26.61 18.19
CA GLN F 390 -1.89 -25.90 17.39
C GLN F 390 -1.44 -24.49 17.05
N ILE F 391 -0.80 -23.81 17.98
CA ILE F 391 -0.19 -22.52 17.66
C ILE F 391 1.23 -22.78 17.20
N ILE F 392 1.76 -21.90 16.37
CA ILE F 392 3.15 -21.96 15.94
C ILE F 392 3.71 -20.56 16.00
N ASN F 393 5.02 -20.49 16.21
CA ASN F 393 5.77 -19.26 16.01
C ASN F 393 7.00 -19.66 15.22
N MET F 394 6.85 -19.72 13.90
CA MET F 394 7.99 -20.03 13.06
C MET F 394 8.65 -18.74 12.60
N TRP F 395 9.94 -18.87 12.28
CA TRP F 395 10.96 -17.84 12.04
C TRP F 395 11.34 -17.06 13.29
N GLN F 396 10.68 -17.30 14.43
CA GLN F 396 10.97 -16.71 15.73
C GLN F 396 10.98 -15.18 15.67
N ARG F 397 9.80 -14.62 15.39
CA ARG F 397 9.65 -13.18 15.39
C ARG F 397 9.47 -12.69 16.82
N ILE F 398 9.12 -11.42 16.97
CA ILE F 398 9.00 -10.86 18.31
C ILE F 398 7.54 -10.82 18.73
N GLY F 399 6.64 -10.63 17.76
CA GLY F 399 5.27 -10.37 18.10
C GLY F 399 4.22 -11.03 17.23
N GLN F 400 4.54 -12.17 16.61
CA GLN F 400 3.58 -12.86 15.78
C GLN F 400 3.49 -14.32 16.17
N CYS F 401 2.27 -14.82 16.23
CA CYS F 401 2.03 -16.26 16.33
C CYS F 401 0.86 -16.63 15.45
N MET F 402 0.99 -17.73 14.75
CA MET F 402 -0.08 -18.23 13.90
C MET F 402 -0.79 -19.36 14.65
N TYR F 403 -2.10 -19.21 14.82
CA TYR F 403 -2.92 -20.31 15.29
C TYR F 403 -3.34 -21.14 14.08
N ALA F 404 -3.30 -22.46 14.24
CA ALA F 404 -3.71 -23.25 13.10
C ALA F 404 -5.08 -23.86 13.33
N PRO F 405 -5.93 -23.89 12.32
CA PRO F 405 -7.26 -24.45 12.50
C PRO F 405 -7.21 -25.96 12.49
N PRO F 406 -7.87 -26.61 13.44
CA PRO F 406 -7.95 -28.08 13.41
C PRO F 406 -8.77 -28.56 12.23
N ILE F 407 -8.30 -29.62 11.61
CA ILE F 407 -8.90 -30.11 10.37
C ILE F 407 -9.64 -31.40 10.65
N GLN F 408 -10.69 -31.63 9.86
CA GLN F 408 -11.52 -32.81 10.02
C GLN F 408 -10.79 -34.06 9.58
N GLY F 409 -11.25 -35.20 10.08
CA GLY F 409 -10.84 -36.48 9.58
C GLY F 409 -9.48 -36.92 10.10
N VAL F 410 -9.27 -38.25 10.04
CA VAL F 410 -7.96 -38.81 10.29
C VAL F 410 -7.02 -38.37 9.18
N ILE F 411 -5.85 -37.87 9.54
CA ILE F 411 -4.99 -37.16 8.60
C ILE F 411 -3.73 -37.96 8.36
N ARG F 412 -3.42 -38.24 7.10
CA ARG F 412 -2.19 -38.93 6.78
C ARG F 412 -1.55 -38.27 5.57
N CYS F 413 -0.25 -38.52 5.42
CA CYS F 413 0.54 -37.96 4.34
C CYS F 413 1.71 -38.87 4.05
N VAL F 414 2.08 -38.92 2.78
CA VAL F 414 3.23 -39.68 2.31
C VAL F 414 4.22 -38.69 1.71
N SER F 415 5.49 -38.84 2.04
CA SER F 415 6.49 -37.92 1.52
C SER F 415 7.76 -38.65 1.16
N ASN F 416 8.58 -38.00 0.34
CA ASN F 416 9.88 -38.51 -0.06
C ASN F 416 10.94 -37.73 0.69
N ILE F 417 11.55 -38.36 1.69
CA ILE F 417 12.73 -37.79 2.33
C ILE F 417 13.86 -37.74 1.32
N THR F 418 14.45 -36.57 1.17
CA THR F 418 15.48 -36.30 0.18
C THR F 418 16.86 -36.11 0.79
N GLY F 419 16.98 -35.26 1.81
CA GLY F 419 18.26 -35.00 2.42
C GLY F 419 18.15 -34.81 3.92
N LEU F 420 19.31 -34.83 4.56
CA LEU F 420 19.48 -34.54 5.97
C LEU F 420 20.27 -33.25 6.16
N ILE F 421 20.16 -32.69 7.36
CA ILE F 421 21.01 -31.59 7.79
C ILE F 421 21.71 -32.05 9.05
N LEU F 422 23.00 -32.37 8.94
CA LEU F 422 23.75 -32.93 10.05
C LEU F 422 24.73 -31.91 10.59
N THR F 423 25.30 -32.25 11.74
CA THR F 423 26.27 -31.40 12.40
C THR F 423 27.25 -32.28 13.15
N ARG F 424 28.54 -32.09 12.91
CA ARG F 424 29.56 -32.81 13.65
C ARG F 424 29.70 -32.20 15.03
N ASP F 425 29.89 -33.05 16.04
CA ASP F 425 30.20 -32.55 17.36
C ASP F 425 31.62 -32.03 17.40
N GLY F 426 31.87 -31.10 18.31
CA GLY F 426 33.16 -30.44 18.40
C GLY F 426 34.23 -31.33 19.00
N GLY F 427 34.63 -32.34 18.24
CA GLY F 427 35.50 -33.37 18.77
C GLY F 427 36.92 -32.87 18.94
N SER F 428 37.47 -33.02 20.13
CA SER F 428 38.89 -32.81 20.37
C SER F 428 39.44 -34.03 21.10
N THR F 429 40.68 -33.92 21.58
CA THR F 429 41.30 -34.85 22.54
C THR F 429 41.42 -36.27 21.98
N ASN F 430 41.79 -36.38 20.70
CA ASN F 430 42.31 -37.60 20.07
C ASN F 430 41.32 -38.77 20.15
N SER F 431 40.20 -38.61 19.48
CA SER F 431 39.18 -39.64 19.42
C SER F 431 39.07 -40.16 18.00
N THR F 432 38.93 -41.48 17.87
CA THR F 432 38.72 -42.07 16.56
C THR F 432 37.32 -41.79 16.04
N THR F 433 36.32 -41.87 16.92
CA THR F 433 34.94 -41.69 16.50
C THR F 433 34.65 -40.21 16.24
N GLU F 434 33.76 -39.98 15.29
CA GLU F 434 33.26 -38.63 15.00
C GLU F 434 31.75 -38.72 14.82
N THR F 435 31.01 -38.20 15.79
CA THR F 435 29.57 -38.38 15.84
C THR F 435 28.86 -37.26 15.09
N PHE F 436 27.64 -37.57 14.67
CA PHE F 436 26.83 -36.64 13.91
C PHE F 436 25.45 -36.51 14.54
N ARG F 437 24.96 -35.28 14.63
CA ARG F 437 23.65 -35.00 15.21
C ARG F 437 22.84 -34.19 14.23
N PRO F 438 21.56 -34.49 14.04
CA PRO F 438 20.72 -33.70 13.13
C PRO F 438 20.35 -32.37 13.77
N GLY F 439 20.68 -31.28 13.10
CA GLY F 439 20.37 -29.96 13.61
C GLY F 439 19.66 -29.12 12.58
N GLY F 440 18.50 -28.58 12.96
CA GLY F 440 17.71 -27.79 12.04
C GLY F 440 18.33 -26.45 11.74
N GLY F 441 18.43 -25.59 12.76
CA GLY F 441 19.05 -24.29 12.59
C GLY F 441 18.19 -23.36 11.76
N ASP F 442 18.84 -22.61 10.89
CA ASP F 442 18.15 -21.67 10.03
C ASP F 442 17.37 -22.41 8.95
N MET F 443 16.31 -21.76 8.47
CA MET F 443 15.53 -22.32 7.38
C MET F 443 16.22 -22.20 6.04
N ARG F 444 17.23 -21.33 5.93
CA ARG F 444 17.91 -21.09 4.68
C ARG F 444 18.65 -22.31 4.17
N ASP F 445 19.06 -23.20 5.09
CA ASP F 445 19.71 -24.44 4.68
C ASP F 445 18.78 -25.37 3.93
N ASN F 446 17.46 -25.18 4.03
CA ASN F 446 16.57 -25.86 3.11
C ASN F 446 16.74 -25.32 1.70
N TRP F 447 16.71 -23.99 1.54
CA TRP F 447 16.77 -23.41 0.21
C TRP F 447 18.15 -23.51 -0.39
N ARG F 448 19.18 -23.58 0.44
CA ARG F 448 20.51 -23.85 -0.06
C ARG F 448 20.66 -25.29 -0.53
N SER F 449 19.72 -26.17 -0.19
CA SER F 449 19.69 -27.49 -0.80
C SER F 449 19.03 -27.50 -2.16
N GLU F 450 18.43 -26.39 -2.58
CA GLU F 450 17.78 -26.33 -3.89
C GLU F 450 18.27 -25.19 -4.75
N LEU F 451 19.19 -24.36 -4.26
CA LEU F 451 19.76 -23.28 -5.05
C LEU F 451 21.27 -23.43 -5.19
N TYR F 452 21.79 -24.63 -5.01
CA TYR F 452 23.21 -24.84 -5.24
C TYR F 452 23.53 -24.85 -6.73
N LYS F 453 22.56 -25.23 -7.56
CA LYS F 453 22.82 -25.29 -8.99
C LYS F 453 22.90 -23.91 -9.63
N TYR F 454 22.14 -22.95 -9.15
CA TYR F 454 21.91 -21.72 -9.88
C TYR F 454 22.77 -20.58 -9.34
N LYS F 455 23.12 -19.67 -10.24
CA LYS F 455 23.65 -18.36 -9.86
C LYS F 455 23.14 -17.37 -10.88
N VAL F 456 23.24 -16.08 -10.55
CA VAL F 456 22.70 -15.02 -11.38
C VAL F 456 23.85 -14.15 -11.86
N VAL F 457 23.88 -13.88 -13.17
CA VAL F 457 24.92 -13.03 -13.73
C VAL F 457 24.28 -11.90 -14.54
N LYS F 458 24.99 -10.78 -14.59
CA LYS F 458 24.58 -9.61 -15.36
C LYS F 458 25.32 -9.60 -16.68
N ILE F 459 24.56 -9.55 -17.77
CA ILE F 459 25.15 -9.43 -19.10
C ILE F 459 25.66 -8.02 -19.30
N GLU F 460 26.89 -7.89 -19.78
CA GLU F 460 27.44 -6.59 -20.13
C GLU F 460 27.78 -6.54 -21.61
N PRO F 461 26.98 -5.87 -22.42
CA PRO F 461 27.35 -5.73 -23.83
C PRO F 461 28.42 -4.68 -24.06
N LEU F 462 28.67 -4.37 -25.33
CA LEU F 462 29.63 -3.37 -25.81
C LEU F 462 31.03 -3.60 -25.25
N GLY F 463 31.60 -4.74 -25.64
CA GLY F 463 33.03 -4.91 -25.51
C GLY F 463 33.77 -4.07 -26.54
N VAL F 464 35.05 -3.90 -26.32
CA VAL F 464 35.88 -3.10 -27.22
C VAL F 464 37.13 -3.91 -27.57
N ALA F 465 37.60 -3.75 -28.81
CA ALA F 465 38.67 -4.61 -29.28
C ALA F 465 39.42 -3.97 -30.43
N PRO F 466 40.73 -4.12 -30.51
CA PRO F 466 41.47 -3.57 -31.65
C PRO F 466 41.35 -4.45 -32.88
N THR F 467 41.25 -3.79 -34.03
CA THR F 467 41.35 -4.46 -35.32
C THR F 467 41.77 -3.43 -36.37
N ARG F 468 41.85 -3.88 -37.61
CA ARG F 468 42.33 -3.06 -38.72
C ARG F 468 41.16 -2.62 -39.58
N CYS F 469 40.49 -1.54 -39.14
CA CYS F 469 39.57 -0.81 -39.99
C CYS F 469 39.45 0.61 -39.46
N LYS F 470 39.45 1.58 -40.36
CA LYS F 470 39.35 2.99 -40.02
C LYS F 470 38.08 3.56 -40.63
N ARG F 471 37.31 4.29 -39.83
CA ARG F 471 36.06 4.86 -40.31
C ARG F 471 36.35 6.00 -41.28
N ARG F 472 35.87 5.86 -42.51
CA ARG F 472 36.09 6.89 -43.51
C ARG F 472 35.19 8.10 -43.25
N VAL F 473 35.65 9.26 -43.69
CA VAL F 473 34.90 10.50 -43.49
C VAL F 473 33.82 10.64 -44.55
N ALA G 1 12.34 -4.26 -62.74
CA ALA G 1 11.07 -3.86 -62.15
C ALA G 1 10.41 -5.03 -61.44
N GLU G 2 10.49 -6.21 -62.04
CA GLU G 2 9.97 -7.42 -61.43
C GLU G 2 10.88 -7.96 -60.33
N ASN G 3 12.07 -7.41 -60.18
CA ASN G 3 12.95 -7.71 -59.05
C ASN G 3 12.49 -6.87 -57.85
N LEU G 4 11.38 -7.28 -57.27
CA LEU G 4 10.74 -6.52 -56.21
C LEU G 4 11.55 -6.61 -54.93
N TRP G 5 11.77 -5.48 -54.30
CA TRP G 5 12.38 -5.45 -52.97
C TRP G 5 11.31 -5.16 -51.94
N VAL G 6 11.69 -5.20 -50.68
CA VAL G 6 10.74 -4.96 -49.61
C VAL G 6 11.12 -3.66 -48.91
N THR G 7 10.13 -3.06 -48.27
CA THR G 7 10.32 -1.83 -47.54
C THR G 7 9.54 -1.90 -46.25
N VAL G 8 10.14 -1.43 -45.19
CA VAL G 8 9.44 -1.30 -43.92
C VAL G 8 8.94 0.13 -43.79
N TYR G 9 7.66 0.27 -43.52
CA TYR G 9 7.05 1.56 -43.25
C TYR G 9 6.70 1.60 -41.78
N TYR G 10 7.33 2.48 -41.04
CA TYR G 10 7.05 2.63 -39.62
C TYR G 10 5.98 3.68 -39.42
N GLY G 11 5.13 3.45 -38.42
CA GLY G 11 4.00 4.33 -38.23
C GLY G 11 2.86 4.10 -39.19
N VAL G 12 2.73 2.88 -39.71
CA VAL G 12 1.59 2.53 -40.55
C VAL G 12 0.31 2.59 -39.73
N PRO G 13 -0.73 3.25 -40.21
CA PRO G 13 -2.01 3.18 -39.48
C PRO G 13 -2.70 1.85 -39.69
N VAL G 14 -2.60 0.98 -38.69
CA VAL G 14 -3.32 -0.29 -38.66
C VAL G 14 -3.38 -0.71 -37.20
N TRP G 15 -4.52 -1.28 -36.81
CA TRP G 15 -4.72 -1.66 -35.43
C TRP G 15 -5.16 -3.10 -35.34
N LYS G 16 -5.18 -3.61 -34.12
CA LYS G 16 -5.82 -4.88 -33.83
C LYS G 16 -6.67 -4.73 -32.57
N ASP G 17 -7.61 -5.66 -32.41
CA ASP G 17 -8.41 -5.68 -31.19
C ASP G 17 -7.56 -6.17 -30.04
N ALA G 18 -7.63 -5.47 -28.91
CA ALA G 18 -6.81 -5.81 -27.77
C ALA G 18 -7.56 -5.48 -26.49
N GLU G 19 -6.98 -5.89 -25.37
CA GLU G 19 -7.60 -5.73 -24.06
C GLU G 19 -6.51 -5.26 -23.10
N THR G 20 -6.45 -3.96 -22.85
CA THR G 20 -5.47 -3.38 -21.97
C THR G 20 -6.17 -2.60 -20.89
N THR G 21 -5.37 -2.05 -19.97
CA THR G 21 -5.93 -1.22 -18.92
C THR G 21 -6.31 0.15 -19.47
N LEU G 22 -6.96 0.94 -18.64
CA LEU G 22 -7.45 2.24 -19.10
C LEU G 22 -7.00 3.38 -18.22
N PHE G 23 -7.59 4.54 -18.43
CA PHE G 23 -7.03 5.81 -17.97
C PHE G 23 -8.18 6.64 -17.44
N CYS G 24 -8.18 6.91 -16.14
CA CYS G 24 -9.24 7.71 -15.56
C CYS G 24 -9.10 9.17 -15.98
N ALA G 25 -10.22 9.88 -16.03
CA ALA G 25 -10.21 11.31 -16.33
C ALA G 25 -11.46 11.91 -15.73
N SER G 26 -11.31 12.96 -14.93
CA SER G 26 -12.45 13.67 -14.37
C SER G 26 -12.36 15.14 -14.76
N ASP G 27 -13.52 15.78 -14.86
CA ASP G 27 -13.57 17.19 -15.19
C ASP G 27 -13.07 18.01 -14.01
N ALA G 28 -12.47 19.16 -14.32
CA ALA G 28 -11.83 19.98 -13.29
C ALA G 28 -12.82 20.74 -12.43
N LYS G 29 -14.11 20.77 -12.81
CA LYS G 29 -15.10 21.43 -11.98
C LYS G 29 -15.37 20.65 -10.70
N ALA G 30 -15.35 19.32 -10.79
CA ALA G 30 -15.43 18.49 -9.60
C ALA G 30 -14.15 18.54 -8.78
N TYR G 31 -13.03 18.90 -9.40
CA TYR G 31 -11.79 19.12 -8.67
C TYR G 31 -11.80 20.44 -7.90
N GLU G 32 -12.69 21.38 -8.28
CA GLU G 32 -12.77 22.66 -7.59
C GLU G 32 -13.29 22.52 -6.17
N THR G 33 -14.10 21.49 -5.90
CA THR G 33 -14.61 21.27 -4.57
C THR G 33 -13.53 20.64 -3.71
N GLU G 34 -13.28 21.22 -2.55
CA GLU G 34 -12.13 20.86 -1.73
C GLU G 34 -12.37 19.55 -0.99
N LYS G 35 -11.27 18.84 -0.75
CA LYS G 35 -11.15 17.72 0.19
C LYS G 35 -12.03 16.51 -0.17
N HIS G 36 -12.46 16.44 -1.43
CA HIS G 36 -13.09 15.26 -2.03
C HIS G 36 -14.37 14.85 -1.31
N ASN G 37 -15.36 15.73 -1.35
CA ASN G 37 -16.69 15.39 -0.89
C ASN G 37 -17.44 14.48 -1.85
N VAL G 38 -16.89 14.24 -3.04
CA VAL G 38 -17.19 13.06 -3.82
C VAL G 38 -15.90 12.26 -3.92
N TRP G 39 -16.02 11.00 -4.33
CA TRP G 39 -14.85 10.14 -4.36
C TRP G 39 -13.93 10.50 -5.52
N ALA G 40 -12.63 10.52 -5.22
CA ALA G 40 -11.52 10.30 -6.16
C ALA G 40 -11.55 11.21 -7.38
N THR G 41 -11.27 12.49 -7.15
CA THR G 41 -10.70 13.32 -8.20
C THR G 41 -9.21 13.50 -8.00
N HIS G 42 -8.68 12.99 -6.89
CA HIS G 42 -7.23 12.87 -6.68
C HIS G 42 -6.69 11.56 -7.21
N ALA G 43 -7.50 10.51 -7.21
CA ALA G 43 -7.14 9.22 -7.81
C ALA G 43 -7.50 9.15 -9.28
N CYS G 44 -7.56 10.29 -9.95
CA CYS G 44 -8.06 10.37 -11.31
C CYS G 44 -7.52 11.66 -11.91
N VAL G 45 -6.99 11.57 -13.13
CA VAL G 45 -6.28 12.70 -13.73
C VAL G 45 -7.30 13.75 -14.19
N PRO G 46 -6.94 15.03 -14.21
CA PRO G 46 -7.87 16.04 -14.73
C PRO G 46 -8.01 15.92 -16.24
N THR G 47 -9.24 16.09 -16.72
CA THR G 47 -9.53 15.97 -18.13
C THR G 47 -9.04 17.20 -18.88
N ASP G 48 -8.24 16.98 -19.91
CA ASP G 48 -7.93 18.04 -20.85
C ASP G 48 -9.20 18.43 -21.59
N PRO G 49 -9.58 19.70 -21.59
CA PRO G 49 -10.86 20.09 -22.19
C PRO G 49 -10.81 20.00 -23.70
N ASN G 50 -12.00 19.72 -24.27
CA ASN G 50 -12.34 19.47 -25.68
C ASN G 50 -11.26 18.69 -26.44
N PRO G 51 -11.07 17.40 -26.13
CA PRO G 51 -10.02 16.62 -26.80
C PRO G 51 -10.35 16.25 -28.23
N GLN G 52 -9.48 15.48 -28.87
CA GLN G 52 -9.54 15.28 -30.32
C GLN G 52 -10.53 14.17 -30.67
N GLU G 53 -11.69 14.55 -31.18
CA GLU G 53 -12.64 13.59 -31.75
C GLU G 53 -12.49 13.52 -33.26
N ILE G 54 -11.30 13.14 -33.71
CA ILE G 54 -10.98 13.17 -35.14
C ILE G 54 -11.72 12.06 -35.86
N HIS G 55 -12.46 12.43 -36.90
CA HIS G 55 -13.28 11.49 -37.63
C HIS G 55 -12.41 10.55 -38.46
N LEU G 56 -12.99 9.42 -38.80
CA LEU G 56 -12.41 8.43 -39.68
C LEU G 56 -13.45 8.14 -40.76
N GLU G 57 -12.99 8.01 -42.00
CA GLU G 57 -13.89 7.80 -43.12
C GLU G 57 -13.46 6.57 -43.89
N ASN G 58 -14.46 5.97 -44.55
CA ASN G 58 -14.32 4.74 -45.33
C ASN G 58 -13.66 3.62 -44.53
N VAL G 59 -14.22 3.36 -43.35
CA VAL G 59 -13.63 2.40 -42.42
C VAL G 59 -14.74 1.60 -41.76
N THR G 60 -14.65 0.27 -41.85
CA THR G 60 -15.69 -0.62 -41.35
C THR G 60 -15.08 -1.51 -40.27
N GLU G 61 -15.48 -1.29 -39.03
CA GLU G 61 -15.06 -2.11 -37.91
C GLU G 61 -16.25 -2.81 -37.29
N GLU G 62 -16.03 -4.05 -36.85
CA GLU G 62 -17.09 -4.81 -36.21
C GLU G 62 -17.04 -4.60 -34.70
N PHE G 63 -18.13 -4.09 -34.15
CA PHE G 63 -18.26 -3.84 -32.73
C PHE G 63 -19.07 -4.96 -32.10
N ASN G 64 -18.84 -5.17 -30.80
CA ASN G 64 -19.57 -6.19 -30.06
C ASN G 64 -19.61 -5.73 -28.60
N MET G 65 -20.74 -5.14 -28.20
CA MET G 65 -20.88 -4.65 -26.83
C MET G 65 -21.05 -5.77 -25.83
N TRP G 66 -21.42 -6.97 -26.25
CA TRP G 66 -21.73 -8.01 -25.30
C TRP G 66 -20.47 -8.76 -24.85
N LYS G 67 -19.56 -9.06 -25.77
CA LYS G 67 -18.25 -9.57 -25.40
C LYS G 67 -17.24 -8.46 -25.26
N ASN G 68 -17.69 -7.24 -24.99
CA ASN G 68 -16.81 -6.08 -24.93
C ASN G 68 -15.97 -6.13 -23.65
N ASN G 69 -14.77 -5.57 -23.75
CA ASN G 69 -13.99 -5.30 -22.56
C ASN G 69 -14.35 -3.92 -22.05
N MET G 70 -13.64 -3.49 -21.00
CA MET G 70 -13.68 -2.16 -20.38
C MET G 70 -14.98 -1.87 -19.63
N VAL G 71 -16.00 -2.70 -19.82
CA VAL G 71 -17.16 -2.67 -18.94
C VAL G 71 -16.87 -3.54 -17.72
N GLU G 72 -16.16 -4.65 -17.93
CA GLU G 72 -15.61 -5.42 -16.82
C GLU G 72 -14.61 -4.58 -16.04
N GLN G 73 -13.77 -3.83 -16.74
CA GLN G 73 -12.82 -2.97 -16.05
C GLN G 73 -13.51 -1.82 -15.35
N MET G 74 -14.62 -1.32 -15.90
CA MET G 74 -15.35 -0.26 -15.20
C MET G 74 -16.03 -0.81 -13.95
N HIS G 75 -16.54 -2.03 -14.02
CA HIS G 75 -17.13 -2.68 -12.85
C HIS G 75 -16.09 -2.90 -11.77
N THR G 76 -14.91 -3.39 -12.16
CA THR G 76 -13.83 -3.62 -11.21
C THR G 76 -13.32 -2.30 -10.61
N ASP G 77 -13.25 -1.25 -11.43
CA ASP G 77 -12.78 0.04 -10.94
C ASP G 77 -13.75 0.68 -9.97
N ILE G 78 -15.06 0.56 -10.25
CA ILE G 78 -16.04 1.15 -9.35
C ILE G 78 -16.13 0.34 -8.06
N ILE G 79 -15.97 -0.98 -8.13
CA ILE G 79 -15.96 -1.81 -6.93
C ILE G 79 -14.76 -1.48 -6.06
N SER G 80 -13.57 -1.38 -6.67
CA SER G 80 -12.37 -1.08 -5.90
C SER G 80 -12.38 0.33 -5.37
N LEU G 81 -13.02 1.26 -6.09
CA LEU G 81 -13.11 2.63 -5.59
C LEU G 81 -14.11 2.73 -4.46
N TRP G 82 -15.21 2.00 -4.54
CA TRP G 82 -16.19 1.98 -3.46
C TRP G 82 -15.59 1.36 -2.20
N ASP G 83 -14.73 0.37 -2.36
CA ASP G 83 -14.00 -0.15 -1.21
C ASP G 83 -12.99 0.87 -0.69
N GLN G 84 -12.31 1.58 -1.58
CA GLN G 84 -11.25 2.50 -1.17
C GLN G 84 -11.77 3.77 -0.50
N SER G 85 -13.08 4.03 -0.57
CA SER G 85 -13.66 5.19 0.08
C SER G 85 -14.38 4.82 1.36
N LEU G 86 -14.00 3.71 1.99
CA LEU G 86 -14.66 3.29 3.22
C LEU G 86 -13.65 3.00 4.33
N LYS G 87 -12.45 2.57 3.95
CA LYS G 87 -11.34 2.36 4.88
C LYS G 87 -10.99 3.56 5.77
N PRO G 88 -11.15 4.83 5.36
CA PRO G 88 -11.04 5.90 6.36
C PRO G 88 -12.17 5.93 7.36
N CYS G 89 -13.35 5.45 6.99
CA CYS G 89 -14.53 5.72 7.81
C CYS G 89 -14.64 4.74 8.97
N VAL G 90 -15.60 5.02 9.85
CA VAL G 90 -15.68 4.38 11.15
C VAL G 90 -16.35 3.02 11.02
N LYS G 91 -15.75 1.99 11.61
CA LYS G 91 -16.40 0.70 11.70
C LYS G 91 -17.44 0.72 12.81
N LEU G 92 -18.56 0.05 12.57
CA LEU G 92 -19.68 0.03 13.50
C LEU G 92 -19.75 -1.30 14.24
N THR G 93 -18.59 -1.82 14.61
CA THR G 93 -18.54 -3.03 15.44
C THR G 93 -19.21 -2.90 16.80
N PRO G 94 -19.07 -1.83 17.60
CA PRO G 94 -19.75 -1.85 18.91
C PRO G 94 -21.23 -1.63 18.84
N LEU G 95 -21.81 -1.36 17.67
CA LEU G 95 -23.24 -1.12 17.58
C LEU G 95 -24.05 -2.41 17.62
N CYS G 96 -23.43 -3.57 17.36
CA CYS G 96 -24.13 -4.83 17.43
C CYS G 96 -24.44 -5.14 18.88
N VAL G 97 -25.67 -4.87 19.30
CA VAL G 97 -26.02 -4.88 20.72
C VAL G 97 -27.52 -5.14 20.80
N THR G 98 -27.98 -5.55 21.98
CA THR G 98 -29.39 -5.85 22.18
C THR G 98 -30.19 -4.56 22.18
N LEU G 99 -31.13 -4.45 21.25
CA LEU G 99 -31.94 -3.25 21.10
C LEU G 99 -33.31 -3.49 21.70
N GLN G 100 -33.72 -2.59 22.60
CA GLN G 100 -35.09 -2.58 23.09
C GLN G 100 -35.89 -1.66 22.18
N CYS G 101 -36.70 -2.23 21.31
CA CYS G 101 -37.42 -1.48 20.32
C CYS G 101 -38.91 -1.51 20.59
N THR G 102 -39.55 -0.38 20.38
CA THR G 102 -40.99 -0.26 20.34
C THR G 102 -41.37 0.46 19.06
N ASN G 103 -42.68 0.55 18.82
CA ASN G 103 -43.16 1.32 17.68
C ASN G 103 -42.95 2.80 17.94
N VAL G 104 -42.84 3.56 16.86
CA VAL G 104 -42.71 4.99 16.96
C VAL G 104 -44.04 5.57 17.45
N THR G 105 -43.98 6.70 18.14
CA THR G 105 -45.18 7.35 18.65
C THR G 105 -45.98 7.84 17.48
N ASN G 106 -47.04 7.11 17.15
CA ASN G 106 -47.86 7.40 15.98
C ASN G 106 -49.20 6.71 16.16
N ASN G 107 -50.25 7.33 15.62
CA ASN G 107 -51.59 6.73 15.65
C ASN G 107 -51.66 5.68 14.55
N ILE G 108 -51.08 4.53 14.83
CA ILE G 108 -50.95 3.47 13.85
C ILE G 108 -52.18 2.57 13.90
N THR G 109 -52.70 2.25 12.72
CA THR G 109 -53.69 1.19 12.61
C THR G 109 -53.03 -0.16 12.81
N ASP G 110 -53.83 -1.16 13.17
CA ASP G 110 -53.28 -2.49 13.36
C ASP G 110 -52.98 -3.17 12.03
N ASP G 111 -53.58 -2.70 10.93
CA ASP G 111 -53.31 -3.29 9.63
C ASP G 111 -51.96 -2.85 9.09
N MET G 112 -51.79 -1.55 8.87
CA MET G 112 -50.54 -1.02 8.33
C MET G 112 -49.54 -0.89 9.46
N ARG G 113 -48.50 -1.72 9.43
CA ARG G 113 -47.49 -1.69 10.48
C ARG G 113 -46.62 -0.45 10.35
N GLY G 114 -46.05 -0.04 11.49
CA GLY G 114 -45.15 1.09 11.48
C GLY G 114 -43.84 0.74 10.79
N GLU G 115 -43.47 1.54 9.80
CA GLU G 115 -42.23 1.29 9.08
C GLU G 115 -41.02 1.64 9.94
N LEU G 116 -41.16 2.62 10.81
CA LEU G 116 -40.06 3.06 11.66
C LEU G 116 -40.27 2.52 13.07
N LYS G 117 -39.25 1.84 13.58
CA LYS G 117 -39.23 1.36 14.95
C LYS G 117 -38.24 2.19 15.75
N ASN G 118 -38.70 2.72 16.88
CA ASN G 118 -37.79 3.37 17.82
C ASN G 118 -37.06 2.31 18.63
N CYS G 119 -35.77 2.52 18.86
CA CYS G 119 -34.95 1.53 19.56
C CYS G 119 -34.02 2.23 20.53
N SER G 120 -34.10 1.87 21.80
CA SER G 120 -33.17 2.32 22.82
C SER G 120 -32.23 1.19 23.19
N PHE G 121 -31.00 1.54 23.56
CA PHE G 121 -29.98 0.52 23.80
C PHE G 121 -28.83 1.12 24.60
N ASN G 122 -28.03 0.23 25.18
CA ASN G 122 -26.78 0.61 25.80
C ASN G 122 -25.76 0.95 24.75
N MET G 123 -24.89 1.90 25.06
CA MET G 123 -23.81 2.25 24.16
C MET G 123 -22.63 2.73 24.97
N THR G 124 -21.43 2.31 24.58
CA THR G 124 -20.24 2.77 25.26
C THR G 124 -19.98 4.23 24.94
N THR G 125 -19.56 4.98 25.93
CA THR G 125 -19.19 6.37 25.70
C THR G 125 -17.73 6.42 25.29
N GLU G 126 -17.16 7.62 25.31
CA GLU G 126 -15.73 7.78 25.09
C GLU G 126 -14.93 7.13 26.22
N LEU G 127 -15.45 7.22 27.43
CA LEU G 127 -14.80 6.62 28.58
C LEU G 127 -15.21 5.16 28.66
N ARG G 128 -14.24 4.29 28.94
CA ARG G 128 -14.51 2.85 28.95
C ARG G 128 -15.35 2.42 30.13
N ASP G 129 -15.29 3.15 31.25
CA ASP G 129 -16.05 2.74 32.42
C ASP G 129 -17.52 3.09 32.30
N LYS G 130 -17.86 4.19 31.67
CA LYS G 130 -19.21 4.70 31.66
C LYS G 130 -19.89 4.33 30.35
N LYS G 131 -21.09 3.77 30.46
CA LYS G 131 -21.95 3.53 29.32
C LYS G 131 -23.22 4.35 29.47
N GLN G 132 -23.85 4.65 28.34
CA GLN G 132 -25.02 5.50 28.31
C GLN G 132 -26.18 4.75 27.68
N LYS G 133 -27.38 5.20 27.99
CA LYS G 133 -28.59 4.69 27.35
C LYS G 133 -29.02 5.70 26.30
N VAL G 134 -29.15 5.25 25.06
CA VAL G 134 -29.47 6.17 23.98
C VAL G 134 -30.45 5.50 23.03
N TYR G 135 -31.26 6.33 22.37
CA TYR G 135 -32.32 5.85 21.50
C TYR G 135 -32.09 6.36 20.08
N SER G 136 -32.79 5.74 19.15
CA SER G 136 -32.66 6.05 17.74
C SER G 136 -33.90 5.55 17.02
N LEU G 137 -33.95 5.80 15.72
CA LEU G 137 -34.98 5.24 14.86
C LEU G 137 -34.35 4.36 13.81
N PHE G 138 -35.05 3.28 13.45
CA PHE G 138 -34.59 2.40 12.40
C PHE G 138 -35.79 1.95 11.59
N TYR G 139 -35.51 1.34 10.46
CA TYR G 139 -36.58 0.83 9.62
C TYR G 139 -36.85 -0.63 9.94
N ARG G 140 -37.98 -1.13 9.45
CA ARG G 140 -38.31 -2.55 9.63
C ARG G 140 -37.31 -3.45 8.92
N LEU G 141 -36.72 -2.97 7.82
CA LEU G 141 -35.82 -3.75 7.01
C LEU G 141 -34.40 -3.77 7.53
N ASP G 142 -34.16 -3.30 8.76
CA ASP G 142 -32.83 -3.33 9.33
C ASP G 142 -32.76 -3.99 10.69
N VAL G 143 -33.90 -4.37 11.27
CA VAL G 143 -33.88 -5.00 12.58
C VAL G 143 -34.67 -6.29 12.50
N VAL G 144 -34.21 -7.28 13.27
CA VAL G 144 -34.88 -8.55 13.38
C VAL G 144 -35.11 -8.85 14.85
N GLN G 145 -36.09 -9.71 15.11
CA GLN G 145 -36.51 -9.97 16.48
C GLN G 145 -35.73 -11.15 17.02
N ILE G 146 -34.72 -10.87 17.83
CA ILE G 146 -34.00 -11.94 18.51
C ILE G 146 -34.88 -12.50 19.61
N ASN G 147 -34.70 -13.78 19.91
CA ASN G 147 -35.59 -14.47 20.82
C ASN G 147 -34.91 -15.67 21.46
N SER G 157 -44.89 -10.70 27.22
CA SER G 157 -43.44 -10.63 27.40
C SER G 157 -42.87 -9.39 26.74
N ASN G 158 -41.55 -9.36 26.60
CA ASN G 158 -40.85 -8.22 26.03
C ASN G 158 -40.65 -8.40 24.53
N LYS G 159 -40.17 -7.33 23.89
CA LYS G 159 -39.90 -7.33 22.45
C LYS G 159 -38.57 -6.65 22.22
N GLU G 160 -37.54 -7.44 21.94
CA GLU G 160 -36.18 -6.92 21.78
C GLU G 160 -35.64 -7.34 20.43
N TYR G 161 -34.92 -6.42 19.79
CA TYR G 161 -34.45 -6.61 18.43
C TYR G 161 -32.94 -6.56 18.38
N ARG G 162 -32.42 -6.82 17.19
CA ARG G 162 -31.01 -6.58 16.88
C ARG G 162 -30.93 -6.12 15.44
N LEU G 163 -29.73 -5.72 15.02
CA LEU G 163 -29.59 -5.33 13.63
C LEU G 163 -29.50 -6.58 12.74
N ILE G 164 -29.77 -6.37 11.45
CA ILE G 164 -29.87 -7.49 10.54
C ILE G 164 -28.50 -8.05 10.19
N ASN G 165 -27.48 -7.19 10.14
CA ASN G 165 -26.18 -7.61 9.69
C ASN G 165 -25.31 -8.20 10.78
N CYS G 166 -25.75 -8.16 12.03
CA CYS G 166 -24.88 -8.44 13.15
C CYS G 166 -24.58 -9.92 13.35
N ASN G 167 -25.02 -10.81 12.45
CA ASN G 167 -24.56 -12.18 12.49
C ASN G 167 -24.06 -12.65 11.13
N THR G 168 -23.63 -11.72 10.27
CA THR G 168 -22.94 -12.13 9.06
C THR G 168 -21.68 -11.32 8.82
N SER G 169 -21.64 -10.07 9.28
CA SER G 169 -20.53 -9.18 8.96
C SER G 169 -20.59 -7.95 9.84
N ALA G 170 -19.45 -7.29 9.98
CA ALA G 170 -19.44 -5.96 10.56
C ALA G 170 -19.87 -4.96 9.51
N CYS G 171 -20.24 -3.77 9.97
CA CYS G 171 -20.74 -2.72 9.09
C CYS G 171 -19.86 -1.49 9.22
N THR G 172 -19.68 -0.80 8.11
CA THR G 172 -18.92 0.44 8.08
C THR G 172 -19.87 1.58 7.80
N GLN G 173 -19.95 2.54 8.72
CA GLN G 173 -20.75 3.73 8.49
C GLN G 173 -20.05 4.59 7.46
N ALA G 174 -20.82 5.08 6.49
CA ALA G 174 -20.25 5.94 5.48
C ALA G 174 -19.91 7.30 6.08
N CYS G 175 -18.83 7.89 5.59
CA CYS G 175 -18.48 9.23 6.04
C CYS G 175 -19.44 10.24 5.44
N PRO G 176 -19.98 11.16 6.24
CA PRO G 176 -20.86 12.20 5.66
C PRO G 176 -20.15 13.21 4.78
N LYS G 177 -18.81 13.22 4.77
CA LYS G 177 -18.06 14.03 3.81
C LYS G 177 -18.30 13.54 2.40
N VAL G 178 -17.90 12.30 2.12
CA VAL G 178 -17.93 11.78 0.76
C VAL G 178 -19.37 11.48 0.38
N SER G 179 -19.81 12.06 -0.74
CA SER G 179 -21.15 11.87 -1.25
C SER G 179 -21.12 10.91 -2.43
N PHE G 180 -22.22 10.22 -2.63
CA PHE G 180 -22.31 9.19 -3.66
C PHE G 180 -22.89 9.68 -4.96
N GLU G 181 -23.07 10.99 -5.10
CA GLU G 181 -23.61 11.51 -6.36
C GLU G 181 -22.57 11.35 -7.45
N PRO G 182 -22.99 10.95 -8.65
CA PRO G 182 -22.02 10.64 -9.70
C PRO G 182 -21.43 11.90 -10.33
N ILE G 183 -20.10 11.96 -10.36
CA ILE G 183 -19.41 12.94 -11.19
C ILE G 183 -19.08 12.20 -12.47
N PRO G 184 -19.05 12.87 -13.63
CA PRO G 184 -18.82 12.14 -14.88
C PRO G 184 -17.38 11.65 -14.99
N ILE G 185 -17.24 10.39 -15.36
CA ILE G 185 -15.94 9.78 -15.61
C ILE G 185 -15.72 9.71 -17.10
N HIS G 186 -14.62 10.29 -17.57
CA HIS G 186 -14.14 10.08 -18.92
C HIS G 186 -13.08 8.99 -18.88
N TYR G 187 -13.24 7.97 -19.72
CA TYR G 187 -12.22 6.97 -19.89
C TYR G 187 -11.34 7.36 -21.05
N CYS G 188 -10.04 7.16 -20.90
CA CYS G 188 -9.07 7.50 -21.91
C CYS G 188 -8.12 6.32 -22.12
N ALA G 189 -7.66 6.17 -23.34
CA ALA G 189 -6.67 5.17 -23.65
C ALA G 189 -5.27 5.69 -23.30
N PRO G 190 -4.35 4.80 -22.96
CA PRO G 190 -2.96 5.23 -22.77
C PRO G 190 -2.23 5.34 -24.10
N ALA G 191 -0.92 5.52 -24.05
CA ALA G 191 -0.15 5.62 -25.28
C ALA G 191 -0.10 4.28 -25.99
N GLY G 192 -0.20 4.32 -27.32
CA GLY G 192 -0.23 3.10 -28.10
C GLY G 192 -1.56 2.44 -28.23
N PHE G 193 -2.64 3.09 -27.80
CA PHE G 193 -3.99 2.55 -27.92
C PHE G 193 -4.93 3.68 -28.27
N ALA G 194 -6.02 3.33 -28.94
CA ALA G 194 -7.00 4.34 -29.35
C ALA G 194 -8.39 3.79 -29.17
N ILE G 195 -9.34 4.68 -28.87
CA ILE G 195 -10.70 4.25 -28.61
C ILE G 195 -11.55 4.58 -29.82
N LEU G 196 -12.06 3.55 -30.47
CA LEU G 196 -12.92 3.76 -31.63
C LEU G 196 -14.37 3.86 -31.17
N LYS G 197 -15.01 4.98 -31.51
CA LYS G 197 -16.40 5.23 -31.17
C LYS G 197 -17.24 5.04 -32.43
N CYS G 198 -18.15 4.08 -32.39
CA CYS G 198 -19.10 3.90 -33.48
C CYS G 198 -20.14 5.00 -33.43
N LYS G 199 -20.08 5.93 -34.38
CA LYS G 199 -20.98 7.07 -34.41
C LYS G 199 -22.22 6.82 -35.25
N ASP G 200 -22.56 5.55 -35.50
CA ASP G 200 -23.74 5.25 -36.30
C ASP G 200 -25.01 5.58 -35.53
N LYS G 201 -25.96 6.18 -36.23
CA LYS G 201 -27.26 6.50 -35.63
C LYS G 201 -28.01 5.22 -35.29
N LYS G 202 -28.30 4.40 -36.30
CA LYS G 202 -29.00 3.14 -36.11
C LYS G 202 -27.95 2.04 -35.98
N PHE G 203 -27.80 1.49 -34.77
CA PHE G 203 -26.76 0.51 -34.52
C PHE G 203 -27.19 -0.33 -33.32
N ASN G 204 -27.38 -1.63 -33.55
CA ASN G 204 -27.92 -2.53 -32.53
C ASN G 204 -26.83 -3.22 -31.72
N GLY G 205 -25.64 -2.62 -31.60
CA GLY G 205 -24.66 -3.06 -30.66
C GLY G 205 -23.69 -4.10 -31.18
N THR G 206 -24.07 -4.82 -32.24
CA THR G 206 -23.24 -5.92 -32.73
C THR G 206 -23.16 -5.85 -34.24
N GLY G 207 -21.95 -6.00 -34.77
CA GLY G 207 -21.78 -6.09 -36.21
C GLY G 207 -20.95 -4.95 -36.78
N PRO G 208 -20.94 -4.81 -38.10
CA PRO G 208 -20.13 -3.75 -38.72
C PRO G 208 -20.77 -2.39 -38.54
N CYS G 209 -20.00 -1.45 -38.04
CA CYS G 209 -20.43 -0.07 -37.94
C CYS G 209 -19.80 0.71 -39.07
N PRO G 210 -20.57 1.21 -40.04
CA PRO G 210 -19.96 1.80 -41.24
C PRO G 210 -19.38 3.18 -41.04
N SER G 211 -19.71 3.86 -39.94
CA SER G 211 -19.25 5.23 -39.69
C SER G 211 -18.67 5.31 -38.29
N VAL G 212 -17.37 5.07 -38.16
CA VAL G 212 -16.70 5.11 -36.88
C VAL G 212 -15.84 6.37 -36.83
N SER G 213 -15.32 6.65 -35.63
CA SER G 213 -14.36 7.73 -35.48
C SER G 213 -13.45 7.42 -34.30
N THR G 214 -12.16 7.65 -34.47
CA THR G 214 -11.26 7.41 -33.36
C THR G 214 -11.34 8.55 -32.36
N VAL G 215 -10.86 8.29 -31.15
CA VAL G 215 -10.86 9.28 -30.08
C VAL G 215 -9.80 8.87 -29.08
N GLN G 216 -9.38 9.83 -28.26
CA GLN G 216 -8.47 9.58 -27.16
C GLN G 216 -9.21 9.41 -25.84
N CYS G 217 -10.32 10.11 -25.64
CA CYS G 217 -11.07 10.03 -24.40
C CYS G 217 -12.56 9.88 -24.69
N THR G 218 -13.24 9.11 -23.85
CA THR G 218 -14.68 8.91 -24.00
C THR G 218 -15.43 10.11 -23.46
N HIS G 219 -16.75 10.06 -23.63
CA HIS G 219 -17.61 11.11 -23.11
C HIS G 219 -17.79 10.97 -21.60
N GLY G 220 -18.56 11.88 -21.03
CA GLY G 220 -18.84 11.84 -19.61
C GLY G 220 -19.75 10.68 -19.24
N ILE G 221 -19.20 9.68 -18.57
CA ILE G 221 -19.99 8.53 -18.13
C ILE G 221 -20.20 8.63 -16.64
N LYS G 222 -21.33 9.18 -16.22
CA LYS G 222 -21.58 9.28 -14.79
C LYS G 222 -22.01 7.92 -14.25
N PRO G 223 -21.35 7.40 -13.24
CA PRO G 223 -21.75 6.09 -12.72
C PRO G 223 -22.98 6.17 -11.85
N VAL G 224 -24.11 5.78 -12.39
CA VAL G 224 -25.32 5.69 -11.61
C VAL G 224 -25.48 4.25 -11.15
N VAL G 225 -26.21 4.07 -10.06
CA VAL G 225 -26.47 2.75 -9.53
C VAL G 225 -27.98 2.55 -9.55
N SER G 226 -28.44 1.69 -10.45
CA SER G 226 -29.86 1.43 -10.58
C SER G 226 -30.06 0.05 -11.13
N THR G 227 -31.17 -0.58 -10.77
CA THR G 227 -31.45 -1.95 -11.15
C THR G 227 -32.39 -2.02 -12.33
N GLN G 228 -33.61 -1.54 -12.16
CA GLN G 228 -34.49 -1.27 -13.27
C GLN G 228 -34.54 0.23 -13.47
N LEU G 229 -34.91 0.64 -14.70
CA LEU G 229 -35.07 2.03 -15.09
C LEU G 229 -33.77 2.82 -14.88
N LEU G 230 -32.78 2.49 -15.70
CA LEU G 230 -31.47 3.12 -15.60
C LEU G 230 -31.57 4.62 -15.85
N LEU G 231 -30.83 5.39 -15.07
CA LEU G 231 -31.06 6.82 -14.92
C LEU G 231 -29.92 7.63 -15.52
N ASN G 232 -30.29 8.74 -16.14
CA ASN G 232 -29.38 9.81 -16.61
C ASN G 232 -28.38 9.33 -17.65
N GLY G 233 -28.70 8.26 -18.37
CA GLY G 233 -27.81 7.76 -19.39
C GLY G 233 -27.88 8.59 -20.65
N SER G 234 -27.11 8.15 -21.65
CA SER G 234 -27.13 8.80 -22.94
C SER G 234 -28.32 8.29 -23.74
N LEU G 235 -29.23 9.18 -24.10
CA LEU G 235 -30.40 8.81 -24.87
C LEU G 235 -30.05 8.77 -26.36
N ALA G 236 -30.88 8.06 -27.11
CA ALA G 236 -30.61 7.85 -28.53
C ALA G 236 -30.88 9.13 -29.33
N GLU G 237 -30.53 9.09 -30.61
CA GLU G 237 -30.63 10.28 -31.44
C GLU G 237 -32.07 10.55 -31.85
N GLU G 238 -32.67 9.65 -32.62
CA GLU G 238 -34.04 9.83 -33.07
C GLU G 238 -34.97 8.72 -32.61
N GLU G 239 -34.61 7.46 -32.85
CA GLU G 239 -35.52 6.36 -32.59
C GLU G 239 -35.44 5.94 -31.12
N VAL G 240 -36.04 4.80 -30.82
CA VAL G 240 -35.92 4.13 -29.54
C VAL G 240 -35.28 2.79 -29.85
N MET G 241 -34.08 2.56 -29.34
CA MET G 241 -33.32 1.39 -29.73
C MET G 241 -33.32 0.34 -28.63
N ILE G 242 -33.74 -0.86 -28.97
CA ILE G 242 -33.56 -2.00 -28.09
C ILE G 242 -32.28 -2.69 -28.50
N ARG G 243 -31.62 -3.31 -27.52
CA ARG G 243 -30.38 -4.02 -27.76
C ARG G 243 -30.41 -5.31 -26.97
N SER G 244 -30.05 -6.41 -27.61
CA SER G 244 -29.89 -7.67 -26.91
C SER G 244 -28.74 -8.44 -27.52
N GLU G 245 -28.15 -9.32 -26.72
CA GLU G 245 -27.17 -10.23 -27.28
C GLU G 245 -27.85 -11.26 -28.16
N ASN G 246 -29.07 -11.67 -27.81
CA ASN G 246 -29.90 -12.50 -28.67
C ASN G 246 -31.35 -12.30 -28.25
N ILE G 247 -32.16 -11.76 -29.16
CA ILE G 247 -33.54 -11.47 -28.83
C ILE G 247 -34.35 -12.76 -28.71
N THR G 248 -34.01 -13.78 -29.50
CA THR G 248 -34.69 -15.06 -29.38
C THR G 248 -34.33 -15.77 -28.08
N ASN G 249 -33.13 -15.52 -27.56
CA ASN G 249 -32.79 -15.98 -26.23
C ASN G 249 -33.51 -15.12 -25.20
N ASN G 250 -33.88 -15.76 -24.09
CA ASN G 250 -34.53 -15.05 -22.99
C ASN G 250 -33.68 -14.95 -21.74
N ALA G 251 -32.60 -15.70 -21.65
CA ALA G 251 -31.73 -15.59 -20.48
C ALA G 251 -30.93 -14.29 -20.50
N LYS G 252 -30.67 -13.74 -21.67
CA LYS G 252 -30.01 -12.45 -21.76
C LYS G 252 -31.03 -11.34 -21.59
N ASN G 253 -30.60 -10.25 -20.97
CA ASN G 253 -31.48 -9.11 -20.76
C ASN G 253 -31.66 -8.34 -22.06
N ILE G 254 -32.60 -7.40 -22.04
CA ILE G 254 -32.87 -6.53 -23.16
C ILE G 254 -32.72 -5.10 -22.69
N LEU G 255 -31.73 -4.40 -23.22
CA LEU G 255 -31.45 -3.03 -22.82
C LEU G 255 -32.24 -2.10 -23.75
N VAL G 256 -33.23 -1.42 -23.21
CA VAL G 256 -34.06 -0.52 -23.97
C VAL G 256 -33.57 0.89 -23.70
N GLN G 257 -33.17 1.61 -24.73
CA GLN G 257 -32.74 2.99 -24.60
C GLN G 257 -33.69 3.85 -25.43
N PHE G 258 -34.40 4.76 -24.79
CA PHE G 258 -35.39 5.54 -25.51
C PHE G 258 -34.98 6.99 -25.66
N ASN G 259 -35.71 7.67 -26.53
CA ASN G 259 -35.28 8.96 -27.07
C ASN G 259 -35.58 10.10 -26.10
N THR G 260 -36.85 10.34 -25.82
CA THR G 260 -37.23 11.41 -24.92
C THR G 260 -37.04 10.95 -23.48
N PRO G 261 -36.22 11.62 -22.68
CA PRO G 261 -36.03 11.19 -21.28
C PRO G 261 -37.26 11.50 -20.45
N VAL G 262 -37.68 10.53 -19.66
CA VAL G 262 -38.90 10.66 -18.86
C VAL G 262 -38.54 11.29 -17.53
N GLN G 263 -39.17 12.41 -17.20
CA GLN G 263 -38.87 13.07 -15.94
C GLN G 263 -39.51 12.31 -14.78
N ILE G 264 -38.69 11.95 -13.80
CA ILE G 264 -39.18 11.28 -12.60
C ILE G 264 -38.87 12.17 -11.40
N ASN G 265 -39.82 12.25 -10.47
CA ASN G 265 -39.64 12.97 -9.22
C ASN G 265 -39.67 11.96 -8.09
N CYS G 266 -38.72 12.04 -7.18
CA CYS G 266 -38.71 11.09 -6.08
C CYS G 266 -38.45 11.83 -4.79
N THR G 267 -39.14 11.45 -3.73
CA THR G 267 -38.97 12.17 -2.48
C THR G 267 -39.24 11.30 -1.28
N ARG G 268 -38.50 11.56 -0.21
CA ARG G 268 -38.90 11.22 1.13
C ARG G 268 -39.41 12.48 1.80
N PRO G 269 -40.68 12.53 2.19
CA PRO G 269 -41.21 13.70 2.88
C PRO G 269 -41.07 13.66 4.38
N ASN G 270 -40.64 12.54 4.94
CA ASN G 270 -40.41 12.49 6.38
C ASN G 270 -39.19 13.31 6.73
N ASN G 271 -39.40 14.40 7.44
CA ASN G 271 -38.31 15.24 7.86
C ASN G 271 -37.53 14.57 8.98
N ASN G 272 -36.22 14.58 8.86
CA ASN G 272 -35.35 13.85 9.78
C ASN G 272 -34.37 14.79 10.47
N THR G 273 -34.03 14.42 11.70
CA THR G 273 -33.02 15.12 12.48
C THR G 273 -31.93 14.12 12.84
N ARG G 274 -30.72 14.37 12.37
CA ARG G 274 -29.64 13.46 12.74
C ARG G 274 -29.16 13.77 14.14
N LYS G 275 -28.50 12.79 14.74
CA LYS G 275 -28.08 12.90 16.13
C LYS G 275 -26.73 12.21 16.27
N SER G 276 -25.73 12.93 16.76
CA SER G 276 -24.40 12.40 16.92
C SER G 276 -24.29 11.67 18.26
N ILE G 277 -23.97 10.39 18.21
CA ILE G 277 -23.72 9.57 19.38
C ILE G 277 -22.25 9.20 19.37
N ARG G 278 -21.57 9.43 20.48
CA ARG G 278 -20.14 9.17 20.54
C ARG G 278 -19.91 7.71 20.92
N ILE G 279 -19.41 6.93 19.97
CA ILE G 279 -19.10 5.53 20.23
C ILE G 279 -17.87 5.43 21.12
N GLY G 280 -16.84 6.20 20.82
CA GLY G 280 -15.63 6.20 21.60
C GLY G 280 -14.85 7.47 21.41
N PRO G 281 -13.53 7.40 21.53
CA PRO G 281 -12.70 8.57 21.26
C PRO G 281 -12.64 8.90 19.79
N GLY G 282 -13.28 10.00 19.38
CA GLY G 282 -13.30 10.38 17.98
C GLY G 282 -14.10 9.47 17.09
N GLN G 283 -15.08 8.77 17.65
CA GLN G 283 -15.94 7.87 16.89
C GLN G 283 -17.35 8.45 16.94
N ALA G 284 -17.82 8.94 15.80
CA ALA G 284 -19.14 9.54 15.70
C ALA G 284 -20.07 8.58 14.97
N PHE G 285 -21.25 8.35 15.53
CA PHE G 285 -22.29 7.58 14.90
C PHE G 285 -23.50 8.47 14.72
N TYR G 286 -24.17 8.36 13.58
CA TYR G 286 -25.22 9.30 13.21
C TYR G 286 -26.55 8.55 13.21
N ALA G 287 -27.32 8.73 14.27
CA ALA G 287 -28.61 8.08 14.40
C ALA G 287 -29.72 9.06 13.99
N THR G 288 -30.93 8.54 13.94
CA THR G 288 -32.09 9.35 13.59
C THR G 288 -32.78 9.82 14.86
N GLY G 289 -33.08 11.11 14.93
CA GLY G 289 -33.69 11.66 16.11
C GLY G 289 -35.20 11.74 16.01
N ASP G 290 -35.73 12.94 15.84
CA ASP G 290 -37.16 13.16 15.78
C ASP G 290 -37.64 13.16 14.34
N ILE G 291 -38.91 12.77 14.16
CA ILE G 291 -39.62 12.98 12.91
C ILE G 291 -40.38 14.29 13.08
N ILE G 292 -39.80 15.39 12.58
CA ILE G 292 -40.46 16.69 12.69
C ILE G 292 -41.57 16.73 11.65
N GLY G 293 -42.81 16.63 12.11
CA GLY G 293 -43.95 16.75 11.23
C GLY G 293 -44.71 15.44 11.07
N ASP G 294 -45.39 15.32 9.95
CA ASP G 294 -46.19 14.14 9.67
C ASP G 294 -45.30 12.96 9.31
N ILE G 295 -45.81 11.76 9.56
CA ILE G 295 -45.12 10.53 9.21
C ILE G 295 -45.75 10.05 7.91
N ARG G 296 -45.03 10.23 6.82
CA ARG G 296 -45.54 9.88 5.50
C ARG G 296 -44.65 8.82 4.87
N GLN G 297 -44.93 8.49 3.62
CA GLN G 297 -44.25 7.40 2.92
C GLN G 297 -43.52 7.98 1.72
N ALA G 298 -42.28 7.52 1.52
CA ALA G 298 -41.49 8.00 0.39
C ALA G 298 -42.06 7.46 -0.92
N HIS G 299 -42.03 8.29 -1.96
CA HIS G 299 -42.70 7.92 -3.18
C HIS G 299 -42.04 8.57 -4.39
N CYS G 300 -42.31 8.00 -5.55
CA CYS G 300 -41.82 8.53 -6.82
C CYS G 300 -42.98 8.75 -7.78
N ASN G 301 -42.90 9.82 -8.54
CA ASN G 301 -43.90 10.20 -9.52
C ASN G 301 -43.30 10.18 -10.92
N VAL G 302 -44.16 9.87 -11.88
CA VAL G 302 -43.85 10.01 -13.30
C VAL G 302 -45.11 10.50 -14.01
N SER G 303 -44.92 11.17 -15.13
CA SER G 303 -46.06 11.67 -15.88
C SER G 303 -46.78 10.52 -16.59
N LYS G 304 -48.10 10.47 -16.45
CA LYS G 304 -48.89 9.37 -16.98
C LYS G 304 -48.87 9.37 -18.50
N ALA G 305 -49.04 10.54 -19.11
CA ALA G 305 -49.14 10.62 -20.57
C ALA G 305 -47.80 10.32 -21.23
N THR G 306 -46.71 10.86 -20.68
CA THR G 306 -45.39 10.61 -21.25
C THR G 306 -44.98 9.15 -21.08
N TRP G 307 -45.38 8.52 -19.96
CA TRP G 307 -45.04 7.12 -19.78
C TRP G 307 -45.84 6.23 -20.71
N ASN G 308 -47.11 6.55 -20.93
CA ASN G 308 -47.91 5.81 -21.89
C ASN G 308 -47.37 6.00 -23.31
N GLU G 309 -46.89 7.20 -23.62
CA GLU G 309 -46.32 7.47 -24.93
C GLU G 309 -45.03 6.70 -25.15
N THR G 310 -44.14 6.69 -24.14
CA THR G 310 -42.89 5.97 -24.29
C THR G 310 -43.11 4.46 -24.30
N LEU G 311 -44.12 3.97 -23.59
CA LEU G 311 -44.46 2.56 -23.71
C LEU G 311 -45.02 2.25 -25.08
N GLY G 312 -45.76 3.18 -25.69
CA GLY G 312 -46.18 2.99 -27.07
C GLY G 312 -45.01 2.96 -28.02
N LYS G 313 -44.00 3.79 -27.75
CA LYS G 313 -42.79 3.81 -28.58
C LYS G 313 -42.03 2.50 -28.47
N VAL G 314 -41.87 1.97 -27.25
CA VAL G 314 -41.13 0.73 -27.14
C VAL G 314 -41.95 -0.46 -27.62
N VAL G 315 -43.28 -0.37 -27.61
CA VAL G 315 -44.10 -1.42 -28.19
C VAL G 315 -43.96 -1.40 -29.71
N LYS G 316 -43.99 -0.21 -30.31
CA LYS G 316 -43.79 -0.04 -31.75
C LYS G 316 -42.42 -0.54 -32.18
N GLN G 317 -41.41 -0.37 -31.34
CA GLN G 317 -40.08 -0.87 -31.68
C GLN G 317 -39.94 -2.35 -31.41
N LEU G 318 -40.58 -2.88 -30.37
CA LEU G 318 -40.45 -4.29 -30.05
C LEU G 318 -41.25 -5.17 -30.99
N ARG G 319 -42.23 -4.61 -31.68
CA ARG G 319 -42.94 -5.43 -32.66
C ARG G 319 -42.13 -5.70 -33.91
N LYS G 320 -40.99 -5.05 -34.08
CA LYS G 320 -40.12 -5.35 -35.23
C LYS G 320 -39.52 -6.74 -35.10
N HIS G 321 -39.08 -7.11 -33.91
CA HIS G 321 -38.41 -8.39 -33.73
C HIS G 321 -39.36 -9.55 -33.46
N PHE G 322 -40.65 -9.29 -33.28
CA PHE G 322 -41.59 -10.35 -32.92
C PHE G 322 -42.82 -10.39 -33.81
N GLY G 323 -42.76 -9.81 -35.00
CA GLY G 323 -43.88 -9.80 -35.90
C GLY G 323 -44.89 -8.72 -35.57
N ASN G 324 -45.70 -8.38 -36.57
CA ASN G 324 -46.68 -7.31 -36.40
C ASN G 324 -47.84 -7.76 -35.52
N ASN G 325 -48.54 -8.82 -35.91
CA ASN G 325 -49.69 -9.31 -35.16
C ASN G 325 -49.19 -10.10 -33.95
N THR G 326 -48.75 -9.35 -32.93
CA THR G 326 -48.26 -9.94 -31.70
C THR G 326 -48.74 -9.08 -30.54
N ILE G 327 -49.34 -9.72 -29.54
CA ILE G 327 -49.75 -9.01 -28.34
C ILE G 327 -48.55 -8.86 -27.43
N ILE G 328 -48.29 -7.64 -26.95
CA ILE G 328 -47.16 -7.40 -26.06
C ILE G 328 -47.70 -6.86 -24.76
N ARG G 329 -47.44 -7.57 -23.66
CA ARG G 329 -47.88 -7.11 -22.36
C ARG G 329 -46.70 -7.07 -21.41
N PHE G 330 -46.85 -6.25 -20.38
CA PHE G 330 -45.84 -6.10 -19.35
C PHE G 330 -46.37 -6.68 -18.06
N ALA G 331 -45.44 -7.06 -17.19
CA ALA G 331 -45.78 -7.52 -15.85
C ALA G 331 -44.76 -6.93 -14.89
N ASN G 332 -45.01 -7.07 -13.60
CA ASN G 332 -44.01 -6.64 -12.64
C ASN G 332 -43.01 -7.76 -12.44
N SER G 333 -42.06 -7.54 -11.54
CA SER G 333 -40.97 -8.49 -11.34
C SER G 333 -41.47 -9.75 -10.65
N SER G 334 -40.92 -10.89 -11.05
CA SER G 334 -41.45 -12.17 -10.61
C SER G 334 -41.03 -12.51 -9.18
N GLY G 335 -40.00 -11.90 -8.66
CA GLY G 335 -39.62 -12.14 -7.29
C GLY G 335 -38.13 -12.16 -7.13
N GLY G 336 -37.68 -12.68 -5.98
CA GLY G 336 -36.28 -12.77 -5.66
C GLY G 336 -35.94 -11.95 -4.43
N ASP G 337 -34.73 -11.41 -4.41
CA ASP G 337 -34.33 -10.49 -3.36
C ASP G 337 -35.07 -9.16 -3.54
N LEU G 338 -34.89 -8.27 -2.56
CA LEU G 338 -35.56 -6.98 -2.60
C LEU G 338 -35.11 -6.15 -3.79
N GLU G 339 -33.80 -5.91 -3.90
CA GLU G 339 -33.25 -4.95 -4.84
C GLU G 339 -33.17 -5.48 -6.27
N VAL G 340 -33.91 -6.53 -6.60
CA VAL G 340 -34.20 -6.84 -7.99
C VAL G 340 -35.69 -6.84 -8.27
N THR G 341 -36.55 -6.90 -7.24
CA THR G 341 -37.98 -6.75 -7.46
C THR G 341 -38.34 -5.31 -7.74
N THR G 342 -37.91 -4.40 -6.88
CA THR G 342 -38.17 -2.98 -7.05
C THR G 342 -37.15 -2.41 -8.04
N HIS G 343 -37.12 -1.09 -8.15
CA HIS G 343 -35.99 -0.42 -8.75
C HIS G 343 -35.35 0.45 -7.70
N SER G 344 -34.04 0.35 -7.58
CA SER G 344 -33.32 0.94 -6.45
C SER G 344 -32.36 2.00 -6.96
N PHE G 345 -32.16 3.05 -6.17
CA PHE G 345 -31.23 4.09 -6.55
C PHE G 345 -30.79 4.83 -5.31
N ASN G 346 -29.97 5.86 -5.50
CA ASN G 346 -29.38 6.61 -4.39
C ASN G 346 -29.63 8.09 -4.63
N CYS G 347 -30.68 8.61 -4.04
CA CYS G 347 -31.09 10.00 -4.20
C CYS G 347 -30.61 10.79 -3.00
N GLY G 348 -29.82 11.83 -3.27
CA GLY G 348 -29.33 12.73 -2.23
C GLY G 348 -28.44 12.10 -1.19
N GLY G 349 -27.85 10.95 -1.49
CA GLY G 349 -27.12 10.22 -0.49
C GLY G 349 -27.96 9.36 0.42
N GLU G 350 -29.15 8.97 -0.02
CA GLU G 350 -29.93 7.99 0.72
C GLU G 350 -30.65 7.09 -0.27
N PHE G 351 -30.81 5.83 0.09
CA PHE G 351 -31.18 4.79 -0.86
C PHE G 351 -32.68 4.60 -0.90
N PHE G 352 -33.20 4.48 -2.11
CA PHE G 352 -34.61 4.23 -2.36
C PHE G 352 -34.78 2.88 -3.02
N TYR G 353 -35.84 2.19 -2.65
CA TYR G 353 -36.24 0.92 -3.25
C TYR G 353 -37.72 1.09 -3.58
N CYS G 354 -38.02 1.42 -4.83
CA CYS G 354 -39.35 1.89 -5.17
C CYS G 354 -40.05 0.89 -6.08
N ASN G 355 -41.30 0.62 -5.73
CA ASN G 355 -42.12 -0.39 -6.36
C ASN G 355 -42.45 0.02 -7.78
N THR G 356 -42.52 -0.95 -8.69
CA THR G 356 -42.71 -0.65 -10.09
C THR G 356 -43.94 -1.32 -10.69
N SER G 357 -44.87 -1.76 -9.86
CA SER G 357 -46.07 -2.37 -10.40
C SER G 357 -46.99 -1.36 -11.07
N GLY G 358 -46.87 -0.09 -10.72
CA GLY G 358 -47.65 0.93 -11.40
C GLY G 358 -47.19 1.25 -12.79
N LEU G 359 -45.99 0.85 -13.17
CA LEU G 359 -45.42 1.17 -14.46
C LEU G 359 -45.53 0.05 -15.48
N PHE G 360 -45.91 -1.15 -15.06
CA PHE G 360 -45.82 -2.28 -15.97
C PHE G 360 -47.07 -3.15 -15.94
N ASN G 361 -48.24 -2.55 -15.76
CA ASN G 361 -49.49 -3.29 -15.94
C ASN G 361 -50.14 -2.74 -17.20
N SER G 362 -49.79 -3.34 -18.34
CA SER G 362 -50.35 -2.92 -19.61
C SER G 362 -50.31 -4.08 -20.58
N THR G 363 -51.24 -4.09 -21.51
CA THR G 363 -51.23 -5.00 -22.63
C THR G 363 -51.48 -4.20 -23.91
N TRP G 364 -50.95 -4.71 -25.02
CA TRP G 364 -50.91 -3.95 -26.25
C TRP G 364 -51.30 -4.87 -27.41
N ILE G 365 -52.36 -4.49 -28.11
CA ILE G 365 -52.95 -5.22 -29.21
C ILE G 365 -52.39 -4.67 -30.50
N SER G 366 -52.38 -5.50 -31.55
CA SER G 366 -51.68 -5.21 -32.79
C SER G 366 -52.29 -4.09 -33.63
N ASN G 367 -53.41 -3.48 -33.22
CA ASN G 367 -54.02 -2.42 -34.00
C ASN G 367 -53.36 -1.07 -33.75
N ASN G 379 -53.07 14.81 -17.49
CA ASN G 379 -52.52 15.72 -16.50
C ASN G 379 -52.20 15.03 -15.20
N ASP G 380 -52.49 13.72 -15.14
CA ASP G 380 -52.28 12.94 -13.93
C ASP G 380 -50.82 12.54 -13.79
N SER G 381 -50.53 11.69 -12.81
CA SER G 381 -49.17 11.25 -12.55
C SER G 381 -49.21 9.93 -11.81
N ILE G 382 -48.43 8.96 -12.28
CA ILE G 382 -48.31 7.70 -11.57
C ILE G 382 -47.38 7.89 -10.37
N THR G 383 -47.93 7.69 -9.18
CA THR G 383 -47.13 7.60 -7.97
C THR G 383 -46.90 6.14 -7.62
N LEU G 384 -45.74 5.87 -7.03
CA LEU G 384 -45.41 4.54 -6.63
C LEU G 384 -44.63 4.63 -5.32
N PRO G 385 -44.98 3.80 -4.33
CA PRO G 385 -44.34 3.92 -3.02
C PRO G 385 -42.99 3.26 -2.99
N CYS G 386 -42.09 3.83 -2.20
CA CYS G 386 -40.77 3.28 -2.01
C CYS G 386 -40.59 2.81 -0.58
N ARG G 387 -39.47 2.13 -0.35
CA ARG G 387 -39.00 1.78 0.98
C ARG G 387 -37.54 2.19 1.08
N ILE G 388 -37.12 2.54 2.28
CA ILE G 388 -35.80 3.13 2.51
C ILE G 388 -35.05 2.25 3.50
N LYS G 389 -34.06 1.51 3.00
CA LYS G 389 -33.15 0.80 3.88
C LYS G 389 -32.03 1.74 4.32
N GLN G 390 -31.64 1.63 5.59
CA GLN G 390 -30.50 2.41 6.02
C GLN G 390 -29.19 1.69 5.80
N ILE G 391 -29.15 0.38 6.03
CA ILE G 391 -27.98 -0.39 5.66
C ILE G 391 -28.15 -0.86 4.24
N ILE G 392 -27.05 -1.07 3.54
CA ILE G 392 -27.07 -1.64 2.20
C ILE G 392 -25.97 -2.69 2.13
N ASN G 393 -26.20 -3.67 1.28
CA ASN G 393 -25.16 -4.61 0.87
C ASN G 393 -25.25 -4.70 -0.64
N MET G 394 -24.60 -3.78 -1.33
CA MET G 394 -24.61 -3.82 -2.77
C MET G 394 -23.38 -4.55 -3.27
N TRP G 395 -23.51 -5.12 -4.48
CA TRP G 395 -22.68 -6.11 -5.17
C TRP G 395 -22.71 -7.48 -4.51
N GLN G 396 -23.39 -7.64 -3.38
CA GLN G 396 -23.61 -8.90 -2.68
C GLN G 396 -22.29 -9.61 -2.36
N ARG G 397 -21.49 -8.96 -1.51
CA ARG G 397 -20.24 -9.54 -1.08
C ARG G 397 -20.50 -10.55 0.03
N ILE G 398 -19.43 -11.03 0.66
CA ILE G 398 -19.59 -12.05 1.68
C ILE G 398 -19.54 -11.40 3.06
N GLY G 399 -18.81 -10.31 3.20
CA GLY G 399 -18.56 -9.78 4.52
C GLY G 399 -18.57 -8.26 4.65
N GLN G 400 -19.29 -7.56 3.79
CA GLN G 400 -19.34 -6.10 3.87
C GLN G 400 -20.77 -5.62 3.86
N CYS G 401 -21.06 -4.64 4.70
CA CYS G 401 -22.29 -3.89 4.64
C CYS G 401 -21.98 -2.43 4.92
N MET G 402 -22.58 -1.54 4.16
CA MET G 402 -22.42 -0.11 4.36
C MET G 402 -23.64 0.41 5.10
N TYR G 403 -23.42 1.05 6.24
CA TYR G 403 -24.47 1.82 6.88
C TYR G 403 -24.52 3.21 6.25
N ALA G 404 -25.72 3.71 6.05
CA ALA G 404 -25.79 5.03 5.47
C ALA G 404 -26.26 6.03 6.51
N PRO G 405 -25.67 7.22 6.57
CA PRO G 405 -26.06 8.19 7.57
C PRO G 405 -27.36 8.87 7.17
N PRO G 406 -28.29 9.01 8.10
CA PRO G 406 -29.52 9.75 7.80
C PRO G 406 -29.23 11.22 7.59
N ILE G 407 -29.91 11.80 6.62
CA ILE G 407 -29.64 13.17 6.21
C ILE G 407 -30.79 14.07 6.63
N GLN G 408 -30.46 15.33 6.90
CA GLN G 408 -31.44 16.29 7.36
C GLN G 408 -32.40 16.67 6.25
N GLY G 409 -33.57 17.16 6.64
CA GLY G 409 -34.47 17.80 5.72
C GLY G 409 -35.30 16.83 4.89
N VAL G 410 -36.42 17.34 4.39
CA VAL G 410 -37.20 16.62 3.39
C VAL G 410 -36.39 16.52 2.11
N ILE G 411 -36.31 15.32 1.54
CA ILE G 411 -35.36 15.04 0.47
C ILE G 411 -36.13 14.76 -0.81
N ARG G 412 -35.78 15.48 -1.87
CA ARG G 412 -36.38 15.23 -3.17
C ARG G 412 -35.28 15.28 -4.23
N CYS G 413 -35.60 14.68 -5.38
CA CYS G 413 -34.67 14.61 -6.50
C CYS G 413 -35.48 14.47 -7.78
N VAL G 414 -34.94 15.06 -8.84
CA VAL G 414 -35.51 14.97 -10.18
C VAL G 414 -34.50 14.25 -11.06
N SER G 415 -34.96 13.31 -11.86
CA SER G 415 -34.04 12.57 -12.70
C SER G 415 -34.66 12.32 -14.06
N ASN G 416 -33.79 12.04 -15.03
CA ASN G 416 -34.20 11.72 -16.38
C ASN G 416 -34.05 10.21 -16.55
N ILE G 417 -35.17 9.49 -16.56
CA ILE G 417 -35.15 8.09 -16.94
C ILE G 417 -34.77 7.99 -18.39
N THR G 418 -33.78 7.16 -18.68
CA THR G 418 -33.20 7.01 -20.00
C THR G 418 -33.54 5.67 -20.63
N GLY G 419 -33.35 4.57 -19.92
CA GLY G 419 -33.61 3.26 -20.46
C GLY G 419 -34.17 2.31 -19.43
N LEU G 420 -34.69 1.20 -19.93
CA LEU G 420 -35.17 0.08 -19.14
C LEU G 420 -34.27 -1.13 -19.33
N ILE G 421 -34.37 -2.07 -18.41
CA ILE G 421 -33.76 -3.38 -18.56
C ILE G 421 -34.87 -4.41 -18.44
N LEU G 422 -35.26 -5.00 -19.56
CA LEU G 422 -36.40 -5.90 -19.61
C LEU G 422 -35.94 -7.33 -19.81
N THR G 423 -36.88 -8.26 -19.64
CA THR G 423 -36.61 -9.68 -19.79
C THR G 423 -37.88 -10.35 -20.28
N ARG G 424 -37.76 -11.13 -21.36
CA ARG G 424 -38.88 -11.89 -21.86
C ARG G 424 -39.07 -13.14 -21.01
N ASP G 425 -40.31 -13.50 -20.75
CA ASP G 425 -40.59 -14.76 -20.09
C ASP G 425 -40.39 -15.91 -21.06
N GLY G 426 -40.08 -17.09 -20.51
CA GLY G 426 -39.77 -18.24 -21.31
C GLY G 426 -40.99 -18.85 -21.96
N GLY G 427 -41.53 -18.14 -22.95
CA GLY G 427 -42.80 -18.52 -23.53
C GLY G 427 -42.69 -19.73 -24.42
N SER G 428 -43.50 -20.76 -24.15
CA SER G 428 -43.64 -21.88 -25.06
C SER G 428 -45.11 -22.13 -25.30
N THR G 429 -45.43 -23.26 -25.92
CA THR G 429 -46.79 -23.82 -26.03
C THR G 429 -47.75 -22.91 -26.79
N ASN G 430 -47.25 -22.29 -27.87
CA ASN G 430 -48.05 -21.66 -28.92
C ASN G 430 -48.93 -20.52 -28.38
N SER G 431 -48.29 -19.49 -27.88
CA SER G 431 -48.97 -18.32 -27.36
C SER G 431 -48.70 -17.13 -28.25
N THR G 432 -49.75 -16.34 -28.53
CA THR G 432 -49.56 -15.12 -29.30
C THR G 432 -48.87 -14.06 -28.48
N THR G 433 -49.23 -13.93 -27.20
CA THR G 433 -48.67 -12.90 -26.35
C THR G 433 -47.24 -13.23 -25.95
N GLU G 434 -46.43 -12.20 -25.78
CA GLU G 434 -45.08 -12.33 -25.25
C GLU G 434 -44.87 -11.23 -24.22
N THR G 435 -44.79 -11.62 -22.96
CA THR G 435 -44.75 -10.65 -21.88
C THR G 435 -43.33 -10.25 -21.53
N PHE G 436 -43.22 -9.09 -20.90
CA PHE G 436 -41.94 -8.52 -20.52
C PHE G 436 -41.95 -8.11 -19.06
N ARG G 437 -40.87 -8.43 -18.34
CA ARG G 437 -40.76 -8.11 -16.94
C ARG G 437 -39.46 -7.35 -16.72
N PRO G 438 -39.46 -6.27 -15.93
CA PRO G 438 -38.22 -5.54 -15.66
C PRO G 438 -37.35 -6.30 -14.67
N GLY G 439 -36.14 -6.62 -15.07
CA GLY G 439 -35.23 -7.34 -14.21
C GLY G 439 -33.90 -6.65 -14.09
N GLY G 440 -33.46 -6.38 -12.86
CA GLY G 440 -32.21 -5.70 -12.65
C GLY G 440 -31.00 -6.55 -12.98
N GLY G 441 -30.80 -7.62 -12.23
CA GLY G 441 -29.69 -8.52 -12.50
C GLY G 441 -28.36 -7.88 -12.15
N ASP G 442 -27.37 -8.11 -13.01
CA ASP G 442 -26.03 -7.59 -12.79
C ASP G 442 -26.01 -6.08 -13.01
N MET G 443 -25.05 -5.43 -12.36
CA MET G 443 -24.85 -4.00 -12.54
C MET G 443 -24.17 -3.65 -13.85
N ARG G 444 -23.53 -4.63 -14.48
CA ARG G 444 -22.78 -4.38 -15.71
C ARG G 444 -23.69 -3.97 -16.86
N ASP G 445 -24.95 -4.39 -16.82
CA ASP G 445 -25.91 -3.97 -17.83
C ASP G 445 -26.21 -2.48 -17.78
N ASN G 446 -25.89 -1.82 -16.66
CA ASN G 446 -25.88 -0.36 -16.70
C ASN G 446 -24.77 0.16 -17.58
N TRP G 447 -23.54 -0.32 -17.35
CA TRP G 447 -22.39 0.24 -18.06
C TRP G 447 -22.35 -0.20 -19.51
N ARG G 448 -22.95 -1.35 -19.82
CA ARG G 448 -23.12 -1.76 -21.20
C ARG G 448 -24.12 -0.88 -21.92
N SER G 449 -24.94 -0.12 -21.21
CA SER G 449 -25.78 0.88 -21.83
C SER G 449 -25.02 2.17 -22.14
N GLU G 450 -23.78 2.30 -21.66
CA GLU G 450 -23.01 3.50 -21.92
C GLU G 450 -21.65 3.22 -22.55
N LEU G 451 -21.32 1.95 -22.79
CA LEU G 451 -20.08 1.60 -23.46
C LEU G 451 -20.33 0.82 -24.74
N TYR G 452 -21.53 0.93 -25.29
CA TYR G 452 -21.80 0.27 -26.56
C TYR G 452 -21.12 0.99 -27.71
N LYS G 453 -20.86 2.28 -27.55
CA LYS G 453 -20.24 3.05 -28.63
C LYS G 453 -18.75 2.74 -28.77
N TYR G 454 -18.06 2.48 -27.68
CA TYR G 454 -16.62 2.49 -27.67
C TYR G 454 -16.04 1.09 -27.74
N LYS G 455 -14.84 1.00 -28.33
CA LYS G 455 -13.99 -0.18 -28.22
C LYS G 455 -12.56 0.31 -28.20
N VAL G 456 -11.64 -0.56 -27.80
CA VAL G 456 -10.24 -0.20 -27.63
C VAL G 456 -9.41 -1.02 -28.60
N VAL G 457 -8.52 -0.36 -29.34
CA VAL G 457 -7.65 -1.07 -30.27
C VAL G 457 -6.20 -0.67 -30.01
N LYS G 458 -5.31 -1.59 -30.33
CA LYS G 458 -3.87 -1.40 -30.20
C LYS G 458 -3.30 -1.04 -31.56
N ILE G 459 -2.59 0.09 -31.62
CA ILE G 459 -1.91 0.50 -32.83
C ILE G 459 -0.68 -0.37 -33.02
N GLU G 460 -0.50 -0.91 -34.21
CA GLU G 460 0.71 -1.66 -34.55
C GLU G 460 1.43 -0.98 -35.70
N PRO G 461 2.51 -0.28 -35.45
CA PRO G 461 3.27 0.32 -36.56
C PRO G 461 4.13 -0.70 -37.28
N LEU G 462 4.98 -0.19 -38.18
CA LEU G 462 5.95 -0.96 -38.98
C LEU G 462 5.30 -2.09 -39.78
N GLY G 463 4.46 -1.68 -40.71
CA GLY G 463 4.06 -2.58 -41.76
C GLY G 463 5.19 -2.81 -42.75
N VAL G 464 5.04 -3.83 -43.56
CA VAL G 464 6.05 -4.17 -44.55
C VAL G 464 5.36 -4.36 -45.89
N ALA G 465 6.04 -3.97 -46.98
CA ALA G 465 5.39 -3.95 -48.27
C ALA G 465 6.42 -4.01 -49.40
N PRO G 466 6.15 -4.73 -50.47
CA PRO G 466 7.09 -4.73 -51.60
C PRO G 466 6.95 -3.47 -52.45
N THR G 467 8.09 -3.00 -52.92
CA THR G 467 8.16 -1.93 -53.92
C THR G 467 9.49 -2.04 -54.65
N ARG G 468 9.69 -1.13 -55.60
CA ARG G 468 10.89 -1.13 -56.44
C ARG G 468 11.85 -0.04 -55.96
N CYS G 469 12.60 -0.37 -54.91
CA CYS G 469 13.78 0.41 -54.54
C CYS G 469 14.73 -0.47 -53.77
N LYS G 470 16.02 -0.38 -54.10
CA LYS G 470 17.04 -1.20 -53.49
C LYS G 470 18.03 -0.30 -52.78
N ARG G 471 18.37 -0.65 -51.54
CA ARG G 471 19.29 0.16 -50.75
C ARG G 471 20.70 0.03 -51.31
N ARG G 472 21.27 1.16 -51.73
CA ARG G 472 22.62 1.15 -52.27
C ARG G 472 23.63 0.99 -51.14
N VAL G 473 24.78 0.43 -51.49
CA VAL G 473 25.84 0.21 -50.52
C VAL G 473 26.66 1.48 -50.31
N ALA H 1 25.94 33.26 -48.20
CA ALA H 1 26.18 33.51 -46.78
C ALA H 1 24.92 34.04 -46.11
N GLU H 2 24.20 34.91 -46.80
CA GLU H 2 22.93 35.42 -46.31
C GLU H 2 21.79 34.43 -46.46
N ASN H 3 22.03 33.32 -47.18
CA ASN H 3 21.09 32.20 -47.22
C ASN H 3 21.30 31.35 -45.96
N LEU H 4 20.78 31.89 -44.85
CA LEU H 4 21.00 31.27 -43.55
C LEU H 4 20.18 30.00 -43.42
N TRP H 5 20.81 28.94 -42.96
CA TRP H 5 20.10 27.72 -42.61
C TRP H 5 19.98 27.62 -41.10
N VAL H 6 19.27 26.61 -40.64
CA VAL H 6 19.07 26.43 -39.21
C VAL H 6 19.80 25.17 -38.78
N THR H 7 20.12 25.11 -37.49
CA THR H 7 20.80 23.97 -36.91
C THR H 7 20.20 23.70 -35.54
N VAL H 8 20.00 22.45 -35.25
CA VAL H 8 19.58 22.03 -33.93
C VAL H 8 20.80 21.59 -33.14
N TYR H 9 20.96 22.16 -31.96
CA TYR H 9 22.02 21.78 -31.04
C TYR H 9 21.37 21.07 -29.88
N TYR H 10 21.68 19.80 -29.70
CA TYR H 10 21.14 19.03 -28.60
C TYR H 10 22.10 19.08 -27.43
N GLY H 11 21.53 19.11 -26.22
CA GLY H 11 22.35 19.30 -25.05
C GLY H 11 22.76 20.73 -24.81
N VAL H 12 21.99 21.70 -25.29
CA VAL H 12 22.25 23.10 -25.03
C VAL H 12 22.06 23.38 -23.54
N PRO H 13 23.01 24.02 -22.87
CA PRO H 13 22.76 24.42 -21.48
C PRO H 13 21.82 25.60 -21.38
N VAL H 14 20.56 25.31 -21.06
CA VAL H 14 19.56 26.32 -20.77
C VAL H 14 18.47 25.64 -19.94
N TRP H 15 17.93 26.37 -18.98
CA TRP H 15 16.94 25.81 -18.08
C TRP H 15 15.72 26.71 -18.04
N LYS H 16 14.68 26.19 -17.40
CA LYS H 16 13.54 27.00 -17.01
C LYS H 16 13.17 26.68 -15.57
N ASP H 17 12.43 27.60 -14.95
CA ASP H 17 11.94 27.35 -13.60
C ASP H 17 10.83 26.33 -13.66
N ALA H 18 10.89 25.35 -12.77
CA ALA H 18 9.90 24.28 -12.78
C ALA H 18 9.65 23.82 -11.37
N GLU H 19 8.64 22.96 -11.21
CA GLU H 19 8.20 22.47 -9.92
C GLU H 19 7.97 20.97 -10.07
N THR H 20 8.98 20.19 -9.69
CA THR H 20 8.91 18.74 -9.79
C THR H 20 9.12 18.13 -8.43
N THR H 21 9.01 16.82 -8.37
CA THR H 21 9.26 16.11 -7.12
C THR H 21 10.76 16.07 -6.84
N LEU H 22 11.10 15.59 -5.65
CA LEU H 22 12.50 15.58 -5.26
C LEU H 22 12.97 14.22 -4.82
N PHE H 23 14.17 14.18 -4.24
CA PHE H 23 14.94 12.95 -4.10
C PHE H 23 15.53 12.96 -2.70
N CYS H 24 15.09 12.04 -1.86
CA CYS H 24 15.62 11.96 -0.51
C CYS H 24 17.07 11.44 -0.55
N ALA H 25 17.85 11.85 0.44
CA ALA H 25 19.23 11.34 0.58
C ALA H 25 19.61 11.46 2.04
N SER H 26 20.07 10.38 2.64
CA SER H 26 20.57 10.42 4.01
C SER H 26 22.00 9.93 4.04
N ASP H 27 22.75 10.41 5.03
CA ASP H 27 24.14 9.99 5.17
C ASP H 27 24.18 8.56 5.68
N ALA H 28 25.25 7.85 5.30
CA ALA H 28 25.35 6.43 5.61
C ALA H 28 25.70 6.15 7.06
N LYS H 29 26.08 7.17 7.83
CA LYS H 29 26.36 6.97 9.25
C LYS H 29 25.08 6.71 10.03
N ALA H 30 23.98 7.38 9.65
CA ALA H 30 22.69 7.07 10.24
C ALA H 30 22.14 5.74 9.75
N TYR H 31 22.62 5.24 8.60
CA TYR H 31 22.27 3.91 8.14
C TYR H 31 23.01 2.83 8.93
N GLU H 32 24.12 3.18 9.59
CA GLU H 32 24.88 2.20 10.37
C GLU H 32 24.12 1.72 11.58
N THR H 33 23.23 2.54 12.13
CA THR H 33 22.44 2.12 13.28
C THR H 33 21.31 1.21 12.82
N GLU H 34 21.20 0.06 13.46
CA GLU H 34 20.33 -1.01 12.99
C GLU H 34 18.86 -0.72 13.32
N LYS H 35 17.98 -1.24 12.46
CA LYS H 35 16.54 -1.37 12.68
C LYS H 35 15.83 -0.03 12.85
N HIS H 36 16.45 1.06 12.40
CA HIS H 36 15.83 2.39 12.24
C HIS H 36 15.30 2.93 13.58
N ASN H 37 16.23 3.16 14.51
CA ASN H 37 15.89 3.86 15.74
C ASN H 37 15.71 5.36 15.53
N VAL H 38 16.02 5.86 14.34
CA VAL H 38 15.45 7.10 13.82
C VAL H 38 14.63 6.72 12.61
N TRP H 39 13.79 7.64 12.16
CA TRP H 39 12.90 7.34 11.05
C TRP H 39 13.65 7.31 9.73
N ALA H 40 13.34 6.29 8.92
CA ALA H 40 13.46 6.29 7.46
C ALA H 40 14.85 6.63 6.94
N THR H 41 15.79 5.72 7.17
CA THR H 41 16.94 5.62 6.29
C THR H 41 16.79 4.48 5.31
N HIS H 42 15.72 3.69 5.46
CA HIS H 42 15.30 2.72 4.45
C HIS H 42 14.38 3.32 3.41
N ALA H 43 13.59 4.33 3.79
CA ALA H 43 12.74 5.08 2.88
C ALA H 43 13.47 6.27 2.27
N CYS H 44 14.80 6.21 2.21
CA CYS H 44 15.62 7.33 1.78
C CYS H 44 16.94 6.76 1.30
N VAL H 45 17.41 7.23 0.15
CA VAL H 45 18.56 6.64 -0.51
C VAL H 45 19.83 7.04 0.24
N PRO H 46 20.88 6.22 0.23
CA PRO H 46 22.14 6.65 0.84
C PRO H 46 22.82 7.72 0.01
N THR H 47 23.38 8.71 0.70
CA THR H 47 24.02 9.84 0.04
C THR H 47 25.37 9.42 -0.51
N ASP H 48 25.57 9.66 -1.80
CA ASP H 48 26.91 9.57 -2.36
C ASP H 48 27.79 10.65 -1.75
N PRO H 49 28.93 10.30 -1.17
CA PRO H 49 29.73 11.30 -0.45
C PRO H 49 30.39 12.27 -1.42
N ASN H 50 30.60 13.50 -0.91
CA ASN H 50 31.14 14.71 -1.55
C ASN H 50 30.72 14.87 -3.01
N PRO H 51 29.44 15.15 -3.28
CA PRO H 51 28.98 15.26 -4.68
C PRO H 51 29.44 16.53 -5.37
N GLN H 52 28.99 16.74 -6.61
CA GLN H 52 29.57 17.76 -7.47
C GLN H 52 28.94 19.12 -7.18
N GLU H 53 29.68 20.00 -6.53
CA GLU H 53 29.28 21.39 -6.36
C GLU H 53 29.96 22.26 -7.39
N ILE H 54 29.69 21.99 -8.66
CA ILE H 54 30.39 22.67 -9.75
C ILE H 54 29.90 24.10 -9.87
N HIS H 55 30.82 25.04 -9.87
CA HIS H 55 30.51 26.45 -9.88
C HIS H 55 29.97 26.87 -11.25
N LEU H 56 29.26 27.98 -11.25
CA LEU H 56 28.76 28.64 -12.44
C LEU H 56 29.18 30.09 -12.37
N GLU H 57 29.62 30.64 -13.50
CA GLU H 57 30.13 31.99 -13.53
C GLU H 57 29.41 32.79 -14.61
N ASN H 58 29.36 34.10 -14.38
CA ASN H 58 28.68 35.09 -15.22
C ASN H 58 27.24 34.69 -15.50
N VAL H 59 26.50 34.44 -14.42
CA VAL H 59 25.14 33.91 -14.53
C VAL H 59 24.28 34.57 -13.46
N THR H 60 23.16 35.16 -13.89
CA THR H 60 22.29 35.91 -13.00
C THR H 60 20.90 35.27 -13.02
N GLU H 61 20.51 34.65 -11.91
CA GLU H 61 19.19 34.08 -11.76
C GLU H 61 18.44 34.78 -10.64
N GLU H 62 17.14 34.93 -10.82
CA GLU H 62 16.31 35.56 -9.81
C GLU H 62 15.73 34.50 -8.88
N PHE H 63 16.06 34.62 -7.60
CA PHE H 63 15.59 33.71 -6.57
C PHE H 63 14.44 34.34 -5.81
N ASN H 64 13.58 33.49 -5.26
CA ASN H 64 12.44 33.96 -4.48
C ASN H 64 12.11 32.85 -3.47
N MET H 65 12.56 33.02 -2.24
CA MET H 65 12.32 32.02 -1.22
C MET H 65 10.87 32.01 -0.74
N TRP H 66 10.11 33.08 -0.98
CA TRP H 66 8.77 33.15 -0.42
C TRP H 66 7.76 32.43 -1.28
N LYS H 67 7.84 32.59 -2.61
CA LYS H 67 7.04 31.77 -3.52
C LYS H 67 7.78 30.52 -3.96
N ASN H 68 8.75 30.07 -3.16
CA ASN H 68 9.58 28.95 -3.52
C ASN H 68 8.81 27.65 -3.40
N ASN H 69 9.16 26.68 -4.25
CA ASN H 69 8.69 25.33 -4.07
C ASN H 69 9.67 24.60 -3.16
N MET H 70 9.43 23.30 -2.98
CA MET H 70 10.26 22.31 -2.28
C MET H 70 10.30 22.53 -0.77
N VAL H 71 9.84 23.67 -0.29
CA VAL H 71 9.59 23.84 1.13
C VAL H 71 8.20 23.30 1.44
N GLU H 72 7.25 23.51 0.53
CA GLU H 72 5.97 22.83 0.60
C GLU H 72 6.14 21.33 0.49
N GLN H 73 7.03 20.89 -0.40
CA GLN H 73 7.29 19.46 -0.52
C GLN H 73 8.02 18.92 0.70
N MET H 74 8.87 19.73 1.33
CA MET H 74 9.53 19.26 2.55
C MET H 74 8.54 19.16 3.70
N HIS H 75 7.59 20.10 3.78
CA HIS H 75 6.54 20.04 4.79
C HIS H 75 5.65 18.82 4.58
N THR H 76 5.28 18.56 3.34
CA THR H 76 4.45 17.41 3.02
C THR H 76 5.19 16.09 3.29
N ASP H 77 6.49 16.05 2.99
CA ASP H 77 7.27 14.85 3.21
C ASP H 77 7.46 14.57 4.69
N ILE H 78 7.69 15.62 5.50
CA ILE H 78 7.87 15.40 6.92
C ILE H 78 6.55 15.03 7.58
N ILE H 79 5.44 15.60 7.11
CA ILE H 79 4.12 15.24 7.65
C ILE H 79 3.80 13.78 7.33
N SER H 80 4.03 13.37 6.07
CA SER H 80 3.74 12.00 5.67
C SER H 80 4.69 11.01 6.33
N LEU H 81 5.91 11.43 6.61
CA LEU H 81 6.85 10.55 7.28
C LEU H 81 6.51 10.41 8.76
N TRP H 82 6.08 11.50 9.39
CA TRP H 82 5.65 11.45 10.78
C TRP H 82 4.42 10.57 10.94
N ASP H 83 3.53 10.59 9.95
CA ASP H 83 2.42 9.64 9.95
C ASP H 83 2.89 8.22 9.72
N GLN H 84 3.86 8.03 8.82
CA GLN H 84 4.28 6.67 8.47
C GLN H 84 5.13 6.01 9.54
N SER H 85 5.55 6.73 10.57
CA SER H 85 6.30 6.15 11.67
C SER H 85 5.44 5.98 12.92
N LEU H 86 4.13 5.87 12.75
CA LEU H 86 3.24 5.70 13.89
C LEU H 86 2.31 4.52 13.73
N LYS H 87 1.98 4.19 12.49
CA LYS H 87 1.19 3.01 12.15
C LYS H 87 1.72 1.68 12.70
N PRO H 88 3.03 1.46 12.89
CA PRO H 88 3.42 0.28 13.67
C PRO H 88 3.09 0.38 15.14
N CYS H 89 3.04 1.58 15.70
CA CYS H 89 3.03 1.69 17.14
C CYS H 89 1.61 1.53 17.71
N VAL H 90 1.55 1.43 19.03
CA VAL H 90 0.36 0.96 19.73
C VAL H 90 -0.64 2.11 19.87
N LYS H 91 -1.90 1.85 19.52
CA LYS H 91 -2.96 2.80 19.80
C LYS H 91 -3.36 2.74 21.25
N LEU H 92 -3.69 3.89 21.82
CA LEU H 92 -4.04 4.00 23.23
C LEU H 92 -5.53 4.19 23.41
N THR H 93 -6.32 3.49 22.60
CA THR H 93 -7.76 3.46 22.78
C THR H 93 -8.24 2.96 24.15
N PRO H 94 -7.68 1.89 24.77
CA PRO H 94 -8.24 1.49 26.08
C PRO H 94 -7.83 2.40 27.23
N LEU H 95 -6.96 3.37 27.00
CA LEU H 95 -6.52 4.21 28.11
C LEU H 95 -7.52 5.29 28.46
N CYS H 96 -8.45 5.62 27.58
CA CYS H 96 -9.48 6.62 27.87
C CYS H 96 -10.42 6.04 28.89
N VAL H 97 -10.22 6.41 30.16
CA VAL H 97 -10.88 5.73 31.27
C VAL H 97 -10.94 6.72 32.43
N THR H 98 -11.82 6.45 33.38
CA THR H 98 -11.99 7.35 34.51
C THR H 98 -10.78 7.25 35.44
N LEU H 99 -10.08 8.37 35.62
CA LEU H 99 -8.88 8.40 36.43
C LEU H 99 -9.20 9.02 37.78
N GLN H 100 -8.85 8.32 38.85
CA GLN H 100 -8.89 8.89 40.19
C GLN H 100 -7.54 9.51 40.46
N CYS H 101 -7.48 10.84 40.41
CA CYS H 101 -6.22 11.55 40.53
C CYS H 101 -6.19 12.35 41.81
N THR H 102 -5.04 12.34 42.44
CA THR H 102 -4.74 13.24 43.54
C THR H 102 -3.42 13.94 43.25
N ASN H 103 -3.06 14.87 44.12
CA ASN H 103 -1.79 15.53 44.00
C ASN H 103 -0.67 14.56 44.33
N VAL H 104 0.52 14.85 43.78
CA VAL H 104 1.69 14.04 44.08
C VAL H 104 2.09 14.28 45.53
N THR H 105 2.70 13.26 46.14
CA THR H 105 3.17 13.37 47.51
C THR H 105 4.30 14.39 47.54
N ASN H 106 3.99 15.60 47.98
CA ASN H 106 4.92 16.71 47.96
C ASN H 106 4.43 17.77 48.92
N ASN H 107 5.38 18.48 49.53
CA ASN H 107 5.04 19.59 50.43
C ASN H 107 4.69 20.80 49.57
N ILE H 108 3.47 20.79 49.06
CA ILE H 108 3.02 21.81 48.12
C ILE H 108 2.40 22.97 48.88
N THR H 109 2.77 24.19 48.49
CA THR H 109 2.05 25.36 48.94
C THR H 109 0.70 25.43 48.24
N ASP H 110 -0.23 26.18 48.84
CA ASP H 110 -1.53 26.34 48.23
C ASP H 110 -1.48 27.30 47.04
N ASP H 111 -0.45 28.14 46.94
CA ASP H 111 -0.35 29.05 45.82
C ASP H 111 0.11 28.34 44.56
N MET H 112 1.31 27.76 44.60
CA MET H 112 1.86 27.07 43.43
C MET H 112 1.27 25.66 43.39
N ARG H 113 0.42 25.41 42.40
CA ARG H 113 -0.21 24.12 42.26
C ARG H 113 0.80 23.07 41.81
N GLY H 114 0.53 21.82 42.15
CA GLY H 114 1.39 20.73 41.71
C GLY H 114 1.26 20.52 40.23
N GLU H 115 2.40 20.54 39.53
CA GLU H 115 2.40 20.32 38.09
C GLU H 115 2.12 18.86 37.77
N LEU H 116 2.55 17.95 38.63
CA LEU H 116 2.35 16.53 38.42
C LEU H 116 1.22 16.03 39.30
N LYS H 117 0.24 15.38 38.69
CA LYS H 117 -0.85 14.74 39.39
C LYS H 117 -0.68 13.23 39.29
N ASN H 118 -0.75 12.56 40.44
CA ASN H 118 -0.79 11.11 40.44
C ASN H 118 -2.20 10.63 40.11
N CYS H 119 -2.31 9.58 39.31
CA CYS H 119 -3.61 9.08 38.88
C CYS H 119 -3.62 7.56 38.93
N SER H 120 -4.56 7.00 39.68
CA SER H 120 -4.81 5.57 39.69
C SER H 120 -6.09 5.27 38.93
N PHE H 121 -6.14 4.10 38.30
CA PHE H 121 -7.25 3.77 37.42
C PHE H 121 -7.31 2.27 37.18
N ASN H 122 -8.47 1.82 36.72
CA ASN H 122 -8.62 0.47 36.22
C ASN H 122 -7.92 0.34 34.88
N MET H 123 -7.37 -0.84 34.63
CA MET H 123 -6.77 -1.10 33.33
C MET H 123 -6.95 -2.57 32.99
N THR H 124 -7.28 -2.86 31.75
CA THR H 124 -7.40 -4.24 31.33
C THR H 124 -6.03 -4.89 31.27
N THR H 125 -5.95 -6.13 31.71
CA THR H 125 -4.70 -6.86 31.60
C THR H 125 -4.66 -7.57 30.25
N GLU H 126 -3.73 -8.50 30.12
CA GLU H 126 -3.69 -9.34 28.94
C GLU H 126 -4.91 -10.24 28.87
N LEU H 127 -5.37 -10.71 30.02
CA LEU H 127 -6.55 -11.55 30.09
C LEU H 127 -7.79 -10.66 30.11
N ARG H 128 -8.80 -11.04 29.33
CA ARG H 128 -10.00 -10.22 29.23
C ARG H 128 -10.84 -10.23 30.48
N ASP H 129 -10.79 -11.32 31.26
CA ASP H 129 -11.62 -11.41 32.44
C ASP H 129 -11.08 -10.56 33.58
N LYS H 130 -9.76 -10.44 33.71
CA LYS H 130 -9.15 -9.81 34.86
C LYS H 130 -8.72 -8.39 34.50
N LYS H 131 -9.09 -7.44 35.34
CA LYS H 131 -8.59 -6.08 35.25
C LYS H 131 -7.79 -5.77 36.52
N GLN H 132 -6.87 -4.82 36.38
CA GLN H 132 -5.96 -4.48 37.46
C GLN H 132 -6.12 -3.01 37.81
N LYS H 133 -5.68 -2.67 39.02
CA LYS H 133 -5.63 -1.28 39.44
C LYS H 133 -4.19 -0.82 39.36
N VAL H 134 -3.94 0.26 38.63
CA VAL H 134 -2.57 0.72 38.43
C VAL H 134 -2.55 2.24 38.49
N TYR H 135 -1.39 2.77 38.88
CA TYR H 135 -1.23 4.21 39.05
C TYR H 135 -0.11 4.71 38.15
N SER H 136 -0.09 6.02 37.96
CA SER H 136 0.86 6.68 37.09
C SER H 136 0.95 8.14 37.47
N LEU H 137 1.81 8.87 36.79
CA LEU H 137 1.92 10.30 36.96
C LEU H 137 1.60 10.99 35.63
N PHE H 138 0.97 12.15 35.71
CA PHE H 138 0.67 12.93 34.53
C PHE H 138 0.86 14.40 34.86
N TYR H 139 0.85 15.22 33.83
CA TYR H 139 0.99 16.66 34.03
C TYR H 139 -0.38 17.30 34.09
N ARG H 140 -0.42 18.56 34.53
CA ARG H 140 -1.66 19.31 34.54
C ARG H 140 -2.20 19.53 33.14
N LEU H 141 -1.32 19.62 32.15
CA LEU H 141 -1.70 19.92 30.79
C LEU H 141 -2.17 18.69 30.02
N ASP H 142 -2.43 17.58 30.70
CA ASP H 142 -2.94 16.39 30.02
C ASP H 142 -4.20 15.83 30.65
N VAL H 143 -4.65 16.37 31.77
CA VAL H 143 -5.84 15.84 32.42
C VAL H 143 -6.82 16.98 32.66
N VAL H 144 -8.10 16.66 32.56
CA VAL H 144 -9.15 17.62 32.86
C VAL H 144 -10.11 16.97 33.85
N GLN H 145 -10.86 17.81 34.53
CA GLN H 145 -11.72 17.34 35.61
C GLN H 145 -13.12 17.06 35.07
N ILE H 146 -13.41 15.78 34.84
CA ILE H 146 -14.75 15.40 34.44
C ILE H 146 -15.68 15.52 35.64
N ASN H 147 -16.95 15.80 35.38
CA ASN H 147 -17.89 16.09 36.45
C ASN H 147 -19.32 15.82 36.02
N SER H 157 -16.67 16.21 48.25
CA SER H 157 -16.89 15.16 47.25
C SER H 157 -15.57 14.62 46.72
N ASN H 158 -15.64 13.88 45.63
CA ASN H 158 -14.46 13.27 45.03
C ASN H 158 -13.89 14.15 43.93
N LYS H 159 -12.71 13.77 43.44
CA LYS H 159 -12.02 14.50 42.39
C LYS H 159 -11.49 13.49 41.39
N GLU H 160 -12.15 13.39 40.24
CA GLU H 160 -11.83 12.40 39.23
C GLU H 160 -11.57 13.09 37.91
N TYR H 161 -10.57 12.60 37.18
CA TYR H 161 -10.10 13.25 35.98
C TYR H 161 -10.24 12.32 34.78
N ARG H 162 -9.93 12.86 33.61
CA ARG H 162 -9.75 12.07 32.41
C ARG H 162 -8.65 12.71 31.59
N LEU H 163 -8.24 12.05 30.53
CA LEU H 163 -7.23 12.64 29.67
C LEU H 163 -7.86 13.71 28.80
N ILE H 164 -7.00 14.57 28.25
CA ILE H 164 -7.50 15.73 27.52
C ILE H 164 -7.98 15.33 26.13
N ASN H 165 -7.38 14.32 25.53
CA ASN H 165 -7.70 13.97 24.16
C ASN H 165 -8.87 13.02 24.04
N CYS H 166 -9.41 12.54 25.15
CA CYS H 166 -10.35 11.42 25.11
C CYS H 166 -11.75 11.80 24.67
N ASN H 167 -11.98 13.04 24.22
CA ASN H 167 -13.23 13.35 23.56
C ASN H 167 -13.02 14.10 22.25
N THR H 168 -11.85 13.92 21.63
CA THR H 168 -11.68 14.44 20.28
C THR H 168 -11.05 13.43 19.35
N SER H 169 -10.22 12.53 19.88
CA SER H 169 -9.45 11.62 19.05
C SER H 169 -8.84 10.52 19.90
N ALA H 170 -8.53 9.41 19.27
CA ALA H 170 -7.67 8.43 19.92
C ALA H 170 -6.22 8.91 19.84
N CYS H 171 -5.38 8.30 20.67
CA CYS H 171 -3.98 8.70 20.75
C CYS H 171 -3.10 7.50 20.45
N THR H 172 -1.99 7.75 19.79
CA THR H 172 -1.03 6.71 19.46
C THR H 172 0.23 6.96 20.27
N GLN H 173 0.59 5.99 21.10
CA GLN H 173 1.83 6.08 21.86
C GLN H 173 2.99 5.88 20.90
N ALA H 174 4.00 6.73 21.01
CA ALA H 174 5.17 6.59 20.17
C ALA H 174 5.98 5.37 20.57
N CYS H 175 6.57 4.71 19.59
CA CYS H 175 7.43 3.59 19.89
C CYS H 175 8.73 4.10 20.51
N PRO H 176 9.20 3.52 21.60
CA PRO H 176 10.49 3.93 22.16
C PRO H 176 11.70 3.55 21.30
N LYS H 177 11.51 2.71 20.29
CA LYS H 177 12.58 2.46 19.31
C LYS H 177 12.90 3.72 18.53
N VAL H 178 11.93 4.21 17.77
CA VAL H 178 12.17 5.33 16.87
C VAL H 178 12.30 6.61 17.67
N SER H 179 13.42 7.31 17.47
CA SER H 179 13.70 8.56 18.14
C SER H 179 13.46 9.72 17.19
N PHE H 180 13.11 10.86 17.76
CA PHE H 180 12.76 12.04 16.98
C PHE H 180 13.91 12.98 16.76
N GLU H 181 15.13 12.58 17.12
CA GLU H 181 16.27 13.44 16.90
C GLU H 181 16.56 13.55 15.41
N PRO H 182 16.90 14.74 14.92
CA PRO H 182 17.03 14.92 13.47
C PRO H 182 18.33 14.35 12.93
N ILE H 183 18.22 13.51 11.91
CA ILE H 183 19.38 13.16 11.10
C ILE H 183 19.33 14.09 9.90
N PRO H 184 20.45 14.51 9.34
CA PRO H 184 20.42 15.48 8.25
C PRO H 184 19.87 14.88 6.97
N ILE H 185 18.94 15.59 6.35
CA ILE H 185 18.36 15.21 5.07
C ILE H 185 19.03 16.03 3.98
N HIS H 186 19.60 15.36 2.99
CA HIS H 186 20.02 16.00 1.77
C HIS H 186 18.93 15.82 0.72
N TYR H 187 18.52 16.92 0.11
CA TYR H 187 17.60 16.85 -1.01
C TYR H 187 18.41 16.84 -2.30
N CYS H 188 17.97 16.02 -3.25
CA CYS H 188 18.64 15.90 -4.52
C CYS H 188 17.62 15.97 -5.64
N ALA H 189 18.05 16.49 -6.76
CA ALA H 189 17.20 16.52 -7.94
C ALA H 189 17.28 15.19 -8.67
N PRO H 190 16.23 14.80 -9.39
CA PRO H 190 16.34 13.62 -10.25
C PRO H 190 16.99 13.97 -11.58
N ALA H 191 16.98 13.04 -12.53
CA ALA H 191 17.58 13.30 -13.82
C ALA H 191 16.74 14.32 -14.59
N GLY H 192 17.43 15.21 -15.30
CA GLY H 192 16.75 16.26 -16.03
C GLY H 192 16.41 17.48 -15.21
N PHE H 193 16.90 17.58 -13.98
CA PHE H 193 16.69 18.75 -13.14
C PHE H 193 17.98 19.01 -12.38
N ALA H 194 18.20 20.28 -12.05
CA ALA H 194 19.40 20.65 -11.31
C ALA H 194 19.06 21.69 -10.28
N ILE H 195 19.80 21.69 -9.17
CA ILE H 195 19.49 22.58 -8.06
C ILE H 195 20.48 23.72 -8.08
N LEU H 196 20.00 24.93 -8.33
CA LEU H 196 20.85 26.10 -8.32
C LEU H 196 20.90 26.67 -6.91
N LYS H 197 22.11 26.77 -6.36
CA LYS H 197 22.33 27.32 -5.03
C LYS H 197 22.90 28.72 -5.19
N CYS H 198 22.18 29.71 -4.69
CA CYS H 198 22.69 31.08 -4.65
C CYS H 198 23.74 31.18 -3.56
N LYS H 199 25.00 31.31 -3.97
CA LYS H 199 26.11 31.36 -3.03
C LYS H 199 26.49 32.79 -2.65
N ASP H 200 25.59 33.74 -2.85
CA ASP H 200 25.88 35.12 -2.50
C ASP H 200 25.95 35.28 -0.99
N LYS H 201 26.94 36.04 -0.53
CA LYS H 201 27.08 36.34 0.89
C LYS H 201 25.92 37.19 1.39
N LYS H 202 25.76 38.37 0.81
CA LYS H 202 24.67 39.27 1.19
C LYS H 202 23.52 39.05 0.22
N PHE H 203 22.43 38.47 0.71
CA PHE H 203 21.32 38.11 -0.15
C PHE H 203 20.05 38.03 0.69
N ASN H 204 19.09 38.91 0.41
CA ASN H 204 17.88 39.02 1.21
C ASN H 204 16.73 38.16 0.70
N GLY H 205 17.03 37.06 0.00
CA GLY H 205 16.04 36.06 -0.29
C GLY H 205 15.28 36.28 -1.60
N THR H 206 15.25 37.51 -2.10
CA THR H 206 14.45 37.82 -3.27
C THR H 206 15.27 38.69 -4.22
N GLY H 207 15.26 38.33 -5.49
CA GLY H 207 15.88 39.15 -6.50
C GLY H 207 17.01 38.44 -7.22
N PRO H 208 17.81 39.18 -7.99
CA PRO H 208 18.91 38.56 -8.74
C PRO H 208 20.07 38.21 -7.83
N CYS H 209 20.52 36.96 -7.92
CA CYS H 209 21.70 36.52 -7.21
C CYS H 209 22.86 36.46 -8.19
N PRO H 210 23.87 37.32 -8.05
CA PRO H 210 24.90 37.43 -9.08
C PRO H 210 25.91 36.29 -9.09
N SER H 211 25.98 35.49 -8.03
CA SER H 211 26.97 34.41 -7.93
C SER H 211 26.27 33.14 -7.50
N VAL H 212 25.82 32.36 -8.48
CA VAL H 212 25.13 31.10 -8.21
C VAL H 212 26.06 29.95 -8.56
N SER H 213 25.65 28.74 -8.19
CA SER H 213 26.38 27.54 -8.57
C SER H 213 25.41 26.38 -8.63
N THR H 214 25.52 25.56 -9.68
CA THR H 214 24.64 24.41 -9.75
C THR H 214 25.13 23.31 -8.82
N VAL H 215 24.23 22.38 -8.53
CA VAL H 215 24.53 21.25 -7.66
C VAL H 215 23.53 20.16 -7.96
N GLN H 216 23.87 18.94 -7.57
CA GLN H 216 22.97 17.79 -7.66
C GLN H 216 22.27 17.53 -6.34
N CYS H 217 22.93 17.77 -5.21
CA CYS H 217 22.34 17.49 -3.91
C CYS H 217 22.56 18.67 -2.98
N THR H 218 21.58 18.95 -2.13
CA THR H 218 21.68 20.04 -1.18
C THR H 218 22.53 19.64 0.02
N HIS H 219 22.75 20.61 0.91
CA HIS H 219 23.51 20.36 2.12
C HIS H 219 22.66 19.59 3.14
N GLY H 220 23.26 19.31 4.28
CA GLY H 220 22.56 18.63 5.35
C GLY H 220 21.52 19.51 6.01
N ILE H 221 20.25 19.19 5.78
CA ILE H 221 19.16 19.96 6.38
C ILE H 221 18.51 19.11 7.45
N LYS H 222 18.93 19.30 8.69
CA LYS H 222 18.34 18.50 9.76
C LYS H 222 16.96 19.06 10.11
N PRO H 223 15.93 18.24 10.10
CA PRO H 223 14.60 18.77 10.42
C PRO H 223 14.39 18.96 11.91
N VAL H 224 14.48 20.19 12.35
CA VAL H 224 14.18 20.50 13.73
C VAL H 224 12.74 20.99 13.81
N VAL H 225 12.13 20.84 14.97
CA VAL H 225 10.78 21.30 15.20
C VAL H 225 10.87 22.36 16.29
N SER H 226 10.66 23.61 15.90
CA SER H 226 10.71 24.70 16.86
C SER H 226 9.83 25.83 16.36
N THR H 227 9.25 26.57 17.30
CA THR H 227 8.30 27.60 16.97
C THR H 227 8.94 28.99 16.97
N GLN H 228 9.44 29.42 18.11
CA GLN H 228 10.34 30.55 18.17
C GLN H 228 11.74 30.02 18.41
N LEU H 229 12.74 30.84 18.04
CA LEU H 229 14.16 30.55 18.26
C LEU H 229 14.56 29.25 17.57
N LEU H 230 14.56 29.29 16.23
CA LEU H 230 14.88 28.11 15.45
C LEU H 230 16.31 27.66 15.72
N LEU H 231 16.49 26.34 15.83
CA LEU H 231 17.69 25.76 16.42
C LEU H 231 18.51 25.04 15.37
N ASN H 232 19.84 25.13 15.52
CA ASN H 232 20.85 24.36 14.80
C ASN H 232 20.81 24.59 13.30
N GLY H 233 20.30 25.72 12.86
CA GLY H 233 20.22 26.02 11.44
C GLY H 233 21.57 26.45 10.89
N SER H 234 21.57 26.75 9.60
CA SER H 234 22.76 27.27 8.96
C SER H 234 22.87 28.75 9.26
N LEU H 235 23.94 29.14 9.94
CA LEU H 235 24.15 30.53 10.29
C LEU H 235 24.81 31.26 9.13
N ALA H 236 24.69 32.58 9.15
CA ALA H 236 25.18 33.41 8.06
C ALA H 236 26.70 33.48 8.07
N GLU H 237 27.26 34.09 7.02
CA GLU H 237 28.71 34.11 6.87
C GLU H 237 29.34 35.15 7.79
N GLU H 238 29.02 36.43 7.57
CA GLU H 238 29.59 37.49 8.40
C GLU H 238 28.54 38.30 9.14
N GLU H 239 27.54 38.81 8.43
CA GLU H 239 26.58 39.73 9.04
C GLU H 239 25.48 38.96 9.75
N VAL H 240 24.43 39.68 10.12
CA VAL H 240 23.20 39.11 10.63
C VAL H 240 22.11 39.52 9.66
N MET H 241 21.50 38.56 8.98
CA MET H 241 20.60 38.88 7.90
C MET H 241 19.16 38.67 8.34
N ILE H 242 18.37 39.71 8.17
CA ILE H 242 16.92 39.59 8.31
C ILE H 242 16.35 39.34 6.94
N ARG H 243 15.23 38.63 6.89
CA ARG H 243 14.58 38.31 5.64
C ARG H 243 13.08 38.44 5.84
N SER H 244 12.42 39.12 4.91
CA SER H 244 10.97 39.17 4.93
C SER H 244 10.47 39.16 3.49
N GLU H 245 9.24 38.69 3.31
CA GLU H 245 8.60 38.85 2.02
C GLU H 245 8.27 40.32 1.77
N ASN H 246 7.92 41.05 2.83
CA ASN H 246 7.74 42.50 2.75
C ASN H 246 7.90 43.06 4.15
N ILE H 247 8.91 43.90 4.35
CA ILE H 247 9.18 44.43 5.68
C ILE H 247 8.12 45.45 6.07
N THR H 248 7.61 46.20 5.12
CA THR H 248 6.53 47.13 5.42
C THR H 248 5.24 46.42 5.77
N ASN H 249 5.03 45.23 5.20
CA ASN H 249 3.94 44.39 5.65
C ASN H 249 4.27 43.81 7.01
N ASN H 250 3.24 43.64 7.84
CA ASN H 250 3.40 43.05 9.15
C ASN H 250 2.75 41.69 9.29
N ALA H 251 1.90 41.30 8.35
CA ALA H 251 1.29 39.98 8.43
C ALA H 251 2.30 38.88 8.10
N LYS H 252 3.31 39.19 7.30
CA LYS H 252 4.36 38.23 7.04
C LYS H 252 5.36 38.25 8.18
N ASN H 253 5.94 37.09 8.47
CA ASN H 253 6.92 36.99 9.53
C ASN H 253 8.25 37.58 9.08
N ILE H 254 9.17 37.71 10.03
CA ILE H 254 10.52 38.17 9.75
C ILE H 254 11.48 37.10 10.24
N LEU H 255 12.21 36.49 9.31
CA LEU H 255 13.16 35.44 9.65
C LEU H 255 14.51 36.08 9.90
N VAL H 256 14.96 36.06 11.14
CA VAL H 256 16.23 36.64 11.51
C VAL H 256 17.23 35.51 11.64
N GLN H 257 18.30 35.56 10.87
CA GLN H 257 19.36 34.57 10.94
C GLN H 257 20.64 35.29 11.36
N PHE H 258 21.19 34.91 12.51
CA PHE H 258 22.34 35.63 13.01
C PHE H 258 23.61 34.78 12.94
N ASN H 259 24.73 35.47 13.13
CA ASN H 259 26.03 34.93 12.76
C ASN H 259 26.58 33.99 13.83
N THR H 260 26.83 34.49 15.02
CA THR H 260 27.36 33.66 16.09
C THR H 260 26.23 32.87 16.72
N PRO H 261 26.30 31.55 16.75
CA PRO H 261 25.22 30.77 17.37
C PRO H 261 25.26 30.89 18.88
N VAL H 262 24.08 31.10 19.47
CA VAL H 262 23.99 31.32 20.91
C VAL H 262 23.78 29.97 21.59
N GLN H 263 24.65 29.64 22.54
CA GLN H 263 24.53 28.36 23.21
C GLN H 263 23.39 28.40 24.22
N ILE H 264 22.48 27.42 24.13
CA ILE H 264 21.37 27.30 25.06
C ILE H 264 21.47 25.94 25.73
N ASN H 265 21.16 25.91 27.02
CA ASN H 265 21.15 24.67 27.80
C ASN H 265 19.74 24.44 28.30
N CYS H 266 19.21 23.26 28.09
CA CYS H 266 17.86 22.99 28.56
C CYS H 266 17.85 21.67 29.30
N THR H 267 17.10 21.61 30.40
CA THR H 267 17.08 20.39 31.17
C THR H 267 15.75 20.23 31.88
N ARG H 268 15.32 18.98 32.00
CA ARG H 268 14.41 18.56 33.04
C ARG H 268 15.22 17.88 34.12
N PRO H 269 15.26 18.42 35.33
CA PRO H 269 15.99 17.79 36.42
C PRO H 269 15.17 16.79 37.21
N ASN H 270 13.88 16.68 36.95
CA ASN H 270 13.08 15.67 37.61
C ASN H 270 13.44 14.30 37.08
N ASN H 271 14.04 13.48 37.92
CA ASN H 271 14.40 12.13 37.52
C ASN H 271 13.15 11.26 37.47
N ASN H 272 13.04 10.50 36.39
CA ASN H 272 11.84 9.71 36.14
C ASN H 272 12.17 8.24 36.03
N THR H 273 11.20 7.41 36.41
CA THR H 273 11.27 5.97 36.26
C THR H 273 10.11 5.52 35.40
N ARG H 274 10.41 4.92 34.26
CA ARG H 274 9.31 4.44 33.44
C ARG H 274 8.79 3.11 34.00
N LYS H 275 7.56 2.79 33.62
CA LYS H 275 6.90 1.61 34.16
C LYS H 275 6.05 1.00 33.06
N SER H 276 6.28 -0.27 32.77
CA SER H 276 5.56 -0.97 31.72
C SER H 276 4.26 -1.53 32.29
N ILE H 277 3.15 -1.11 31.71
CA ILE H 277 1.82 -1.62 32.05
C ILE H 277 1.31 -2.36 30.83
N ARG H 278 0.86 -3.59 31.03
CA ARG H 278 0.39 -4.40 29.90
C ARG H 278 -1.07 -4.10 29.62
N ILE H 279 -1.32 -3.42 28.50
CA ILE H 279 -2.68 -3.13 28.09
C ILE H 279 -3.40 -4.41 27.66
N GLY H 280 -2.71 -5.24 26.88
CA GLY H 280 -3.27 -6.48 26.43
C GLY H 280 -2.20 -7.45 26.01
N PRO H 281 -2.51 -8.32 25.06
CA PRO H 281 -1.50 -9.23 24.54
C PRO H 281 -0.48 -8.50 23.67
N GLY H 282 0.75 -8.37 24.17
CA GLY H 282 1.78 -7.68 23.43
C GLY H 282 1.57 -6.19 23.29
N GLN H 283 0.80 -5.59 24.18
CA GLN H 283 0.54 -4.15 24.17
C GLN H 283 1.20 -3.56 25.42
N ALA H 284 2.26 -2.80 25.22
CA ALA H 284 2.99 -2.19 26.32
C ALA H 284 2.70 -0.70 26.37
N PHE H 285 2.38 -0.21 27.56
CA PHE H 285 2.19 1.21 27.80
C PHE H 285 3.21 1.66 28.82
N TYR H 286 3.79 2.84 28.60
CA TYR H 286 4.91 3.31 29.40
C TYR H 286 4.45 4.48 30.24
N ALA H 287 4.16 4.22 31.50
CA ALA H 287 3.73 5.26 32.41
C ALA H 287 4.90 5.76 33.23
N THR H 288 4.68 6.82 34.00
CA THR H 288 5.70 7.39 34.86
C THR H 288 5.54 6.80 36.25
N GLY H 289 6.65 6.34 36.82
CA GLY H 289 6.62 5.71 38.12
C GLY H 289 6.92 6.69 39.24
N ASP H 290 8.10 6.58 39.82
CA ASP H 290 8.50 7.41 40.94
C ASP H 290 9.32 8.60 40.45
N ILE H 291 9.23 9.70 41.19
CA ILE H 291 10.13 10.83 41.05
C ILE H 291 11.27 10.58 42.04
N ILE H 292 12.36 10.00 41.57
CA ILE H 292 13.51 9.76 42.44
C ILE H 292 14.23 11.09 42.66
N GLY H 293 14.07 11.65 43.84
CA GLY H 293 14.76 12.86 44.20
C GLY H 293 13.82 14.04 44.39
N ASP H 294 14.37 15.23 44.18
CA ASP H 294 13.61 16.45 44.37
C ASP H 294 12.65 16.68 43.22
N ILE H 295 11.58 17.41 43.49
CA ILE H 295 10.60 17.79 42.50
C ILE H 295 10.95 19.22 42.09
N ARG H 296 11.56 19.37 40.92
CA ARG H 296 12.00 20.67 40.44
C ARG H 296 11.28 21.00 39.14
N GLN H 297 11.66 22.13 38.55
CA GLN H 297 10.98 22.64 37.36
C GLN H 297 11.97 22.66 36.21
N ALA H 298 11.52 22.18 35.05
CA ALA H 298 12.40 22.13 33.88
C ALA H 298 12.63 23.52 33.35
N HIS H 299 13.87 23.78 32.91
CA HIS H 299 14.25 25.14 32.60
C HIS H 299 15.33 25.17 31.54
N CYS H 300 15.49 26.34 30.93
CA CYS H 300 16.55 26.59 29.97
C CYS H 300 17.37 27.80 30.40
N ASN H 301 18.62 27.82 29.96
CA ASN H 301 19.58 28.87 30.25
C ASN H 301 20.20 29.37 28.97
N VAL H 302 20.47 30.66 28.95
CA VAL H 302 21.26 31.30 27.89
C VAL H 302 22.19 32.29 28.55
N SER H 303 23.34 32.52 27.92
CA SER H 303 24.29 33.49 28.44
C SER H 303 23.75 34.90 28.28
N LYS H 304 23.82 35.68 29.35
CA LYS H 304 23.25 37.02 29.37
C LYS H 304 23.99 37.95 28.42
N ALA H 305 25.32 37.90 28.44
CA ALA H 305 26.11 38.84 27.65
C ALA H 305 26.01 38.54 26.16
N THR H 306 26.05 37.26 25.78
CA THR H 306 25.94 36.90 24.37
C THR H 306 24.55 37.20 23.84
N TRP H 307 23.52 37.03 24.66
CA TRP H 307 22.17 37.34 24.20
C TRP H 307 21.98 38.84 24.04
N ASN H 308 22.54 39.63 24.97
CA ASN H 308 22.47 41.08 24.83
C ASN H 308 23.26 41.55 23.61
N GLU H 309 24.40 40.90 23.33
CA GLU H 309 25.20 41.25 22.17
C GLU H 309 24.48 40.92 20.87
N THR H 310 23.85 39.76 20.79
CA THR H 310 23.14 39.38 19.58
C THR H 310 21.87 40.21 19.39
N LEU H 311 21.24 40.63 20.49
CA LEU H 311 20.13 41.57 20.36
C LEU H 311 20.63 42.93 19.89
N GLY H 312 21.83 43.34 20.30
CA GLY H 312 22.41 44.55 19.75
C GLY H 312 22.70 44.42 18.27
N LYS H 313 23.15 43.23 17.84
CA LYS H 313 23.40 42.99 16.43
C LYS H 313 22.13 43.04 15.60
N VAL H 314 21.05 42.44 16.10
CA VAL H 314 19.82 42.48 15.31
C VAL H 314 19.15 43.85 15.39
N VAL H 315 19.43 44.63 16.44
CA VAL H 315 18.95 46.01 16.47
C VAL H 315 19.69 46.85 15.44
N LYS H 316 21.01 46.68 15.37
CA LYS H 316 21.83 47.36 14.39
C LYS H 316 21.44 47.01 12.97
N GLN H 317 21.01 45.77 12.74
CA GLN H 317 20.58 45.37 11.41
C GLN H 317 19.15 45.81 11.12
N LEU H 318 18.27 45.80 12.12
CA LEU H 318 16.89 46.19 11.89
C LEU H 318 16.72 47.69 11.73
N ARG H 319 17.69 48.48 12.19
CA ARG H 319 17.59 49.92 11.97
C ARG H 319 17.85 50.32 10.53
N LYS H 320 18.33 49.39 9.68
CA LYS H 320 18.51 49.71 8.27
C LYS H 320 17.17 49.91 7.57
N HIS H 321 16.21 49.03 7.84
CA HIS H 321 14.94 49.08 7.15
C HIS H 321 13.94 50.04 7.79
N PHE H 322 14.26 50.61 8.95
CA PHE H 322 13.29 51.44 9.68
C PHE H 322 13.86 52.80 10.06
N GLY H 323 14.92 53.25 9.41
CA GLY H 323 15.52 54.52 9.75
C GLY H 323 16.43 54.44 10.95
N ASN H 324 17.33 55.42 11.04
CA ASN H 324 18.31 55.43 12.12
C ASN H 324 17.66 55.82 13.45
N ASN H 325 17.03 57.00 13.48
CA ASN H 325 16.40 57.47 14.72
C ASN H 325 15.06 56.76 14.89
N THR H 326 15.14 55.52 15.34
CA THR H 326 13.96 54.70 15.61
C THR H 326 14.20 53.90 16.87
N ILE H 327 13.25 53.95 17.79
CA ILE H 327 13.32 53.14 18.99
C ILE H 327 12.83 51.74 18.66
N ILE H 328 13.60 50.72 19.03
CA ILE H 328 13.21 49.34 18.75
C ILE H 328 13.09 48.62 20.08
N ARG H 329 11.91 48.10 20.37
CA ARG H 329 11.71 47.36 21.61
C ARG H 329 11.10 46.02 21.30
N PHE H 330 11.29 45.09 22.23
CA PHE H 330 10.77 43.74 22.10
C PHE H 330 9.69 43.52 23.15
N ALA H 331 8.82 42.57 22.87
CA ALA H 331 7.82 42.15 23.82
C ALA H 331 7.69 40.64 23.73
N ASN H 332 6.97 40.05 24.68
CA ASN H 332 6.71 38.63 24.58
C ASN H 332 5.50 38.40 23.69
N SER H 333 5.10 37.14 23.55
CA SER H 333 4.02 36.80 22.62
C SER H 333 2.67 37.26 23.15
N SER H 334 1.82 37.71 22.24
CA SER H 334 0.57 38.33 22.63
C SER H 334 -0.49 37.34 23.07
N GLY H 335 -0.34 36.07 22.73
CA GLY H 335 -1.27 35.08 23.22
C GLY H 335 -1.57 34.05 22.16
N GLY H 336 -2.65 33.30 22.39
CA GLY H 336 -3.07 32.26 21.48
C GLY H 336 -3.05 30.90 22.15
N ASP H 337 -2.76 29.88 21.33
CA ASP H 337 -2.53 28.55 21.87
C ASP H 337 -1.20 28.51 22.62
N LEU H 338 -0.95 27.39 23.28
CA LEU H 338 0.27 27.25 24.09
C LEU H 338 1.51 27.33 23.23
N GLU H 339 1.61 26.45 22.24
CA GLU H 339 2.85 26.24 21.50
C GLU H 339 3.11 27.30 20.44
N VAL H 340 2.46 28.46 20.52
CA VAL H 340 2.94 29.65 19.84
C VAL H 340 3.25 30.78 20.80
N THR H 341 2.78 30.71 22.05
CA THR H 341 3.20 31.67 23.06
C THR H 341 4.63 31.42 23.49
N THR H 342 4.92 30.19 23.91
CA THR H 342 6.26 29.82 24.33
C THR H 342 7.11 29.52 23.10
N HIS H 343 8.29 28.97 23.31
CA HIS H 343 9.03 28.34 22.25
C HIS H 343 9.14 26.86 22.58
N SER H 344 8.84 26.02 21.63
CA SER H 344 8.68 24.59 21.87
C SER H 344 9.72 23.82 21.08
N PHE H 345 10.17 22.70 21.62
CA PHE H 345 11.11 21.84 20.90
C PHE H 345 11.04 20.44 21.47
N ASN H 346 11.90 19.56 20.97
CA ASN H 346 11.91 18.16 21.35
C ASN H 346 13.33 17.77 21.74
N CYS H 347 13.61 17.81 23.03
CA CYS H 347 14.94 17.52 23.54
C CYS H 347 14.96 16.10 24.07
N GLY H 348 15.87 15.29 23.54
CA GLY H 348 16.07 13.93 23.99
C GLY H 348 14.87 13.01 23.80
N GLY H 349 13.94 13.36 22.93
CA GLY H 349 12.72 12.60 22.83
C GLY H 349 11.66 12.98 23.84
N GLU H 350 11.72 14.18 24.40
CA GLU H 350 10.64 14.69 25.22
C GLU H 350 10.47 16.17 24.95
N PHE H 351 9.23 16.63 24.98
CA PHE H 351 8.88 17.94 24.45
C PHE H 351 8.95 19.00 25.53
N PHE H 352 9.52 20.15 25.17
CA PHE H 352 9.63 21.30 26.03
C PHE H 352 8.79 22.43 25.45
N TYR H 353 8.16 23.17 26.35
CA TYR H 353 7.40 24.38 26.02
C TYR H 353 7.92 25.44 26.99
N CYS H 354 8.85 26.27 26.56
CA CYS H 354 9.62 27.08 27.47
C CYS H 354 9.34 28.56 27.24
N ASN H 355 9.12 29.27 28.33
CA ASN H 355 8.72 30.66 28.35
C ASN H 355 9.85 31.53 27.82
N THR H 356 9.48 32.61 27.13
CA THR H 356 10.48 33.46 26.51
C THR H 356 10.35 34.92 26.94
N SER H 357 9.67 35.18 28.04
CA SER H 357 9.57 36.56 28.51
C SER H 357 10.88 37.10 29.03
N GLY H 358 11.79 36.24 29.46
CA GLY H 358 13.10 36.69 29.87
C GLY H 358 14.01 37.10 28.74
N LEU H 359 13.67 36.73 27.51
CA LEU H 359 14.52 37.01 26.35
C LEU H 359 14.09 38.23 25.57
N PHE H 360 12.91 38.78 25.82
CA PHE H 360 12.40 39.81 24.93
C PHE H 360 11.80 40.98 25.69
N ASN H 361 12.38 41.35 26.83
CA ASN H 361 11.99 42.58 27.51
C ASN H 361 13.16 43.54 27.41
N SER H 362 13.18 44.32 26.33
CA SER H 362 14.25 45.27 26.11
C SER H 362 13.73 46.39 25.24
N THR H 363 14.32 47.57 25.41
CA THR H 363 14.09 48.69 24.51
C THR H 363 15.45 49.25 24.09
N TRP H 364 15.49 49.86 22.92
CA TRP H 364 16.74 50.24 22.29
C TRP H 364 16.59 51.62 21.68
N ILE H 365 17.42 52.54 22.15
CA ILE H 365 17.41 53.95 21.77
C ILE H 365 18.45 54.14 20.67
N SER H 366 18.24 55.16 19.84
CA SER H 366 19.01 55.34 18.60
C SER H 366 20.46 55.75 18.82
N ASN H 367 20.93 55.94 20.05
CA ASN H 367 22.32 56.33 20.28
C ASN H 367 23.25 55.12 20.23
N ASN H 379 28.66 37.39 33.46
CA ASN H 379 28.88 35.99 33.84
C ASN H 379 27.58 35.32 34.23
N ASP H 380 26.49 36.07 34.20
CA ASP H 380 25.19 35.55 34.59
C ASP H 380 24.57 34.74 33.47
N SER H 381 23.33 34.33 33.65
CA SER H 381 22.62 33.53 32.65
C SER H 381 21.13 33.70 32.86
N ILE H 382 20.42 33.99 31.77
CA ILE H 382 18.97 34.05 31.82
C ILE H 382 18.42 32.64 31.88
N THR H 383 17.72 32.33 32.96
CA THR H 383 16.93 31.12 33.04
C THR H 383 15.49 31.41 32.67
N LEU H 384 14.82 30.41 32.10
CA LEU H 384 13.45 30.54 31.75
C LEU H 384 12.78 29.21 32.04
N PRO H 385 11.66 29.22 32.74
CA PRO H 385 11.00 27.96 33.09
C PRO H 385 10.23 27.39 31.91
N CYS H 386 10.20 26.07 31.84
CA CYS H 386 9.46 25.38 30.80
C CYS H 386 8.30 24.59 31.42
N ARG H 387 7.46 24.06 30.53
CA ARG H 387 6.45 23.09 30.90
C ARG H 387 6.58 21.91 29.95
N ILE H 388 6.19 20.73 30.42
CA ILE H 388 6.37 19.50 29.66
C ILE H 388 5.03 18.85 29.48
N LYS H 389 4.50 18.89 28.26
CA LYS H 389 3.33 18.10 27.91
C LYS H 389 3.77 16.70 27.54
N GLN H 390 3.00 15.71 27.97
CA GLN H 390 3.30 14.36 27.54
C GLN H 390 2.61 14.01 26.23
N ILE H 391 1.37 14.43 26.05
CA ILE H 391 0.73 14.28 24.76
C ILE H 391 1.06 15.51 23.93
N ILE H 392 1.08 15.34 22.62
CA ILE H 392 1.24 16.46 21.70
C ILE H 392 0.23 16.31 20.58
N ASN H 393 -0.15 17.44 20.01
CA ASN H 393 -0.90 17.47 18.76
C ASN H 393 -0.21 18.51 17.91
N MET H 394 0.84 18.11 17.21
CA MET H 394 1.53 19.04 16.34
C MET H 394 0.98 18.91 14.93
N TRP H 395 1.13 20.02 14.19
CA TRP H 395 0.51 20.39 12.91
C TRP H 395 -0.99 20.62 13.01
N GLN H 396 -1.61 20.42 14.18
CA GLN H 396 -3.00 20.71 14.48
C GLN H 396 -3.95 20.01 13.50
N ARG H 397 -3.92 18.69 13.55
CA ARG H 397 -4.80 17.88 12.70
C ARG H 397 -6.19 17.83 13.34
N ILE H 398 -7.05 16.98 12.79
CA ILE H 398 -8.41 16.93 13.30
C ILE H 398 -8.55 15.76 14.25
N GLY H 399 -7.80 14.69 14.01
CA GLY H 399 -8.02 13.47 14.75
C GLY H 399 -6.81 12.68 15.15
N GLN H 400 -5.66 13.33 15.32
CA GLN H 400 -4.45 12.62 15.74
C GLN H 400 -3.81 13.31 16.93
N CYS H 401 -3.38 12.50 17.88
CA CYS H 401 -2.51 12.99 18.96
C CYS H 401 -1.45 11.94 19.24
N MET H 402 -0.22 12.38 19.43
CA MET H 402 0.87 11.48 19.76
C MET H 402 1.12 11.56 21.26
N TYR H 403 1.07 10.41 21.92
CA TYR H 403 1.54 10.32 23.29
C TYR H 403 3.04 10.09 23.28
N ALA H 404 3.74 10.74 24.19
CA ALA H 404 5.17 10.53 24.21
C ALA H 404 5.57 9.69 25.42
N PRO H 405 6.47 8.73 25.25
CA PRO H 405 6.87 7.90 26.37
C PRO H 405 7.82 8.64 27.27
N PRO H 406 7.59 8.62 28.58
CA PRO H 406 8.53 9.25 29.51
C PRO H 406 9.85 8.49 29.54
N ILE H 407 10.93 9.24 29.58
CA ILE H 407 12.27 8.68 29.44
C ILE H 407 12.98 8.71 30.78
N GLN H 408 13.87 7.76 30.97
CA GLN H 408 14.62 7.63 32.21
C GLN H 408 15.63 8.75 32.37
N GLY H 409 16.03 8.99 33.60
CA GLY H 409 17.17 9.85 33.89
C GLY H 409 16.86 11.32 33.80
N VAL H 410 17.70 12.10 34.47
CA VAL H 410 17.68 13.56 34.33
C VAL H 410 18.11 13.91 32.91
N ILE H 411 17.35 14.75 32.25
CA ILE H 411 17.51 14.95 30.81
C ILE H 411 18.01 16.35 30.54
N ARG H 412 19.10 16.46 29.80
CA ARG H 412 19.61 17.77 29.42
C ARG H 412 20.05 17.73 27.97
N CYS H 413 20.14 18.92 27.38
CA CYS H 413 20.52 19.08 25.98
C CYS H 413 21.14 20.45 25.80
N VAL H 414 22.08 20.51 24.87
CA VAL H 414 22.77 21.74 24.50
C VAL H 414 22.46 22.01 23.05
N SER H 415 22.12 23.25 22.72
CA SER H 415 21.79 23.56 21.33
C SER H 415 22.36 24.91 20.94
N ASN H 416 22.51 25.09 19.64
CA ASN H 416 22.98 26.34 19.06
C ASN H 416 21.78 27.06 18.48
N ILE H 417 21.31 28.10 19.17
CA ILE H 417 20.30 28.99 18.61
C ILE H 417 20.89 29.69 17.41
N THR H 418 20.18 29.64 16.30
CA THR H 418 20.63 30.16 15.02
C THR H 418 19.84 31.38 14.59
N GLY H 419 18.51 31.32 14.63
CA GLY H 419 17.69 32.43 14.18
C GLY H 419 16.43 32.58 15.02
N LEU H 420 15.80 33.73 14.85
CA LEU H 420 14.51 34.04 15.44
C LEU H 420 13.45 34.16 14.36
N ILE H 421 12.19 34.07 14.77
CA ILE H 421 11.06 34.38 13.91
C ILE H 421 10.28 35.48 14.60
N LEU H 422 10.36 36.69 14.08
CA LEU H 422 9.77 37.85 14.73
C LEU H 422 8.58 38.35 13.92
N THR H 423 7.85 39.29 14.54
CA THR H 423 6.67 39.88 13.94
C THR H 423 6.55 41.31 14.45
N ARG H 424 6.41 42.25 13.53
CA ARG H 424 6.17 43.64 13.91
C ARG H 424 4.70 43.81 14.28
N ASP H 425 4.44 44.61 15.30
CA ASP H 425 3.07 44.94 15.64
C ASP H 425 2.53 45.95 14.64
N GLY H 426 1.21 45.93 14.48
CA GLY H 426 0.54 46.75 13.47
C GLY H 426 0.48 48.21 13.86
N GLY H 427 1.64 48.87 13.84
CA GLY H 427 1.74 50.21 14.36
C GLY H 427 1.10 51.23 13.44
N SER H 428 0.20 52.04 13.98
CA SER H 428 -0.29 53.22 13.28
C SER H 428 -0.16 54.41 14.20
N THR H 429 -0.77 55.53 13.81
CA THR H 429 -1.00 56.71 14.66
C THR H 429 0.30 57.35 15.16
N ASN H 430 1.29 57.43 14.26
CA ASN H 430 2.47 58.31 14.38
C ASN H 430 3.29 58.01 15.64
N SER H 431 3.86 56.81 15.68
CA SER H 431 4.69 56.39 16.79
C SER H 431 6.13 56.21 16.33
N THR H 432 7.07 56.65 17.16
CA THR H 432 8.48 56.46 16.82
C THR H 432 8.89 55.02 17.03
N THR H 433 8.44 54.40 18.12
CA THR H 433 8.84 53.04 18.44
C THR H 433 8.15 52.05 17.53
N GLU H 434 8.84 50.95 17.25
CA GLU H 434 8.29 49.83 16.50
C GLU H 434 8.69 48.55 17.20
N THR H 435 7.73 47.87 17.81
CA THR H 435 8.03 46.74 18.66
C THR H 435 8.00 45.43 17.90
N PHE H 436 8.66 44.43 18.46
CA PHE H 436 8.79 43.12 17.84
C PHE H 436 8.42 42.03 18.83
N ARG H 437 7.65 41.06 18.36
CA ARG H 437 7.21 39.94 19.18
C ARG H 437 7.55 38.64 18.48
N PRO H 438 8.08 37.65 19.19
CA PRO H 438 8.37 36.35 18.54
C PRO H 438 7.11 35.56 18.32
N GLY H 439 6.86 35.19 17.07
CA GLY H 439 5.69 34.41 16.73
C GLY H 439 6.04 33.18 15.92
N GLY H 440 5.62 32.01 16.38
CA GLY H 440 5.91 30.77 15.70
C GLY H 440 5.19 30.62 14.39
N GLY H 441 3.87 30.52 14.45
CA GLY H 441 3.08 30.42 13.23
C GLY H 441 3.25 29.06 12.57
N ASP H 442 3.35 29.09 11.25
CA ASP H 442 3.50 27.88 10.48
C ASP H 442 4.90 27.30 10.67
N MET H 443 5.00 25.98 10.49
CA MET H 443 6.29 25.31 10.59
C MET H 443 7.15 25.54 9.36
N ARG H 444 6.54 25.97 8.25
CA ARG H 444 7.26 26.15 6.99
C ARG H 444 8.31 27.25 7.10
N ASP H 445 8.11 28.22 7.99
CA ASP H 445 9.09 29.27 8.20
C ASP H 445 10.38 28.74 8.80
N ASN H 446 10.36 27.54 9.39
CA ASN H 446 11.63 26.89 9.70
C ASN H 446 12.35 26.48 8.43
N TRP H 447 11.66 25.79 7.53
CA TRP H 447 12.34 25.26 6.35
C TRP H 447 12.67 26.34 5.35
N ARG H 448 11.92 27.43 5.37
CA ARG H 448 12.28 28.59 4.56
C ARG H 448 13.53 29.28 5.08
N SER H 449 13.94 28.98 6.31
CA SER H 449 15.24 29.42 6.79
C SER H 449 16.38 28.54 6.30
N GLU H 450 16.07 27.41 5.67
CA GLU H 450 17.11 26.51 5.18
C GLU H 450 17.03 26.21 3.70
N LEU H 451 16.00 26.71 3.02
CA LEU H 451 15.87 26.50 1.59
C LEU H 451 15.87 27.82 0.82
N TYR H 452 16.41 28.87 1.42
CA TYR H 452 16.50 30.14 0.71
C TYR H 452 17.60 30.10 -0.33
N LYS H 453 18.61 29.26 -0.13
CA LYS H 453 19.71 29.19 -1.08
C LYS H 453 19.33 28.49 -2.36
N TYR H 454 18.46 27.49 -2.28
CA TYR H 454 18.27 26.56 -3.39
C TYR H 454 17.03 26.89 -4.21
N LYS H 455 17.10 26.54 -5.48
CA LYS H 455 15.92 26.47 -6.34
C LYS H 455 16.15 25.32 -7.31
N VAL H 456 15.08 24.87 -7.96
CA VAL H 456 15.15 23.71 -8.83
C VAL H 456 14.78 24.16 -10.24
N VAL H 457 15.61 23.80 -11.21
CA VAL H 457 15.33 24.17 -12.59
C VAL H 457 15.34 22.92 -13.47
N LYS H 458 14.57 22.98 -14.54
CA LYS H 458 14.46 21.91 -15.52
C LYS H 458 15.36 22.22 -16.70
N ILE H 459 16.26 21.31 -17.02
CA ILE H 459 17.12 21.45 -18.18
C ILE H 459 16.31 21.20 -19.44
N GLU H 460 16.41 22.08 -20.41
CA GLU H 460 15.79 21.88 -21.71
C GLU H 460 16.86 21.83 -22.78
N PRO H 461 17.20 20.67 -23.30
CA PRO H 461 18.15 20.60 -24.41
C PRO H 461 17.53 20.98 -25.74
N LEU H 462 18.28 20.76 -26.82
CA LEU H 462 17.88 20.98 -28.22
C LEU H 462 17.41 22.43 -28.44
N GLY H 463 18.34 23.34 -28.28
CA GLY H 463 18.16 24.67 -28.80
C GLY H 463 18.30 24.68 -30.31
N VAL H 464 17.83 25.75 -30.92
CA VAL H 464 17.89 25.89 -32.38
C VAL H 464 18.49 27.25 -32.70
N ALA H 465 19.26 27.31 -33.79
CA ALA H 465 20.02 28.52 -34.07
C ALA H 465 20.37 28.60 -35.54
N PRO H 466 20.33 29.78 -36.15
CA PRO H 466 20.76 29.90 -37.55
C PRO H 466 22.27 29.93 -37.68
N THR H 467 22.76 29.28 -38.73
CA THR H 467 24.15 29.37 -39.14
C THR H 467 24.24 29.02 -40.62
N ARG H 468 25.46 29.05 -41.14
CA ARG H 468 25.72 28.81 -42.55
C ARG H 468 26.29 27.41 -42.75
N CYS H 469 25.38 26.43 -42.79
CA CYS H 469 25.71 25.10 -43.29
C CYS H 469 24.44 24.44 -43.77
N LYS H 470 24.51 23.79 -44.93
CA LYS H 470 23.36 23.14 -45.54
C LYS H 470 23.65 21.65 -45.65
N ARG H 471 22.69 20.84 -45.23
CA ARG H 471 22.86 19.39 -45.27
C ARG H 471 22.81 18.90 -46.71
N ARG H 472 23.90 18.27 -47.15
CA ARG H 472 23.96 17.77 -48.51
C ARG H 472 23.12 16.50 -48.65
N VAL H 473 22.66 16.26 -49.87
CA VAL H 473 21.83 15.08 -50.15
C VAL H 473 22.69 13.85 -50.34
N ALA I 1 38.98 30.38 -16.32
CA ALA I 1 39.34 30.08 -14.94
C ALA I 1 40.30 28.91 -14.88
N VAL I 2 39.92 27.87 -14.15
CA VAL I 2 40.66 26.62 -14.17
C VAL I 2 40.58 25.99 -15.55
N GLY I 3 39.39 26.01 -16.15
CA GLY I 3 39.20 25.46 -17.47
C GLY I 3 39.51 26.43 -18.59
N ILE I 4 40.31 27.47 -18.33
CA ILE I 4 40.71 28.35 -19.41
C ILE I 4 41.77 27.66 -20.26
N GLY I 5 41.90 28.09 -21.51
CA GLY I 5 42.78 27.40 -22.43
C GLY I 5 42.10 26.20 -23.04
N ALA I 6 41.98 25.13 -22.25
CA ALA I 6 41.24 23.93 -22.65
C ALA I 6 39.83 24.09 -22.12
N VAL I 7 38.95 24.65 -22.94
CA VAL I 7 37.67 25.18 -22.46
C VAL I 7 36.69 24.05 -22.22
N PHE I 8 36.69 23.53 -21.00
CA PHE I 8 35.75 22.52 -20.54
C PHE I 8 35.82 22.42 -19.02
N LEU I 9 34.67 22.09 -18.43
CA LEU I 9 34.53 21.60 -17.06
C LEU I 9 33.21 20.84 -17.01
N GLY I 10 32.69 20.63 -15.81
CA GLY I 10 31.45 19.88 -15.60
C GLY I 10 30.19 20.43 -16.25
N PHE I 11 29.06 19.74 -16.07
CA PHE I 11 27.86 20.11 -16.80
C PHE I 11 27.26 21.39 -16.23
N LEU I 12 26.56 22.12 -17.12
CA LEU I 12 26.12 23.51 -16.94
C LEU I 12 27.26 24.47 -16.66
N GLY I 13 28.51 24.09 -16.96
CA GLY I 13 29.62 24.98 -16.75
C GLY I 13 29.72 26.04 -17.83
N ALA I 14 29.32 25.70 -19.05
CA ALA I 14 29.36 26.63 -20.16
C ALA I 14 28.15 27.55 -20.21
N ALA I 15 27.23 27.42 -19.24
CA ALA I 15 25.96 28.14 -19.31
C ALA I 15 26.12 29.64 -19.15
N GLY I 16 27.22 30.10 -18.57
CA GLY I 16 27.47 31.52 -18.49
C GLY I 16 28.16 32.07 -19.71
N SER I 17 28.93 31.23 -20.40
CA SER I 17 29.70 31.67 -21.55
C SER I 17 28.77 31.88 -22.75
N THR I 18 29.36 32.39 -23.83
CA THR I 18 28.61 32.61 -25.04
C THR I 18 28.30 31.29 -25.72
N MET I 19 27.32 31.33 -26.63
CA MET I 19 26.83 30.11 -27.25
C MET I 19 27.85 29.50 -28.20
N GLY I 20 28.72 30.33 -28.77
CA GLY I 20 29.82 29.80 -29.57
C GLY I 20 30.81 29.01 -28.74
N ALA I 21 31.10 29.48 -27.54
CA ALA I 21 31.98 28.72 -26.65
C ALA I 21 31.26 27.51 -26.09
N ALA I 22 29.97 27.65 -25.81
CA ALA I 22 29.21 26.55 -25.23
C ALA I 22 28.91 25.46 -26.23
N SER I 23 29.02 25.75 -27.52
CA SER I 23 28.69 24.76 -28.54
C SER I 23 29.69 23.60 -28.56
N MET I 24 30.91 23.83 -28.11
CA MET I 24 31.91 22.76 -28.10
C MET I 24 31.72 21.79 -26.95
N THR I 25 30.87 22.12 -25.98
CA THR I 25 30.65 21.27 -24.81
C THR I 25 29.16 20.97 -24.70
N LEU I 26 28.73 19.94 -25.42
CA LEU I 26 27.32 19.55 -25.42
C LEU I 26 27.10 18.11 -25.01
N THR I 27 28.15 17.30 -24.92
CA THR I 27 27.97 15.87 -24.68
C THR I 27 27.53 15.60 -23.24
N VAL I 28 27.90 16.47 -22.30
CA VAL I 28 27.64 16.17 -20.90
C VAL I 28 26.26 16.60 -20.46
N GLN I 29 25.75 17.72 -20.99
CA GLN I 29 24.37 18.08 -20.76
C GLN I 29 23.42 17.08 -21.41
N ALA I 30 23.84 16.48 -22.52
CA ALA I 30 23.11 15.34 -23.05
C ALA I 30 23.27 14.12 -22.16
N ARG I 31 24.42 13.98 -21.50
CA ARG I 31 24.67 12.82 -20.66
C ARG I 31 23.87 12.90 -19.37
N ASN I 32 23.93 14.03 -18.68
CA ASN I 32 23.24 14.16 -17.40
C ASN I 32 21.77 14.53 -17.60
N LEU I 33 21.09 13.75 -18.42
CA LEU I 33 19.66 13.86 -18.64
C LEU I 33 18.95 12.54 -18.42
N LEU I 34 19.68 11.42 -18.46
CA LEU I 34 19.11 10.09 -18.35
C LEU I 34 19.55 9.39 -17.08
N SER I 35 20.84 9.35 -16.80
CA SER I 35 21.35 8.56 -15.68
C SER I 35 21.03 9.22 -14.34
N GLY I 36 21.52 10.43 -14.14
CA GLY I 36 21.30 11.14 -12.90
C GLY I 36 22.59 11.59 -12.23
N THR I 58 7.80 2.48 1.48
CA THR I 58 7.09 1.58 0.58
C THR I 58 6.16 2.35 -0.35
N VAL I 59 5.96 3.63 -0.06
CA VAL I 59 5.28 4.54 -0.96
C VAL I 59 6.25 5.50 -1.65
N TRP I 60 7.45 5.67 -1.10
CA TRP I 60 8.46 6.50 -1.74
C TRP I 60 9.02 5.85 -2.98
N GLY I 61 8.88 4.52 -3.10
CA GLY I 61 9.22 3.84 -4.32
C GLY I 61 8.36 4.29 -5.49
N ILE I 62 7.12 4.68 -5.23
CA ILE I 62 6.27 5.23 -6.28
C ILE I 62 6.79 6.58 -6.74
N LYS I 63 7.30 7.39 -5.80
CA LYS I 63 7.87 8.69 -6.17
C LYS I 63 9.17 8.52 -6.95
N GLN I 64 10.05 7.63 -6.50
CA GLN I 64 11.27 7.30 -7.22
C GLN I 64 10.97 6.77 -8.61
N LEU I 65 9.96 5.91 -8.73
CA LEU I 65 9.63 5.32 -10.00
C LEU I 65 9.01 6.32 -10.95
N GLN I 66 8.16 7.21 -10.46
CA GLN I 66 7.56 8.19 -11.35
C GLN I 66 8.58 9.25 -11.76
N ALA I 67 9.56 9.52 -10.90
CA ALA I 67 10.66 10.39 -11.31
C ALA I 67 11.50 9.75 -12.41
N ARG I 68 11.82 8.46 -12.25
CA ARG I 68 12.65 7.78 -13.23
C ARG I 68 11.93 7.63 -14.57
N VAL I 69 10.64 7.29 -14.54
CA VAL I 69 9.93 7.14 -15.80
C VAL I 69 9.59 8.48 -16.42
N LEU I 70 9.49 9.56 -15.62
CA LEU I 70 9.35 10.88 -16.22
C LEU I 70 10.64 11.29 -16.90
N ALA I 71 11.78 10.93 -16.31
CA ALA I 71 13.07 11.23 -16.92
C ALA I 71 13.23 10.48 -18.24
N VAL I 72 12.91 9.19 -18.26
CA VAL I 72 13.08 8.46 -19.50
C VAL I 72 12.00 8.81 -20.52
N GLU I 73 10.84 9.30 -20.07
CA GLU I 73 9.82 9.74 -21.02
C GLU I 73 10.23 11.05 -21.68
N ARG I 74 10.81 11.96 -20.90
CA ARG I 74 11.32 13.21 -21.49
C ARG I 74 12.48 12.94 -22.43
N TYR I 75 13.37 12.01 -22.05
CA TYR I 75 14.50 11.69 -22.92
C TYR I 75 14.05 11.01 -24.20
N LEU I 76 13.04 10.14 -24.11
CA LEU I 76 12.56 9.48 -25.30
C LEU I 76 11.77 10.43 -26.19
N ARG I 77 11.08 11.41 -25.59
CA ARG I 77 10.42 12.42 -26.40
C ARG I 77 11.43 13.28 -27.15
N ASP I 78 12.55 13.60 -26.51
CA ASP I 78 13.58 14.38 -27.20
C ASP I 78 14.26 13.56 -28.29
N GLN I 79 14.53 12.28 -28.03
CA GLN I 79 15.14 11.44 -29.05
C GLN I 79 14.18 11.17 -30.20
N GLN I 80 12.87 11.14 -29.94
CA GLN I 80 11.93 10.95 -31.04
C GLN I 80 11.76 12.23 -31.83
N LEU I 81 11.84 13.38 -31.16
CA LEU I 81 11.81 14.66 -31.88
C LEU I 81 13.03 14.81 -32.76
N LEU I 82 14.18 14.30 -32.31
CA LEU I 82 15.36 14.31 -33.17
C LEU I 82 15.22 13.30 -34.30
N GLY I 83 14.71 12.10 -34.00
CA GLY I 83 14.70 11.03 -34.98
C GLY I 83 13.77 11.26 -36.15
N ILE I 84 12.70 12.04 -35.94
CA ILE I 84 11.86 12.43 -37.07
C ILE I 84 12.46 13.57 -37.87
N TRP I 85 13.52 14.20 -37.37
CA TRP I 85 14.25 15.19 -38.14
C TRP I 85 15.41 14.50 -38.85
N GLY I 86 16.34 15.29 -39.39
CA GLY I 86 17.42 14.73 -40.20
C GLY I 86 18.43 13.92 -39.44
N CYS I 87 18.57 14.15 -38.14
CA CYS I 87 19.65 13.54 -37.37
C CYS I 87 19.10 12.66 -36.27
N SER I 88 19.53 11.40 -36.26
CA SER I 88 19.15 10.49 -35.19
C SER I 88 19.93 10.82 -33.91
N GLY I 89 21.25 10.73 -33.98
CA GLY I 89 22.07 11.03 -32.82
C GLY I 89 23.34 11.77 -33.18
N LYS I 90 23.29 12.58 -34.23
CA LYS I 90 24.49 13.28 -34.67
C LYS I 90 24.87 14.44 -33.77
N LEU I 91 23.92 14.97 -33.00
CA LEU I 91 24.07 15.95 -31.92
C LEU I 91 24.41 17.35 -32.42
N ILE I 92 24.78 17.49 -33.69
CA ILE I 92 24.88 18.75 -34.41
C ILE I 92 24.36 18.45 -35.80
N CYS I 93 23.30 19.13 -36.22
CA CYS I 93 22.64 18.79 -37.48
C CYS I 93 22.42 20.04 -38.32
N CYS I 94 23.17 20.17 -39.40
CA CYS I 94 22.75 21.06 -40.46
C CYS I 94 21.55 20.44 -41.16
N THR I 95 20.66 21.27 -41.66
CA THR I 95 19.46 20.78 -42.33
C THR I 95 19.12 21.69 -43.50
N ASN I 96 17.99 21.42 -44.13
CA ASN I 96 17.65 22.03 -45.41
C ASN I 96 16.59 23.12 -45.30
N VAL I 97 16.13 23.46 -44.10
CA VAL I 97 15.17 24.55 -43.98
C VAL I 97 15.93 25.87 -43.90
N PRO I 98 15.45 26.92 -44.55
CA PRO I 98 16.14 28.20 -44.46
C PRO I 98 15.82 28.92 -43.16
N TRP I 99 16.31 30.14 -43.01
CA TRP I 99 16.09 30.91 -41.80
C TRP I 99 15.45 32.24 -42.17
N ASN I 100 14.28 32.51 -41.61
CA ASN I 100 13.70 33.83 -41.72
C ASN I 100 14.53 34.80 -40.89
N SER I 101 15.06 35.83 -41.55
CA SER I 101 15.87 36.82 -40.83
C SER I 101 15.04 37.76 -39.98
N SER I 102 13.71 37.72 -40.10
CA SER I 102 12.85 38.47 -39.20
C SER I 102 12.92 37.94 -37.78
N TRP I 103 13.22 36.65 -37.63
CA TRP I 103 13.22 36.02 -36.31
C TRP I 103 14.42 36.46 -35.50
N SER I 104 15.63 36.25 -36.03
CA SER I 104 16.83 36.62 -35.30
C SER I 104 17.04 38.12 -35.29
N ASN I 105 16.91 38.75 -36.47
CA ASN I 105 17.12 40.18 -36.78
C ASN I 105 18.31 40.81 -36.06
N ARG I 106 19.42 40.09 -36.01
CA ARG I 106 20.65 40.56 -35.40
C ARG I 106 21.82 40.17 -36.29
N ASN I 107 23.00 40.71 -35.96
CA ASN I 107 24.21 40.36 -36.69
C ASN I 107 24.59 38.93 -36.35
N LEU I 108 24.92 38.16 -37.39
CA LEU I 108 25.03 36.71 -37.25
C LEU I 108 26.21 36.29 -36.38
N SER I 109 27.41 36.79 -36.70
CA SER I 109 28.57 36.45 -35.90
C SER I 109 28.61 37.18 -34.57
N GLU I 110 27.72 38.14 -34.35
CA GLU I 110 27.69 38.83 -33.06
C GLU I 110 27.10 37.93 -31.97
N ILE I 111 26.12 37.10 -32.32
CA ILE I 111 25.41 36.34 -31.30
C ILE I 111 26.26 35.20 -30.75
N TRP I 112 27.26 34.74 -31.48
CA TRP I 112 28.11 33.66 -30.98
C TRP I 112 29.23 34.18 -30.09
N ASP I 113 29.44 35.49 -30.05
CA ASP I 113 30.39 36.09 -29.13
C ASP I 113 29.72 37.06 -28.16
N ASN I 114 28.40 37.19 -28.21
CA ASN I 114 27.70 38.22 -27.48
C ASN I 114 26.55 37.72 -26.63
N MET I 115 25.98 36.56 -26.94
CA MET I 115 24.75 36.13 -26.31
C MET I 115 24.93 34.80 -25.60
N THR I 116 24.21 34.65 -24.49
CA THR I 116 24.06 33.38 -23.80
C THR I 116 22.89 32.62 -24.38
N TRP I 117 22.85 31.32 -24.10
CA TRP I 117 21.75 30.49 -24.58
C TRP I 117 20.44 30.87 -23.92
N LEU I 118 20.49 31.33 -22.67
CA LEU I 118 19.29 31.80 -21.99
C LEU I 118 18.71 33.02 -22.69
N GLN I 119 19.56 33.98 -23.03
CA GLN I 119 19.10 35.18 -23.71
C GLN I 119 18.62 34.88 -25.11
N TRP I 120 19.26 33.90 -25.77
CA TRP I 120 18.82 33.50 -27.10
C TRP I 120 17.47 32.80 -27.05
N ASP I 121 17.25 32.00 -26.01
CA ASP I 121 15.95 31.34 -25.87
C ASP I 121 14.87 32.33 -25.48
N LYS I 122 15.24 33.39 -24.76
CA LYS I 122 14.31 34.49 -24.55
C LYS I 122 14.01 35.23 -25.85
N GLU I 123 14.97 35.25 -26.78
CA GLU I 123 14.74 35.97 -28.03
C GLU I 123 13.78 35.22 -28.95
N ILE I 124 13.89 33.90 -29.04
CA ILE I 124 13.11 33.15 -30.02
C ILE I 124 12.00 32.37 -29.35
N SER I 125 11.52 32.88 -28.22
CA SER I 125 10.40 32.24 -27.51
C SER I 125 9.13 32.28 -28.36
N ASN I 126 8.85 33.43 -28.98
CA ASN I 126 7.72 33.52 -29.91
C ASN I 126 7.92 32.61 -31.12
N TYR I 127 9.08 32.75 -31.77
CA TYR I 127 9.37 32.00 -32.99
C TYR I 127 9.81 30.58 -32.62
N THR I 128 8.83 29.79 -32.21
CA THR I 128 9.01 28.38 -31.93
C THR I 128 7.77 27.67 -32.43
N GLN I 129 7.91 26.35 -32.59
CA GLN I 129 6.88 25.38 -32.99
C GLN I 129 6.43 25.53 -34.44
N ILE I 130 6.89 26.57 -35.13
CA ILE I 130 6.78 26.61 -36.58
C ILE I 130 8.06 26.03 -37.19
N ILE I 131 9.17 26.17 -36.49
CA ILE I 131 10.44 25.61 -36.93
C ILE I 131 10.36 24.08 -37.00
N TYR I 132 9.63 23.49 -36.06
CA TYR I 132 9.62 22.04 -35.96
C TYR I 132 8.77 21.42 -37.08
N GLY I 133 7.66 22.06 -37.42
CA GLY I 133 6.89 21.61 -38.57
C GLY I 133 7.61 21.81 -39.88
N LEU I 134 8.41 22.88 -39.98
CA LEU I 134 9.27 23.06 -41.14
C LEU I 134 10.31 21.96 -41.24
N LEU I 135 10.86 21.55 -40.09
CA LEU I 135 11.82 20.45 -40.07
C LEU I 135 11.18 19.14 -40.51
N GLU I 136 9.94 18.90 -40.05
CA GLU I 136 9.25 17.67 -40.43
C GLU I 136 8.89 17.65 -41.92
N GLU I 137 8.46 18.80 -42.45
CA GLU I 137 8.18 18.90 -43.88
C GLU I 137 9.45 18.70 -44.70
N SER I 138 10.57 19.27 -44.24
CA SER I 138 11.84 19.10 -44.94
C SER I 138 12.31 17.66 -44.91
N GLN I 139 12.14 16.98 -43.77
CA GLN I 139 12.58 15.60 -43.68
C GLN I 139 11.70 14.67 -44.52
N ASN I 140 10.39 14.89 -44.52
CA ASN I 140 9.51 14.06 -45.33
C ASN I 140 9.72 14.34 -46.82
N GLN I 141 10.04 15.58 -47.19
CA GLN I 141 10.35 15.90 -48.57
C GLN I 141 11.65 15.25 -49.00
N GLN I 142 12.66 15.24 -48.12
CA GLN I 142 13.91 14.55 -48.42
C GLN I 142 13.68 13.05 -48.52
N GLU I 143 12.76 12.50 -47.72
CA GLU I 143 12.50 11.07 -47.78
C GLU I 143 11.79 10.68 -49.07
N LYS I 144 10.81 11.47 -49.51
CA LYS I 144 10.15 11.13 -50.76
C LYS I 144 11.06 11.38 -51.96
N ASN I 145 11.97 12.36 -51.87
CA ASN I 145 12.94 12.56 -52.95
C ASN I 145 13.94 11.42 -53.01
N GLU I 146 14.37 10.91 -51.85
CA GLU I 146 15.27 9.77 -51.84
C GLU I 146 14.59 8.49 -52.28
N GLN I 147 13.29 8.36 -51.98
CA GLN I 147 12.52 7.21 -52.45
C GLN I 147 12.39 7.25 -53.97
N ASP I 148 12.13 8.41 -54.55
CA ASP I 148 12.07 8.54 -56.00
C ASP I 148 13.44 8.28 -56.63
N LEU I 149 14.50 8.77 -55.99
CA LEU I 149 15.85 8.60 -56.52
C LEU I 149 16.28 7.14 -56.51
N LEU I 150 15.99 6.42 -55.43
CA LEU I 150 16.29 4.99 -55.41
C LEU I 150 15.28 4.17 -56.20
N ALA I 151 14.13 4.75 -56.54
CA ALA I 151 13.13 4.02 -57.32
C ALA I 151 13.49 4.03 -58.81
N LEU I 152 13.84 5.20 -59.36
CA LEU I 152 14.12 5.27 -60.78
C LEU I 152 15.47 4.64 -61.14
N ASP I 153 16.36 4.47 -60.17
CA ASP I 153 17.61 3.76 -60.40
C ASP I 153 17.37 2.26 -60.38
N ALA J 1 -11.93 15.48 -48.17
CA ALA J 1 -12.89 16.25 -47.39
C ALA J 1 -12.33 17.63 -47.10
N VAL J 2 -12.19 17.94 -45.81
CA VAL J 2 -11.48 19.16 -45.41
C VAL J 2 -10.01 19.05 -45.80
N GLY J 3 -9.42 17.89 -45.58
CA GLY J 3 -8.04 17.69 -45.95
C GLY J 3 -7.83 17.25 -47.37
N ILE J 4 -8.79 17.50 -48.26
CA ILE J 4 -8.57 17.18 -49.67
C ILE J 4 -7.63 18.22 -50.27
N GLY J 5 -6.97 17.83 -51.36
CA GLY J 5 -5.96 18.67 -51.96
C GLY J 5 -4.64 18.54 -51.23
N ALA J 6 -4.54 19.13 -50.04
CA ALA J 6 -3.38 18.98 -49.18
C ALA J 6 -3.69 17.81 -48.24
N VAL J 7 -3.30 16.61 -48.65
CA VAL J 7 -3.82 15.39 -48.05
C VAL J 7 -3.16 15.13 -46.71
N PHE J 8 -3.77 15.64 -45.65
CA PHE J 8 -3.37 15.39 -44.27
C PHE J 8 -4.47 15.85 -43.33
N LEU J 9 -4.55 15.17 -42.19
CA LEU J 9 -5.29 15.58 -41.01
C LEU J 9 -4.66 14.82 -39.84
N GLY J 10 -5.37 14.74 -38.71
CA GLY J 10 -4.88 14.08 -37.51
C GLY J 10 -4.55 12.60 -37.62
N PHE J 11 -4.09 12.00 -36.53
CA PHE J 11 -3.59 10.63 -36.59
C PHE J 11 -4.72 9.64 -36.74
N LEU J 12 -4.40 8.51 -37.38
CA LEU J 12 -5.34 7.52 -37.90
C LEU J 12 -6.32 8.09 -38.92
N GLY J 13 -6.03 9.27 -39.47
CA GLY J 13 -6.93 9.84 -40.46
C GLY J 13 -6.79 9.18 -41.82
N ALA J 14 -5.59 8.73 -42.14
CA ALA J 14 -5.34 8.07 -43.42
C ALA J 14 -5.68 6.59 -43.40
N ALA J 15 -6.19 6.07 -42.29
CA ALA J 15 -6.42 4.63 -42.14
C ALA J 15 -7.51 4.11 -43.05
N GLY J 16 -8.41 4.98 -43.51
CA GLY J 16 -9.43 4.57 -44.46
C GLY J 16 -8.93 4.64 -45.89
N SER J 17 -7.99 5.55 -46.14
CA SER J 17 -7.49 5.74 -47.50
C SER J 17 -6.58 4.59 -47.92
N THR J 18 -6.19 4.61 -49.18
CA THR J 18 -5.29 3.60 -49.70
C THR J 18 -3.89 3.78 -49.13
N MET J 19 -3.09 2.73 -49.21
CA MET J 19 -1.78 2.73 -48.58
C MET J 19 -0.80 3.66 -49.28
N GLY J 20 -1.01 3.91 -50.57
CA GLY J 20 -0.20 4.90 -51.26
C GLY J 20 -0.47 6.30 -50.76
N ALA J 21 -1.74 6.62 -50.48
CA ALA J 21 -2.05 7.91 -49.91
C ALA J 21 -1.63 7.98 -48.45
N ALA J 22 -1.74 6.86 -47.73
CA ALA J 22 -1.40 6.84 -46.32
C ALA J 22 0.11 6.86 -46.09
N SER J 23 0.89 6.54 -47.11
CA SER J 23 2.34 6.49 -46.94
C SER J 23 2.95 7.87 -46.73
N MET J 24 2.29 8.92 -47.21
CA MET J 24 2.82 10.26 -47.03
C MET J 24 2.58 10.81 -45.62
N THR J 25 1.74 10.16 -44.83
CA THR J 25 1.39 10.63 -43.49
C THR J 25 1.71 9.52 -42.50
N LEU J 26 2.95 9.47 -42.05
CA LEU J 26 3.39 8.44 -41.12
C LEU J 26 4.03 9.01 -39.86
N THR J 27 4.34 10.31 -39.84
CA THR J 27 5.08 10.86 -38.71
C THR J 27 4.22 10.96 -37.46
N VAL J 28 2.91 11.11 -37.62
CA VAL J 28 2.06 11.35 -36.46
C VAL J 28 1.64 10.05 -35.78
N GLN J 29 1.41 9.00 -36.56
CA GLN J 29 1.18 7.68 -35.96
C GLN J 29 2.43 7.19 -35.25
N ALA J 30 3.61 7.57 -35.74
CA ALA J 30 4.82 7.33 -34.97
C ALA J 30 4.88 8.23 -33.75
N ARG J 31 4.33 9.44 -33.85
CA ARG J 31 4.39 10.38 -32.74
C ARG J 31 3.45 9.97 -31.61
N ASN J 32 2.20 9.66 -31.94
CA ASN J 32 1.22 9.31 -30.92
C ASN J 32 1.33 7.85 -30.53
N LEU J 33 2.54 7.43 -30.18
CA LEU J 33 2.83 6.10 -29.68
C LEU J 33 3.60 6.15 -28.37
N LEU J 34 4.24 7.27 -28.06
CA LEU J 34 5.06 7.41 -26.87
C LEU J 34 4.45 8.41 -25.88
N SER J 35 4.10 9.61 -26.34
CA SER J 35 3.67 10.66 -25.43
C SER J 35 2.27 10.39 -24.91
N GLY J 36 1.30 10.32 -25.79
CA GLY J 36 -0.08 10.10 -25.40
C GLY J 36 -1.03 11.19 -25.88
N THR J 58 -3.82 5.87 -4.55
CA THR J 58 -2.46 5.49 -4.18
C THR J 58 -2.08 4.13 -4.76
N VAL J 59 -3.08 3.41 -5.29
CA VAL J 59 -2.85 2.20 -6.05
C VAL J 59 -3.05 2.44 -7.54
N TRP J 60 -3.75 3.50 -7.93
CA TRP J 60 -3.94 3.84 -9.33
C TRP J 60 -2.65 4.34 -9.96
N GLY J 61 -1.71 4.82 -9.13
CA GLY J 61 -0.39 5.13 -9.62
C GLY J 61 0.34 3.93 -10.17
N ILE J 62 0.06 2.75 -9.63
CA ILE J 62 0.63 1.52 -10.19
C ILE J 62 0.06 1.23 -11.56
N LYS J 63 -1.24 1.50 -11.76
CA LYS J 63 -1.86 1.31 -13.07
C LYS J 63 -1.33 2.30 -14.09
N GLN J 64 -1.24 3.59 -13.70
CA GLN J 64 -0.64 4.61 -14.56
C GLN J 64 0.80 4.28 -14.91
N LEU J 65 1.56 3.79 -13.93
CA LEU J 65 2.97 3.50 -14.15
C LEU J 65 3.16 2.27 -15.04
N GLN J 66 2.33 1.24 -14.86
CA GLN J 66 2.49 0.07 -15.71
C GLN J 66 2.01 0.35 -17.13
N ALA J 67 1.04 1.26 -17.29
CA ALA J 67 0.66 1.70 -18.63
C ALA J 67 1.79 2.46 -19.29
N ARG J 68 2.43 3.37 -18.56
CA ARG J 68 3.51 4.18 -19.13
C ARG J 68 4.72 3.32 -19.47
N VAL J 69 5.09 2.39 -18.60
CA VAL J 69 6.25 1.57 -18.91
C VAL J 69 5.93 0.50 -19.94
N LEU J 70 4.66 0.08 -20.08
CA LEU J 70 4.32 -0.79 -21.19
C LEU J 70 4.39 -0.04 -22.51
N ALA J 71 4.01 1.24 -22.50
CA ALA J 71 4.12 2.07 -23.70
C ALA J 71 5.57 2.25 -24.11
N VAL J 72 6.44 2.58 -23.17
CA VAL J 72 7.83 2.79 -23.54
C VAL J 72 8.53 1.47 -23.83
N GLU J 73 8.05 0.35 -23.28
CA GLU J 73 8.65 -0.94 -23.61
C GLU J 73 8.28 -1.35 -25.03
N ARG J 74 7.03 -1.11 -25.43
CA ARG J 74 6.62 -1.41 -26.80
C ARG J 74 7.34 -0.50 -27.79
N TYR J 75 7.51 0.78 -27.44
CA TYR J 75 8.22 1.71 -28.32
C TYR J 75 9.69 1.34 -28.44
N LEU J 76 10.30 0.90 -27.34
CA LEU J 76 11.70 0.51 -27.40
C LEU J 76 11.90 -0.79 -28.14
N ARG J 77 10.93 -1.72 -28.05
CA ARG J 77 11.01 -2.94 -28.85
C ARG J 77 10.89 -2.64 -30.33
N ASP J 78 10.04 -1.68 -30.70
CA ASP J 78 9.93 -1.32 -32.10
C ASP J 78 11.18 -0.60 -32.60
N GLN J 79 11.74 0.30 -31.79
CA GLN J 79 12.97 0.97 -32.19
C GLN J 79 14.15 0.02 -32.24
N GLN J 80 14.16 -1.02 -31.41
CA GLN J 80 15.25 -1.98 -31.48
C GLN J 80 15.08 -2.91 -32.67
N LEU J 81 13.83 -3.25 -33.02
CA LEU J 81 13.59 -4.04 -34.22
C LEU J 81 14.00 -3.26 -35.46
N LEU J 82 13.80 -1.94 -35.45
CA LEU J 82 14.28 -1.13 -36.57
C LEU J 82 15.79 -1.02 -36.55
N GLY J 83 16.39 -0.84 -35.38
CA GLY J 83 17.82 -0.56 -35.30
C GLY J 83 18.69 -1.73 -35.68
N ILE J 84 18.20 -2.97 -35.52
CA ILE J 84 18.94 -4.11 -36.01
C ILE J 84 18.73 -4.33 -37.50
N TRP J 85 17.82 -3.61 -38.12
CA TRP J 85 17.67 -3.63 -39.56
C TRP J 85 18.48 -2.47 -40.13
N GLY J 86 18.25 -2.15 -41.41
CA GLY J 86 19.08 -1.16 -42.09
C GLY J 86 18.87 0.27 -41.61
N CYS J 87 17.72 0.58 -41.04
CA CYS J 87 17.37 1.95 -40.74
C CYS J 87 17.16 2.14 -39.25
N SER J 88 17.90 3.10 -38.67
CA SER J 88 17.68 3.44 -37.27
C SER J 88 16.41 4.25 -37.11
N GLY J 89 16.34 5.42 -37.75
CA GLY J 89 15.16 6.25 -37.64
C GLY J 89 14.78 6.88 -38.96
N LYS J 90 15.06 6.19 -40.07
CA LYS J 90 14.81 6.76 -41.38
C LYS J 90 13.33 6.75 -41.74
N LEU J 91 12.54 5.85 -41.14
CA LEU J 91 11.08 5.78 -41.17
C LEU J 91 10.52 5.32 -42.51
N ILE J 92 11.35 5.31 -43.56
CA ILE J 92 11.09 4.65 -44.84
C ILE J 92 12.42 4.03 -45.23
N CYS J 93 12.47 2.72 -45.38
CA CYS J 93 13.74 2.03 -45.58
C CYS J 93 13.63 1.07 -46.75
N CYS J 94 14.27 1.41 -47.86
CA CYS J 94 14.59 0.39 -48.85
C CYS J 94 15.67 -0.50 -48.29
N THR J 95 15.64 -1.78 -48.65
CA THR J 95 16.62 -2.72 -48.15
C THR J 95 16.99 -3.70 -49.25
N ASN J 96 17.79 -4.70 -48.90
CA ASN J 96 18.44 -5.55 -49.88
C ASN J 96 17.83 -6.94 -49.97
N VAL J 97 16.77 -7.23 -49.22
CA VAL J 97 16.12 -8.53 -49.36
C VAL J 97 15.12 -8.47 -50.52
N PRO J 98 15.02 -9.52 -51.33
CA PRO J 98 14.04 -9.49 -52.42
C PRO J 98 12.65 -9.81 -51.92
N TRP J 99 11.70 -9.91 -52.83
CA TRP J 99 10.32 -10.18 -52.49
C TRP J 99 9.84 -11.42 -53.21
N ASN J 100 9.40 -12.41 -52.46
CA ASN J 100 8.72 -13.56 -53.06
C ASN J 100 7.36 -13.09 -53.58
N SER J 101 7.14 -13.27 -54.88
CA SER J 101 5.88 -12.87 -55.48
C SER J 101 4.73 -13.81 -55.13
N SER J 102 5.03 -14.96 -54.52
CA SER J 102 3.97 -15.83 -54.02
C SER J 102 3.22 -15.19 -52.87
N TRP J 103 3.88 -14.31 -52.11
CA TRP J 103 3.27 -13.72 -50.93
C TRP J 103 2.20 -12.70 -51.32
N SER J 104 2.59 -11.69 -52.10
CA SER J 104 1.63 -10.67 -52.49
C SER J 104 0.65 -11.19 -53.53
N ASN J 105 1.17 -11.85 -54.58
CA ASN J 105 0.49 -12.41 -55.76
C ASN J 105 -0.62 -11.51 -56.31
N ARG J 106 -0.36 -10.21 -56.38
CA ARG J 106 -1.30 -9.24 -56.93
C ARG J 106 -0.53 -8.27 -57.81
N ASN J 107 -1.28 -7.44 -58.53
CA ASN J 107 -0.66 -6.40 -59.35
C ASN J 107 -0.07 -5.34 -58.43
N LEU J 108 1.16 -4.93 -58.74
CA LEU J 108 1.94 -4.13 -57.81
C LEU J 108 1.37 -2.74 -57.62
N SER J 109 1.14 -2.01 -58.70
CA SER J 109 0.57 -0.68 -58.58
C SER J 109 -0.91 -0.68 -58.26
N GLU J 110 -1.56 -1.85 -58.28
CA GLU J 110 -2.97 -1.91 -57.92
C GLU J 110 -3.15 -1.76 -56.42
N ILE J 111 -2.22 -2.28 -55.62
CA ILE J 111 -2.43 -2.30 -54.18
C ILE J 111 -2.24 -0.92 -53.56
N TRP J 112 -1.53 -0.01 -54.21
CA TRP J 112 -1.36 1.32 -53.66
C TRP J 112 -2.51 2.26 -54.01
N ASP J 113 -3.39 1.84 -54.91
CA ASP J 113 -4.61 2.57 -55.21
C ASP J 113 -5.86 1.78 -54.90
N ASN J 114 -5.71 0.59 -54.33
CA ASN J 114 -6.84 -0.32 -54.19
C ASN J 114 -6.99 -0.89 -52.79
N MET J 115 -5.93 -0.90 -51.97
CA MET J 115 -5.96 -1.61 -50.70
C MET J 115 -5.69 -0.68 -49.54
N THR J 116 -6.35 -0.96 -48.43
CA THR J 116 -6.06 -0.34 -47.15
C THR J 116 -4.99 -1.15 -46.42
N TRP J 117 -4.38 -0.52 -45.42
CA TRP J 117 -3.35 -1.20 -44.65
C TRP J 117 -3.93 -2.34 -43.83
N LEU J 118 -5.17 -2.22 -43.40
CA LEU J 118 -5.83 -3.31 -42.67
C LEU J 118 -5.99 -4.53 -43.58
N GLN J 119 -6.46 -4.31 -44.80
CA GLN J 119 -6.65 -5.42 -45.73
C GLN J 119 -5.32 -6.01 -46.16
N TRP J 120 -4.28 -5.17 -46.27
CA TRP J 120 -2.96 -5.67 -46.61
C TRP J 120 -2.36 -6.48 -45.47
N ASP J 121 -2.62 -6.07 -44.23
CA ASP J 121 -2.12 -6.85 -43.10
C ASP J 121 -2.90 -8.14 -42.94
N LYS J 122 -4.17 -8.14 -43.34
CA LYS J 122 -4.91 -9.40 -43.44
C LYS J 122 -4.35 -10.29 -44.53
N GLU J 123 -3.78 -9.69 -45.59
CA GLU J 123 -3.24 -10.51 -46.67
C GLU J 123 -1.95 -11.20 -46.29
N ILE J 124 -1.05 -10.52 -45.58
CA ILE J 124 0.27 -11.08 -45.33
C ILE J 124 0.41 -11.50 -43.87
N SER J 125 -0.71 -11.88 -43.26
CA SER J 125 -0.70 -12.38 -41.88
C SER J 125 0.10 -13.67 -41.77
N ASN J 126 -0.09 -14.59 -42.73
CA ASN J 126 0.70 -15.81 -42.76
C ASN J 126 2.16 -15.49 -43.03
N TYR J 127 2.43 -14.73 -44.08
CA TYR J 127 3.80 -14.41 -44.49
C TYR J 127 4.33 -13.29 -43.59
N THR J 128 4.65 -13.68 -42.36
CA THR J 128 5.28 -12.79 -41.40
C THR J 128 6.29 -13.63 -40.63
N GLN J 129 7.23 -12.94 -39.99
CA GLN J 129 8.28 -13.47 -39.11
C GLN J 129 9.36 -14.25 -39.85
N ILE J 130 9.17 -14.48 -41.15
CA ILE J 130 10.27 -14.94 -41.99
C ILE J 130 10.95 -13.73 -42.62
N ILE J 131 10.18 -12.67 -42.86
CA ILE J 131 10.71 -11.43 -43.42
C ILE J 131 11.70 -10.80 -42.47
N TYR J 132 11.46 -10.93 -41.16
CA TYR J 132 12.30 -10.25 -40.18
C TYR J 132 13.66 -10.94 -40.06
N GLY J 133 13.66 -12.27 -40.11
CA GLY J 133 14.93 -12.99 -40.13
C GLY J 133 15.72 -12.75 -41.40
N LEU J 134 15.02 -12.60 -42.53
CA LEU J 134 15.69 -12.22 -43.77
C LEU J 134 16.31 -10.84 -43.66
N LEU J 135 15.61 -9.91 -43.00
CA LEU J 135 16.15 -8.57 -42.77
C LEU J 135 17.39 -8.62 -41.89
N GLU J 136 17.36 -9.46 -40.86
CA GLU J 136 18.52 -9.56 -39.96
C GLU J 136 19.72 -10.19 -40.67
N GLU J 137 19.47 -11.21 -41.48
CA GLU J 137 20.54 -11.83 -42.26
C GLU J 137 21.12 -10.85 -43.27
N SER J 138 20.26 -10.04 -43.91
CA SER J 138 20.72 -9.05 -44.87
C SER J 138 21.54 -7.97 -44.19
N GLN J 139 21.12 -7.53 -43.00
CA GLN J 139 21.85 -6.48 -42.31
C GLN J 139 23.20 -6.98 -41.79
N ASN J 140 23.23 -8.22 -41.27
CA ASN J 140 24.51 -8.77 -40.81
C ASN J 140 25.45 -9.06 -41.97
N GLN J 141 24.91 -9.45 -43.12
CA GLN J 141 25.73 -9.65 -44.31
C GLN J 141 26.28 -8.34 -44.83
N GLN J 142 25.46 -7.28 -44.80
CA GLN J 142 25.95 -5.96 -45.18
C GLN J 142 27.01 -5.46 -44.20
N GLU J 143 26.87 -5.80 -42.92
CA GLU J 143 27.84 -5.37 -41.92
C GLU J 143 29.17 -6.09 -42.10
N LYS J 144 29.15 -7.40 -42.37
CA LYS J 144 30.41 -8.09 -42.59
C LYS J 144 31.05 -7.71 -43.91
N ASN J 145 30.24 -7.36 -44.93
CA ASN J 145 30.80 -6.88 -46.19
C ASN J 145 31.43 -5.51 -46.01
N GLU J 146 30.80 -4.64 -45.21
CA GLU J 146 31.37 -3.32 -44.95
C GLU J 146 32.62 -3.42 -44.08
N GLN J 147 32.64 -4.40 -43.17
CA GLN J 147 33.84 -4.63 -42.35
C GLN J 147 34.99 -5.11 -43.21
N ASP J 148 34.73 -6.01 -44.16
CA ASP J 148 35.78 -6.44 -45.08
C ASP J 148 36.24 -5.30 -45.98
N LEU J 149 35.30 -4.46 -46.44
CA LEU J 149 35.63 -3.35 -47.32
C LEU J 149 36.49 -2.30 -46.62
N LEU J 150 36.15 -1.98 -45.37
CA LEU J 150 36.98 -1.05 -44.61
C LEU J 150 38.23 -1.72 -44.06
N ALA J 151 38.29 -3.06 -44.06
CA ALA J 151 39.48 -3.74 -43.59
C ALA J 151 40.57 -3.77 -44.67
N LEU J 152 40.21 -4.15 -45.90
CA LEU J 152 41.23 -4.25 -46.94
C LEU J 152 41.69 -2.88 -47.43
N ASP J 153 40.93 -1.83 -47.19
CA ASP J 153 41.38 -0.49 -47.52
C ASP J 153 42.36 0.02 -46.46
N GLN K 1 39.49 25.79 3.02
CA GLN K 1 39.33 24.71 3.99
C GLN K 1 39.65 23.36 3.39
N VAL K 2 40.04 23.37 2.11
CA VAL K 2 40.43 22.14 1.43
C VAL K 2 41.78 21.69 1.96
N GLN K 3 41.97 20.38 2.02
CA GLN K 3 43.20 19.79 2.54
C GLN K 3 43.62 18.64 1.64
N LEU K 4 44.82 18.73 1.07
CA LEU K 4 45.36 17.71 0.19
C LEU K 4 46.60 17.12 0.84
N VAL K 5 46.69 15.79 0.85
CA VAL K 5 47.81 15.09 1.49
C VAL K 5 48.30 14.00 0.55
N GLU K 6 49.57 14.06 0.17
CA GLU K 6 50.13 13.01 -0.68
C GLU K 6 50.42 11.76 0.13
N SER K 7 50.57 10.65 -0.59
CA SER K 7 50.97 9.39 0.00
C SER K 7 51.64 8.55 -1.07
N GLY K 8 52.60 7.73 -0.65
CA GLY K 8 53.38 6.93 -1.56
C GLY K 8 54.85 6.95 -1.22
N PRO K 9 55.67 6.36 -2.08
CA PRO K 9 57.11 6.29 -1.79
C PRO K 9 57.81 7.63 -1.98
N GLY K 10 59.02 7.70 -1.44
CA GLY K 10 59.91 8.82 -1.67
C GLY K 10 61.28 8.32 -2.08
N LEU K 11 61.43 6.99 -2.14
CA LEU K 11 62.69 6.35 -2.50
C LEU K 11 62.36 5.16 -3.39
N VAL K 12 62.65 5.28 -4.69
CA VAL K 12 62.40 4.21 -5.64
C VAL K 12 63.64 4.03 -6.52
N ARG K 13 63.74 2.85 -7.11
CA ARG K 13 64.81 2.57 -8.05
C ARG K 13 64.48 3.20 -9.41
N PRO K 14 65.49 3.59 -10.17
CA PRO K 14 65.25 4.03 -11.55
C PRO K 14 64.82 2.86 -12.44
N SER K 15 64.27 3.24 -13.61
CA SER K 15 63.68 2.32 -14.59
C SER K 15 62.58 1.46 -13.96
N GLU K 16 61.67 2.12 -13.25
CA GLU K 16 60.53 1.46 -12.61
C GLU K 16 59.30 2.34 -12.80
N THR K 17 58.15 1.82 -12.32
CA THR K 17 56.88 2.51 -12.42
C THR K 17 56.59 3.20 -11.08
N LEU K 18 56.68 4.53 -11.08
CA LEU K 18 56.42 5.33 -9.89
C LEU K 18 54.94 5.69 -9.83
N SER K 19 54.39 5.72 -8.62
CA SER K 19 52.98 6.06 -8.44
C SER K 19 52.76 6.64 -7.05
N LEU K 20 52.19 7.84 -7.00
CA LEU K 20 51.73 8.45 -5.75
C LEU K 20 50.20 8.47 -5.74
N THR K 21 49.65 8.94 -4.63
CA THR K 21 48.20 9.08 -4.50
C THR K 21 47.92 10.16 -3.47
N CYS K 22 47.19 11.20 -3.86
CA CYS K 22 46.89 12.31 -2.99
C CYS K 22 45.44 12.23 -2.54
N ALA K 23 45.23 12.20 -1.23
CA ALA K 23 43.90 12.22 -0.65
C ALA K 23 43.43 13.66 -0.48
N VAL K 24 42.13 13.87 -0.68
CA VAL K 24 41.52 15.19 -0.66
C VAL K 24 40.40 15.19 0.36
N SER K 25 40.44 16.15 1.28
CA SER K 25 39.35 16.43 2.21
C SER K 25 39.04 17.91 2.16
N GLY K 26 38.03 18.34 2.90
CA GLY K 26 37.63 19.72 2.94
C GLY K 26 36.74 20.19 1.81
N ALA K 27 36.70 19.46 0.70
CA ALA K 27 35.86 19.79 -0.44
C ALA K 27 35.62 18.50 -1.23
N SER K 28 34.99 18.64 -2.39
CA SER K 28 34.72 17.49 -3.25
C SER K 28 35.67 17.47 -4.43
N ILE K 29 35.86 16.28 -4.99
CA ILE K 29 36.77 16.14 -6.11
C ILE K 29 36.13 16.65 -7.40
N ARG K 30 34.83 16.38 -7.58
CA ARG K 30 34.14 16.70 -8.83
C ARG K 30 33.66 18.16 -8.82
N THR K 31 34.60 19.08 -8.74
CA THR K 31 34.31 20.49 -8.69
C THR K 31 34.87 21.17 -9.93
N LYS K 32 34.69 22.50 -10.01
CA LYS K 32 35.29 23.29 -11.08
C LYS K 32 36.76 23.43 -10.75
N ALA K 33 37.53 22.41 -11.11
CA ALA K 33 38.88 22.27 -10.60
C ALA K 33 39.66 21.29 -11.45
N TRP K 34 40.98 21.50 -11.49
CA TRP K 34 41.92 20.53 -12.05
C TRP K 34 42.80 20.05 -10.90
N TRP K 35 42.58 18.80 -10.49
CA TRP K 35 43.42 18.17 -9.49
C TRP K 35 44.72 17.78 -10.17
N SER K 36 45.81 18.44 -9.79
CA SER K 36 47.01 18.48 -10.60
C SER K 36 48.20 17.94 -9.80
N TRP K 37 49.20 17.50 -10.54
CA TRP K 37 50.50 17.14 -10.00
C TRP K 37 51.54 18.10 -10.58
N ILE K 38 52.33 18.69 -9.69
CA ILE K 38 53.38 19.65 -10.01
C ILE K 38 54.62 19.25 -9.22
N ARG K 39 55.77 19.17 -9.88
CA ARG K 39 56.98 18.76 -9.19
C ARG K 39 58.02 19.88 -9.20
N GLN K 40 59.10 19.63 -8.47
CA GLN K 40 60.18 20.59 -8.31
C GLN K 40 61.48 19.86 -8.01
N PRO K 41 62.45 19.85 -8.93
CA PRO K 41 63.76 19.30 -8.60
C PRO K 41 64.44 20.13 -7.53
N PRO K 42 65.25 19.51 -6.67
CA PRO K 42 65.72 20.20 -5.45
C PRO K 42 66.71 21.31 -5.75
N GLY K 43 66.46 22.48 -5.16
CA GLY K 43 67.22 23.67 -5.45
C GLY K 43 66.83 24.39 -6.72
N LYS K 44 65.85 23.88 -7.46
CA LYS K 44 65.46 24.40 -8.75
C LYS K 44 64.00 24.85 -8.72
N GLY K 45 63.53 25.34 -9.87
CA GLY K 45 62.17 25.82 -9.98
C GLY K 45 61.15 24.70 -10.07
N LEU K 46 59.90 25.11 -10.21
CA LEU K 46 58.80 24.16 -10.31
C LEU K 46 58.76 23.53 -11.68
N GLU K 47 58.07 22.39 -11.75
CA GLU K 47 57.87 21.67 -13.02
C GLU K 47 56.47 21.07 -12.98
N TRP K 48 55.56 21.66 -13.75
CA TRP K 48 54.17 21.21 -13.80
C TRP K 48 54.08 19.89 -14.55
N ILE K 49 53.66 18.83 -13.86
CA ILE K 49 53.56 17.52 -14.49
C ILE K 49 52.29 17.43 -15.33
N GLY K 50 51.15 17.70 -14.71
CA GLY K 50 49.89 17.57 -15.42
C GLY K 50 48.72 17.74 -14.47
N TYR K 51 47.54 17.41 -14.97
CA TYR K 51 46.33 17.51 -14.17
C TYR K 51 45.36 16.40 -14.54
N VAL K 52 44.24 16.40 -13.83
CA VAL K 52 43.04 15.65 -14.21
C VAL K 52 41.88 16.52 -13.74
N SER K 53 40.69 16.28 -14.29
CA SER K 53 39.55 17.09 -13.95
C SER K 53 38.44 16.25 -13.32
N GLY K 54 37.71 16.86 -12.41
CA GLY K 54 36.55 16.22 -11.81
C GLY K 54 35.33 16.22 -12.69
N GLY K 55 35.37 16.90 -13.82
CA GLY K 55 34.29 16.86 -14.78
C GLY K 55 34.50 15.73 -15.75
N TRP K 56 34.64 16.05 -17.04
CA TRP K 56 34.89 15.00 -18.02
C TRP K 56 35.99 15.40 -19.00
N ASP K 57 36.88 16.31 -18.61
CA ASP K 57 38.01 16.68 -19.45
C ASP K 57 38.96 15.50 -19.60
N LEU K 58 39.55 15.41 -20.77
CA LEU K 58 40.66 14.49 -20.89
C LEU K 58 41.90 15.12 -20.25
N PRO K 59 42.69 14.34 -19.51
CA PRO K 59 43.86 14.91 -18.83
C PRO K 59 44.94 15.30 -19.82
N ASN K 60 45.51 16.48 -19.60
CA ASN K 60 46.51 17.04 -20.50
C ASN K 60 47.77 17.32 -19.71
N TYR K 61 48.89 16.76 -20.16
CA TYR K 61 50.14 16.83 -19.41
C TYR K 61 51.11 17.74 -20.13
N ASN K 62 52.27 17.90 -19.50
CA ASN K 62 53.40 18.54 -20.17
C ASN K 62 54.01 17.54 -21.15
N PRO K 63 54.19 17.92 -22.43
CA PRO K 63 54.77 16.96 -23.39
C PRO K 63 56.22 16.61 -23.12
N SER K 64 56.92 17.36 -22.25
CA SER K 64 58.26 16.97 -21.82
C SER K 64 58.26 15.73 -20.95
N LEU K 65 57.10 15.32 -20.43
CA LEU K 65 57.01 14.13 -19.58
C LEU K 65 56.94 12.84 -20.38
N LYS K 66 56.96 12.93 -21.72
CA LYS K 66 57.23 11.81 -22.63
C LYS K 66 56.18 10.71 -22.56
N ASN K 67 54.93 11.09 -22.25
CA ASN K 67 53.75 10.20 -22.26
C ASN K 67 53.89 9.03 -21.29
N ARG K 68 54.63 9.23 -20.21
CA ARG K 68 54.78 8.23 -19.17
C ARG K 68 53.96 8.58 -17.93
N VAL K 69 53.13 9.62 -17.99
CA VAL K 69 52.39 10.13 -16.85
C VAL K 69 50.91 9.88 -17.10
N ILE K 70 50.28 9.10 -16.22
CA ILE K 70 48.85 8.86 -16.26
C ILE K 70 48.31 9.25 -14.89
N ILE K 71 47.60 10.35 -14.81
CA ILE K 71 46.93 10.78 -13.59
C ILE K 71 45.51 10.21 -13.63
N LEU K 72 45.16 9.41 -12.63
CA LEU K 72 43.87 8.74 -12.59
C LEU K 72 43.10 9.19 -11.37
N LYS K 73 41.88 9.66 -11.57
CA LYS K 73 41.06 10.13 -10.48
C LYS K 73 40.24 8.99 -9.89
N ASP K 74 39.98 9.08 -8.59
CA ASP K 74 39.23 8.09 -7.83
C ASP K 74 38.18 8.89 -7.07
N THR K 75 37.03 9.10 -7.73
CA THR K 75 35.96 9.88 -7.14
C THR K 75 35.24 9.14 -6.01
N SER K 76 35.29 7.82 -6.01
CA SER K 76 34.70 7.04 -4.92
C SER K 76 35.56 7.06 -3.67
N LEU K 77 36.80 7.54 -3.75
CA LEU K 77 37.67 7.64 -2.58
C LEU K 77 38.24 9.03 -2.40
N ASN K 78 37.77 10.02 -3.19
CA ASN K 78 38.18 11.42 -3.12
C ASN K 78 39.69 11.57 -3.30
N GLN K 79 40.25 10.85 -4.25
CA GLN K 79 41.68 10.85 -4.48
C GLN K 79 41.97 11.02 -5.96
N PHE K 80 43.25 11.24 -6.26
CA PHE K 80 43.74 11.28 -7.63
C PHE K 80 45.22 10.98 -7.60
N SER K 81 45.66 10.13 -8.53
CA SER K 81 46.95 9.46 -8.45
C SER K 81 47.84 9.86 -9.61
N LEU K 82 49.10 10.16 -9.30
CA LEU K 82 50.13 10.33 -10.30
C LEU K 82 50.72 8.97 -10.68
N ARG K 83 51.15 8.86 -11.93
CA ARG K 83 51.96 7.74 -12.37
C ARG K 83 53.18 8.27 -13.11
N LEU K 84 54.26 7.49 -13.07
CA LEU K 84 55.47 7.84 -13.82
C LEU K 84 56.22 6.54 -14.10
N THR K 85 56.07 6.02 -15.31
CA THR K 85 56.78 4.80 -15.70
C THR K 85 58.17 5.13 -16.21
N SER K 86 59.11 4.20 -15.98
CA SER K 86 60.51 4.27 -16.42
C SER K 86 61.21 5.52 -15.90
N VAL K 87 61.35 5.59 -14.59
CA VAL K 87 61.94 6.75 -13.94
C VAL K 87 63.46 6.68 -14.05
N THR K 88 64.10 7.82 -13.85
CA THR K 88 65.55 7.93 -13.77
C THR K 88 65.92 8.64 -12.48
N ALA K 89 67.21 8.61 -12.15
CA ALA K 89 67.69 9.27 -10.94
C ALA K 89 67.68 10.78 -11.06
N ALA K 90 67.62 11.31 -12.28
CA ALA K 90 67.46 12.75 -12.50
C ALA K 90 66.04 13.22 -12.29
N ASP K 91 65.09 12.32 -12.07
CA ASP K 91 63.71 12.66 -11.76
C ASP K 91 63.47 12.82 -10.27
N THR K 92 64.52 12.92 -9.47
CA THR K 92 64.39 13.23 -8.05
C THR K 92 63.81 14.63 -7.88
N ALA K 93 62.69 14.72 -7.18
CA ALA K 93 61.96 15.99 -7.08
C ALA K 93 60.97 15.94 -5.92
N LEU K 94 60.70 17.11 -5.34
CA LEU K 94 59.53 17.28 -4.50
C LEU K 94 58.27 17.20 -5.37
N TYR K 95 57.31 16.38 -4.95
CA TYR K 95 56.06 16.22 -5.67
C TYR K 95 54.94 16.90 -4.90
N TYR K 96 53.99 17.47 -5.64
CA TYR K 96 52.93 18.29 -5.08
C TYR K 96 51.62 17.95 -5.75
N CYS K 97 50.60 17.63 -4.97
CA CYS K 97 49.23 17.60 -5.47
C CYS K 97 48.56 18.93 -5.15
N ALA K 98 47.79 19.45 -6.11
CA ALA K 98 47.21 20.78 -5.98
C ALA K 98 45.88 20.81 -6.71
N ARG K 99 45.23 21.98 -6.67
CA ARG K 99 43.87 22.14 -7.18
C ARG K 99 43.79 23.48 -7.91
N GLU K 100 43.76 23.45 -9.23
CA GLU K 100 43.48 24.66 -9.98
C GLU K 100 41.99 24.97 -9.92
N GLY K 101 41.66 26.20 -9.55
CA GLY K 101 40.27 26.63 -9.46
C GLY K 101 40.06 27.95 -10.16
N PRO K 102 39.07 28.72 -9.72
CA PRO K 102 38.95 30.10 -10.23
C PRO K 102 40.12 30.98 -9.81
N GLU K 103 40.77 30.65 -8.71
CA GLU K 103 42.11 31.14 -8.39
C GLU K 103 43.11 30.04 -8.71
N ASP K 104 44.38 30.40 -8.71
CA ASP K 104 45.42 29.55 -9.27
C ASP K 104 46.11 28.77 -8.15
N PHE K 105 45.74 27.49 -8.03
CA PHE K 105 46.38 26.48 -7.17
C PHE K 105 46.38 26.90 -5.70
N ASP K 106 45.18 27.12 -5.17
CA ASP K 106 45.02 27.61 -3.79
C ASP K 106 45.54 26.63 -2.74
N VAL K 107 44.95 25.44 -2.67
CA VAL K 107 45.34 24.43 -1.71
C VAL K 107 46.26 23.44 -2.41
N TRP K 108 47.51 23.37 -1.93
CA TRP K 108 48.46 22.38 -2.40
C TRP K 108 48.45 21.19 -1.45
N GLY K 109 49.23 20.17 -1.79
CA GLY K 109 49.66 19.19 -0.83
C GLY K 109 50.93 19.70 -0.18
N PRO K 110 51.39 19.03 0.89
CA PRO K 110 52.65 19.46 1.53
C PRO K 110 53.86 19.28 0.64
N GLY K 111 53.86 18.28 -0.25
CA GLY K 111 54.95 18.12 -1.18
C GLY K 111 56.03 17.24 -0.59
N PHE K 112 56.25 16.07 -1.17
CA PHE K 112 57.19 15.12 -0.61
C PHE K 112 58.31 14.81 -1.60
N LEU K 113 59.53 14.76 -1.08
CA LEU K 113 60.70 14.54 -1.93
C LEU K 113 60.77 13.07 -2.33
N VAL K 114 60.52 12.79 -3.61
CA VAL K 114 60.78 11.48 -4.17
C VAL K 114 62.21 11.50 -4.70
N THR K 115 63.11 10.81 -4.00
CA THR K 115 64.51 10.74 -4.38
C THR K 115 64.74 9.39 -5.07
N VAL K 116 64.73 9.42 -6.40
CA VAL K 116 64.94 8.20 -7.18
C VAL K 116 66.41 7.83 -7.12
N SER K 117 66.73 6.72 -6.48
CA SER K 117 68.10 6.27 -6.31
C SER K 117 68.16 4.77 -6.49
N SER K 118 69.27 4.29 -7.04
CA SER K 118 69.46 2.87 -7.27
C SER K 118 70.25 2.23 -6.13
N ASP L 1 56.33 26.33 -25.24
CA ASP L 1 55.65 26.63 -23.99
C ASP L 1 55.94 28.06 -23.56
N VAL L 2 55.25 28.50 -22.51
CA VAL L 2 55.42 29.86 -22.01
C VAL L 2 56.70 29.93 -21.19
N VAL L 3 57.47 30.99 -21.40
CA VAL L 3 58.73 31.22 -20.69
C VAL L 3 58.52 32.38 -19.73
N MET L 4 58.90 32.18 -18.47
CA MET L 4 58.74 33.19 -17.43
C MET L 4 60.11 33.65 -16.94
N THR L 5 60.23 34.95 -16.68
CA THR L 5 61.48 35.52 -16.21
C THR L 5 61.20 36.57 -15.15
N GLN L 6 61.87 36.46 -14.00
CA GLN L 6 61.71 37.40 -12.90
C GLN L 6 62.98 38.25 -12.78
N SER L 7 62.80 39.55 -12.60
CA SER L 7 63.93 40.45 -12.41
C SER L 7 63.66 41.34 -11.20
N PRO L 8 64.59 41.43 -10.23
CA PRO L 8 65.89 40.75 -10.17
C PRO L 8 65.80 39.32 -9.66
N LEU L 9 66.84 38.54 -9.90
CA LEU L 9 66.90 37.16 -9.42
C LEU L 9 67.21 37.07 -7.92
N SER L 10 67.65 38.15 -7.30
CA SER L 10 67.90 38.19 -5.87
C SER L 10 67.83 39.63 -5.40
N LEU L 11 67.16 39.85 -4.28
CA LEU L 11 67.03 41.20 -3.71
C LEU L 11 66.86 41.06 -2.21
N SER L 12 67.96 41.21 -1.46
CA SER L 12 67.89 41.19 0.00
C SER L 12 67.18 42.45 0.47
N ILE L 13 66.08 42.28 1.17
CA ILE L 13 65.18 43.39 1.45
C ILE L 13 65.71 44.23 2.59
N THR L 14 65.50 45.54 2.49
CA THR L 14 65.73 46.44 3.61
C THR L 14 64.42 46.64 4.35
N PRO L 15 64.32 46.29 5.63
CA PRO L 15 63.05 46.46 6.36
C PRO L 15 62.67 47.92 6.51
N GLY L 16 61.43 48.23 6.11
CA GLY L 16 60.96 49.60 6.00
C GLY L 16 61.03 50.16 4.59
N GLN L 17 61.60 49.42 3.65
CA GLN L 17 61.78 49.85 2.26
C GLN L 17 61.11 48.87 1.30
N PRO L 18 60.55 49.36 0.21
CA PRO L 18 59.84 48.47 -0.73
C PRO L 18 60.80 47.60 -1.54
N ALA L 19 60.20 46.62 -2.22
CA ALA L 19 60.90 45.76 -3.15
C ALA L 19 59.98 45.44 -4.31
N SER L 20 60.55 44.96 -5.41
CA SER L 20 59.75 44.76 -6.61
C SER L 20 60.31 43.60 -7.44
N ILE L 21 59.40 42.93 -8.15
CA ILE L 21 59.75 41.86 -9.08
C ILE L 21 59.01 42.14 -10.38
N SER L 22 59.75 42.31 -11.46
CA SER L 22 59.19 42.44 -12.79
C SER L 22 59.15 41.07 -13.45
N CYS L 23 57.96 40.62 -13.81
CA CYS L 23 57.76 39.36 -14.50
C CYS L 23 57.63 39.59 -15.99
N ARG L 24 58.24 38.71 -16.76
CA ARG L 24 58.23 38.78 -18.22
C ARG L 24 57.82 37.41 -18.73
N SER L 25 56.62 37.34 -19.30
CA SER L 25 56.14 36.13 -19.95
C SER L 25 56.49 36.17 -21.42
N SER L 26 56.61 35.00 -22.03
CA SER L 26 56.97 34.94 -23.44
C SER L 26 55.82 35.37 -24.33
N GLN L 27 54.58 35.04 -23.93
CA GLN L 27 53.41 35.26 -24.76
C GLN L 27 52.41 36.15 -24.05
N SER L 28 51.42 36.62 -24.80
CA SER L 28 50.40 37.50 -24.24
C SER L 28 49.45 36.69 -23.35
N LEU L 29 49.37 37.07 -22.08
CA LEU L 29 48.55 36.33 -21.12
C LEU L 29 47.13 36.85 -21.01
N VAL L 30 46.79 37.92 -21.73
CA VAL L 30 45.45 38.49 -21.64
C VAL L 30 44.51 37.65 -22.50
N HIS L 31 43.60 36.94 -21.84
CA HIS L 31 42.58 36.18 -22.54
C HIS L 31 41.54 37.13 -23.14
N SER L 32 40.78 36.61 -24.12
CA SER L 32 39.82 37.40 -24.88
C SER L 32 38.66 37.94 -24.05
N ASP L 33 38.42 37.43 -22.85
CA ASP L 33 37.38 37.99 -22.00
C ASP L 33 37.76 39.37 -21.47
N GLY L 34 39.06 39.62 -21.29
CA GLY L 34 39.55 40.86 -20.70
C GLY L 34 40.32 40.67 -19.42
N LYS L 35 40.56 39.44 -18.97
CA LYS L 35 41.27 39.18 -17.73
C LYS L 35 42.72 38.83 -18.01
N THR L 36 43.43 38.39 -16.97
CA THR L 36 44.81 37.97 -17.11
C THR L 36 45.06 36.85 -16.11
N TYR L 37 45.39 35.68 -16.62
CA TYR L 37 45.54 34.49 -15.79
C TYR L 37 47.01 34.35 -15.40
N LEU L 38 47.40 35.15 -14.41
CA LEU L 38 48.77 35.24 -13.93
C LEU L 38 48.73 35.20 -12.42
N SER L 39 49.69 34.49 -11.81
CA SER L 39 49.66 34.29 -10.37
C SER L 39 51.07 34.46 -9.80
N TRP L 40 51.11 34.79 -8.50
CA TRP L 40 52.36 34.97 -7.78
C TRP L 40 52.40 34.05 -6.58
N TYR L 41 53.54 33.40 -6.38
CA TYR L 41 53.75 32.46 -5.29
C TYR L 41 54.97 32.89 -4.49
N GLN L 42 55.14 32.26 -3.32
CA GLN L 42 56.27 32.58 -2.45
C GLN L 42 56.75 31.30 -1.79
N GLN L 43 57.87 30.76 -2.29
CA GLN L 43 58.51 29.56 -1.76
C GLN L 43 58.92 29.73 -0.31
N LYS L 44 58.44 28.81 0.54
CA LYS L 44 58.92 28.48 1.86
C LYS L 44 59.57 27.11 1.82
N PRO L 45 60.67 26.89 2.54
CA PRO L 45 61.49 25.69 2.30
C PRO L 45 60.83 24.41 2.80
N GLY L 46 60.71 23.43 1.91
CA GLY L 46 60.04 22.18 2.23
C GLY L 46 58.56 22.30 2.41
N GLN L 47 57.94 23.33 1.87
CA GLN L 47 56.56 23.68 2.13
C GLN L 47 55.81 23.88 0.83
N PRO L 48 54.47 23.81 0.87
CA PRO L 48 53.69 24.43 -0.20
C PRO L 48 53.86 25.94 -0.16
N PRO L 49 54.02 26.58 -1.30
CA PRO L 49 54.36 28.01 -1.31
C PRO L 49 53.19 28.88 -0.87
N ARG L 50 53.52 30.09 -0.42
CA ARG L 50 52.53 31.08 -0.06
C ARG L 50 52.16 31.87 -1.31
N LEU L 51 50.88 32.22 -1.41
CA LEU L 51 50.31 32.74 -2.64
C LEU L 51 49.99 34.21 -2.45
N LEU L 52 50.66 35.08 -3.20
CA LEU L 52 50.53 36.52 -2.97
C LEU L 52 49.42 37.14 -3.80
N ILE L 53 49.55 37.09 -5.13
CA ILE L 53 48.61 37.78 -6.02
C ILE L 53 48.35 36.89 -7.23
N TYR L 54 47.08 36.60 -7.47
CA TYR L 54 46.61 36.03 -8.73
C TYR L 54 45.72 37.05 -9.43
N GLN L 55 45.76 37.03 -10.76
CA GLN L 55 44.87 37.81 -11.63
C GLN L 55 44.93 39.30 -11.30
N VAL L 56 46.08 39.88 -11.66
CA VAL L 56 46.88 40.86 -10.90
C VAL L 56 46.09 41.82 -10.02
N SER L 57 44.96 42.34 -10.53
CA SER L 57 44.11 43.19 -9.71
C SER L 57 43.42 42.44 -8.58
N ASN L 58 43.32 41.12 -8.66
CA ASN L 58 42.62 40.35 -7.63
C ASN L 58 43.53 40.05 -6.44
N TRP L 59 42.90 39.58 -5.37
CA TRP L 59 43.57 39.31 -4.10
C TRP L 59 43.18 37.93 -3.59
N TYR L 60 44.17 37.19 -3.08
CA TYR L 60 43.88 35.95 -2.39
C TYR L 60 43.23 36.24 -1.04
N SER L 61 42.39 35.30 -0.60
CA SER L 61 41.84 35.35 0.75
C SER L 61 42.91 34.85 1.71
N GLY L 62 43.40 35.73 2.56
CA GLY L 62 44.53 35.45 3.42
C GLY L 62 45.77 36.24 3.09
N VAL L 63 45.65 37.40 2.44
CA VAL L 63 46.78 38.21 2.04
C VAL L 63 46.51 39.64 2.48
N PRO L 64 47.39 40.25 3.28
CA PRO L 64 47.20 41.66 3.64
C PRO L 64 47.49 42.58 2.46
N ASP L 65 46.96 43.80 2.55
CA ASP L 65 47.02 44.76 1.46
C ASP L 65 48.32 45.57 1.44
N ARG L 66 49.39 45.07 2.08
CA ARG L 66 50.68 45.72 2.00
C ARG L 66 51.46 45.32 0.75
N PHE L 67 50.91 44.45 -0.09
CA PHE L 67 51.45 44.15 -1.39
C PHE L 67 50.70 44.94 -2.46
N SER L 68 51.18 44.84 -3.70
CA SER L 68 50.54 45.50 -4.82
C SER L 68 50.99 44.79 -6.11
N GLY L 69 50.21 44.98 -7.16
CA GLY L 69 50.52 44.37 -8.43
C GLY L 69 49.93 45.17 -9.58
N SER L 70 50.68 45.22 -10.68
CA SER L 70 50.22 45.90 -11.89
C SER L 70 50.86 45.20 -13.08
N GLY L 71 50.81 45.83 -14.24
CA GLY L 71 51.51 45.34 -15.41
C GLY L 71 50.84 45.57 -16.74
N THR L 72 51.65 45.68 -17.78
CA THR L 72 51.19 45.92 -19.14
C THR L 72 51.80 44.89 -20.08
N GLY L 73 50.99 44.38 -21.00
CA GLY L 73 51.44 43.44 -22.01
C GLY L 73 51.91 42.11 -21.44
N THR L 74 53.22 41.89 -21.48
CA THR L 74 53.84 40.75 -20.83
C THR L 74 54.72 41.15 -19.67
N ASN L 75 54.92 42.45 -19.45
CA ASN L 75 55.72 42.94 -18.32
C ASN L 75 54.75 43.23 -17.18
N PHE L 76 54.67 42.30 -16.23
CA PHE L 76 53.84 42.46 -15.05
C PHE L 76 54.74 42.77 -13.86
N THR L 77 54.14 43.20 -12.75
CA THR L 77 54.91 43.75 -11.65
C THR L 77 54.27 43.37 -10.32
N LEU L 78 55.00 42.61 -9.52
CA LEU L 78 54.70 42.44 -8.11
C LEU L 78 55.52 43.44 -7.32
N LYS L 79 54.89 44.09 -6.34
CA LYS L 79 55.60 45.04 -5.49
C LYS L 79 55.20 44.82 -4.04
N ILE L 80 56.17 44.98 -3.15
CA ILE L 80 55.94 44.95 -1.72
C ILE L 80 56.33 46.33 -1.20
N SER L 81 55.33 47.18 -0.95
CA SER L 81 55.56 48.56 -0.52
C SER L 81 56.15 48.64 0.88
N ARG L 82 55.95 47.60 1.70
CA ARG L 82 56.53 47.55 3.04
C ARG L 82 56.88 46.08 3.30
N VAL L 83 58.17 45.76 3.21
CA VAL L 83 58.57 44.38 3.46
C VAL L 83 58.56 44.10 4.95
N GLU L 84 58.46 42.82 5.28
CA GLU L 84 58.46 42.35 6.65
C GLU L 84 59.43 41.19 6.78
N ALA L 85 59.53 40.65 7.99
CA ALA L 85 60.26 39.39 8.18
C ALA L 85 59.46 38.19 7.68
N ALA L 86 58.16 38.35 7.50
CA ALA L 86 57.30 37.29 6.98
C ALA L 86 57.39 37.15 5.46
N ASP L 87 58.13 38.02 4.78
CA ASP L 87 58.33 37.95 3.34
C ASP L 87 59.52 37.07 2.96
N VAL L 88 59.91 36.13 3.82
CA VAL L 88 60.97 35.20 3.48
C VAL L 88 60.47 34.19 2.44
N GLY L 89 61.41 33.64 1.69
CA GLY L 89 61.11 32.69 0.64
C GLY L 89 61.65 33.16 -0.69
N VAL L 90 61.36 32.35 -1.71
CA VAL L 90 61.78 32.65 -3.09
C VAL L 90 60.53 32.67 -3.95
N TYR L 91 60.25 33.80 -4.59
CA TYR L 91 58.93 34.03 -5.17
C TYR L 91 58.75 33.27 -6.48
N TYR L 92 57.61 33.47 -7.11
CA TYR L 92 57.29 32.83 -8.38
C TYR L 92 56.28 33.67 -9.13
N CYS L 93 56.49 33.76 -10.44
CA CYS L 93 55.51 34.28 -11.38
C CYS L 93 55.09 33.14 -12.29
N GLY L 94 53.81 32.80 -12.27
CA GLY L 94 53.34 31.65 -13.03
C GLY L 94 52.07 31.91 -13.82
N GLN L 95 52.10 31.60 -15.11
CA GLN L 95 50.96 31.84 -15.98
C GLN L 95 49.95 30.72 -15.83
N GLY L 96 48.72 31.01 -16.28
CA GLY L 96 47.67 30.03 -16.25
C GLY L 96 46.77 30.10 -17.46
N VAL L 97 47.15 30.88 -18.46
CA VAL L 97 46.30 31.10 -19.63
C VAL L 97 46.62 30.14 -20.78
N HIS L 98 47.77 29.46 -20.74
CA HIS L 98 48.16 28.57 -21.83
C HIS L 98 48.55 27.22 -21.27
N LEU L 99 48.02 26.17 -21.88
CA LEU L 99 48.60 24.85 -21.64
C LEU L 99 49.89 24.70 -22.44
N PRO L 100 50.95 24.14 -21.85
CA PRO L 100 51.08 23.62 -20.49
C PRO L 100 51.30 24.71 -19.45
N ARG L 101 50.86 24.46 -18.21
CA ARG L 101 51.14 25.38 -17.12
C ARG L 101 52.63 25.46 -16.86
N THR L 102 53.13 26.66 -16.63
CA THR L 102 54.54 26.88 -16.35
C THR L 102 54.69 27.77 -15.13
N PHE L 103 55.92 27.82 -14.63
CA PHE L 103 56.27 28.66 -13.50
C PHE L 103 57.57 29.39 -13.78
N GLY L 104 58.13 30.06 -12.77
CA GLY L 104 59.29 30.90 -12.94
C GLY L 104 60.53 30.37 -12.25
N GLN L 105 61.51 31.27 -12.13
CA GLN L 105 62.76 30.96 -11.46
C GLN L 105 62.74 31.45 -10.01
N GLY L 106 62.53 32.74 -9.81
CA GLY L 106 62.30 33.27 -8.49
C GLY L 106 63.36 34.27 -8.07
N THR L 107 63.00 35.07 -7.07
CA THR L 107 63.86 36.09 -6.50
C THR L 107 64.27 35.69 -5.09
N LYS L 108 65.56 35.67 -4.82
CA LYS L 108 66.07 35.34 -3.50
C LYS L 108 65.93 36.54 -2.58
N VAL L 109 65.29 36.34 -1.43
CA VAL L 109 65.02 37.41 -0.47
C VAL L 109 65.42 36.92 0.92
N ASP L 110 66.38 37.61 1.54
CA ASP L 110 66.79 37.32 2.91
C ASP L 110 66.99 38.64 3.63
N ILE L 111 67.53 38.55 4.85
CA ILE L 111 67.63 39.70 5.74
C ILE L 111 68.90 40.48 5.43
N LYS L 112 68.77 41.79 5.34
CA LYS L 112 69.92 42.65 5.08
C LYS L 112 70.26 43.49 6.30
N GLN M 1 27.00 35.88 75.90
CA GLN M 1 26.57 34.69 76.62
C GLN M 1 25.08 34.75 76.89
N VAL M 2 24.40 33.63 76.70
CA VAL M 2 22.96 33.54 76.89
C VAL M 2 22.63 32.32 77.74
N HIS M 3 21.62 32.48 78.58
CA HIS M 3 20.92 31.37 79.22
C HIS M 3 19.54 31.88 79.62
N LEU M 4 18.56 30.99 79.55
CA LEU M 4 17.17 31.39 79.72
C LEU M 4 16.67 30.91 81.07
N GLN M 5 15.64 31.61 81.55
CA GLN M 5 15.03 31.32 82.86
C GLN M 5 13.55 31.08 82.60
N GLU M 6 13.15 29.80 82.62
CA GLU M 6 11.75 29.45 82.45
C GLU M 6 10.98 29.69 83.74
N SER M 7 9.72 30.10 83.60
CA SER M 7 8.89 30.34 84.77
C SER M 7 7.43 30.07 84.41
N GLY M 8 6.80 29.22 85.22
CA GLY M 8 5.40 28.92 85.04
C GLY M 8 4.78 28.48 86.35
N PRO M 9 3.48 28.19 86.33
CA PRO M 9 2.82 27.71 87.56
C PRO M 9 3.25 26.31 87.97
N GLY M 10 3.33 25.40 87.02
CA GLY M 10 3.69 24.01 87.28
C GLY M 10 2.51 23.13 87.68
N LEU M 11 1.61 23.68 88.50
CA LEU M 11 0.38 23.01 88.89
C LEU M 11 -0.77 23.75 88.21
N VAL M 12 -1.41 23.09 87.25
CA VAL M 12 -2.41 23.71 86.40
C VAL M 12 -3.75 23.01 86.61
N LYS M 13 -4.81 23.78 86.64
CA LYS M 13 -6.13 23.16 86.62
C LYS M 13 -6.51 22.80 85.18
N PRO M 14 -7.33 21.78 84.98
CA PRO M 14 -7.77 21.45 83.63
C PRO M 14 -8.72 22.51 83.08
N SER M 15 -8.68 22.66 81.75
CA SER M 15 -9.45 23.65 80.98
C SER M 15 -9.17 25.07 81.47
N GLU M 16 -7.92 25.50 81.32
CA GLU M 16 -7.45 26.75 81.87
C GLU M 16 -6.54 27.45 80.86
N THR M 17 -6.40 28.76 81.03
CA THR M 17 -5.48 29.56 80.22
C THR M 17 -4.11 29.57 80.90
N LEU M 18 -3.16 28.84 80.34
CA LEU M 18 -1.81 28.77 80.88
C LEU M 18 -0.98 29.94 80.38
N SER M 19 -0.08 30.43 81.23
CA SER M 19 0.86 31.47 80.83
C SER M 19 2.25 31.11 81.33
N LEU M 20 3.26 31.39 80.51
CA LEU M 20 4.65 31.10 80.86
C LEU M 20 5.51 32.29 80.47
N THR M 21 6.59 32.48 81.22
CA THR M 21 7.54 33.55 80.94
C THR M 21 8.94 32.97 80.87
N CYS M 22 9.82 33.71 80.21
CA CYS M 22 11.16 33.24 79.91
C CYS M 22 12.11 34.44 79.95
N ASN M 23 12.85 34.56 81.04
CA ASN M 23 13.83 35.62 81.17
C ASN M 23 15.07 35.30 80.34
N VAL M 24 15.71 36.36 79.86
CA VAL M 24 16.87 36.23 78.98
C VAL M 24 18.11 36.64 79.76
N SER M 25 19.28 36.40 79.14
CA SER M 25 20.56 36.84 79.69
C SER M 25 21.37 37.41 78.54
N GLY M 26 21.61 38.72 78.58
CA GLY M 26 22.46 39.37 77.60
C GLY M 26 21.78 39.80 76.32
N THR M 27 21.51 38.84 75.42
CA THR M 27 20.94 39.17 74.12
C THR M 27 19.46 39.48 74.25
N LEU M 28 19.05 40.60 73.66
CA LEU M 28 17.68 41.06 73.80
C LEU M 28 16.72 40.24 72.93
N VAL M 29 15.43 40.51 73.12
CA VAL M 29 14.39 39.75 72.43
C VAL M 29 14.22 40.21 70.98
N ARG M 30 14.74 41.40 70.63
CA ARG M 30 14.56 41.92 69.28
C ARG M 30 15.45 41.19 68.28
N ASP M 31 16.63 40.75 68.72
CA ASP M 31 17.65 40.30 67.78
C ASP M 31 17.34 38.92 67.19
N ASN M 32 16.82 38.01 68.01
CA ASN M 32 16.80 36.60 67.65
C ASN M 32 15.38 36.09 67.46
N TYR M 33 15.29 34.98 66.71
CA TYR M 33 14.10 34.14 66.72
C TYR M 33 13.93 33.49 68.09
N TRP M 34 12.71 33.07 68.40
CA TRP M 34 12.47 32.37 69.64
C TRP M 34 11.53 31.20 69.37
N SER M 35 11.58 30.19 70.23
CA SER M 35 10.78 29.00 70.04
C SER M 35 10.36 28.43 71.38
N TRP M 36 9.24 27.73 71.37
CA TRP M 36 8.80 26.95 72.51
C TRP M 36 8.72 25.49 72.12
N ILE M 37 9.14 24.62 73.03
CA ILE M 37 9.26 23.18 72.77
C ILE M 37 8.73 22.43 73.97
N ARG M 38 7.78 21.52 73.76
CA ARG M 38 7.26 20.71 74.85
C ARG M 38 7.69 19.26 74.70
N GLN M 39 7.82 18.59 75.85
CA GLN M 39 8.19 17.17 75.82
C GLN M 39 7.53 16.42 76.96
N PRO M 40 6.69 15.43 76.67
CA PRO M 40 6.15 14.60 77.75
C PRO M 40 7.23 13.66 78.28
N LEU M 41 6.95 13.07 79.45
CA LEU M 41 7.93 12.25 80.13
C LEU M 41 8.14 10.94 79.40
N GLY M 42 9.41 10.59 79.18
CA GLY M 42 9.76 9.41 78.42
C GLY M 42 9.35 9.45 76.97
N LYS M 43 9.19 10.63 76.40
CA LYS M 43 8.69 10.79 75.04
C LYS M 43 9.64 11.68 74.26
N GLN M 44 9.44 11.69 72.94
CA GLN M 44 10.16 12.62 72.10
C GLN M 44 9.58 14.02 72.27
N PRO M 45 10.37 15.06 72.05
CA PRO M 45 9.85 16.42 72.24
C PRO M 45 8.92 16.81 71.10
N GLU M 46 8.18 17.89 71.33
CA GLU M 46 7.21 18.40 70.38
C GLU M 46 7.47 19.89 70.19
N TRP M 47 7.79 20.29 68.97
CA TRP M 47 8.11 21.68 68.68
C TRP M 47 6.81 22.46 68.56
N ILE M 48 6.56 23.35 69.52
CA ILE M 48 5.31 24.09 69.52
C ILE M 48 5.34 25.22 68.51
N GLY M 49 6.52 25.77 68.23
CA GLY M 49 6.61 26.81 67.22
C GLY M 49 7.58 27.92 67.53
N TYR M 50 7.64 28.89 66.62
CA TYR M 50 8.61 29.97 66.71
C TYR M 50 7.93 31.31 66.50
N VAL M 51 8.52 32.33 67.11
CA VAL M 51 8.01 33.69 67.13
C VAL M 51 9.18 34.64 66.84
N HIS M 52 8.85 35.72 66.12
CA HIS M 52 9.79 36.80 65.87
C HIS M 52 8.99 38.07 65.63
N ASP M 53 9.65 39.21 65.83
CA ASP M 53 9.11 40.50 65.42
C ASP M 53 8.89 40.54 63.91
N SER M 54 8.00 41.45 63.51
CA SER M 54 7.55 41.64 62.11
C SER M 54 6.93 40.37 61.54
N GLY M 55 5.93 39.85 62.27
CA GLY M 55 5.00 38.89 61.72
C GLY M 55 5.48 37.45 61.63
N ASP M 56 6.76 37.17 61.85
CA ASP M 56 7.28 35.81 61.76
C ASP M 56 6.84 35.03 63.00
N THR M 57 5.59 34.55 62.94
CA THR M 57 4.91 33.97 64.09
C THR M 57 4.22 32.66 63.70
N ASN M 58 4.94 31.79 63.01
CA ASN M 58 4.36 30.54 62.55
C ASN M 58 4.24 29.57 63.71
N TYR M 59 3.01 29.12 63.98
CA TYR M 59 2.74 28.16 65.04
C TYR M 59 2.64 26.76 64.48
N ASN M 60 2.52 25.80 65.38
CA ASN M 60 2.24 24.43 64.99
C ASN M 60 0.79 24.34 64.52
N PRO M 61 0.53 23.79 63.33
CA PRO M 61 -0.86 23.53 62.93
C PRO M 61 -1.52 22.37 63.67
N SER M 62 -0.80 21.69 64.56
CA SER M 62 -1.44 20.75 65.47
C SER M 62 -2.40 21.48 66.41
N LEU M 63 -1.88 22.44 67.17
CA LEU M 63 -2.75 23.20 68.06
C LEU M 63 -3.46 24.32 67.32
N LYS M 64 -2.69 25.33 66.89
CA LYS M 64 -3.04 26.37 65.92
C LYS M 64 -4.17 27.32 66.35
N SER M 65 -4.85 27.01 67.43
CA SER M 65 -6.02 27.75 67.86
C SER M 65 -5.98 28.11 69.34
N ARG M 66 -5.43 27.23 70.17
CA ARG M 66 -5.45 27.41 71.62
C ARG M 66 -4.07 27.71 72.17
N VAL M 67 -3.18 28.25 71.35
CA VAL M 67 -1.82 28.57 71.75
C VAL M 67 -1.42 29.90 71.11
N HIS M 68 -0.61 30.66 71.83
CA HIS M 68 -0.13 31.97 71.39
C HIS M 68 1.28 32.17 71.91
N LEU M 69 2.06 32.93 71.15
CA LEU M 69 3.42 33.26 71.54
C LEU M 69 3.58 34.78 71.49
N SER M 70 4.42 35.32 72.36
CA SER M 70 4.62 36.76 72.42
C SER M 70 5.99 37.04 73.03
N LEU M 71 6.38 38.31 73.02
CA LEU M 71 7.65 38.75 73.58
C LEU M 71 7.37 39.79 74.66
N ASP M 72 8.46 40.33 75.21
CA ASP M 72 8.38 41.39 76.22
C ASP M 72 9.63 42.25 76.04
N LYS M 73 9.51 43.30 75.24
CA LYS M 73 10.67 44.10 74.90
C LYS M 73 11.09 45.02 76.02
N SER M 74 10.14 45.46 76.85
CA SER M 74 10.48 46.33 77.97
C SER M 74 11.22 45.56 79.05
N LYS M 75 10.61 44.49 79.56
CA LYS M 75 11.27 43.66 80.56
C LYS M 75 12.22 42.64 79.94
N ASN M 76 12.17 42.48 78.62
CA ASN M 76 13.04 41.59 77.84
C ASN M 76 12.84 40.12 78.25
N LEU M 77 11.61 39.65 78.05
CA LEU M 77 11.20 38.27 78.32
C LEU M 77 10.56 37.68 77.08
N VAL M 78 10.27 36.38 77.13
CA VAL M 78 9.55 35.66 76.09
C VAL M 78 8.37 34.94 76.73
N SER M 79 7.17 35.15 76.19
CA SER M 79 5.95 34.68 76.84
C SER M 79 5.23 33.65 75.99
N LEU M 80 4.79 32.58 76.64
CA LEU M 80 3.87 31.61 76.07
C LEU M 80 2.49 31.82 76.67
N ARG M 81 1.46 31.61 75.86
CA ARG M 81 0.08 31.60 76.30
C ARG M 81 -0.59 30.37 75.72
N LEU M 82 -1.47 29.74 76.50
CA LEU M 82 -2.17 28.54 76.10
C LEU M 82 -3.61 28.65 76.58
N THR M 83 -4.52 27.99 75.86
CA THR M 83 -5.94 28.05 76.15
C THR M 83 -6.48 26.64 76.33
N GLY M 84 -7.21 26.40 77.42
CA GLY M 84 -7.87 25.13 77.63
C GLY M 84 -6.92 23.97 77.85
N VAL M 85 -6.22 23.98 78.99
CA VAL M 85 -5.25 22.94 79.27
C VAL M 85 -5.97 21.63 79.56
N THR M 86 -5.65 20.60 78.80
CA THR M 86 -6.22 19.28 78.96
C THR M 86 -5.17 18.35 79.57
N ALA M 87 -5.54 17.06 79.69
CA ALA M 87 -4.69 16.10 80.37
C ALA M 87 -3.45 15.73 79.56
N ALA M 88 -3.45 15.96 78.24
CA ALA M 88 -2.32 15.65 77.40
C ALA M 88 -1.32 16.78 77.30
N ASP M 89 -1.40 17.78 78.19
CA ASP M 89 -0.49 18.90 78.19
C ASP M 89 0.55 18.82 79.30
N SER M 90 0.46 17.84 80.19
CA SER M 90 1.43 17.67 81.27
C SER M 90 2.76 17.21 80.67
N ALA M 91 3.77 18.07 80.74
CA ALA M 91 5.03 17.86 80.07
C ALA M 91 6.09 18.72 80.74
N ILE M 92 7.27 18.80 80.13
CA ILE M 92 8.27 19.80 80.47
C ILE M 92 8.39 20.75 79.29
N TYR M 93 8.39 22.05 79.57
CA TYR M 93 8.33 23.07 78.54
C TYR M 93 9.65 23.82 78.50
N TYR M 94 10.01 24.31 77.31
CA TYR M 94 11.28 24.98 77.08
C TYR M 94 11.04 26.20 76.21
N CYS M 95 11.63 27.33 76.60
CA CYS M 95 11.89 28.42 75.67
C CYS M 95 13.32 28.29 75.18
N ALA M 96 13.53 28.63 73.91
CA ALA M 96 14.83 28.38 73.29
C ALA M 96 15.02 29.29 72.09
N THR M 97 16.21 29.85 71.97
CA THR M 97 16.56 30.56 70.74
C THR M 97 16.74 29.56 69.60
N THR M 98 16.62 30.07 68.38
CA THR M 98 16.81 29.21 67.22
C THR M 98 17.37 30.02 66.06
N LYS M 99 18.07 29.32 65.17
CA LYS M 99 18.69 29.91 64.00
C LYS M 99 18.15 29.24 62.75
N HIS M 100 17.99 30.03 61.70
CA HIS M 100 17.46 29.56 60.43
C HIS M 100 18.60 29.16 59.49
N GLY M 101 18.21 28.51 58.39
CA GLY M 101 19.17 28.13 57.37
C GLY M 101 18.49 27.85 56.05
N ARG M 102 19.09 28.30 54.95
CA ARG M 102 18.55 28.09 53.62
C ARG M 102 19.14 26.82 53.04
N ARG M 103 18.37 25.75 53.00
CA ARG M 103 18.75 24.55 52.26
C ARG M 103 18.30 24.74 50.82
N ILE M 104 19.28 24.79 49.92
CA ILE M 104 19.05 25.11 48.51
C ILE M 104 19.38 23.87 47.69
N TYR M 105 18.39 23.39 46.94
CA TYR M 105 18.54 22.17 46.16
C TYR M 105 18.34 22.35 44.67
N GLY M 106 17.95 23.53 44.21
CA GLY M 106 17.70 23.77 42.79
C GLY M 106 17.92 25.20 42.43
N VAL M 107 17.04 25.74 41.58
CA VAL M 107 17.13 27.14 41.21
C VAL M 107 16.67 28.00 42.37
N VAL M 108 17.42 29.06 42.67
CA VAL M 108 17.03 29.97 43.73
C VAL M 108 15.79 30.76 43.30
N ALA M 109 15.76 31.19 42.04
CA ALA M 109 14.67 32.03 41.56
C ALA M 109 13.35 31.28 41.39
N PHE M 110 13.35 29.95 41.45
CA PHE M 110 12.13 29.18 41.33
C PHE M 110 11.59 28.74 42.68
N LYS M 111 12.05 29.36 43.76
CA LYS M 111 11.73 29.00 45.15
C LYS M 111 12.04 27.54 45.45
N GLU M 112 13.10 27.00 44.85
CA GLU M 112 13.48 25.60 45.09
C GLU M 112 14.49 25.51 46.23
N TRP M 113 14.04 25.92 47.39
CA TRP M 113 14.84 25.99 48.60
C TRP M 113 13.89 26.12 49.77
N PHE M 114 14.39 25.86 50.97
CA PHE M 114 13.53 25.99 52.14
C PHE M 114 14.36 26.35 53.36
N THR M 115 13.73 27.10 54.27
CA THR M 115 14.37 27.55 55.48
C THR M 115 14.09 26.55 56.59
N TYR M 116 15.11 25.81 57.01
CA TYR M 116 15.01 24.98 58.19
C TYR M 116 15.40 25.79 59.41
N PHE M 117 15.06 25.26 60.58
CA PHE M 117 15.38 25.92 61.84
C PHE M 117 16.07 24.92 62.75
N TYR M 118 16.86 25.44 63.68
CA TYR M 118 17.47 24.59 64.69
C TYR M 118 17.65 25.40 65.96
N MET M 119 17.29 24.80 67.09
CA MET M 119 17.44 25.44 68.39
C MET M 119 18.84 25.17 68.93
N ASP M 120 19.61 26.24 69.14
CA ASP M 120 21.00 26.12 69.55
C ASP M 120 21.15 26.01 71.07
N VAL M 121 20.47 26.87 71.81
CA VAL M 121 20.55 26.88 73.26
C VAL M 121 19.20 26.45 73.82
N TRP M 122 19.19 26.18 75.13
CA TRP M 122 17.98 25.78 75.82
C TRP M 122 17.97 26.47 77.18
N GLY M 123 17.00 26.11 78.00
CA GLY M 123 16.91 26.62 79.36
C GLY M 123 16.68 25.49 80.34
N LYS M 124 16.17 25.84 81.50
CA LYS M 124 15.92 24.86 82.55
C LYS M 124 14.62 24.11 82.35
N GLY M 125 13.69 24.66 81.58
CA GLY M 125 12.39 24.08 81.41
C GLY M 125 11.47 24.37 82.60
N THR M 126 10.22 23.98 82.45
CA THR M 126 9.26 24.02 83.54
C THR M 126 8.42 22.76 83.46
N SER M 127 8.38 22.01 84.56
CA SER M 127 7.63 20.76 84.62
C SER M 127 6.16 21.08 84.86
N VAL M 128 5.46 21.38 83.78
CA VAL M 128 4.07 21.78 83.86
C VAL M 128 3.21 20.53 84.00
N THR M 129 2.41 20.47 85.06
CA THR M 129 1.57 19.32 85.35
C THR M 129 0.14 19.82 85.58
N VAL M 130 -0.81 19.18 84.92
CA VAL M 130 -2.21 19.57 84.98
C VAL M 130 -2.98 18.55 85.83
N SER M 131 -3.65 19.04 86.87
CA SER M 131 -4.45 18.21 87.75
C SER M 131 -5.39 19.12 88.53
N SER M 132 -6.61 18.65 88.76
CA SER M 132 -7.60 19.45 89.47
C SER M 132 -7.39 19.34 90.99
N VAL N 5 21.09 1.98 71.81
CA VAL N 5 22.34 1.38 71.36
C VAL N 5 23.32 1.28 72.52
N SER N 6 23.84 0.07 72.74
CA SER N 6 24.80 -0.20 73.81
C SER N 6 26.08 -0.75 73.18
N VAL N 7 27.16 0.02 73.20
CA VAL N 7 28.44 -0.40 72.65
C VAL N 7 29.51 -0.24 73.72
N ALA N 8 30.68 -0.81 73.43
CA ALA N 8 31.83 -0.65 74.30
C ALA N 8 32.32 0.80 74.24
N PRO N 9 32.85 1.33 75.35
CA PRO N 9 33.38 2.70 75.33
C PRO N 9 34.64 2.80 74.48
N GLY N 10 34.82 3.97 73.87
CA GLY N 10 35.93 4.17 72.97
C GLY N 10 35.78 3.45 71.66
N GLN N 11 34.57 3.34 71.13
CA GLN N 11 34.30 2.67 69.88
C GLN N 11 33.49 3.59 68.97
N THR N 12 33.14 3.07 67.80
CA THR N 12 32.32 3.78 66.83
C THR N 12 30.94 3.15 66.76
N ALA N 13 29.90 3.97 66.88
CA ALA N 13 28.52 3.52 66.81
C ALA N 13 27.79 4.25 65.70
N ARG N 14 26.75 3.58 65.17
CA ARG N 14 25.93 4.10 64.09
C ARG N 14 24.48 4.06 64.54
N ILE N 15 23.83 5.21 64.59
CA ILE N 15 22.48 5.33 65.13
C ILE N 15 21.58 5.88 64.04
N THR N 16 20.54 5.13 63.68
CA THR N 16 19.61 5.52 62.64
C THR N 16 18.31 6.03 63.24
N CYS N 17 17.67 6.95 62.52
CA CYS N 17 16.46 7.60 63.03
C CYS N 17 15.66 8.15 61.86
N GLY N 18 14.35 8.23 62.07
CA GLY N 18 13.49 8.92 61.14
C GLY N 18 13.12 8.13 59.90
N GLU N 19 12.28 8.75 59.08
CA GLU N 19 11.76 8.16 57.87
C GLU N 19 12.84 8.09 56.79
N GLU N 20 12.66 7.18 55.84
CA GLU N 20 13.55 7.09 54.69
C GLU N 20 13.44 8.35 53.83
N SER N 21 14.52 8.68 53.15
CA SER N 21 14.59 9.91 52.37
C SER N 21 13.72 9.82 51.13
N LEU N 22 13.08 10.94 50.81
CA LEU N 22 12.33 11.08 49.57
C LEU N 22 12.94 12.12 48.64
N GLY N 23 13.21 13.31 49.15
CA GLY N 23 13.93 14.30 48.38
C GLY N 23 15.21 14.71 49.08
N SER N 24 15.67 15.93 48.85
CA SER N 24 16.81 16.44 49.60
C SER N 24 16.39 16.80 51.01
N ARG N 25 17.23 16.47 51.98
CA ARG N 25 16.90 16.66 53.38
C ARG N 25 17.98 17.47 54.08
N SER N 26 17.53 18.27 55.04
CA SER N 26 18.39 18.93 56.01
C SER N 26 18.02 18.36 57.38
N VAL N 27 18.97 17.70 58.02
CA VAL N 27 18.70 16.99 59.26
C VAL N 27 19.31 17.77 60.42
N ILE N 28 18.66 17.68 61.57
CA ILE N 28 19.19 18.23 62.82
C ILE N 28 19.27 17.09 63.82
N TRP N 29 20.46 16.89 64.39
CA TRP N 29 20.65 15.93 65.46
C TRP N 29 20.75 16.68 66.79
N TYR N 30 19.90 16.28 67.73
CA TYR N 30 19.88 16.74 69.10
C TYR N 30 20.27 15.62 70.04
N GLN N 31 20.65 15.99 71.26
CA GLN N 31 20.92 15.01 72.29
C GLN N 31 20.41 15.53 73.64
N GLN N 32 20.00 14.59 74.49
CA GLN N 32 19.29 14.91 75.72
C GLN N 32 19.94 14.19 76.88
N ARG N 33 20.33 14.96 77.90
CA ARG N 33 20.84 14.42 79.16
C ARG N 33 19.67 14.14 80.10
N PRO N 34 19.75 13.07 80.90
CA PRO N 34 18.58 12.63 81.69
C PRO N 34 18.21 13.63 82.78
N GLY N 35 16.97 14.12 82.69
CA GLY N 35 16.48 15.15 83.58
C GLY N 35 16.85 16.58 83.19
N GLN N 36 17.90 16.75 82.40
CA GLN N 36 18.42 18.07 82.08
C GLN N 36 17.80 18.57 80.77
N ALA N 37 18.38 19.63 80.23
CA ALA N 37 17.93 20.25 78.99
C ALA N 37 18.34 19.40 77.78
N PRO N 38 17.72 19.62 76.62
CA PRO N 38 18.28 19.10 75.37
C PRO N 38 19.52 19.89 74.97
N SER N 39 20.16 19.43 73.91
CA SER N 39 21.36 20.07 73.42
C SER N 39 21.57 19.70 71.96
N LEU N 40 22.11 20.64 71.19
CA LEU N 40 22.38 20.40 69.79
C LEU N 40 23.73 19.74 69.62
N ILE N 41 23.83 18.88 68.61
CA ILE N 41 25.11 18.40 68.13
C ILE N 41 25.30 18.69 66.64
N ILE N 42 24.29 18.40 65.80
CA ILE N 42 24.43 18.58 64.36
C ILE N 42 23.29 19.44 63.86
N TYR N 43 23.59 20.47 63.08
CA TYR N 43 22.55 21.36 62.60
C TYR N 43 22.26 21.26 61.11
N ASN N 44 23.28 21.17 60.26
CA ASN N 44 23.05 20.86 58.85
C ASN N 44 23.17 19.35 58.67
N ASN N 45 23.35 18.88 57.43
CA ASN N 45 23.49 17.45 57.21
C ASN N 45 24.77 16.90 57.81
N ASN N 46 25.90 17.59 57.61
CA ASN N 46 27.17 17.15 58.18
C ASN N 46 27.94 18.34 58.72
N ASP N 47 27.26 19.28 59.34
CA ASP N 47 27.90 20.45 59.92
C ASP N 47 27.56 20.53 61.40
N ARG N 48 28.57 20.80 62.21
CA ARG N 48 28.48 20.97 63.65
C ARG N 48 28.88 22.39 64.04
N PRO N 49 28.28 22.95 65.08
CA PRO N 49 28.59 24.33 65.46
C PRO N 49 29.83 24.39 66.34
N SER N 50 30.17 25.60 66.76
CA SER N 50 31.22 25.77 67.75
C SER N 50 30.72 25.39 69.13
N GLY N 51 31.65 25.04 70.01
CA GLY N 51 31.29 24.60 71.34
C GLY N 51 30.88 23.16 71.46
N ILE N 52 30.79 22.42 70.35
CA ILE N 52 30.50 21.00 70.36
C ILE N 52 31.77 20.28 69.96
N PRO N 53 32.04 19.08 70.44
CA PRO N 53 33.20 18.32 69.97
C PRO N 53 32.97 17.77 68.57
N ASP N 54 34.07 17.26 68.00
CA ASP N 54 34.06 16.63 66.69
C ASP N 54 33.64 15.17 66.80
N ARG N 55 33.86 14.41 65.71
CA ARG N 55 33.55 13.00 65.53
C ARG N 55 32.05 12.70 65.53
N PHE N 56 31.20 13.73 65.43
CA PHE N 56 29.78 13.55 65.19
C PHE N 56 29.56 13.61 63.68
N SER N 57 29.85 12.50 63.01
CA SER N 57 29.66 12.43 61.57
C SER N 57 28.18 12.32 61.24
N GLY N 58 27.71 13.19 60.36
CA GLY N 58 26.33 13.18 59.92
C GLY N 58 26.25 12.58 58.52
N SER N 59 25.18 11.83 58.28
CA SER N 59 24.96 11.27 56.96
C SER N 59 24.61 12.38 55.98
N PRO N 60 25.11 12.33 54.75
CA PRO N 60 24.77 13.36 53.76
C PRO N 60 23.32 13.26 53.35
N GLY N 61 22.64 14.41 53.34
CA GLY N 61 21.23 14.47 52.99
C GLY N 61 20.95 14.60 51.52
N SER N 62 21.96 14.32 50.69
CA SER N 62 21.82 14.36 49.24
C SER N 62 21.52 12.99 48.65
N THR N 63 21.33 11.98 49.48
CA THR N 63 21.02 10.65 48.98
C THR N 63 19.51 10.43 48.98
N PHE N 64 19.03 9.78 47.93
CA PHE N 64 17.61 9.56 47.72
C PHE N 64 17.31 8.09 47.98
N GLY N 65 16.47 7.83 48.97
CA GLY N 65 16.11 6.47 49.30
C GLY N 65 16.97 5.84 50.37
N THR N 66 17.47 6.63 51.33
CA THR N 66 18.28 6.11 52.43
C THR N 66 17.71 6.64 53.74
N THR N 67 18.27 6.14 54.83
CA THR N 67 17.89 6.57 56.16
C THR N 67 18.96 7.50 56.71
N ALA N 68 18.52 8.57 57.39
CA ALA N 68 19.45 9.51 57.98
C ALA N 68 20.10 8.89 59.22
N THR N 69 21.42 8.72 59.16
CA THR N 69 22.16 8.10 60.24
C THR N 69 23.03 9.13 60.95
N LEU N 70 23.61 8.69 62.07
CA LEU N 70 24.54 9.49 62.85
C LEU N 70 25.66 8.57 63.33
N THR N 71 26.89 8.85 62.90
CA THR N 71 28.04 8.06 63.28
C THR N 71 28.83 8.80 64.36
N ILE N 72 29.19 8.10 65.43
CA ILE N 72 30.03 8.67 66.47
C ILE N 72 31.20 7.74 66.72
N THR N 73 32.41 8.22 66.48
CA THR N 73 33.62 7.47 66.75
C THR N 73 34.19 7.91 68.09
N SER N 74 34.83 6.95 68.79
CA SER N 74 35.41 7.12 70.13
C SER N 74 34.35 7.60 71.14
N VAL N 75 33.38 6.72 71.39
CA VAL N 75 32.29 7.01 72.30
C VAL N 75 32.77 7.00 73.75
N GLU N 76 31.93 7.48 74.66
CA GLU N 76 32.29 7.57 76.06
C GLU N 76 31.03 7.45 76.90
N ALA N 77 31.21 7.49 78.23
CA ALA N 77 30.07 7.49 79.14
C ALA N 77 29.39 8.86 79.21
N GLY N 78 30.10 9.92 78.86
CA GLY N 78 29.48 11.22 78.71
C GLY N 78 28.56 11.32 77.50
N ASP N 79 28.69 10.40 76.56
CA ASP N 79 27.80 10.29 75.41
C ASP N 79 26.51 9.53 75.73
N GLU N 80 26.23 9.27 77.01
CA GLU N 80 24.96 8.68 77.37
C GLU N 80 23.87 9.74 77.30
N ALA N 81 23.30 9.93 76.11
CA ALA N 81 22.28 10.91 75.87
C ALA N 81 21.25 10.33 74.92
N ASP N 82 19.97 10.60 75.20
CA ASP N 82 18.93 10.18 74.28
C ASP N 82 19.00 11.04 73.03
N TYR N 83 19.19 10.41 71.88
CA TYR N 83 19.42 11.14 70.66
C TYR N 83 18.10 11.38 69.93
N TYR N 84 18.05 12.48 69.19
CA TYR N 84 16.87 12.80 68.42
C TYR N 84 17.26 13.28 67.03
N CYS N 85 16.51 12.82 66.04
CA CYS N 85 16.61 13.34 64.69
C CYS N 85 15.46 14.28 64.41
N HIS N 86 15.71 15.23 63.52
CA HIS N 86 14.72 16.21 63.12
C HIS N 86 14.97 16.48 61.63
N ILE N 87 14.26 15.79 60.78
CA ILE N 87 14.51 15.87 59.35
C ILE N 87 13.65 16.95 58.75
N TRP N 88 14.17 17.56 57.69
CA TRP N 88 13.45 18.56 56.90
C TRP N 88 13.60 18.12 55.45
N ASP N 89 12.59 17.45 54.93
CA ASP N 89 12.63 17.01 53.56
C ASP N 89 12.03 18.06 52.64
N SER N 90 12.64 18.23 51.47
CA SER N 90 12.11 19.15 50.48
C SER N 90 10.81 18.65 49.85
N ARG N 91 10.46 17.39 50.06
CA ARG N 91 9.22 16.82 49.56
C ARG N 91 8.20 16.58 50.65
N ARG N 92 8.61 16.11 51.82
CA ARG N 92 7.67 15.85 52.91
C ARG N 92 7.35 17.14 53.65
N PRO N 93 6.21 17.19 54.36
CA PRO N 93 5.89 18.42 55.11
C PRO N 93 6.76 18.67 56.32
N THR N 94 6.51 19.79 56.99
CA THR N 94 7.33 20.23 58.11
C THR N 94 7.01 19.40 59.35
N ASN N 95 8.03 18.74 59.90
CA ASN N 95 7.85 17.86 61.06
C ASN N 95 7.84 18.69 62.33
N TRP N 96 6.66 18.85 62.93
CA TRP N 96 6.54 19.59 64.17
C TRP N 96 6.83 18.74 65.40
N VAL N 97 6.92 17.42 65.23
CA VAL N 97 7.38 16.53 66.28
C VAL N 97 8.70 15.92 65.81
N PHE N 98 9.59 15.64 66.75
CA PHE N 98 10.89 15.10 66.40
C PHE N 98 10.79 13.62 66.12
N GLY N 99 11.93 13.01 65.81
CA GLY N 99 11.99 11.58 65.61
C GLY N 99 11.86 10.84 66.93
N GLU N 100 11.77 9.52 66.83
CA GLU N 100 11.65 8.71 68.03
C GLU N 100 12.99 8.64 68.75
N GLY N 101 12.92 8.40 70.05
CA GLY N 101 14.11 8.43 70.88
C GLY N 101 15.00 7.23 70.62
N THR N 102 16.28 7.50 70.36
CA THR N 102 17.28 6.46 70.18
C THR N 102 18.33 6.67 71.28
N THR N 103 18.23 5.91 72.35
CA THR N 103 19.03 6.11 73.54
C THR N 103 20.36 5.36 73.38
N LEU N 104 21.45 6.10 73.47
CA LEU N 104 22.79 5.52 73.44
C LEU N 104 23.29 5.38 74.87
N ILE N 105 23.62 4.15 75.26
CA ILE N 105 24.20 3.87 76.57
C ILE N 105 25.49 3.09 76.36
N VAL N 106 26.25 2.97 77.45
CA VAL N 106 27.58 2.37 77.40
C VAL N 106 27.67 1.32 78.51
N LEU N 107 28.63 0.43 78.37
CA LEU N 107 28.87 -0.65 79.34
C LEU N 107 29.34 -0.09 80.69
N GLN O 1 -19.03 28.29 -1.32
CA GLN O 1 -19.16 29.69 -0.91
C GLN O 1 -18.49 29.93 0.43
N VAL O 2 -18.15 31.18 0.71
CA VAL O 2 -17.50 31.58 1.94
C VAL O 2 -18.48 32.44 2.73
N GLN O 3 -18.79 32.02 3.94
CA GLN O 3 -19.75 32.72 4.78
C GLN O 3 -19.12 33.11 6.09
N LEU O 4 -19.30 34.37 6.48
CA LEU O 4 -18.83 34.89 7.76
C LEU O 4 -20.04 35.50 8.47
N VAL O 5 -20.60 34.76 9.42
CA VAL O 5 -21.79 35.19 10.14
C VAL O 5 -21.35 35.75 11.49
N GLN O 6 -21.70 37.00 11.75
CA GLN O 6 -21.35 37.60 13.03
C GLN O 6 -22.51 37.45 14.00
N SER O 7 -22.35 38.02 15.19
CA SER O 7 -23.43 38.04 16.16
C SER O 7 -24.21 39.33 16.04
N GLY O 8 -25.34 39.39 16.75
CA GLY O 8 -26.22 40.53 16.65
C GLY O 8 -25.66 41.77 17.32
N ALA O 9 -26.32 42.90 17.03
CA ALA O 9 -25.92 44.19 17.57
C ALA O 9 -26.13 44.23 19.08
N VAL O 10 -25.42 45.14 19.74
CA VAL O 10 -25.40 45.12 21.20
C VAL O 10 -25.27 46.54 21.74
N ILE O 11 -25.82 46.74 22.93
CA ILE O 11 -25.78 48.00 23.65
C ILE O 11 -25.13 47.70 25.00
N LYS O 12 -23.92 48.22 25.21
CA LYS O 12 -23.17 47.91 26.42
C LYS O 12 -22.91 49.16 27.24
N THR O 13 -22.81 48.96 28.56
CA THR O 13 -22.52 50.04 29.47
C THR O 13 -21.06 50.45 29.34
N PRO O 14 -20.72 51.71 29.66
CA PRO O 14 -19.32 52.13 29.61
C PRO O 14 -18.49 51.44 30.68
N GLY O 15 -17.24 51.13 30.32
CA GLY O 15 -16.33 50.44 31.19
C GLY O 15 -16.44 48.93 31.16
N SER O 16 -17.49 48.38 30.55
CA SER O 16 -17.67 46.94 30.50
C SER O 16 -16.93 46.38 29.28
N SER O 17 -17.09 45.09 29.04
CA SER O 17 -16.48 44.42 27.91
C SER O 17 -17.56 43.89 26.97
N VAL O 18 -17.12 43.40 25.82
CA VAL O 18 -18.02 42.85 24.82
C VAL O 18 -17.29 41.73 24.09
N LYS O 19 -18.02 40.73 23.64
CA LYS O 19 -17.45 39.63 22.90
C LYS O 19 -18.25 39.43 21.62
N ILE O 20 -17.56 39.46 20.48
CA ILE O 20 -18.19 39.31 19.17
C ILE O 20 -17.67 38.03 18.54
N SER O 21 -18.60 37.16 18.16
CA SER O 21 -18.27 35.88 17.56
C SER O 21 -18.45 35.97 16.05
N CYS O 22 -17.44 35.52 15.32
CA CYS O 22 -17.46 35.48 13.87
C CYS O 22 -17.35 34.03 13.45
N ARG O 23 -18.46 33.46 12.98
CA ARG O 23 -18.50 32.06 12.60
C ARG O 23 -18.24 31.96 11.10
N ALA O 24 -17.17 31.26 10.75
CA ALA O 24 -16.75 31.08 9.37
C ALA O 24 -17.13 29.69 8.89
N SER O 25 -17.63 29.62 7.66
CA SER O 25 -18.08 28.35 7.10
C SER O 25 -17.88 28.35 5.60
N GLY O 26 -17.52 27.19 5.07
CA GLY O 26 -17.38 27.02 3.65
C GLY O 26 -15.97 26.97 3.13
N TYR O 27 -14.98 26.90 4.00
CA TYR O 27 -13.58 26.78 3.59
C TYR O 27 -12.84 26.13 4.74
N ASN O 28 -11.60 25.72 4.48
CA ASN O 28 -10.79 25.11 5.52
C ASN O 28 -10.31 26.19 6.46
N PHE O 29 -10.82 26.19 7.70
CA PHE O 29 -10.60 27.28 8.62
C PHE O 29 -9.17 27.37 9.12
N ARG O 30 -8.41 26.29 9.05
CA ARG O 30 -7.05 26.27 9.56
C ARG O 30 -6.03 26.85 8.59
N ASP O 31 -6.45 27.55 7.54
CA ASP O 31 -5.52 28.05 6.55
C ASP O 31 -5.43 29.57 6.54
N TYR O 32 -6.56 30.25 6.42
CA TYR O 32 -6.56 31.68 6.20
C TYR O 32 -6.72 32.43 7.51
N SER O 33 -6.06 33.58 7.60
CA SER O 33 -6.15 34.39 8.79
C SER O 33 -7.50 35.10 8.84
N ILE O 34 -7.84 35.60 10.02
CA ILE O 34 -9.04 36.40 10.21
C ILE O 34 -8.61 37.74 10.75
N HIS O 35 -9.05 38.81 10.09
CA HIS O 35 -8.74 40.15 10.56
C HIS O 35 -10.00 40.77 11.14
N TRP O 36 -9.81 41.70 12.07
CA TRP O 36 -10.91 42.47 12.61
C TRP O 36 -10.71 43.93 12.26
N VAL O 37 -11.76 44.57 11.77
CA VAL O 37 -11.71 45.97 11.41
C VAL O 37 -12.92 46.67 12.02
N ARG O 38 -12.80 47.96 12.21
CA ARG O 38 -13.89 48.75 12.76
C ARG O 38 -14.23 49.87 11.80
N LEU O 39 -15.47 50.36 11.91
CA LEU O 39 -15.92 51.52 11.17
C LEU O 39 -16.60 52.45 12.16
N ILE O 40 -15.91 53.55 12.47
CA ILE O 40 -16.44 54.60 13.32
C ILE O 40 -17.05 55.65 12.40
N PRO O 41 -18.21 56.21 12.72
CA PRO O 41 -18.73 57.33 11.92
C PRO O 41 -17.83 58.55 12.03
N ASP O 42 -17.59 59.18 10.88
CA ASP O 42 -16.75 60.37 10.70
C ASP O 42 -15.30 60.14 11.11
N LYS O 43 -14.85 58.88 11.11
CA LYS O 43 -13.45 58.57 11.36
C LYS O 43 -12.87 57.60 10.35
N GLY O 44 -13.68 57.04 9.46
CA GLY O 44 -13.17 56.08 8.51
C GLY O 44 -12.93 54.73 9.14
N PHE O 45 -12.13 53.93 8.45
CA PHE O 45 -11.82 52.60 8.94
C PHE O 45 -10.66 52.64 9.93
N GLU O 46 -10.57 51.59 10.74
CA GLU O 46 -9.44 51.42 11.64
C GLU O 46 -9.24 49.94 11.86
N TRP O 47 -8.05 49.45 11.52
CA TRP O 47 -7.73 48.06 11.67
C TRP O 47 -7.45 47.72 13.13
N ILE O 48 -7.79 46.49 13.53
CA ILE O 48 -7.66 46.11 14.93
C ILE O 48 -6.57 45.07 15.11
N GLY O 49 -6.73 43.91 14.49
CA GLY O 49 -5.74 42.86 14.64
C GLY O 49 -6.13 41.64 13.85
N TRP O 50 -5.14 40.78 13.64
CA TRP O 50 -5.35 39.54 12.93
C TRP O 50 -5.05 38.36 13.83
N ILE O 51 -5.64 37.22 13.48
CA ILE O 51 -5.44 35.97 14.20
C ILE O 51 -5.34 34.84 13.18
N LYS O 52 -4.29 34.04 13.28
CA LYS O 52 -4.15 32.84 12.48
C LYS O 52 -4.65 31.66 13.31
N PRO O 53 -5.71 30.98 12.89
CA PRO O 53 -6.38 30.00 13.75
C PRO O 53 -5.64 28.70 13.87
N LEU O 54 -4.63 28.44 13.04
CA LEU O 54 -3.89 27.18 13.10
C LEU O 54 -3.18 27.02 14.43
N TRP O 55 -2.67 28.10 14.99
CA TRP O 55 -2.23 28.11 16.37
C TRP O 55 -2.81 29.29 17.14
N GLY O 56 -3.75 30.02 16.53
CA GLY O 56 -4.31 31.19 17.18
C GLY O 56 -3.32 32.31 17.39
N ALA O 57 -2.33 32.42 16.52
CA ALA O 57 -1.32 33.46 16.69
C ALA O 57 -1.91 34.82 16.36
N VAL O 58 -1.84 35.75 17.30
CA VAL O 58 -2.54 37.01 17.16
C VAL O 58 -1.55 38.15 17.04
N SER O 59 -2.02 39.24 16.46
CA SER O 59 -1.30 40.50 16.49
C SER O 59 -2.31 41.62 16.51
N TYR O 60 -2.13 42.56 17.44
CA TYR O 60 -3.07 43.64 17.66
C TYR O 60 -2.44 44.95 17.19
N ALA O 61 -3.30 45.94 16.95
CA ALA O 61 -2.81 47.25 16.59
C ALA O 61 -2.13 47.91 17.78
N ARG O 62 -1.30 48.91 17.49
CA ARG O 62 -0.49 49.52 18.53
C ARG O 62 -1.32 50.34 19.50
N GLN O 63 -2.27 51.11 18.98
CA GLN O 63 -3.08 51.98 19.82
C GLN O 63 -4.23 51.26 20.49
N LEU O 64 -4.31 49.94 20.38
CA LEU O 64 -5.38 49.17 21.01
C LEU O 64 -4.86 48.05 21.89
N GLN O 65 -3.57 48.05 22.21
CA GLN O 65 -3.01 46.95 22.98
C GLN O 65 -3.43 47.04 24.44
N GLY O 66 -3.66 45.87 25.03
CA GLY O 66 -4.15 45.77 26.38
C GLY O 66 -5.66 45.82 26.51
N ARG O 67 -6.38 46.20 25.46
CA ARG O 67 -7.82 46.33 25.53
C ARG O 67 -8.56 45.27 24.72
N VAL O 68 -7.87 44.50 23.89
CA VAL O 68 -8.52 43.56 23.00
C VAL O 68 -7.89 42.19 23.21
N SER O 69 -8.65 41.14 22.88
CA SER O 69 -8.17 39.77 23.02
C SER O 69 -8.92 38.89 22.03
N MET O 70 -8.18 38.18 21.17
CA MET O 70 -8.79 37.38 20.12
C MET O 70 -8.49 35.91 20.36
N THR O 71 -9.54 35.11 20.42
CA THR O 71 -9.41 33.66 20.55
C THR O 71 -10.10 32.99 19.37
N ARG O 72 -10.01 31.68 19.32
CA ARG O 72 -10.68 30.93 18.28
C ARG O 72 -11.07 29.56 18.79
N GLN O 73 -12.06 28.98 18.12
CA GLN O 73 -12.54 27.63 18.39
C GLN O 73 -12.54 26.90 17.06
N LEU O 74 -11.66 25.92 16.93
CA LEU O 74 -11.57 25.10 15.75
C LEU O 74 -12.66 24.03 15.76
N SER O 75 -12.77 23.34 14.65
CA SER O 75 -13.67 22.19 14.54
C SER O 75 -12.85 20.93 14.71
N GLN O 76 -13.09 20.20 15.79
CA GLN O 76 -12.37 18.95 16.02
C GLN O 76 -13.36 17.80 15.85
N ASP O 77 -13.58 17.43 14.59
CA ASP O 77 -14.30 16.24 14.19
C ASP O 77 -13.91 15.97 12.74
N PRO O 78 -13.76 14.71 12.34
CA PRO O 78 -13.36 14.41 10.97
C PRO O 78 -14.49 14.47 9.95
N ASP O 79 -15.68 14.94 10.33
CA ASP O 79 -16.80 15.03 9.41
C ASP O 79 -17.08 16.45 8.94
N ASP O 80 -16.99 17.44 9.83
CA ASP O 80 -17.15 18.85 9.47
C ASP O 80 -15.88 19.59 9.85
N PRO O 81 -14.82 19.51 9.04
CA PRO O 81 -13.58 20.21 9.36
C PRO O 81 -13.52 21.63 8.86
N ASP O 82 -14.59 22.14 8.26
CA ASP O 82 -14.54 23.44 7.60
C ASP O 82 -14.89 24.60 8.53
N TRP O 83 -15.95 24.47 9.32
CA TRP O 83 -16.43 25.60 10.11
C TRP O 83 -15.49 25.92 11.25
N GLY O 84 -15.56 27.16 11.72
CA GLY O 84 -14.77 27.58 12.85
C GLY O 84 -15.35 28.85 13.40
N VAL O 85 -14.93 29.24 14.60
CA VAL O 85 -15.44 30.46 15.21
C VAL O 85 -14.28 31.28 15.73
N ALA O 86 -14.17 32.52 15.26
CA ALA O 86 -13.28 33.48 15.89
C ALA O 86 -14.05 34.26 16.95
N TYR O 87 -13.33 34.75 17.95
CA TYR O 87 -13.91 35.58 18.99
C TYR O 87 -13.03 36.79 19.19
N MET O 88 -13.62 37.98 19.16
CA MET O 88 -12.93 39.20 19.54
C MET O 88 -13.57 39.75 20.79
N GLU O 89 -12.80 39.88 21.86
CA GLU O 89 -13.27 40.48 23.09
C GLU O 89 -12.65 41.85 23.24
N PHE O 90 -13.49 42.87 23.32
CA PHE O 90 -13.07 44.26 23.44
C PHE O 90 -13.45 44.74 24.82
N SER O 91 -12.45 45.11 25.62
CA SER O 91 -12.66 45.53 26.98
C SER O 91 -12.34 47.01 27.15
N GLY O 92 -12.86 47.59 28.23
CA GLY O 92 -12.64 49.00 28.52
C GLY O 92 -13.37 49.89 27.54
N LEU O 93 -14.69 49.84 27.56
CA LEU O 93 -15.49 50.54 26.56
C LEU O 93 -15.68 52.00 26.93
N THR O 94 -15.57 52.86 25.94
CA THR O 94 -15.74 54.30 26.03
C THR O 94 -16.89 54.71 25.11
N PRO O 95 -17.44 55.92 25.27
CA PRO O 95 -18.42 56.40 24.29
C PRO O 95 -17.88 56.57 22.88
N ALA O 96 -16.56 56.69 22.71
CA ALA O 96 -15.99 56.74 21.37
C ALA O 96 -16.03 55.39 20.67
N ASP O 97 -16.22 54.30 21.42
CA ASP O 97 -16.17 52.96 20.84
C ASP O 97 -17.45 52.54 20.15
N THR O 98 -18.49 53.38 20.15
CA THR O 98 -19.72 53.07 19.45
C THR O 98 -19.44 53.08 17.95
N ALA O 99 -19.54 51.92 17.32
CA ALA O 99 -19.06 51.76 15.96
C ALA O 99 -19.70 50.52 15.35
N GLU O 100 -19.21 50.11 14.19
CA GLU O 100 -19.62 48.86 13.56
C GLU O 100 -18.38 48.00 13.33
N TYR O 101 -18.39 46.79 13.86
CA TYR O 101 -17.22 45.93 13.82
C TYR O 101 -17.42 44.83 12.79
N PHE O 102 -16.33 44.46 12.12
CA PHE O 102 -16.34 43.52 11.01
C PHE O 102 -15.23 42.51 11.20
N CYS O 103 -15.53 41.25 10.90
CA CYS O 103 -14.49 40.24 10.70
C CYS O 103 -14.35 39.97 9.22
N VAL O 104 -13.11 39.84 8.75
CA VAL O 104 -12.85 39.74 7.32
C VAL O 104 -11.83 38.65 7.04
N ARG O 105 -11.96 38.07 5.84
CA ARG O 105 -10.99 37.13 5.31
C ARG O 105 -10.49 37.62 3.96
N ARG O 106 -9.21 37.39 3.70
CA ARG O 106 -8.56 37.75 2.46
C ARG O 106 -9.05 36.87 1.31
N GLY O 107 -8.62 37.24 0.11
CA GLY O 107 -8.91 36.45 -1.06
C GLY O 107 -8.10 35.17 -1.09
N SER O 108 -8.37 34.35 -2.11
CA SER O 108 -7.74 33.05 -2.24
C SER O 108 -6.88 32.93 -3.49
N CYS O 109 -6.60 34.03 -4.18
CA CYS O 109 -5.85 33.97 -5.42
C CYS O 109 -4.34 33.99 -5.14
N ASP O 110 -3.55 33.97 -6.20
CA ASP O 110 -2.10 33.93 -6.08
C ASP O 110 -1.56 35.29 -5.64
N TYR O 111 -1.80 36.32 -6.44
CA TYR O 111 -1.29 37.65 -6.14
C TYR O 111 -2.08 38.36 -5.04
N CYS O 112 -3.15 37.74 -4.54
CA CYS O 112 -3.84 38.26 -3.37
C CYS O 112 -2.93 38.19 -2.17
N GLY O 113 -2.77 39.32 -1.49
CA GLY O 113 -1.89 39.39 -0.34
C GLY O 113 -2.57 38.87 0.91
N ASP O 114 -2.51 39.63 1.99
CA ASP O 114 -3.21 39.26 3.21
C ASP O 114 -4.27 40.25 3.61
N PHE O 115 -3.98 41.52 3.48
CA PHE O 115 -4.90 42.63 3.72
C PHE O 115 -5.99 42.95 2.69
N PRO O 116 -5.86 42.61 1.38
CA PRO O 116 -7.04 42.75 0.52
C PRO O 116 -8.15 41.77 0.86
N TRP O 117 -8.95 42.14 1.86
CA TRP O 117 -9.99 41.29 2.40
C TRP O 117 -11.12 41.11 1.40
N GLN O 118 -11.26 39.91 0.87
CA GLN O 118 -12.35 39.64 -0.06
C GLN O 118 -13.67 39.49 0.66
N TYR O 119 -13.75 38.56 1.60
CA TYR O 119 -15.02 38.20 2.21
C TYR O 119 -15.21 38.92 3.53
N TRP O 120 -16.42 39.44 3.71
CA TRP O 120 -16.75 40.33 4.81
C TRP O 120 -17.96 39.79 5.56
N GLY O 121 -17.94 39.91 6.88
CA GLY O 121 -19.12 39.64 7.66
C GLY O 121 -20.15 40.73 7.48
N GLN O 122 -21.35 40.50 8.02
CA GLN O 122 -22.42 41.45 7.85
C GLN O 122 -22.27 42.69 8.73
N GLY O 123 -21.35 42.66 9.70
CA GLY O 123 -21.16 43.81 10.54
C GLY O 123 -21.97 43.74 11.81
N THR O 124 -21.45 44.32 12.89
CA THR O 124 -22.10 44.28 14.19
C THR O 124 -22.05 45.66 14.80
N VAL O 125 -23.22 46.22 15.11
CA VAL O 125 -23.30 47.56 15.68
C VAL O 125 -23.13 47.47 17.18
N VAL O 126 -22.16 48.20 17.72
CA VAL O 126 -21.92 48.23 19.15
C VAL O 126 -22.13 49.66 19.62
N VAL O 127 -23.06 49.85 20.55
CA VAL O 127 -23.38 51.18 21.07
C VAL O 127 -23.04 51.21 22.55
N VAL O 128 -22.25 52.20 22.95
CA VAL O 128 -21.89 52.41 24.34
C VAL O 128 -22.70 53.58 24.88
N SER O 129 -23.39 53.37 25.99
CA SER O 129 -24.20 54.43 26.59
C SER O 129 -24.33 54.28 28.09
N GLU P 1 4.48 55.18 9.69
CA GLU P 1 3.13 54.97 9.19
C GLU P 1 3.00 55.42 7.75
N ILE P 2 1.82 55.19 7.18
CA ILE P 2 1.52 55.63 5.83
C ILE P 2 0.29 56.50 5.91
N VAL P 3 0.40 57.72 5.43
CA VAL P 3 -0.73 58.64 5.40
C VAL P 3 -1.34 58.58 4.01
N LEU P 4 -2.64 58.34 3.95
CA LEU P 4 -3.34 58.27 2.70
C LEU P 4 -4.28 59.47 2.56
N THR P 5 -4.44 59.94 1.33
CA THR P 5 -5.24 61.14 1.07
C THR P 5 -6.13 60.88 -0.14
N GLN P 6 -7.44 61.03 0.06
CA GLN P 6 -8.41 60.95 -1.00
C GLN P 6 -8.68 62.36 -1.52
N SER P 7 -8.11 62.69 -2.66
CA SER P 7 -8.11 64.09 -3.13
C SER P 7 -9.43 64.64 -3.68
N PRO P 8 -10.28 63.92 -4.44
CA PRO P 8 -11.51 64.58 -4.89
C PRO P 8 -12.53 64.78 -3.79
N GLY P 9 -12.54 63.92 -2.77
CA GLY P 9 -13.52 64.03 -1.71
C GLY P 9 -14.92 63.75 -2.21
N ILE P 10 -15.73 64.81 -2.29
CA ILE P 10 -17.03 64.71 -2.91
C ILE P 10 -16.87 64.97 -4.41
N LEU P 11 -17.40 64.05 -5.21
CA LEU P 11 -17.39 64.20 -6.66
C LEU P 11 -18.82 64.19 -7.15
N SER P 12 -19.20 65.24 -7.86
CA SER P 12 -20.58 65.46 -8.28
C SER P 12 -20.69 65.19 -9.77
N LEU P 13 -21.27 64.05 -10.13
CA LEU P 13 -21.39 63.64 -11.52
C LEU P 13 -22.79 63.12 -11.81
N SER P 14 -23.05 62.92 -13.09
CA SER P 14 -24.31 62.43 -13.62
C SER P 14 -24.12 61.00 -14.13
N PRO P 15 -25.19 60.21 -14.17
CA PRO P 15 -25.06 58.82 -14.66
C PRO P 15 -24.69 58.75 -16.13
N GLY P 16 -24.05 57.63 -16.48
CA GLY P 16 -23.55 57.42 -17.82
C GLY P 16 -22.20 58.05 -18.11
N GLU P 17 -21.69 58.91 -17.23
CA GLU P 17 -20.43 59.60 -17.47
C GLU P 17 -19.27 58.71 -17.02
N THR P 18 -18.08 59.32 -16.97
CA THR P 18 -16.89 58.65 -16.45
C THR P 18 -16.37 59.43 -15.25
N ALA P 19 -15.62 58.73 -14.39
CA ALA P 19 -15.13 59.30 -13.16
C ALA P 19 -13.70 58.85 -12.93
N THR P 20 -12.92 59.71 -12.28
CA THR P 20 -11.53 59.43 -11.95
C THR P 20 -11.28 59.85 -10.51
N LEU P 21 -11.02 58.88 -9.65
CA LEU P 21 -10.75 59.12 -8.24
C LEU P 21 -9.27 58.93 -7.97
N PHE P 22 -8.63 59.97 -7.45
CA PHE P 22 -7.20 59.96 -7.20
C PHE P 22 -6.93 59.69 -5.73
N CYS P 23 -5.92 58.88 -5.46
CA CYS P 23 -5.40 58.73 -4.11
C CYS P 23 -3.89 58.88 -4.12
N LYS P 24 -3.38 59.36 -3.00
CA LYS P 24 -1.96 59.67 -2.88
C LYS P 24 -1.43 59.03 -1.61
N ALA P 25 -0.30 58.35 -1.75
CA ALA P 25 0.35 57.69 -0.63
C ALA P 25 1.44 58.59 -0.06
N SER P 26 1.90 58.24 1.14
CA SER P 26 3.03 58.92 1.74
C SER P 26 4.33 58.19 1.51
N GLN P 27 4.30 56.98 0.97
CA GLN P 27 5.49 56.18 0.72
C GLN P 27 5.26 55.35 -0.53
N GLY P 28 6.15 55.48 -1.50
CA GLY P 28 5.96 54.84 -2.79
C GLY P 28 6.41 53.40 -2.81
N GLY P 29 6.13 52.76 -3.93
CA GLY P 29 6.57 51.40 -4.16
C GLY P 29 5.77 50.36 -3.41
N ASN P 30 4.45 50.34 -3.59
CA ASN P 30 3.58 49.42 -2.90
C ASN P 30 2.35 49.18 -3.76
N ALA P 31 1.50 48.26 -3.30
CA ALA P 31 0.23 48.00 -3.97
C ALA P 31 -0.85 48.90 -3.37
N MET P 32 -2.06 48.79 -3.90
CA MET P 32 -3.16 49.64 -3.48
C MET P 32 -4.45 48.85 -3.56
N THR P 33 -5.34 49.07 -2.59
CA THR P 33 -6.63 48.38 -2.57
C THR P 33 -7.75 49.39 -2.65
N TRP P 34 -8.70 49.16 -3.55
CA TRP P 34 -9.85 50.02 -3.75
C TRP P 34 -11.12 49.30 -3.33
N TYR P 35 -11.88 49.95 -2.44
CA TYR P 35 -13.11 49.42 -1.85
C TYR P 35 -14.30 50.28 -2.24
N GLN P 36 -15.41 49.63 -2.57
CA GLN P 36 -16.69 50.30 -2.76
C GLN P 36 -17.59 50.02 -1.58
N LYS P 37 -18.26 51.06 -1.08
CA LYS P 37 -19.22 50.92 0.00
C LYS P 37 -20.44 51.76 -0.32
N ARG P 38 -21.55 51.10 -0.62
CA ARG P 38 -22.81 51.81 -0.80
C ARG P 38 -23.38 52.20 0.55
N ARG P 39 -24.46 52.98 0.52
CA ARG P 39 -25.03 53.53 1.74
C ARG P 39 -25.75 52.45 2.53
N GLY P 40 -25.32 52.25 3.77
CA GLY P 40 -25.96 51.29 4.65
C GLY P 40 -25.82 49.85 4.24
N GLN P 41 -24.72 49.49 3.59
CA GLN P 41 -24.51 48.13 3.12
C GLN P 41 -23.14 47.64 3.58
N VAL P 42 -22.83 46.41 3.20
CA VAL P 42 -21.53 45.81 3.47
C VAL P 42 -20.53 46.34 2.45
N PRO P 43 -19.32 46.70 2.84
CA PRO P 43 -18.31 47.07 1.86
C PRO P 43 -17.92 45.90 0.99
N ARG P 44 -17.33 46.23 -0.16
CA ARG P 44 -17.10 45.26 -1.21
C ARG P 44 -15.81 45.61 -1.92
N LEU P 45 -14.96 44.61 -2.13
CA LEU P 45 -13.68 44.85 -2.77
C LEU P 45 -13.88 45.16 -4.25
N LEU P 46 -13.08 46.09 -4.76
CA LEU P 46 -13.00 46.35 -6.18
C LEU P 46 -11.65 45.99 -6.75
N ILE P 47 -10.58 46.60 -6.24
CA ILE P 47 -9.27 46.47 -6.86
C ILE P 47 -8.26 46.02 -5.82
N TYR P 48 -7.59 44.91 -6.08
CA TYR P 48 -6.37 44.58 -5.36
C TYR P 48 -5.22 44.57 -6.36
N ASP P 49 -4.00 44.69 -5.82
CA ASP P 49 -2.74 44.70 -6.57
C ASP P 49 -2.67 45.81 -7.62
N THR P 50 -3.46 46.88 -7.42
CA THR P 50 -3.45 48.17 -8.12
C THR P 50 -3.92 48.08 -9.56
N SER P 51 -4.13 46.87 -10.11
CA SER P 51 -4.68 46.74 -11.44
C SER P 51 -5.63 45.57 -11.61
N ARG P 52 -5.80 44.72 -10.61
CA ARG P 52 -6.59 43.51 -10.76
C ARG P 52 -7.97 43.70 -10.17
N ARG P 53 -8.93 42.96 -10.72
CA ARG P 53 -10.32 43.05 -10.29
C ARG P 53 -10.72 41.76 -9.59
N ALA P 54 -11.65 41.90 -8.64
CA ALA P 54 -12.11 40.77 -7.86
C ALA P 54 -13.23 40.05 -8.59
N SER P 55 -13.86 39.09 -7.92
CA SER P 55 -14.97 38.36 -8.53
C SER P 55 -16.21 39.24 -8.57
N GLY P 56 -16.92 39.16 -9.69
CA GLY P 56 -18.12 39.97 -9.86
C GLY P 56 -17.88 41.43 -10.10
N VAL P 57 -16.63 41.83 -10.34
CA VAL P 57 -16.30 43.22 -10.63
C VAL P 57 -16.36 43.42 -12.13
N PRO P 58 -17.18 44.34 -12.63
CA PRO P 58 -17.17 44.62 -14.06
C PRO P 58 -15.89 45.33 -14.47
N ASP P 59 -15.46 45.07 -15.69
CA ASP P 59 -14.19 45.60 -16.19
C ASP P 59 -14.22 47.09 -16.50
N ARG P 60 -15.37 47.76 -16.34
CA ARG P 60 -15.40 49.21 -16.45
C ARG P 60 -14.65 49.90 -15.31
N PHE P 61 -14.45 49.20 -14.19
CA PHE P 61 -13.52 49.66 -13.18
C PHE P 61 -12.10 49.36 -13.64
N VAL P 62 -11.26 50.40 -13.66
CA VAL P 62 -9.86 50.26 -14.03
C VAL P 62 -9.04 50.93 -12.94
N GLY P 63 -8.26 50.14 -12.21
CA GLY P 63 -7.30 50.68 -11.28
C GLY P 63 -5.97 50.86 -11.98
N SER P 64 -5.28 51.95 -11.65
CA SER P 64 -3.99 52.23 -12.24
C SER P 64 -3.20 53.10 -11.27
N GLY P 65 -2.02 53.51 -11.70
CA GLY P 65 -1.17 54.34 -10.87
C GLY P 65 0.09 53.61 -10.47
N SER P 66 1.07 54.38 -10.04
CA SER P 66 2.34 53.84 -9.58
C SER P 66 2.97 54.83 -8.61
N GLY P 67 4.04 54.37 -7.96
CA GLY P 67 4.77 55.17 -7.01
C GLY P 67 3.91 55.57 -5.82
N THR P 68 3.61 56.86 -5.72
CA THR P 68 2.75 57.37 -4.67
C THR P 68 1.38 57.79 -5.19
N ASP P 69 1.12 57.67 -6.49
CA ASP P 69 -0.07 58.25 -7.10
C ASP P 69 -0.88 57.18 -7.80
N PHE P 70 -2.14 57.01 -7.38
CA PHE P 70 -2.98 55.97 -7.95
C PHE P 70 -4.31 56.53 -8.40
N PHE P 71 -4.84 55.96 -9.48
CA PHE P 71 -6.09 56.36 -10.08
C PHE P 71 -7.08 55.21 -10.05
N LEU P 72 -8.35 55.54 -9.89
CA LEU P 72 -9.44 54.59 -10.08
C LEU P 72 -10.41 55.21 -11.09
N THR P 73 -10.49 54.62 -12.26
CA THR P 73 -11.33 55.14 -13.33
C THR P 73 -12.57 54.27 -13.44
N ILE P 74 -13.74 54.89 -13.33
CA ILE P 74 -15.02 54.21 -13.49
C ILE P 74 -15.68 54.78 -14.73
N ASN P 75 -15.71 54.00 -15.80
CA ASN P 75 -16.42 54.39 -17.01
C ASN P 75 -17.86 53.92 -16.93
N LYS P 76 -18.74 54.65 -17.63
CA LYS P 76 -20.16 54.32 -17.78
C LYS P 76 -20.86 54.22 -16.42
N LEU P 77 -20.92 55.37 -15.75
CA LEU P 77 -21.41 55.46 -14.38
C LEU P 77 -22.88 55.07 -14.29
N ASP P 78 -23.15 53.98 -13.58
CA ASP P 78 -24.51 53.60 -13.23
C ASP P 78 -24.97 54.37 -12.01
N ARG P 79 -26.28 54.34 -11.76
CA ARG P 79 -26.81 54.91 -10.53
C ARG P 79 -26.36 54.12 -9.31
N GLU P 80 -26.15 52.81 -9.47
CA GLU P 80 -25.72 51.97 -8.36
C GLU P 80 -24.30 52.28 -7.92
N ASP P 81 -23.47 52.80 -8.83
CA ASP P 81 -22.06 53.02 -8.50
C ASP P 81 -21.82 54.30 -7.72
N PHE P 82 -22.84 55.13 -7.50
CA PHE P 82 -22.70 56.30 -6.66
C PHE P 82 -22.58 55.85 -5.21
N ALA P 83 -21.36 55.78 -4.72
CA ALA P 83 -21.10 55.22 -3.39
C ALA P 83 -19.84 55.85 -2.84
N VAL P 84 -19.45 55.41 -1.65
CA VAL P 84 -18.19 55.82 -1.05
C VAL P 84 -17.10 54.89 -1.53
N TYR P 85 -15.90 55.43 -1.74
CA TYR P 85 -14.80 54.64 -2.26
C TYR P 85 -13.56 54.89 -1.42
N TYR P 86 -12.94 53.80 -0.95
CA TYR P 86 -11.83 53.85 -0.01
C TYR P 86 -10.57 53.25 -0.62
N CYS P 87 -9.43 53.73 -0.15
CA CYS P 87 -8.13 53.20 -0.54
C CYS P 87 -7.46 52.57 0.69
N GLN P 88 -6.69 51.52 0.46
CA GLN P 88 -6.13 50.73 1.55
C GLN P 88 -4.69 50.34 1.25
N GLN P 89 -3.81 50.65 2.20
CA GLN P 89 -2.42 50.20 2.16
C GLN P 89 -2.09 49.58 3.51
N PHE P 90 -2.18 48.25 3.58
CA PHE P 90 -1.69 47.34 4.60
C PHE P 90 -2.34 47.42 5.97
N GLU P 91 -2.79 48.62 6.39
CA GLU P 91 -3.69 48.82 7.52
C GLU P 91 -4.33 50.19 7.51
N PHE P 92 -3.73 51.14 6.82
CA PHE P 92 -4.17 52.52 6.85
C PHE P 92 -5.16 52.76 5.74
N PHE P 93 -6.14 53.63 5.99
CA PHE P 93 -7.19 53.86 5.03
C PHE P 93 -7.34 55.35 4.76
N GLY P 94 -7.60 55.70 3.50
CA GLY P 94 -8.05 57.03 3.20
C GLY P 94 -9.45 57.27 3.74
N LEU P 95 -9.79 58.54 3.92
CA LEU P 95 -11.05 58.85 4.59
C LEU P 95 -12.26 58.67 3.68
N GLY P 96 -12.05 58.47 2.40
CA GLY P 96 -13.14 58.06 1.54
C GLY P 96 -13.54 59.12 0.54
N SER P 97 -13.67 58.71 -0.71
CA SER P 97 -14.19 59.57 -1.77
C SER P 97 -15.65 59.23 -1.96
N GLU P 98 -16.52 60.22 -1.80
CA GLU P 98 -17.96 60.00 -1.92
C GLU P 98 -18.41 60.46 -3.29
N LEU P 99 -19.07 59.58 -4.02
CA LEU P 99 -19.58 59.88 -5.34
C LEU P 99 -21.00 60.39 -5.21
N GLU P 100 -21.26 61.58 -5.78
CA GLU P 100 -22.50 62.29 -5.57
C GLU P 100 -23.25 62.43 -6.89
N VAL P 101 -24.56 62.26 -6.84
CA VAL P 101 -25.40 62.35 -8.03
C VAL P 101 -25.60 63.81 -8.38
N HIS P 102 -25.23 64.18 -9.61
CA HIS P 102 -25.50 65.54 -10.09
C HIS P 102 -26.59 65.50 -11.16
N GLN Q 1 -10.98 -80.98 33.19
CA GLN Q 1 -12.30 -80.60 33.68
C GLN Q 1 -12.16 -79.85 35.01
N VAL Q 2 -12.93 -78.78 35.16
CA VAL Q 2 -12.91 -77.96 36.36
C VAL Q 2 -14.33 -77.70 36.84
N HIS Q 3 -14.47 -77.69 38.17
CA HIS Q 3 -15.64 -77.12 38.81
C HIS Q 3 -15.22 -76.74 40.23
N LEU Q 4 -15.79 -75.66 40.74
CA LEU Q 4 -15.36 -75.08 42.00
C LEU Q 4 -16.37 -75.38 43.09
N GLN Q 5 -15.87 -75.37 44.32
CA GLN Q 5 -16.69 -75.65 45.50
C GLN Q 5 -16.57 -74.45 46.43
N GLU Q 6 -17.62 -73.63 46.45
CA GLU Q 6 -17.66 -72.48 47.33
C GLU Q 6 -17.98 -72.91 48.76
N SER Q 7 -17.40 -72.21 49.73
CA SER Q 7 -17.66 -72.53 51.12
C SER Q 7 -17.51 -71.26 51.96
N GLY Q 8 -18.54 -70.97 52.74
CA GLY Q 8 -18.53 -69.84 53.64
C GLY Q 8 -19.47 -70.07 54.81
N PRO Q 9 -19.54 -69.09 55.72
CA PRO Q 9 -20.45 -69.22 56.85
C PRO Q 9 -21.92 -69.12 56.45
N GLY Q 10 -22.24 -68.15 55.61
CA GLY Q 10 -23.62 -67.89 55.20
C GLY Q 10 -24.39 -67.00 56.13
N LEU Q 11 -24.23 -67.20 57.44
CA LEU Q 11 -24.81 -66.35 58.47
C LEU Q 11 -23.68 -65.56 59.10
N VAL Q 12 -23.68 -64.25 58.85
CA VAL Q 12 -22.59 -63.38 59.24
C VAL Q 12 -23.11 -62.34 60.23
N LYS Q 13 -22.31 -62.04 61.24
CA LYS Q 13 -22.65 -60.90 62.09
C LYS Q 13 -22.18 -59.60 61.42
N PRO Q 14 -22.85 -58.49 61.70
CA PRO Q 14 -22.39 -57.21 61.17
C PRO Q 14 -21.08 -56.77 61.80
N SER Q 15 -20.29 -56.03 61.01
CA SER Q 15 -18.96 -55.53 61.36
C SER Q 15 -18.02 -56.67 61.78
N GLU Q 16 -17.75 -57.55 60.82
CA GLU Q 16 -17.02 -58.78 61.07
C GLU Q 16 -16.05 -59.05 59.93
N THR Q 17 -15.03 -59.85 60.22
CA THR Q 17 -14.07 -60.30 59.21
C THR Q 17 -14.58 -61.58 58.57
N LEU Q 18 -15.06 -61.49 57.34
CA LEU Q 18 -15.59 -62.63 56.61
C LEU Q 18 -14.45 -63.40 55.94
N SER Q 19 -14.57 -64.72 55.89
CA SER Q 19 -13.62 -65.54 55.16
C SER Q 19 -14.38 -66.56 54.31
N LEU Q 20 -13.86 -66.82 53.12
CA LEU Q 20 -14.46 -67.78 52.20
C LEU Q 20 -13.37 -68.63 51.58
N THR Q 21 -13.73 -69.87 51.25
CA THR Q 21 -12.82 -70.79 50.61
C THR Q 21 -13.47 -71.36 49.35
N CYS Q 22 -12.62 -71.85 48.45
CA CYS Q 22 -13.06 -72.27 47.13
C CYS Q 22 -12.19 -73.45 46.71
N ASN Q 23 -12.72 -74.66 46.83
CA ASN Q 23 -12.01 -75.84 46.40
C ASN Q 23 -12.03 -75.95 44.88
N VAL Q 24 -10.98 -76.55 44.33
CA VAL Q 24 -10.82 -76.68 42.89
C VAL Q 24 -11.03 -78.14 42.50
N SER Q 25 -11.10 -78.37 41.19
CA SER Q 25 -11.17 -79.72 40.64
C SER Q 25 -10.21 -79.79 39.45
N GLY Q 26 -9.14 -80.57 39.60
CA GLY Q 26 -8.21 -80.79 38.51
C GLY Q 26 -7.11 -79.76 38.36
N THR Q 27 -7.44 -78.60 37.80
CA THR Q 27 -6.43 -77.60 37.52
C THR Q 27 -6.03 -76.88 38.81
N LEU Q 28 -4.73 -76.76 39.02
CA LEU Q 28 -4.20 -76.21 40.25
C LEU Q 28 -4.33 -74.69 40.28
N VAL Q 29 -4.02 -74.11 41.44
CA VAL Q 29 -4.19 -72.68 41.65
C VAL Q 29 -3.06 -71.89 41.01
N ARG Q 30 -1.95 -72.53 40.66
CA ARG Q 30 -0.80 -71.82 40.10
C ARG Q 30 -1.04 -71.41 38.65
N ASP Q 31 -1.79 -72.23 37.90
CA ASP Q 31 -1.84 -72.07 36.46
C ASP Q 31 -2.69 -70.88 36.03
N ASN Q 32 -3.81 -70.64 36.72
CA ASN Q 32 -4.84 -69.75 36.20
C ASN Q 32 -4.99 -68.51 37.06
N TYR Q 33 -5.54 -67.47 36.44
CA TYR Q 33 -6.09 -66.33 37.17
C TYR Q 33 -7.31 -66.77 37.98
N TRP Q 34 -7.65 -65.98 39.00
CA TRP Q 34 -8.84 -66.27 39.78
C TRP Q 34 -9.57 -64.97 40.06
N SER Q 35 -10.87 -65.07 40.31
CA SER Q 35 -11.69 -63.89 40.52
C SER Q 35 -12.79 -64.20 41.51
N TRP Q 36 -13.23 -63.15 42.20
CA TRP Q 36 -14.41 -63.23 43.05
C TRP Q 36 -15.46 -62.25 42.55
N ILE Q 37 -16.71 -62.68 42.55
CA ILE Q 37 -17.83 -61.92 41.98
C ILE Q 37 -19.00 -62.01 42.95
N ARG Q 38 -19.54 -60.85 43.33
CA ARG Q 38 -20.72 -60.84 44.20
C ARG Q 38 -21.94 -60.35 43.46
N GLN Q 39 -23.11 -60.82 43.88
CA GLN Q 39 -24.34 -60.39 43.26
C GLN Q 39 -25.48 -60.33 44.29
N PRO Q 40 -26.05 -59.16 44.54
CA PRO Q 40 -27.23 -59.10 45.41
C PRO Q 40 -28.45 -59.65 44.69
N LEU Q 41 -29.49 -59.93 45.48
CA LEU Q 41 -30.67 -60.60 44.96
C LEU Q 41 -31.47 -59.67 44.04
N GLY Q 42 -31.83 -60.18 42.87
CA GLY Q 42 -32.51 -59.38 41.87
C GLY Q 42 -31.70 -58.25 41.30
N LYS Q 43 -30.37 -58.34 41.36
CA LYS Q 43 -29.49 -57.26 40.96
C LYS Q 43 -28.46 -57.78 39.97
N GLN Q 44 -27.77 -56.84 39.33
CA GLN Q 44 -26.64 -57.19 38.48
C GLN Q 44 -25.46 -57.58 39.34
N PRO Q 45 -24.56 -58.43 38.85
CA PRO Q 45 -23.42 -58.84 39.67
C PRO Q 45 -22.40 -57.73 39.79
N GLU Q 46 -21.47 -57.92 40.74
CA GLU Q 46 -20.43 -56.95 41.02
C GLU Q 46 -19.10 -57.68 41.06
N TRP Q 47 -18.19 -57.29 40.17
CA TRP Q 47 -16.88 -57.93 40.08
C TRP Q 47 -16.00 -57.41 41.21
N ILE Q 48 -15.68 -58.28 42.16
CA ILE Q 48 -14.89 -57.85 43.30
C ILE Q 48 -13.41 -57.77 42.93
N GLY Q 49 -12.96 -58.57 41.98
CA GLY Q 49 -11.58 -58.47 41.55
C GLY Q 49 -10.92 -59.80 41.23
N TYR Q 50 -9.64 -59.73 40.87
CA TYR Q 50 -8.90 -60.89 40.43
C TYR Q 50 -7.55 -60.97 41.13
N VAL Q 51 -7.07 -62.21 41.28
CA VAL Q 51 -5.84 -62.52 41.97
C VAL Q 51 -5.05 -63.51 41.12
N HIS Q 52 -3.72 -63.37 41.18
CA HIS Q 52 -2.81 -64.32 40.56
C HIS Q 52 -1.49 -64.26 41.31
N ASP Q 53 -0.71 -65.32 41.19
CA ASP Q 53 0.67 -65.34 41.67
C ASP Q 53 1.50 -64.28 40.93
N SER Q 54 2.59 -63.88 41.58
CA SER Q 54 3.52 -62.83 41.13
C SER Q 54 2.80 -61.49 40.97
N GLY Q 55 2.14 -61.05 42.04
CA GLY Q 55 1.71 -59.68 42.19
C GLY Q 55 0.48 -59.26 41.43
N ASP Q 56 -0.05 -60.08 40.54
CA ASP Q 56 -1.25 -59.72 39.76
C ASP Q 56 -2.47 -59.84 40.68
N THR Q 57 -2.68 -58.80 41.48
CA THR Q 57 -3.64 -58.80 42.57
C THR Q 57 -4.46 -57.51 42.56
N ASN Q 58 -4.95 -57.12 41.39
CA ASN Q 58 -5.71 -55.88 41.28
C ASN Q 58 -7.11 -56.08 41.86
N TYR Q 59 -7.46 -55.25 42.85
CA TYR Q 59 -8.77 -55.30 43.49
C TYR Q 59 -9.68 -54.24 42.89
N ASN Q 60 -10.93 -54.31 43.32
CA ASN Q 60 -11.88 -53.26 42.99
C ASN Q 60 -11.54 -52.01 43.79
N PRO Q 61 -11.39 -50.85 43.15
CA PRO Q 61 -11.22 -49.60 43.92
C PRO Q 61 -12.49 -49.12 44.60
N SER Q 62 -13.62 -49.81 44.43
CA SER Q 62 -14.79 -49.53 45.25
C SER Q 62 -14.50 -49.85 46.71
N LEU Q 63 -14.14 -51.10 46.99
CA LEU Q 63 -13.82 -51.46 48.38
C LEU Q 63 -12.39 -51.08 48.72
N LYS Q 64 -11.41 -51.78 48.10
CA LYS Q 64 -9.99 -51.43 48.02
C LYS Q 64 -9.24 -51.43 49.37
N SER Q 65 -9.96 -51.53 50.46
CA SER Q 65 -9.37 -51.40 51.79
C SER Q 65 -9.80 -52.51 52.74
N ARG Q 66 -11.04 -52.97 52.62
CA ARG Q 66 -11.61 -53.95 53.54
C ARG Q 66 -11.81 -55.30 52.89
N VAL Q 67 -11.07 -55.59 51.82
CA VAL Q 67 -11.19 -56.85 51.10
C VAL Q 67 -9.79 -57.32 50.70
N HIS Q 68 -9.59 -58.64 50.69
CA HIS Q 68 -8.32 -59.25 50.35
C HIS Q 68 -8.60 -60.57 49.64
N LEU Q 69 -7.69 -60.94 48.75
CA LEU Q 69 -7.79 -62.20 48.02
C LEU Q 69 -6.49 -62.97 48.22
N SER Q 70 -6.58 -64.29 48.23
CA SER Q 70 -5.40 -65.13 48.42
C SER Q 70 -5.66 -66.50 47.83
N LEU Q 71 -4.62 -67.32 47.81
CA LEU Q 71 -4.69 -68.68 47.28
C LEU Q 71 -4.31 -69.66 48.37
N ASP Q 72 -4.27 -70.95 48.00
CA ASP Q 72 -3.86 -72.02 48.91
C ASP Q 72 -3.21 -73.09 48.04
N LYS Q 73 -1.90 -73.00 47.90
CA LYS Q 73 -1.19 -73.88 46.98
C LYS Q 73 -1.02 -75.29 47.55
N SER Q 74 -0.94 -75.41 48.87
CA SER Q 74 -0.79 -76.72 49.49
C SER Q 74 -2.10 -77.51 49.39
N LYS Q 75 -3.19 -76.95 49.92
CA LYS Q 75 -4.48 -77.60 49.82
C LYS Q 75 -5.17 -77.33 48.49
N ASN Q 76 -4.64 -76.40 47.69
CA ASN Q 76 -5.13 -76.05 46.35
C ASN Q 76 -6.57 -75.50 46.42
N LEU Q 77 -6.71 -74.40 47.14
CA LEU Q 77 -7.97 -73.67 47.30
C LEU Q 77 -7.76 -72.20 46.92
N VAL Q 78 -8.86 -71.46 46.88
CA VAL Q 78 -8.84 -70.01 46.63
C VAL Q 78 -9.62 -69.34 47.75
N SER Q 79 -9.02 -68.35 48.39
CA SER Q 79 -9.58 -67.76 49.61
C SER Q 79 -9.93 -66.29 49.40
N LEU Q 80 -11.11 -65.93 49.89
CA LEU Q 80 -11.53 -64.54 50.02
C LEU Q 80 -11.47 -64.13 51.50
N ARG Q 81 -11.10 -62.89 51.73
CA ARG Q 81 -11.14 -62.29 53.06
C ARG Q 81 -11.80 -60.93 52.95
N LEU Q 82 -12.63 -60.59 53.94
CA LEU Q 82 -13.35 -59.33 53.96
C LEU Q 82 -13.30 -58.78 55.38
N THR Q 83 -13.38 -57.45 55.49
CA THR Q 83 -13.29 -56.77 56.78
C THR Q 83 -14.50 -55.89 56.97
N GLY Q 84 -15.15 -56.00 58.12
CA GLY Q 84 -16.24 -55.12 58.48
C GLY Q 84 -17.48 -55.30 57.62
N VAL Q 85 -18.14 -56.45 57.76
CA VAL Q 85 -19.30 -56.76 56.94
C VAL Q 85 -20.48 -55.88 57.37
N THR Q 86 -21.03 -55.13 56.43
CA THR Q 86 -22.17 -54.26 56.67
C THR Q 86 -23.41 -54.87 56.02
N ALA Q 87 -24.51 -54.12 56.08
CA ALA Q 87 -25.79 -54.63 55.61
C ALA Q 87 -25.87 -54.74 54.09
N ALA Q 88 -25.02 -54.02 53.36
CA ALA Q 88 -25.03 -54.05 51.90
C ALA Q 88 -24.13 -55.16 51.34
N ASP Q 89 -23.73 -56.12 52.16
CA ASP Q 89 -22.89 -57.22 51.72
C ASP Q 89 -23.64 -58.53 51.57
N SER Q 90 -24.91 -58.57 51.96
CA SER Q 90 -25.74 -59.78 51.83
C SER Q 90 -26.01 -60.03 50.35
N ALA Q 91 -25.42 -61.10 49.82
CA ALA Q 91 -25.45 -61.38 48.39
C ALA Q 91 -25.18 -62.86 48.18
N ILE Q 92 -24.97 -63.26 46.92
CA ILE Q 92 -24.42 -64.56 46.60
C ILE Q 92 -23.04 -64.35 46.00
N TYR Q 93 -22.07 -65.11 46.47
CA TYR Q 93 -20.67 -64.91 46.13
C TYR Q 93 -20.19 -66.06 45.26
N TYR Q 94 -19.24 -65.77 44.39
CA TYR Q 94 -18.71 -66.75 43.44
C TYR Q 94 -17.20 -66.61 43.37
N CYS Q 95 -16.51 -67.74 43.42
CA CYS Q 95 -15.15 -67.82 42.92
C CYS Q 95 -15.20 -68.36 41.49
N ALA Q 96 -14.30 -67.86 40.65
CA ALA Q 96 -14.38 -68.18 39.23
C ALA Q 96 -13.03 -67.98 38.57
N THR Q 97 -12.64 -68.92 37.72
CA THR Q 97 -11.48 -68.71 36.88
C THR Q 97 -11.79 -67.65 35.82
N THR Q 98 -10.73 -67.03 35.30
CA THR Q 98 -10.91 -66.03 34.27
C THR Q 98 -9.72 -66.04 33.32
N LYS Q 99 -9.97 -65.60 32.09
CA LYS Q 99 -8.96 -65.54 31.04
C LYS Q 99 -8.83 -64.11 30.56
N HIS Q 100 -7.61 -63.72 30.24
CA HIS Q 100 -7.32 -62.37 29.77
C HIS Q 100 -7.33 -62.31 28.25
N GLY Q 101 -7.29 -61.09 27.73
CA GLY Q 101 -7.22 -60.88 26.30
C GLY Q 101 -6.71 -59.50 25.96
N ARG Q 102 -5.86 -59.41 24.94
CA ARG Q 102 -5.30 -58.13 24.52
C ARG Q 102 -6.17 -57.54 23.42
N ARG Q 103 -6.95 -56.52 23.78
CA ARG Q 103 -7.67 -55.73 22.79
C ARG Q 103 -6.74 -54.65 22.29
N ILE Q 104 -6.37 -54.72 21.02
CA ILE Q 104 -5.36 -53.87 20.43
C ILE Q 104 -6.03 -52.98 19.39
N TYR Q 105 -5.94 -51.66 19.58
CA TYR Q 105 -6.62 -50.72 18.71
C TYR Q 105 -5.71 -49.75 18.00
N GLY Q 106 -4.42 -49.73 18.30
CA GLY Q 106 -3.49 -48.80 17.67
C GLY Q 106 -2.11 -49.35 17.58
N VAL Q 107 -1.12 -48.51 17.87
CA VAL Q 107 0.26 -48.97 17.89
C VAL Q 107 0.48 -49.82 19.12
N VAL Q 108 1.11 -50.98 18.94
CA VAL Q 108 1.40 -51.86 20.07
C VAL Q 108 2.49 -51.25 20.95
N ALA Q 109 3.48 -50.62 20.34
CA ALA Q 109 4.60 -50.05 21.08
C ALA Q 109 4.24 -48.79 21.85
N PHE Q 110 3.08 -48.18 21.59
CA PHE Q 110 2.68 -46.97 22.29
C PHE Q 110 1.69 -47.25 23.41
N LYS Q 111 1.61 -48.52 23.85
CA LYS Q 111 0.63 -49.00 24.84
C LYS Q 111 -0.81 -48.69 24.45
N GLU Q 112 -1.11 -48.72 23.16
CA GLU Q 112 -2.47 -48.44 22.69
C GLU Q 112 -3.27 -49.75 22.58
N TRP Q 113 -3.43 -50.38 23.75
CA TRP Q 113 -4.09 -51.66 23.88
C TRP Q 113 -4.41 -51.84 25.34
N PHE Q 114 -5.30 -52.80 25.64
CA PHE Q 114 -5.64 -53.06 27.02
C PHE Q 114 -6.07 -54.51 27.19
N THR Q 115 -5.81 -55.03 28.38
CA THR Q 115 -6.13 -56.41 28.71
C THR Q 115 -7.50 -56.47 29.36
N TYR Q 116 -8.47 -57.03 28.66
CA TYR Q 116 -9.77 -57.32 29.25
C TYR Q 116 -9.74 -58.72 29.87
N PHE Q 117 -10.73 -58.99 30.71
CA PHE Q 117 -10.86 -60.27 31.36
C PHE Q 117 -12.26 -60.81 31.15
N TYR Q 118 -12.38 -62.13 31.22
CA TYR Q 118 -13.69 -62.75 31.16
C TYR Q 118 -13.67 -64.03 31.97
N MET Q 119 -14.69 -64.22 32.80
CA MET Q 119 -14.82 -65.41 33.62
C MET Q 119 -15.52 -66.50 32.80
N ASP Q 120 -14.81 -67.62 32.60
CA ASP Q 120 -15.31 -68.70 31.76
C ASP Q 120 -16.18 -69.68 32.54
N VAL Q 121 -15.71 -70.12 33.70
CA VAL Q 121 -16.44 -71.07 34.51
C VAL Q 121 -16.90 -70.38 35.78
N TRP Q 122 -17.77 -71.05 36.53
CA TRP Q 122 -18.29 -70.54 37.78
C TRP Q 122 -18.38 -71.70 38.76
N GLY Q 123 -18.97 -71.46 39.92
CA GLY Q 123 -19.20 -72.48 40.91
C GLY Q 123 -20.63 -72.42 41.41
N LYS Q 124 -20.84 -72.99 42.59
CA LYS Q 124 -22.17 -73.02 43.17
C LYS Q 124 -22.55 -71.73 43.87
N GLY Q 125 -21.56 -70.92 44.24
CA GLY Q 125 -21.81 -69.71 45.01
C GLY Q 125 -22.01 -70.01 46.48
N THR Q 126 -22.08 -68.93 47.26
CA THR Q 126 -22.46 -69.03 48.67
C THR Q 126 -23.40 -67.88 48.96
N SER Q 127 -24.58 -68.20 49.49
CA SER Q 127 -25.59 -67.20 49.81
C SER Q 127 -25.24 -66.58 51.15
N VAL Q 128 -24.35 -65.59 51.10
CA VAL Q 128 -23.86 -64.95 52.31
C VAL Q 128 -24.89 -63.92 52.76
N THR Q 129 -25.35 -64.06 54.00
CA THR Q 129 -26.36 -63.17 54.56
C THR Q 129 -25.86 -62.65 55.90
N VAL Q 130 -25.95 -61.34 56.09
CA VAL Q 130 -25.44 -60.67 57.28
C VAL Q 130 -26.63 -60.25 58.14
N SER Q 131 -26.64 -60.70 59.39
CA SER Q 131 -27.68 -60.37 60.36
C SER Q 131 -27.17 -60.67 61.75
N SER Q 132 -27.51 -59.82 62.71
CA SER Q 132 -27.06 -60.02 64.08
C SER Q 132 -27.92 -61.06 64.80
N GLN R 1 -84.35 23.86 9.82
CA GLN R 1 -84.10 24.21 11.20
C GLN R 1 -84.14 22.95 12.07
N VAL R 2 -83.19 22.85 13.01
CA VAL R 2 -83.09 21.71 13.89
C VAL R 2 -82.93 22.18 15.33
N HIS R 3 -83.54 21.44 16.25
CA HIS R 3 -83.23 21.50 17.67
C HIS R 3 -83.67 20.19 18.28
N LEU R 4 -82.92 19.74 19.28
CA LEU R 4 -83.12 18.41 19.83
C LEU R 4 -83.78 18.50 21.20
N GLN R 5 -84.45 17.41 21.57
CA GLN R 5 -85.18 17.32 22.83
C GLN R 5 -84.63 16.11 23.57
N GLU R 6 -83.78 16.36 24.57
CA GLU R 6 -83.24 15.30 25.39
C GLU R 6 -84.27 14.82 26.40
N SER R 7 -84.26 13.52 26.69
CA SER R 7 -85.19 12.96 27.65
C SER R 7 -84.56 11.76 28.32
N GLY R 8 -84.54 11.79 29.66
CA GLY R 8 -84.03 10.69 30.45
C GLY R 8 -84.67 10.67 31.81
N PRO R 9 -84.29 9.69 32.64
CA PRO R 9 -84.85 9.62 34.00
C PRO R 9 -84.34 10.74 34.90
N GLY R 10 -83.05 11.02 34.86
CA GLY R 10 -82.42 12.02 35.71
C GLY R 10 -82.03 11.52 37.08
N LEU R 11 -82.88 10.68 37.69
CA LEU R 11 -82.60 10.03 38.96
C LEU R 11 -82.37 8.55 38.65
N VAL R 12 -81.13 8.09 38.82
CA VAL R 12 -80.73 6.75 38.41
C VAL R 12 -80.27 5.99 39.65
N LYS R 13 -80.63 4.71 39.70
CA LYS R 13 -80.04 3.87 40.73
C LYS R 13 -78.67 3.38 40.27
N PRO R 14 -77.76 3.11 41.21
CA PRO R 14 -76.46 2.55 40.82
C PRO R 14 -76.58 1.14 40.30
N SER R 15 -75.65 0.79 39.40
CA SER R 15 -75.59 -0.50 38.70
C SER R 15 -76.89 -0.82 37.97
N GLU R 16 -77.21 0.03 36.99
CA GLU R 16 -78.49 -0.03 36.30
C GLU R 16 -78.28 0.19 34.82
N THR R 17 -79.25 -0.25 34.03
CA THR R 17 -79.27 -0.01 32.58
C THR R 17 -79.97 1.31 32.30
N LEU R 18 -79.21 2.33 31.94
CA LEU R 18 -79.75 3.64 31.63
C LEU R 18 -80.22 3.69 30.18
N SER R 19 -81.30 4.42 29.93
CA SER R 19 -81.78 4.66 28.58
C SER R 19 -82.12 6.13 28.42
N LEU R 20 -81.81 6.67 27.24
CA LEU R 20 -82.08 8.07 26.93
C LEU R 20 -82.66 8.17 25.53
N THR R 21 -83.49 9.19 25.33
CA THR R 21 -84.08 9.44 24.03
C THR R 21 -83.85 10.90 23.64
N CYS R 22 -83.95 11.15 22.34
CA CYS R 22 -83.59 12.46 21.78
C CYS R 22 -84.52 12.71 20.60
N ASN R 23 -85.54 13.53 20.81
CA ASN R 23 -86.43 13.91 19.73
C ASN R 23 -85.77 14.92 18.81
N VAL R 24 -86.14 14.87 17.53
CA VAL R 24 -85.55 15.72 16.52
C VAL R 24 -86.56 16.77 16.10
N SER R 25 -86.11 17.74 15.31
CA SER R 25 -86.97 18.75 14.73
C SER R 25 -86.57 18.92 13.27
N GLY R 26 -87.45 18.52 12.36
CA GLY R 26 -87.23 18.72 10.93
C GLY R 26 -86.42 17.64 10.25
N THR R 27 -85.11 17.65 10.44
CA THR R 27 -84.23 16.72 9.73
C THR R 27 -84.32 15.34 10.37
N LEU R 28 -84.52 14.33 9.52
CA LEU R 28 -84.73 12.98 10.00
C LEU R 28 -83.43 12.34 10.45
N VAL R 29 -83.57 11.15 11.05
CA VAL R 29 -82.42 10.46 11.62
C VAL R 29 -81.58 9.77 10.56
N ARG R 30 -82.11 9.57 9.35
CA ARG R 30 -81.37 8.88 8.31
C ARG R 30 -80.27 9.75 7.71
N ASP R 31 -80.50 11.06 7.65
CA ASP R 31 -79.64 11.93 6.84
C ASP R 31 -78.29 12.19 7.51
N ASN R 32 -78.27 12.33 8.83
CA ASN R 32 -77.11 12.90 9.50
C ASN R 32 -76.46 11.88 10.42
N TYR R 33 -75.18 12.12 10.71
CA TYR R 33 -74.50 11.49 11.83
C TYR R 33 -75.11 11.96 13.14
N TRP R 34 -74.90 11.18 14.20
CA TRP R 34 -75.37 11.57 15.51
C TRP R 34 -74.31 11.25 16.53
N SER R 35 -74.33 11.95 17.66
CA SER R 35 -73.31 11.78 18.68
C SER R 35 -73.93 11.99 20.06
N TRP R 36 -73.31 11.36 21.04
CA TRP R 36 -73.64 11.61 22.44
C TRP R 36 -72.41 12.13 23.16
N ILE R 37 -72.60 13.12 24.02
CA ILE R 37 -71.50 13.81 24.69
C ILE R 37 -71.89 13.99 26.16
N ARG R 38 -71.03 13.57 27.07
CA ARG R 38 -71.29 13.74 28.49
C ARG R 38 -70.32 14.75 29.10
N GLN R 39 -70.78 15.44 30.15
CA GLN R 39 -69.93 16.40 30.83
C GLN R 39 -70.24 16.45 32.31
N PRO R 40 -69.30 16.11 33.18
CA PRO R 40 -69.53 16.29 34.62
C PRO R 40 -69.48 17.76 34.99
N LEU R 41 -69.96 18.05 36.19
CA LEU R 41 -70.11 19.43 36.64
C LEU R 41 -68.75 20.06 36.91
N GLY R 42 -68.54 21.26 36.37
CA GLY R 42 -67.27 21.94 36.48
C GLY R 42 -66.13 21.24 35.77
N LYS R 43 -66.42 20.42 34.77
CA LYS R 43 -65.42 19.62 34.10
C LYS R 43 -65.50 19.84 32.60
N GLN R 44 -64.48 19.37 31.90
CA GLN R 44 -64.51 19.36 30.45
C GLN R 44 -65.44 18.25 29.97
N PRO R 45 -66.03 18.40 28.78
CA PRO R 45 -66.94 17.35 28.30
C PRO R 45 -66.19 16.11 27.85
N GLU R 46 -66.94 15.04 27.67
CA GLU R 46 -66.39 13.74 27.27
C GLU R 46 -67.22 13.22 26.11
N TRP R 47 -66.56 13.00 24.98
CA TRP R 47 -67.25 12.54 23.78
C TRP R 47 -67.49 11.05 23.89
N ILE R 48 -68.75 10.65 24.03
CA ILE R 48 -69.06 9.25 24.19
C ILE R 48 -69.01 8.51 22.86
N GLY R 49 -69.29 9.20 21.77
CA GLY R 49 -69.19 8.56 20.47
C GLY R 49 -70.26 8.97 19.48
N TYR R 50 -70.21 8.36 18.30
CA TYR R 50 -71.09 8.70 17.19
C TYR R 50 -71.68 7.46 16.56
N VAL R 51 -72.87 7.64 15.99
CA VAL R 51 -73.66 6.58 15.39
C VAL R 51 -74.19 7.07 14.05
N HIS R 52 -74.29 6.14 13.10
CA HIS R 52 -74.91 6.38 11.82
C HIS R 52 -75.42 5.05 11.27
N ASP R 53 -76.38 5.14 10.36
CA ASP R 53 -76.82 3.99 9.59
C ASP R 53 -75.66 3.43 8.76
N SER R 54 -75.80 2.15 8.39
CA SER R 54 -74.80 1.37 7.65
C SER R 54 -73.47 1.29 8.40
N GLY R 55 -73.54 0.84 9.65
CA GLY R 55 -72.39 0.37 10.38
C GLY R 55 -71.47 1.41 10.98
N ASP R 56 -71.66 2.70 10.66
CA ASP R 56 -70.79 3.76 11.19
C ASP R 56 -71.19 4.00 12.64
N THR R 57 -70.66 3.15 13.52
CA THR R 57 -71.09 3.08 14.93
C THR R 57 -69.87 3.00 15.84
N ASN R 58 -68.89 3.86 15.61
CA ASN R 58 -67.67 3.84 16.40
C ASN R 58 -67.94 4.44 17.77
N TYR R 59 -67.68 3.67 18.83
CA TYR R 59 -67.87 4.12 20.19
C TYR R 59 -66.54 4.57 20.78
N ASN R 60 -66.62 5.12 21.98
CA ASN R 60 -65.42 5.43 22.75
C ASN R 60 -64.80 4.13 23.24
N PRO R 61 -63.51 3.89 23.01
CA PRO R 61 -62.84 2.74 23.64
C PRO R 61 -62.61 2.89 25.13
N SER R 62 -62.97 4.03 25.74
CA SER R 62 -62.97 4.12 27.19
C SER R 62 -64.00 3.17 27.78
N LEU R 63 -65.27 3.34 27.40
CA LEU R 63 -66.31 2.45 27.90
C LEU R 63 -66.34 1.16 27.10
N LYS R 64 -66.76 1.25 25.83
CA LYS R 64 -66.62 0.24 24.78
C LYS R 64 -67.39 -1.06 25.01
N SER R 65 -67.95 -1.25 26.19
CA SER R 65 -68.58 -2.50 26.57
C SER R 65 -69.95 -2.29 27.19
N ARG R 66 -70.11 -1.22 27.97
CA ARG R 66 -71.33 -0.99 28.72
C ARG R 66 -72.14 0.18 28.17
N VAL R 67 -71.96 0.50 26.90
CA VAL R 67 -72.66 1.61 26.26
C VAL R 67 -73.06 1.19 24.85
N HIS R 68 -74.21 1.71 24.39
CA HIS R 68 -74.75 1.41 23.08
C HIS R 68 -75.46 2.65 22.56
N LEU R 69 -75.47 2.80 21.24
CA LEU R 69 -76.16 3.90 20.59
C LEU R 69 -77.09 3.32 19.54
N SER R 70 -78.22 3.99 19.32
CA SER R 70 -79.19 3.51 18.34
C SER R 70 -80.04 4.68 17.87
N LEU R 71 -80.87 4.42 16.88
CA LEU R 71 -81.75 5.42 16.29
C LEU R 71 -83.21 4.95 16.43
N ASP R 72 -84.12 5.75 15.88
CA ASP R 72 -85.54 5.42 15.88
C ASP R 72 -86.13 6.06 14.62
N LYS R 73 -86.15 5.28 13.53
CA LYS R 73 -86.55 5.83 12.26
C LYS R 73 -88.06 6.01 12.15
N SER R 74 -88.83 5.18 12.85
CA SER R 74 -90.29 5.31 12.83
C SER R 74 -90.73 6.56 13.59
N LYS R 75 -90.36 6.66 14.87
CA LYS R 75 -90.68 7.84 15.65
C LYS R 75 -89.70 8.98 15.43
N ASN R 76 -88.57 8.70 14.75
CA ASN R 76 -87.53 9.68 14.41
C ASN R 76 -86.89 10.29 15.66
N LEU R 77 -86.29 9.41 16.47
CA LEU R 77 -85.57 9.77 17.69
C LEU R 77 -84.16 9.20 17.63
N VAL R 78 -83.34 9.59 18.61
CA VAL R 78 -81.99 9.06 18.78
C VAL R 78 -81.86 8.54 20.21
N SER R 79 -81.43 7.28 20.36
CA SER R 79 -81.45 6.62 21.65
C SER R 79 -80.04 6.29 22.13
N LEU R 80 -79.81 6.55 23.41
CA LEU R 80 -78.63 6.08 24.13
C LEU R 80 -79.03 4.94 25.05
N ARG R 81 -78.14 3.97 25.19
CA ARG R 81 -78.29 2.90 26.16
C ARG R 81 -76.98 2.75 26.91
N LEU R 82 -77.07 2.48 28.21
CA LEU R 82 -75.91 2.34 29.07
C LEU R 82 -76.15 1.17 30.02
N THR R 83 -75.07 0.53 30.44
CA THR R 83 -75.14 -0.64 31.30
C THR R 83 -74.31 -0.41 32.55
N GLY R 84 -74.90 -0.67 33.72
CA GLY R 84 -74.17 -0.61 34.97
C GLY R 84 -73.74 0.79 35.36
N VAL R 85 -74.70 1.65 35.68
CA VAL R 85 -74.40 3.03 36.03
C VAL R 85 -73.71 3.08 37.38
N THR R 86 -72.52 3.67 37.41
CA THR R 86 -71.72 3.84 38.61
C THR R 86 -71.75 5.30 39.04
N ALA R 87 -70.96 5.60 40.09
CA ALA R 87 -70.97 6.94 40.68
C ALA R 87 -70.30 7.97 39.79
N ALA R 88 -69.45 7.56 38.86
CA ALA R 88 -68.75 8.49 37.98
C ALA R 88 -69.54 8.80 36.71
N ASP R 89 -70.83 8.49 36.69
CA ASP R 89 -71.67 8.75 35.53
C ASP R 89 -72.60 9.93 35.71
N SER R 90 -72.66 10.52 36.91
CA SER R 90 -73.51 11.67 37.18
C SER R 90 -72.95 12.88 36.45
N ALA R 91 -73.69 13.35 35.44
CA ALA R 91 -73.20 14.37 34.53
C ALA R 91 -74.41 15.03 33.86
N ILE R 92 -74.15 15.86 32.85
CA ILE R 92 -75.17 16.33 31.93
C ILE R 92 -74.87 15.72 30.57
N TYR R 93 -75.89 15.17 29.93
CA TYR R 93 -75.73 14.42 28.70
C TYR R 93 -76.35 15.19 27.55
N TYR R 94 -75.80 15.00 26.35
CA TYR R 94 -76.22 15.72 25.16
C TYR R 94 -76.29 14.75 23.99
N CYS R 95 -77.39 14.81 23.24
CA CYS R 95 -77.40 14.30 21.88
C CYS R 95 -77.14 15.47 20.95
N ALA R 96 -76.40 15.21 19.87
CA ALA R 96 -75.95 16.29 19.01
C ALA R 96 -75.63 15.75 17.62
N THR R 97 -76.06 16.48 16.60
CA THR R 97 -75.61 16.17 15.25
C THR R 97 -74.15 16.52 15.10
N THR R 98 -73.50 15.90 14.12
CA THR R 98 -72.10 16.20 13.86
C THR R 98 -71.81 16.04 12.37
N LYS R 99 -70.79 16.76 11.92
CA LYS R 99 -70.35 16.75 10.54
C LYS R 99 -68.89 16.31 10.48
N HIS R 100 -68.57 15.54 9.44
CA HIS R 100 -67.23 15.02 9.25
C HIS R 100 -66.41 15.95 8.36
N GLY R 101 -65.11 15.68 8.31
CA GLY R 101 -64.22 16.42 7.44
C GLY R 101 -62.94 15.68 7.18
N ARG R 102 -62.46 15.72 5.93
CA ARG R 102 -61.22 15.03 5.56
C ARG R 102 -60.06 16.01 5.70
N ARG R 103 -59.24 15.83 6.74
CA ARG R 103 -57.98 16.54 6.84
C ARG R 103 -56.94 15.75 6.06
N ILE R 104 -56.42 16.35 5.01
CA ILE R 104 -55.51 15.68 4.07
C ILE R 104 -54.15 16.34 4.17
N TYR R 105 -53.13 15.56 4.49
CA TYR R 105 -51.80 16.09 4.72
C TYR R 105 -50.73 15.51 3.80
N GLY R 106 -51.03 14.50 3.01
CA GLY R 106 -50.05 13.89 2.13
C GLY R 106 -50.69 13.32 0.90
N VAL R 107 -50.27 12.12 0.51
CA VAL R 107 -50.87 11.44 -0.62
C VAL R 107 -52.25 10.93 -0.22
N VAL R 108 -53.25 11.22 -1.05
CA VAL R 108 -54.59 10.71 -0.79
C VAL R 108 -54.63 9.20 -0.95
N ALA R 109 -53.93 8.68 -1.96
CA ALA R 109 -53.97 7.25 -2.26
C ALA R 109 -53.20 6.41 -1.25
N PHE R 110 -52.41 7.02 -0.37
CA PHE R 110 -51.67 6.26 0.63
C PHE R 110 -52.33 6.30 2.00
N LYS R 111 -53.61 6.67 2.05
CA LYS R 111 -54.39 6.86 3.28
C LYS R 111 -53.73 7.86 4.23
N GLU R 112 -53.07 8.89 3.68
CA GLU R 112 -52.43 9.91 4.51
C GLU R 112 -53.40 11.08 4.74
N TRP R 113 -54.49 10.75 5.40
CA TRP R 113 -55.57 11.69 5.69
C TRP R 113 -56.41 11.07 6.78
N PHE R 114 -57.23 11.90 7.42
CA PHE R 114 -58.10 11.37 8.47
C PHE R 114 -59.36 12.21 8.58
N THR R 115 -60.44 11.55 8.97
CA THR R 115 -61.74 12.19 9.09
C THR R 115 -61.92 12.67 10.52
N TYR R 116 -61.91 13.98 10.71
CA TYR R 116 -62.28 14.56 11.99
C TYR R 116 -63.78 14.80 12.02
N PHE R 117 -64.30 15.03 13.22
CA PHE R 117 -65.71 15.28 13.41
C PHE R 117 -65.89 16.55 14.24
N TYR R 118 -67.03 17.20 14.05
CA TYR R 118 -67.36 18.35 14.87
C TYR R 118 -68.86 18.43 15.04
N MET R 119 -69.31 18.66 16.27
CA MET R 119 -70.72 18.79 16.58
C MET R 119 -71.15 20.23 16.36
N ASP R 120 -72.10 20.44 15.44
CA ASP R 120 -72.54 21.77 15.08
C ASP R 120 -73.65 22.28 15.99
N VAL R 121 -74.67 21.47 16.24
CA VAL R 121 -75.79 21.86 17.07
C VAL R 121 -75.76 21.04 18.35
N TRP R 122 -76.58 21.44 19.31
CA TRP R 122 -76.70 20.75 20.58
C TRP R 122 -78.17 20.73 20.97
N GLY R 123 -78.45 20.27 22.18
CA GLY R 123 -79.79 20.27 22.71
C GLY R 123 -79.81 20.83 24.12
N LYS R 124 -80.86 20.49 24.86
CA LYS R 124 -81.01 20.98 26.21
C LYS R 124 -80.21 20.18 27.22
N GLY R 125 -79.83 18.95 26.87
CA GLY R 125 -79.15 18.08 27.79
C GLY R 125 -80.11 17.41 28.75
N THR R 126 -79.57 16.47 29.52
CA THR R 126 -80.29 15.87 30.63
C THR R 126 -79.34 15.75 31.80
N SER R 127 -79.71 16.32 32.94
CA SER R 127 -78.87 16.28 34.14
C SER R 127 -79.06 14.93 34.81
N VAL R 128 -78.31 13.95 34.34
CA VAL R 128 -78.43 12.58 34.85
C VAL R 128 -77.64 12.49 36.15
N THR R 129 -78.32 12.07 37.21
CA THR R 129 -77.70 11.94 38.52
C THR R 129 -78.00 10.55 39.06
N VAL R 130 -76.96 9.87 39.55
CA VAL R 130 -77.06 8.51 40.04
C VAL R 130 -76.97 8.52 41.56
N SER R 131 -77.98 7.96 42.21
CA SER R 131 -78.04 7.87 43.67
C SER R 131 -79.06 6.80 44.05
N SER R 132 -78.75 6.05 45.09
CA SER R 132 -79.64 4.99 45.53
C SER R 132 -80.78 5.55 46.39
N VAL S 5 -37.11 -58.95 27.51
CA VAL S 5 -37.57 -59.17 26.14
C VAL S 5 -38.37 -60.47 26.05
N SER S 6 -39.58 -60.37 25.52
CA SER S 6 -40.48 -61.51 25.37
C SER S 6 -40.81 -61.66 23.89
N VAL S 7 -40.30 -62.71 23.26
CA VAL S 7 -40.56 -62.98 21.85
C VAL S 7 -41.11 -64.40 21.71
N ALA S 8 -41.61 -64.70 20.51
CA ALA S 8 -42.05 -66.04 20.19
C ALA S 8 -40.85 -66.99 20.13
N PRO S 9 -41.03 -68.24 20.51
CA PRO S 9 -39.92 -69.21 20.41
C PRO S 9 -39.60 -69.53 18.96
N GLY S 10 -38.32 -69.81 18.72
CA GLY S 10 -37.85 -70.04 17.37
C GLY S 10 -37.80 -68.78 16.53
N GLN S 11 -37.46 -67.65 17.12
CA GLN S 11 -37.39 -66.38 16.42
C GLN S 11 -36.04 -65.73 16.69
N THR S 12 -35.85 -64.54 16.13
CA THR S 12 -34.64 -63.75 16.32
C THR S 12 -34.96 -62.55 17.19
N ALA S 13 -34.16 -62.33 18.23
CA ALA S 13 -34.32 -61.22 19.14
C ALA S 13 -33.04 -60.39 19.21
N ARG S 14 -33.19 -59.11 19.54
CA ARG S 14 -32.08 -58.17 19.64
C ARG S 14 -32.15 -57.52 21.00
N ILE S 15 -31.09 -57.68 21.80
CA ILE S 15 -31.08 -57.22 23.19
C ILE S 15 -29.93 -56.23 23.35
N THR S 16 -30.25 -55.01 23.75
CA THR S 16 -29.26 -53.96 23.92
C THR S 16 -28.95 -53.75 25.39
N CYS S 17 -27.73 -53.32 25.67
CA CYS S 17 -27.26 -53.17 27.04
C CYS S 17 -26.09 -52.20 27.08
N GLY S 18 -25.92 -51.55 28.22
CA GLY S 18 -24.75 -50.75 28.48
C GLY S 18 -24.76 -49.38 27.84
N GLU S 19 -23.70 -48.63 28.14
CA GLU S 19 -23.54 -47.26 27.67
C GLU S 19 -23.20 -47.23 26.19
N GLU S 20 -23.48 -46.09 25.56
CA GLU S 20 -23.10 -45.88 24.17
C GLU S 20 -21.58 -45.86 24.04
N SER S 21 -21.10 -46.27 22.87
CA SER S 21 -19.67 -46.40 22.65
C SER S 21 -19.00 -45.04 22.54
N LEU S 22 -17.79 -44.97 23.09
CA LEU S 22 -16.94 -43.78 22.95
C LEU S 22 -15.67 -44.08 22.17
N GLY S 23 -14.95 -45.13 22.54
CA GLY S 23 -13.82 -45.56 21.76
C GLY S 23 -13.98 -46.98 21.30
N SER S 24 -12.88 -47.70 21.12
CA SER S 24 -12.96 -49.12 20.82
C SER S 24 -13.34 -49.89 22.06
N ARG S 25 -14.23 -50.86 21.90
CA ARG S 25 -14.74 -51.62 23.03
C ARG S 25 -14.56 -53.11 22.81
N SER S 26 -14.28 -53.80 23.92
CA SER S 26 -14.33 -55.25 23.98
C SER S 26 -15.44 -55.62 24.96
N VAL S 27 -16.45 -56.32 24.47
CA VAL S 27 -17.64 -56.58 25.26
C VAL S 27 -17.65 -58.05 25.66
N ILE S 28 -18.20 -58.33 26.83
CA ILE S 28 -18.42 -59.69 27.30
C ILE S 28 -19.90 -59.85 27.60
N TRP S 29 -20.53 -60.83 26.98
CA TRP S 29 -21.92 -61.17 27.25
C TRP S 29 -21.97 -62.41 28.12
N TYR S 30 -22.66 -62.29 29.25
CA TYR S 30 -22.95 -63.36 30.20
C TYR S 30 -24.44 -63.66 30.20
N GLN S 31 -24.78 -64.83 30.73
CA GLN S 31 -26.18 -65.20 30.91
C GLN S 31 -26.33 -65.95 32.23
N GLN S 32 -27.50 -65.79 32.83
CA GLN S 32 -27.75 -66.26 34.19
C GLN S 32 -29.03 -67.07 34.23
N ARG S 33 -28.94 -68.30 34.72
CA ARG S 33 -30.10 -69.14 34.96
C ARG S 33 -30.64 -68.88 36.37
N PRO S 34 -31.97 -68.89 36.54
CA PRO S 34 -32.57 -68.43 37.80
C PRO S 34 -32.22 -69.35 38.97
N GLY S 35 -31.59 -68.76 39.99
CA GLY S 35 -31.08 -69.50 41.13
C GLY S 35 -29.73 -70.15 40.93
N GLN S 36 -29.32 -70.41 39.70
CA GLN S 36 -28.11 -71.15 39.41
C GLN S 36 -26.94 -70.18 39.22
N ALA S 37 -25.85 -70.69 38.69
CA ALA S 37 -24.64 -69.93 38.43
C ALA S 37 -24.81 -69.04 37.20
N PRO S 38 -23.96 -68.02 37.04
CA PRO S 38 -23.86 -67.35 35.74
C PRO S 38 -23.14 -68.25 34.73
N SER S 39 -23.09 -67.77 33.49
CA SER S 39 -22.44 -68.51 32.42
C SER S 39 -22.07 -67.56 31.30
N LEU S 40 -20.96 -67.87 30.65
CA LEU S 40 -20.49 -67.05 29.53
C LEU S 40 -21.17 -67.49 28.25
N ILE S 41 -21.42 -66.52 27.37
CA ILE S 41 -21.76 -66.80 25.99
C ILE S 41 -20.80 -66.13 25.02
N ILE S 42 -20.49 -64.85 25.21
CA ILE S 42 -19.65 -64.12 24.28
C ILE S 42 -18.51 -63.48 25.06
N TYR S 43 -17.27 -63.66 24.58
CA TYR S 43 -16.12 -63.11 25.30
C TYR S 43 -15.44 -61.95 24.60
N ASN S 44 -15.22 -62.01 23.28
CA ASN S 44 -14.75 -60.85 22.55
C ASN S 44 -15.97 -60.11 22.00
N ASN S 45 -15.77 -59.24 21.01
CA ASN S 45 -16.91 -58.52 20.43
C ASN S 45 -17.85 -59.46 19.69
N ASN S 46 -17.31 -60.35 18.86
CA ASN S 46 -18.15 -61.30 18.13
C ASN S 46 -17.50 -62.68 18.12
N ASP S 47 -16.92 -63.08 19.25
CA ASP S 47 -16.28 -64.37 19.37
C ASP S 47 -16.91 -65.13 20.53
N ARG S 48 -17.21 -66.40 20.31
CA ARG S 48 -17.78 -67.31 21.28
C ARG S 48 -16.81 -68.46 21.55
N PRO S 49 -16.76 -69.00 22.76
CA PRO S 49 -15.83 -70.07 23.07
C PRO S 49 -16.40 -71.43 22.67
N SER S 50 -15.63 -72.47 22.96
CA SER S 50 -16.10 -73.82 22.78
C SER S 50 -17.05 -74.19 23.91
N GLY S 51 -17.93 -75.15 23.63
CA GLY S 51 -18.92 -75.57 24.59
C GLY S 51 -20.16 -74.70 24.66
N ILE S 52 -20.21 -73.61 23.89
CA ILE S 52 -21.40 -72.77 23.81
C ILE S 52 -21.98 -72.97 22.41
N PRO S 53 -23.29 -72.89 22.23
CA PRO S 53 -23.85 -72.98 20.88
C PRO S 53 -23.61 -71.72 20.07
N ASP S 54 -23.91 -71.82 18.78
CA ASP S 54 -23.79 -70.70 17.85
C ASP S 54 -25.04 -69.82 17.91
N ARG S 55 -25.17 -68.94 16.92
CA ARG S 55 -26.26 -67.97 16.72
C ARG S 55 -26.30 -66.90 17.80
N PHE S 56 -25.26 -66.79 18.62
CA PHE S 56 -25.09 -65.66 19.53
C PHE S 56 -24.25 -64.61 18.79
N SER S 57 -24.91 -63.85 17.92
CA SER S 57 -24.22 -62.81 17.19
C SER S 57 -23.93 -61.62 18.10
N GLY S 58 -22.69 -61.19 18.13
CA GLY S 58 -22.27 -60.05 18.93
C GLY S 58 -22.07 -58.84 18.02
N SER S 59 -22.42 -57.67 18.53
CA SER S 59 -22.22 -56.45 17.78
C SER S 59 -20.73 -56.12 17.69
N PRO S 60 -20.26 -55.63 16.55
CA PRO S 60 -18.84 -55.27 16.43
C PRO S 60 -18.50 -54.07 17.28
N GLY S 61 -17.42 -54.18 18.06
CA GLY S 61 -17.02 -53.12 18.96
C GLY S 61 -16.11 -52.09 18.32
N SER S 62 -16.05 -52.06 16.99
CA SER S 62 -15.26 -51.09 16.27
C SER S 62 -16.09 -49.90 15.82
N THR S 63 -17.35 -49.81 16.23
CA THR S 63 -18.20 -48.69 15.86
C THR S 63 -18.17 -47.63 16.95
N PHE S 64 -18.17 -46.38 16.55
CA PHE S 64 -18.07 -45.24 17.45
C PHE S 64 -19.42 -44.55 17.50
N GLY S 65 -20.02 -44.52 18.69
CA GLY S 65 -21.31 -43.88 18.86
C GLY S 65 -22.49 -44.80 18.68
N THR S 66 -22.36 -46.06 19.04
CA THR S 66 -23.46 -47.01 18.99
C THR S 66 -23.58 -47.72 20.32
N THR S 67 -24.63 -48.51 20.45
CA THR S 67 -24.88 -49.30 21.65
C THR S 67 -24.53 -50.76 21.37
N ALA S 68 -23.91 -51.41 22.34
CA ALA S 68 -23.53 -52.81 22.21
C ALA S 68 -24.78 -53.68 22.28
N THR S 69 -25.06 -54.39 21.20
CA THR S 69 -26.23 -55.26 21.12
C THR S 69 -25.82 -56.72 21.13
N LEU S 70 -26.82 -57.59 21.23
CA LEU S 70 -26.66 -59.03 21.18
C LEU S 70 -27.83 -59.60 20.41
N THR S 71 -27.56 -60.23 19.28
CA THR S 71 -28.59 -60.82 18.44
C THR S 71 -28.60 -62.33 18.65
N ILE S 72 -29.78 -62.90 18.87
CA ILE S 72 -29.93 -64.34 18.99
C ILE S 72 -31.03 -64.78 18.04
N THR S 73 -30.66 -65.63 17.07
CA THR S 73 -31.61 -66.21 16.14
C THR S 73 -31.99 -67.61 16.61
N SER S 74 -33.24 -67.99 16.32
CA SER S 74 -33.83 -69.27 16.72
C SER S 74 -33.79 -69.46 18.24
N VAL S 75 -34.52 -68.60 18.94
CA VAL S 75 -34.57 -68.61 20.40
C VAL S 75 -35.37 -69.80 20.89
N GLU S 76 -35.29 -70.08 22.19
CA GLU S 76 -35.98 -71.22 22.78
C GLU S 76 -36.33 -70.90 24.23
N ALA S 77 -36.98 -71.86 24.89
CA ALA S 77 -37.28 -71.72 26.31
C ALA S 77 -36.07 -71.98 27.18
N GLY S 78 -35.07 -72.70 26.67
CA GLY S 78 -33.80 -72.81 27.36
C GLY S 78 -32.99 -71.54 27.36
N ASP S 79 -33.33 -70.60 26.48
CA ASP S 79 -32.71 -69.27 26.45
C ASP S 79 -33.33 -68.32 27.46
N GLU S 80 -34.18 -68.80 28.38
CA GLU S 80 -34.68 -67.95 29.44
C GLU S 80 -33.59 -67.72 30.46
N ALA S 81 -32.76 -66.70 30.22
CA ALA S 81 -31.64 -66.38 31.08
C ALA S 81 -31.53 -64.87 31.16
N ASP S 82 -31.26 -64.36 32.37
CA ASP S 82 -31.01 -62.94 32.53
C ASP S 82 -29.66 -62.61 31.92
N TYR S 83 -29.66 -61.72 30.93
CA TYR S 83 -28.44 -61.43 30.19
C TYR S 83 -27.70 -60.27 30.82
N TYR S 84 -26.39 -60.27 30.66
CA TYR S 84 -25.56 -59.20 31.19
C TYR S 84 -24.52 -58.80 30.17
N CYS S 85 -24.31 -57.50 30.04
CA CYS S 85 -23.22 -56.97 29.26
C CYS S 85 -22.10 -56.50 30.20
N HIS S 86 -20.88 -56.54 29.68
CA HIS S 86 -19.70 -56.11 30.42
C HIS S 86 -18.76 -55.47 29.39
N ILE S 87 -18.83 -54.17 29.27
CA ILE S 87 -18.07 -53.48 28.24
C ILE S 87 -16.72 -53.07 28.80
N TRP S 88 -15.73 -53.02 27.90
CA TRP S 88 -14.39 -52.55 28.22
C TRP S 88 -14.07 -51.54 27.13
N ASP S 89 -14.23 -50.26 27.44
CA ASP S 89 -13.95 -49.22 26.47
C ASP S 89 -12.50 -48.77 26.62
N SER S 90 -11.87 -48.49 25.48
CA SER S 90 -10.50 -47.97 25.48
C SER S 90 -10.43 -46.54 26.00
N ARG S 91 -11.56 -45.86 26.11
CA ARG S 91 -11.61 -44.50 26.63
C ARG S 91 -12.23 -44.41 28.02
N ARG S 92 -13.27 -45.19 28.30
CA ARG S 92 -13.90 -45.14 29.60
C ARG S 92 -13.12 -45.99 30.61
N PRO S 93 -13.28 -45.73 31.92
CA PRO S 93 -12.55 -46.55 32.90
C PRO S 93 -13.08 -47.98 33.04
N THR S 94 -12.43 -48.75 33.90
CA THR S 94 -12.73 -50.17 34.03
C THR S 94 -14.01 -50.37 34.82
N ASN S 95 -14.98 -51.05 34.22
CA ASN S 95 -16.29 -51.25 34.83
C ASN S 95 -16.23 -52.44 35.78
N TRP S 96 -16.25 -52.16 37.08
CA TRP S 96 -16.24 -53.21 38.08
C TRP S 96 -17.62 -53.74 38.41
N VAL S 97 -18.66 -53.09 37.92
CA VAL S 97 -20.01 -53.63 37.98
C VAL S 97 -20.48 -53.87 36.56
N PHE S 98 -21.31 -54.89 36.38
CA PHE S 98 -21.77 -55.24 35.05
C PHE S 98 -22.89 -54.32 34.61
N GLY S 99 -23.41 -54.55 33.42
CA GLY S 99 -24.55 -53.80 32.94
C GLY S 99 -25.82 -54.20 33.65
N GLU S 100 -26.89 -53.46 33.36
CA GLU S 100 -28.16 -53.77 33.99
C GLU S 100 -28.77 -55.02 33.38
N GLY S 101 -29.60 -55.69 34.17
CA GLY S 101 -30.14 -56.97 33.76
C GLY S 101 -31.16 -56.81 32.65
N THR S 102 -30.98 -57.58 31.58
CA THR S 102 -31.91 -57.63 30.46
C THR S 102 -32.44 -59.06 30.37
N THR S 103 -33.62 -59.29 30.93
CA THR S 103 -34.17 -60.63 31.06
C THR S 103 -34.90 -61.03 29.79
N LEU S 104 -34.46 -62.12 29.18
CA LEU S 104 -35.12 -62.68 28.00
C LEU S 104 -36.03 -63.81 28.44
N ILE S 105 -37.32 -63.69 28.14
CA ILE S 105 -38.30 -64.74 28.42
C ILE S 105 -39.04 -65.06 27.13
N VAL S 106 -39.78 -66.15 27.18
CA VAL S 106 -40.46 -66.69 26.00
C VAL S 106 -41.92 -66.96 26.37
N LEU S 107 -42.75 -67.08 25.33
CA LEU S 107 -44.18 -67.34 25.49
C LEU S 107 -44.43 -68.72 26.09
N VAL T 5 -59.11 33.59 31.44
CA VAL T 5 -58.56 34.83 30.92
C VAL T 5 -59.51 35.98 31.18
N SER T 6 -59.00 37.04 31.80
CA SER T 6 -59.77 38.24 32.12
C SER T 6 -59.10 39.44 31.47
N VAL T 7 -59.77 40.02 30.46
CA VAL T 7 -59.26 41.18 29.75
C VAL T 7 -60.32 42.27 29.77
N ALA T 8 -59.91 43.47 29.37
CA ALA T 8 -60.84 44.57 29.21
C ALA T 8 -61.77 44.29 28.03
N PRO T 9 -63.02 44.75 28.10
CA PRO T 9 -63.94 44.56 26.97
C PRO T 9 -63.53 45.41 25.77
N GLY T 10 -63.83 44.88 24.59
CA GLY T 10 -63.41 45.53 23.36
C GLY T 10 -61.93 45.44 23.10
N GLN T 11 -61.30 44.33 23.46
CA GLN T 11 -59.87 44.13 23.27
C GLN T 11 -59.65 42.80 22.55
N THR T 12 -58.37 42.48 22.34
CA THR T 12 -57.97 41.23 21.71
C THR T 12 -57.32 40.32 22.76
N ALA T 13 -57.77 39.07 22.81
CA ALA T 13 -57.25 38.10 23.75
C ALA T 13 -56.75 36.86 23.00
N ARG T 14 -55.79 36.18 23.61
CA ARG T 14 -55.19 34.98 23.05
C ARG T 14 -55.29 33.87 24.08
N ILE T 15 -55.97 32.78 23.72
CA ILE T 15 -56.27 31.70 24.64
C ILE T 15 -55.67 30.42 24.09
N THR T 16 -54.77 29.79 24.85
CA THR T 16 -54.10 28.56 24.45
C THR T 16 -54.71 27.36 25.14
N CYS T 17 -54.64 26.22 24.46
CA CYS T 17 -55.26 25.00 24.98
C CYS T 17 -54.60 23.79 24.32
N GLY T 18 -54.63 22.68 25.04
CA GLY T 18 -54.23 21.40 24.48
C GLY T 18 -52.74 21.17 24.42
N GLU T 19 -52.40 19.97 23.94
CA GLU T 19 -51.03 19.51 23.86
C GLU T 19 -50.29 20.21 22.71
N GLU T 20 -48.97 20.23 22.80
CA GLU T 20 -48.15 20.77 21.73
C GLU T 20 -48.27 19.89 20.49
N SER T 21 -48.10 20.51 19.32
CA SER T 21 -48.30 19.81 18.07
C SER T 21 -47.18 18.83 17.79
N LEU T 22 -47.55 17.69 17.20
CA LEU T 22 -46.57 16.70 16.74
C LEU T 22 -46.62 16.53 15.24
N GLY T 23 -47.81 16.34 14.66
CA GLY T 23 -47.94 16.33 13.22
C GLY T 23 -48.89 17.40 12.76
N SER T 24 -49.56 17.18 11.64
CA SER T 24 -50.60 18.10 11.20
C SER T 24 -51.84 17.89 12.05
N ARG T 25 -52.49 18.98 12.41
CA ARG T 25 -53.64 18.94 13.30
C ARG T 25 -54.85 19.63 12.69
N SER T 26 -56.01 19.09 13.01
CA SER T 26 -57.29 19.73 12.76
C SER T 26 -57.93 19.99 14.11
N VAL T 27 -58.15 21.25 14.44
CA VAL T 27 -58.60 21.64 15.76
C VAL T 27 -60.05 22.08 15.67
N ILE T 28 -60.81 21.83 16.73
CA ILE T 28 -62.18 22.31 16.87
C ILE T 28 -62.25 23.14 18.15
N TRP T 29 -62.71 24.37 18.02
CA TRP T 29 -62.94 25.24 19.17
C TRP T 29 -64.43 25.30 19.45
N TYR T 30 -64.79 24.96 20.69
CA TYR T 30 -66.13 25.04 21.23
C TYR T 30 -66.19 26.11 22.31
N GLN T 31 -67.42 26.55 22.62
CA GLN T 31 -67.63 27.49 23.72
C GLN T 31 -68.90 27.11 24.45
N GLN T 32 -68.91 27.40 25.75
CA GLN T 32 -69.95 26.94 26.65
C GLN T 32 -70.50 28.10 27.46
N ARG T 33 -71.81 28.30 27.40
CA ARG T 33 -72.50 29.26 28.24
C ARG T 33 -72.90 28.61 29.56
N PRO T 34 -72.82 29.35 30.67
CA PRO T 34 -72.98 28.73 32.01
C PRO T 34 -74.39 28.20 32.22
N GLY T 35 -74.49 26.90 32.47
CA GLY T 35 -75.75 26.21 32.61
C GLY T 35 -76.40 25.79 31.31
N GLN T 36 -76.06 26.44 30.20
CA GLN T 36 -76.72 26.20 28.92
C GLN T 36 -75.95 25.14 28.13
N ALA T 37 -76.28 25.02 26.85
CA ALA T 37 -75.67 24.06 25.95
C ALA T 37 -74.27 24.52 25.54
N PRO T 38 -73.43 23.61 25.05
CA PRO T 38 -72.22 24.04 24.34
C PRO T 38 -72.57 24.63 22.98
N SER T 39 -71.54 25.14 22.31
CA SER T 39 -71.72 25.75 21.00
C SER T 39 -70.39 25.75 20.27
N LEU T 40 -70.47 25.61 18.95
CA LEU T 40 -69.28 25.65 18.12
C LEU T 40 -68.92 27.07 17.75
N ILE T 41 -67.62 27.34 17.65
CA ILE T 41 -67.13 28.54 17.00
C ILE T 41 -66.20 28.23 15.83
N ILE T 42 -65.25 27.31 16.02
CA ILE T 42 -64.27 27.01 14.96
C ILE T 42 -64.28 25.52 14.70
N TYR T 43 -64.37 25.12 13.44
CA TYR T 43 -64.43 23.70 13.11
C TYR T 43 -63.17 23.17 12.43
N ASN T 44 -62.59 23.88 11.47
CA ASN T 44 -61.29 23.51 10.93
C ASN T 44 -60.22 24.27 11.71
N ASN T 45 -59.00 24.37 11.18
CA ASN T 45 -57.95 25.12 11.86
C ASN T 45 -58.27 26.61 11.92
N ASN T 46 -58.69 27.19 10.79
CA ASN T 46 -59.02 28.61 10.76
C ASN T 46 -60.29 28.84 9.94
N ASP T 47 -61.26 27.95 10.09
CA ASP T 47 -62.54 28.07 9.39
C ASP T 47 -63.67 28.08 10.40
N ARG T 48 -64.60 29.01 10.21
CA ARG T 48 -65.78 29.18 11.02
C ARG T 48 -67.04 28.96 10.18
N PRO T 49 -68.11 28.43 10.75
CA PRO T 49 -69.31 28.15 9.96
C PRO T 49 -70.19 29.38 9.84
N SER T 50 -71.32 29.20 9.17
CA SER T 50 -72.33 30.24 9.12
C SER T 50 -73.08 30.29 10.45
N GLY T 51 -73.65 31.47 10.73
CA GLY T 51 -74.35 31.68 11.97
C GLY T 51 -73.47 32.01 13.16
N ILE T 52 -72.15 32.01 12.98
CA ILE T 52 -71.23 32.43 14.04
C ILE T 52 -70.64 33.77 13.59
N PRO T 53 -70.28 34.66 14.51
CA PRO T 53 -69.61 35.90 14.12
C PRO T 53 -68.16 35.65 13.73
N ASP T 54 -67.57 36.70 13.16
CA ASP T 54 -66.17 36.69 12.77
C ASP T 54 -65.27 37.02 13.94
N ARG T 55 -64.00 37.32 13.65
CA ARG T 55 -62.92 37.67 14.57
C ARG T 55 -62.52 36.53 15.50
N PHE T 56 -62.99 35.31 15.24
CA PHE T 56 -62.49 34.12 15.93
C PHE T 56 -61.35 33.57 15.07
N SER T 57 -60.17 34.17 15.22
CA SER T 57 -59.01 33.72 14.48
C SER T 57 -58.48 32.42 15.09
N GLY T 58 -58.30 31.42 14.25
CA GLY T 58 -57.76 30.13 14.67
C GLY T 58 -56.31 30.01 14.25
N SER T 59 -55.52 29.39 15.10
CA SER T 59 -54.11 29.16 14.78
C SER T 59 -54.01 28.12 13.68
N PRO T 60 -53.07 28.29 12.74
CA PRO T 60 -52.89 27.29 11.68
C PRO T 60 -52.34 25.99 12.24
N GLY T 61 -52.96 24.87 11.85
CA GLY T 61 -52.55 23.57 12.34
C GLY T 61 -51.47 22.92 11.51
N SER T 62 -50.79 23.70 10.67
CA SER T 62 -49.70 23.22 9.85
C SER T 62 -48.34 23.47 10.47
N THR T 63 -48.30 23.98 11.70
CA THR T 63 -47.03 24.22 12.38
C THR T 63 -46.69 23.03 13.25
N PHE T 64 -45.41 22.66 13.26
CA PHE T 64 -44.93 21.49 13.98
C PHE T 64 -44.17 21.97 15.20
N GLY T 65 -44.67 21.62 16.38
CA GLY T 65 -44.03 22.02 17.61
C GLY T 65 -44.56 23.30 18.21
N THR T 66 -45.85 23.59 18.05
CA THR T 66 -46.47 24.76 18.64
C THR T 66 -47.73 24.34 19.38
N THR T 67 -48.33 25.30 20.07
CA THR T 67 -49.57 25.08 20.79
C THR T 67 -50.72 25.70 20.02
N ALA T 68 -51.85 25.01 19.98
CA ALA T 68 -53.03 25.50 19.28
C ALA T 68 -53.65 26.64 20.08
N THR T 69 -53.69 27.83 19.49
CA THR T 69 -54.23 29.00 20.14
C THR T 69 -55.54 29.44 19.49
N LEU T 70 -56.19 30.40 20.13
CA LEU T 70 -57.42 31.00 19.63
C LEU T 70 -57.36 32.48 19.94
N THR T 71 -57.38 33.31 18.90
CA THR T 71 -57.33 34.76 19.03
C THR T 71 -58.74 35.32 18.83
N ILE T 72 -59.17 36.20 19.74
CA ILE T 72 -60.45 36.87 19.60
C ILE T 72 -60.22 38.36 19.75
N THR T 73 -60.50 39.12 18.70
CA THR T 73 -60.41 40.58 18.73
C THR T 73 -61.78 41.18 18.97
N SER T 74 -61.80 42.31 19.67
CA SER T 74 -63.01 43.04 20.07
C SER T 74 -63.93 42.15 20.91
N VAL T 75 -63.44 41.78 22.10
CA VAL T 75 -64.16 40.91 23.02
C VAL T 75 -65.33 41.67 23.65
N GLU T 76 -66.22 40.93 24.31
CA GLU T 76 -67.40 41.53 24.92
C GLU T 76 -67.79 40.69 26.13
N ALA T 77 -68.86 41.13 26.82
CA ALA T 77 -69.40 40.37 27.93
C ALA T 77 -70.22 39.18 27.47
N GLY T 78 -70.72 39.21 26.23
CA GLY T 78 -71.34 38.03 25.65
C GLY T 78 -70.35 36.93 25.31
N ASP T 79 -69.06 37.26 25.25
CA ASP T 79 -68.00 36.29 25.08
C ASP T 79 -67.59 35.61 26.38
N GLU T 80 -68.36 35.79 27.45
CA GLU T 80 -68.08 35.06 28.68
C GLU T 80 -68.55 33.63 28.52
N ALA T 81 -67.68 32.78 27.97
CA ALA T 81 -67.99 31.39 27.73
C ALA T 81 -66.74 30.57 28.03
N ASP T 82 -66.95 29.42 28.66
CA ASP T 82 -65.84 28.49 28.90
C ASP T 82 -65.42 27.87 27.58
N TYR T 83 -64.17 28.07 27.19
CA TYR T 83 -63.73 27.64 25.89
C TYR T 83 -63.14 26.24 25.96
N TYR T 84 -63.25 25.50 24.86
CA TYR T 84 -62.70 24.16 24.78
C TYR T 84 -62.00 23.96 23.45
N CYS T 85 -60.85 23.30 23.52
CA CYS T 85 -60.17 22.84 22.32
C CYS T 85 -60.38 21.34 22.16
N HIS T 86 -60.34 20.91 20.90
CA HIS T 86 -60.48 19.50 20.55
C HIS T 86 -59.56 19.26 19.37
N ILE T 87 -58.38 18.76 19.64
CA ILE T 87 -57.38 18.62 18.61
C ILE T 87 -57.48 17.23 18.00
N TRP T 88 -57.13 17.14 16.72
CA TRP T 88 -57.05 15.88 15.99
C TRP T 88 -55.69 15.90 15.32
N ASP T 89 -54.73 15.21 15.91
CA ASP T 89 -53.40 15.15 15.34
C ASP T 89 -53.30 13.95 14.43
N SER T 90 -52.57 14.12 13.32
CA SER T 90 -52.31 13.02 12.40
C SER T 90 -51.36 11.99 12.98
N ARG T 91 -50.68 12.31 14.08
CA ARG T 91 -49.78 11.40 14.73
C ARG T 91 -50.31 10.87 16.06
N ARG T 92 -50.97 11.70 16.86
CA ARG T 92 -51.49 11.27 18.14
C ARG T 92 -52.82 10.55 17.96
N PRO T 93 -53.24 9.71 18.92
CA PRO T 93 -54.52 9.01 18.77
C PRO T 93 -55.74 9.92 18.93
N THR T 94 -56.92 9.34 18.77
CA THR T 94 -58.16 10.09 18.77
C THR T 94 -58.55 10.50 20.17
N ASN T 95 -58.70 11.81 20.40
CA ASN T 95 -59.00 12.34 21.72
C ASN T 95 -60.49 12.26 21.98
N TRP T 96 -60.90 11.32 22.83
CA TRP T 96 -62.30 11.16 23.19
C TRP T 96 -62.72 12.10 24.31
N VAL T 97 -61.79 12.76 24.97
CA VAL T 97 -62.10 13.81 25.91
C VAL T 97 -61.53 15.10 25.35
N PHE T 98 -62.21 16.21 25.65
CA PHE T 98 -61.79 17.50 25.11
C PHE T 98 -60.63 18.04 25.91
N GLY T 99 -60.16 19.23 25.53
CA GLY T 99 -59.12 19.90 26.27
C GLY T 99 -59.66 20.44 27.59
N GLU T 100 -58.73 20.97 28.39
CA GLU T 100 -59.14 21.51 29.68
C GLU T 100 -59.82 22.86 29.49
N GLY T 101 -60.66 23.20 30.45
CA GLY T 101 -61.48 24.40 30.34
C GLY T 101 -60.65 25.65 30.49
N THR T 102 -60.80 26.57 29.54
CA THR T 102 -60.15 27.87 29.58
C THR T 102 -61.26 28.91 29.57
N THR T 103 -61.59 29.42 30.76
CA THR T 103 -62.74 30.31 30.93
C THR T 103 -62.33 31.75 30.64
N LEU T 104 -63.01 32.37 29.70
CA LEU T 104 -62.81 33.77 29.37
C LEU T 104 -63.87 34.60 30.06
N ILE T 105 -63.45 35.54 30.90
CA ILE T 105 -64.35 36.47 31.57
C ILE T 105 -63.88 37.88 31.29
N VAL T 106 -64.73 38.84 31.64
CA VAL T 106 -64.50 40.25 31.32
C VAL T 106 -64.72 41.06 32.59
N LEU T 107 -64.18 42.28 32.58
CA LEU T 107 -64.29 43.21 33.71
C LEU T 107 -65.73 43.66 33.94
N GLN U 1 27.53 -0.35 20.24
CA GLN U 1 28.55 -1.16 20.91
C GLN U 1 28.00 -2.54 21.26
N VAL U 2 28.90 -3.49 21.47
CA VAL U 2 28.54 -4.86 21.81
C VAL U 2 29.01 -5.12 23.22
N GLN U 3 28.08 -5.48 24.09
CA GLN U 3 28.39 -5.70 25.50
C GLN U 3 27.98 -7.11 25.91
N LEU U 4 28.91 -7.81 26.56
CA LEU U 4 28.66 -9.14 27.09
C LEU U 4 28.99 -9.10 28.58
N VAL U 5 27.95 -8.99 29.40
CA VAL U 5 28.12 -8.87 30.85
C VAL U 5 27.87 -10.25 31.45
N GLN U 6 28.85 -10.78 32.17
CA GLN U 6 28.68 -12.07 32.81
C GLN U 6 28.20 -11.87 34.23
N SER U 7 28.06 -12.98 34.95
CA SER U 7 27.72 -12.94 36.36
C SER U 7 28.99 -12.99 37.19
N GLY U 8 28.84 -12.76 38.49
CA GLY U 8 29.98 -12.68 39.38
C GLY U 8 30.63 -14.03 39.64
N ALA U 9 31.82 -13.96 40.23
CA ALA U 9 32.59 -15.15 40.54
C ALA U 9 31.89 -15.99 41.60
N VAL U 10 32.26 -17.26 41.68
CA VAL U 10 31.52 -18.19 42.52
C VAL U 10 32.46 -19.26 43.08
N ILE U 11 32.11 -19.75 44.27
CA ILE U 11 32.81 -20.81 44.96
C ILE U 11 31.80 -21.92 45.20
N LYS U 12 31.98 -23.05 44.53
CA LYS U 12 31.00 -24.13 44.60
C LYS U 12 31.62 -25.40 45.19
N THR U 13 30.78 -26.18 45.86
CA THR U 13 31.21 -27.43 46.43
C THR U 13 31.41 -28.48 45.33
N PRO U 14 32.28 -29.47 45.55
CA PRO U 14 32.46 -30.51 44.53
C PRO U 14 31.23 -31.38 44.38
N GLY U 15 30.98 -31.80 43.15
CA GLY U 15 29.81 -32.58 42.82
C GLY U 15 28.56 -31.79 42.53
N SER U 16 28.56 -30.49 42.83
CA SER U 16 27.39 -29.65 42.61
C SER U 16 27.41 -29.11 41.19
N SER U 17 26.46 -28.26 40.87
CA SER U 17 26.36 -27.62 39.57
C SER U 17 26.53 -26.12 39.72
N VAL U 18 26.61 -25.43 38.59
CA VAL U 18 26.76 -23.98 38.56
C VAL U 18 26.07 -23.48 37.30
N LYS U 19 25.51 -22.27 37.40
CA LYS U 19 24.86 -21.64 36.25
C LYS U 19 25.45 -20.25 36.05
N ILE U 20 25.94 -19.99 34.86
CA ILE U 20 26.58 -18.72 34.53
C ILE U 20 25.76 -18.04 33.45
N SER U 21 25.35 -16.81 33.73
CA SER U 21 24.52 -16.04 32.82
C SER U 21 25.38 -15.02 32.07
N CYS U 22 25.21 -14.98 30.76
CA CYS U 22 25.90 -14.03 29.89
C CYS U 22 24.84 -13.17 29.24
N ARG U 23 24.72 -11.92 29.67
CA ARG U 23 23.74 -11.00 29.14
C ARG U 23 24.36 -10.20 28.01
N ALA U 24 23.83 -10.35 26.82
CA ALA U 24 24.32 -9.66 25.64
C ALA U 24 23.42 -8.49 25.29
N SER U 25 24.02 -7.38 24.90
CA SER U 25 23.26 -6.18 24.59
C SER U 25 23.99 -5.38 23.52
N GLY U 26 23.21 -4.77 22.64
CA GLY U 26 23.75 -3.90 21.62
C GLY U 26 23.77 -4.46 20.23
N TYR U 27 23.13 -5.59 20.00
CA TYR U 27 23.03 -6.17 18.66
C TYR U 27 21.78 -7.03 18.64
N ASN U 28 21.38 -7.45 17.45
CA ASN U 28 20.22 -8.31 17.32
C ASN U 28 20.61 -9.71 17.77
N PHE U 29 20.08 -10.14 18.92
CA PHE U 29 20.54 -11.36 19.57
C PHE U 29 20.15 -12.61 18.80
N ARG U 30 19.15 -12.55 17.95
CA ARG U 30 18.69 -13.72 17.22
C ARG U 30 19.53 -14.03 15.99
N ASP U 31 20.70 -13.43 15.83
CA ASP U 31 21.50 -13.62 14.63
C ASP U 31 22.79 -14.38 14.89
N TYR U 32 23.58 -13.92 15.84
CA TYR U 32 24.94 -14.42 16.01
C TYR U 32 24.97 -15.50 17.09
N SER U 33 25.83 -16.48 16.87
CA SER U 33 25.97 -17.55 17.83
C SER U 33 26.73 -17.06 19.07
N ILE U 34 26.61 -17.82 20.15
CA ILE U 34 27.33 -17.54 21.38
C ILE U 34 28.17 -18.75 21.69
N HIS U 35 29.47 -18.56 21.89
CA HIS U 35 30.34 -19.66 22.25
C HIS U 35 30.74 -19.52 23.71
N TRP U 36 31.01 -20.66 24.33
CA TRP U 36 31.55 -20.69 25.69
C TRP U 36 32.95 -21.28 25.66
N VAL U 37 33.88 -20.60 26.31
CA VAL U 37 35.26 -21.07 26.36
C VAL U 37 35.71 -21.01 27.81
N ARG U 38 36.71 -21.81 28.13
CA ARG U 38 37.27 -21.83 29.47
C ARG U 38 38.75 -21.51 29.39
N LEU U 39 39.28 -21.05 30.51
CA LEU U 39 40.71 -20.85 30.69
C LEU U 39 41.09 -21.49 32.02
N ILE U 40 41.75 -22.63 31.93
CA ILE U 40 42.29 -23.34 33.08
C ILE U 40 43.74 -22.87 33.22
N PRO U 41 44.22 -22.61 34.44
CA PRO U 41 45.64 -22.29 34.60
C PRO U 41 46.52 -23.49 34.26
N ASP U 42 47.60 -23.21 33.53
CA ASP U 42 48.59 -24.18 33.05
C ASP U 42 47.98 -25.23 32.12
N LYS U 43 46.85 -24.93 31.49
CA LYS U 43 46.27 -25.82 30.50
C LYS U 43 45.86 -25.10 29.22
N GLY U 44 45.95 -23.78 29.17
CA GLY U 44 45.53 -23.05 28.00
C GLY U 44 44.03 -22.96 27.91
N PHE U 45 43.55 -22.67 26.71
CA PHE U 45 42.13 -22.55 26.48
C PHE U 45 41.51 -23.92 26.21
N GLU U 46 40.20 -24.00 26.37
CA GLU U 46 39.46 -25.20 26.01
C GLU U 46 38.05 -24.78 25.64
N TRP U 47 37.66 -25.07 24.41
CA TRP U 47 36.35 -24.70 23.92
C TRP U 47 35.30 -25.64 24.50
N ILE U 48 34.11 -25.11 24.73
CA ILE U 48 33.06 -25.90 25.38
C ILE U 48 31.93 -26.19 24.41
N GLY U 49 31.27 -25.15 23.91
CA GLY U 49 30.15 -25.37 23.02
C GLY U 49 29.57 -24.06 22.55
N TRP U 50 28.82 -24.15 21.46
CA TRP U 50 28.15 -22.99 20.90
C TRP U 50 26.64 -23.17 20.96
N ILE U 51 25.93 -22.06 20.95
CA ILE U 51 24.48 -22.03 20.95
C ILE U 51 24.01 -20.94 20.01
N LYS U 52 23.13 -21.30 19.07
CA LYS U 52 22.47 -20.36 18.20
C LYS U 52 21.12 -20.02 18.82
N PRO U 53 20.88 -18.78 19.23
CA PRO U 53 19.70 -18.47 20.03
C PRO U 53 18.41 -18.38 19.22
N LEU U 54 18.50 -18.38 17.89
CA LEU U 54 17.29 -18.30 17.06
C LEU U 54 16.39 -19.50 17.28
N TRP U 55 16.96 -20.67 17.48
CA TRP U 55 16.21 -21.81 17.98
C TRP U 55 16.92 -22.46 19.16
N GLY U 56 17.96 -21.83 19.68
CA GLY U 56 18.72 -22.40 20.77
C GLY U 56 19.43 -23.68 20.42
N ALA U 57 19.85 -23.84 19.17
CA ALA U 57 20.52 -25.06 18.75
C ALA U 57 21.93 -25.08 19.33
N VAL U 58 22.25 -26.13 20.08
CA VAL U 58 23.51 -26.18 20.80
C VAL U 58 24.38 -27.28 20.26
N SER U 59 25.68 -27.14 20.51
CA SER U 59 26.64 -28.21 20.27
C SER U 59 27.73 -28.10 21.31
N TYR U 60 28.04 -29.21 21.96
CA TYR U 60 29.00 -29.26 23.05
C TYR U 60 30.25 -29.98 22.58
N ALA U 61 31.34 -29.77 23.33
CA ALA U 61 32.58 -30.48 23.02
C ALA U 61 32.43 -31.96 23.35
N ARG U 62 33.30 -32.76 22.75
CA ARG U 62 33.18 -34.20 22.87
C ARG U 62 33.53 -34.68 24.27
N GLN U 63 34.57 -34.12 24.87
CA GLN U 63 35.01 -34.56 26.18
C GLN U 63 34.22 -33.94 27.32
N LEU U 64 33.14 -33.21 27.02
CA LEU U 64 32.33 -32.59 28.05
C LEU U 64 30.86 -32.95 27.94
N GLN U 65 30.51 -33.95 27.13
CA GLN U 65 29.11 -34.27 26.91
C GLN U 65 28.51 -34.95 28.12
N GLY U 66 27.24 -34.64 28.38
CA GLY U 66 26.55 -35.12 29.56
C GLY U 66 26.74 -34.28 30.80
N ARG U 67 27.68 -33.33 30.79
CA ARG U 67 27.97 -32.53 31.97
C ARG U 67 27.57 -31.08 31.83
N VAL U 68 27.25 -30.62 30.63
CA VAL U 68 26.98 -29.20 30.39
C VAL U 68 25.63 -29.07 29.70
N SER U 69 25.01 -27.90 29.87
CA SER U 69 23.71 -27.63 29.27
C SER U 69 23.55 -26.14 29.05
N MET U 70 23.28 -25.74 27.81
CA MET U 70 23.21 -24.32 27.46
C MET U 70 21.79 -23.97 27.04
N THR U 71 21.23 -22.96 27.69
CA THR U 71 19.91 -22.45 27.33
C THR U 71 20.02 -20.97 26.99
N ARG U 72 18.90 -20.39 26.57
CA ARG U 72 18.89 -18.97 26.27
C ARG U 72 17.51 -18.40 26.58
N GLN U 73 17.49 -17.10 26.78
CA GLN U 73 16.28 -16.33 26.99
C GLN U 73 16.32 -15.17 26.02
N LEU U 74 15.42 -15.19 25.05
CA LEU U 74 15.29 -14.11 24.09
C LEU U 74 14.51 -12.96 24.69
N SER U 75 14.47 -11.86 23.95
CA SER U 75 13.66 -10.71 24.33
C SER U 75 12.38 -10.76 23.51
N GLN U 76 11.25 -10.95 24.18
CA GLN U 76 9.97 -10.99 23.49
C GLN U 76 9.19 -9.74 23.87
N ASP U 77 9.51 -8.65 23.18
CA ASP U 77 8.78 -7.40 23.20
C ASP U 77 9.21 -6.62 21.98
N PRO U 78 8.30 -5.88 21.33
CA PRO U 78 8.67 -5.14 20.12
C PRO U 78 9.41 -3.84 20.37
N ASP U 79 9.79 -3.53 21.62
CA ASP U 79 10.48 -2.29 21.93
C ASP U 79 11.96 -2.48 22.19
N ASP U 80 12.36 -3.53 22.89
CA ASP U 80 13.78 -3.84 23.12
C ASP U 80 14.07 -5.22 22.55
N PRO U 81 14.27 -5.35 21.25
CA PRO U 81 14.53 -6.65 20.65
C PRO U 81 16.00 -7.05 20.65
N ASP U 82 16.88 -6.23 21.22
CA ASP U 82 18.30 -6.45 21.09
C ASP U 82 18.90 -7.32 22.18
N TRP U 83 18.52 -7.09 23.44
CA TRP U 83 19.16 -7.78 24.55
C TRP U 83 18.75 -9.25 24.60
N GLY U 84 19.60 -10.06 25.19
CA GLY U 84 19.30 -11.46 25.36
C GLY U 84 20.20 -12.03 26.44
N VAL U 85 19.87 -13.22 26.91
CA VAL U 85 20.67 -13.84 27.97
C VAL U 85 20.97 -15.28 27.58
N ALA U 86 22.24 -15.64 27.53
CA ALA U 86 22.63 -17.03 27.45
C ALA U 86 22.87 -17.57 28.86
N TYR U 87 22.66 -18.87 29.02
CA TYR U 87 22.93 -19.54 30.29
C TYR U 87 23.74 -20.78 30.00
N MET U 88 24.86 -20.94 30.72
CA MET U 88 25.62 -22.19 30.69
C MET U 88 25.55 -22.83 32.06
N GLU U 89 25.02 -24.05 32.13
CA GLU U 89 24.97 -24.80 33.37
C GLU U 89 25.99 -25.91 33.29
N PHE U 90 26.93 -25.92 34.22
CA PHE U 90 28.01 -26.89 34.28
C PHE U 90 27.77 -27.75 35.51
N SER U 91 27.55 -29.04 35.29
CA SER U 91 27.23 -29.98 36.37
C SER U 91 28.36 -30.98 36.56
N GLY U 92 28.37 -31.61 37.72
CA GLY U 92 29.40 -32.58 38.05
C GLY U 92 30.76 -31.93 38.23
N LEU U 93 30.87 -31.08 39.25
CA LEU U 93 32.08 -30.29 39.42
C LEU U 93 33.18 -31.09 40.11
N THR U 94 34.39 -30.93 39.62
CA THR U 94 35.60 -31.55 40.14
C THR U 94 36.57 -30.45 40.54
N PRO U 95 37.60 -30.77 41.34
CA PRO U 95 38.64 -29.76 41.61
C PRO U 95 39.43 -29.32 40.39
N ALA U 96 39.42 -30.09 39.30
CA ALA U 96 40.07 -29.64 38.07
C ALA U 96 39.26 -28.55 37.38
N ASP U 97 37.99 -28.38 37.71
CA ASP U 97 37.12 -27.44 37.02
C ASP U 97 37.29 -26.00 37.51
N THR U 98 38.16 -25.74 38.47
CA THR U 98 38.41 -24.38 38.92
C THR U 98 39.13 -23.63 37.82
N ALA U 99 38.48 -22.62 37.26
CA ALA U 99 38.96 -21.99 36.04
C ALA U 99 38.29 -20.63 35.90
N GLU U 100 38.45 -20.02 34.73
CA GLU U 100 37.74 -18.79 34.38
C GLU U 100 36.97 -19.03 33.10
N TYR U 101 35.66 -18.79 33.14
CA TYR U 101 34.78 -19.08 32.03
C TYR U 101 34.39 -17.80 31.30
N PHE U 102 34.24 -17.91 29.98
CA PHE U 102 33.99 -16.78 29.10
C PHE U 102 32.88 -17.11 28.13
N CYS U 103 32.02 -16.14 27.88
CA CYS U 103 31.11 -16.18 26.74
C CYS U 103 31.62 -15.21 25.68
N VAL U 104 31.56 -15.63 24.43
CA VAL U 104 32.16 -14.87 23.34
C VAL U 104 31.25 -14.83 22.13
N ARG U 105 31.36 -13.73 21.38
CA ARG U 105 30.69 -13.57 20.10
C ARG U 105 31.71 -13.29 19.01
N ARG U 106 31.45 -13.82 17.83
CA ARG U 106 32.29 -13.64 16.65
C ARG U 106 32.20 -12.21 16.13
N GLY U 107 33.05 -11.92 15.15
CA GLY U 107 33.00 -10.65 14.48
C GLY U 107 31.79 -10.55 13.56
N SER U 108 31.63 -9.37 12.96
CA SER U 108 30.49 -9.10 12.11
C SER U 108 30.88 -8.80 10.67
N CYS U 109 32.13 -9.06 10.29
CA CYS U 109 32.58 -8.74 8.94
C CYS U 109 32.25 -9.88 7.98
N ASP U 110 32.64 -9.69 6.72
CA ASP U 110 32.35 -10.68 5.69
C ASP U 110 33.23 -11.92 5.84
N TYR U 111 34.55 -11.73 5.79
CA TYR U 111 35.47 -12.84 5.89
C TYR U 111 35.64 -13.35 7.32
N CYS U 112 35.01 -12.71 8.30
CA CYS U 112 34.97 -13.24 9.65
C CYS U 112 34.20 -14.54 9.67
N GLY U 113 34.82 -15.58 10.25
CA GLY U 113 34.20 -16.88 10.30
C GLY U 113 33.20 -16.98 11.44
N ASP U 114 33.30 -18.03 12.23
CA ASP U 114 32.46 -18.16 13.42
C ASP U 114 33.26 -18.21 14.70
N PHE U 115 34.36 -18.92 14.69
CA PHE U 115 35.31 -19.02 15.79
C PHE U 115 36.26 -17.85 16.07
N PRO U 116 36.63 -16.95 15.10
CA PRO U 116 37.37 -15.75 15.52
C PRO U 116 36.54 -14.80 16.35
N TRP U 117 36.47 -15.08 17.65
CA TRP U 117 35.61 -14.37 18.59
C TRP U 117 36.11 -12.95 18.79
N GLN U 118 35.35 -11.99 18.29
CA GLN U 118 35.72 -10.60 18.47
C GLN U 118 35.41 -10.11 19.88
N TYR U 119 34.16 -10.22 20.29
CA TYR U 119 33.73 -9.63 21.55
C TYR U 119 33.72 -10.66 22.66
N TRP U 120 34.22 -10.26 23.82
CA TRP U 120 34.46 -11.15 24.94
C TRP U 120 33.77 -10.62 26.18
N GLY U 121 33.22 -11.51 26.98
CA GLY U 121 32.75 -11.14 28.29
C GLY U 121 33.91 -10.87 29.24
N GLN U 122 33.58 -10.34 30.42
CA GLN U 122 34.62 -10.01 31.37
C GLN U 122 35.21 -11.22 32.06
N GLY U 123 34.59 -12.39 31.94
CA GLY U 123 35.13 -13.57 32.56
C GLY U 123 34.55 -13.82 33.93
N THR U 124 34.44 -15.08 34.32
CA THR U 124 33.85 -15.46 35.60
C THR U 124 34.72 -16.53 36.25
N VAL U 125 35.20 -16.26 37.45
CA VAL U 125 36.08 -17.18 38.15
C VAL U 125 35.22 -18.19 38.91
N VAL U 126 35.45 -19.47 38.66
CA VAL U 126 34.73 -20.54 39.35
C VAL U 126 35.75 -21.37 40.11
N VAL U 127 35.58 -21.45 41.42
CA VAL U 127 36.49 -22.19 42.28
C VAL U 127 35.74 -23.35 42.92
N VAL U 128 36.27 -24.56 42.77
CA VAL U 128 35.71 -25.75 43.37
C VAL U 128 36.55 -26.11 44.59
N SER U 129 35.91 -26.27 45.74
CA SER U 129 36.61 -26.63 46.97
C SER U 129 35.72 -27.40 47.93
N GLN V 1 -14.22 -29.70 -8.94
CA GLN V 1 -15.39 -30.38 -9.50
C GLN V 1 -16.66 -29.61 -9.18
N VAL V 2 -17.69 -29.86 -9.97
CA VAL V 2 -18.98 -29.20 -9.81
C VAL V 2 -19.98 -30.25 -9.37
N GLN V 3 -20.60 -30.05 -8.22
CA GLN V 3 -21.52 -31.02 -7.65
C GLN V 3 -22.87 -30.37 -7.41
N LEU V 4 -23.92 -31.02 -7.87
CA LEU V 4 -25.30 -30.59 -7.68
C LEU V 4 -26.04 -31.75 -7.03
N VAL V 5 -26.24 -31.67 -5.72
CA VAL V 5 -26.88 -32.74 -4.96
C VAL V 5 -28.32 -32.34 -4.71
N GLN V 6 -29.26 -33.16 -5.14
CA GLN V 6 -30.66 -32.89 -4.91
C GLN V 6 -31.14 -33.58 -3.65
N SER V 7 -32.43 -33.44 -3.38
CA SER V 7 -33.04 -34.14 -2.26
C SER V 7 -33.67 -35.43 -2.74
N GLY V 8 -34.11 -36.25 -1.79
CA GLY V 8 -34.65 -37.56 -2.11
C GLY V 8 -36.03 -37.49 -2.74
N ALA V 9 -36.44 -38.62 -3.28
CA ALA V 9 -37.73 -38.74 -3.96
C ALA V 9 -38.87 -38.58 -2.97
N VAL V 10 -40.05 -38.26 -3.50
CA VAL V 10 -41.15 -37.88 -2.63
C VAL V 10 -42.48 -38.30 -3.27
N ILE V 11 -43.45 -38.59 -2.40
CA ILE V 11 -44.80 -38.96 -2.77
C ILE V 11 -45.73 -37.96 -2.11
N LYS V 12 -46.39 -37.13 -2.91
CA LYS V 12 -47.21 -36.05 -2.37
C LYS V 12 -48.66 -36.22 -2.79
N THR V 13 -49.55 -35.75 -1.93
CA THR V 13 -50.98 -35.78 -2.20
C THR V 13 -51.34 -34.75 -3.27
N PRO V 14 -52.40 -34.97 -4.04
CA PRO V 14 -52.80 -33.97 -5.04
C PRO V 14 -53.30 -32.70 -4.39
N GLY V 15 -53.01 -31.57 -5.05
CA GLY V 15 -53.36 -30.27 -4.55
C GLY V 15 -52.37 -29.66 -3.57
N SER V 16 -51.42 -30.45 -3.07
CA SER V 16 -50.45 -29.96 -2.11
C SER V 16 -49.26 -29.35 -2.84
N SER V 17 -48.24 -28.95 -2.09
CA SER V 17 -47.03 -28.39 -2.65
C SER V 17 -45.84 -29.28 -2.33
N VAL V 18 -44.71 -28.95 -2.92
CA VAL V 18 -43.48 -29.71 -2.73
C VAL V 18 -42.31 -28.73 -2.85
N LYS V 19 -41.24 -29.00 -2.10
CA LYS V 19 -40.05 -28.18 -2.16
C LYS V 19 -38.84 -29.07 -2.40
N ILE V 20 -38.08 -28.77 -3.44
CA ILE V 20 -36.91 -29.54 -3.81
C ILE V 20 -35.68 -28.66 -3.68
N SER V 21 -34.71 -29.13 -2.90
CA SER V 21 -33.48 -28.39 -2.64
C SER V 21 -32.36 -28.93 -3.51
N CYS V 22 -31.66 -28.02 -4.18
CA CYS V 22 -30.51 -28.36 -5.01
C CYS V 22 -29.29 -27.68 -4.41
N ARG V 23 -28.42 -28.46 -3.78
CA ARG V 23 -27.24 -27.93 -3.12
C ARG V 23 -26.07 -27.99 -4.08
N ALA V 24 -25.51 -26.84 -4.41
CA ALA V 24 -24.40 -26.73 -5.33
C ALA V 24 -23.11 -26.49 -4.57
N SER V 25 -22.05 -27.15 -5.02
CA SER V 25 -20.76 -27.04 -4.36
C SER V 25 -19.64 -27.21 -5.36
N GLY V 26 -18.55 -26.48 -5.14
CA GLY V 26 -17.37 -26.60 -5.95
C GLY V 26 -17.14 -25.49 -6.94
N TYR V 27 -17.91 -24.42 -6.88
CA TYR V 27 -17.73 -23.27 -7.74
C TYR V 27 -18.29 -22.07 -7.02
N ASN V 28 -18.00 -20.88 -7.54
CA ASN V 28 -18.52 -19.66 -6.93
C ASN V 28 -19.99 -19.53 -7.27
N PHE V 29 -20.85 -19.71 -6.27
CA PHE V 29 -22.29 -19.81 -6.49
C PHE V 29 -22.92 -18.51 -6.94
N ARG V 30 -22.26 -17.38 -6.70
CA ARG V 30 -22.80 -16.08 -7.06
C ARG V 30 -22.58 -15.70 -8.51
N ASP V 31 -22.18 -16.63 -9.37
CA ASP V 31 -21.88 -16.30 -10.75
C ASP V 31 -22.85 -16.94 -11.74
N TYR V 32 -23.04 -18.24 -11.66
CA TYR V 32 -23.75 -18.97 -12.69
C TYR V 32 -25.21 -19.16 -12.31
N SER V 33 -26.07 -19.11 -13.33
CA SER V 33 -27.48 -19.32 -13.10
C SER V 33 -27.76 -20.78 -12.82
N ILE V 34 -28.92 -21.05 -12.24
CA ILE V 34 -29.40 -22.41 -12.01
C ILE V 34 -30.72 -22.56 -12.75
N HIS V 35 -30.81 -23.57 -13.59
CA HIS V 35 -32.05 -23.82 -14.29
C HIS V 35 -32.71 -25.05 -13.71
N TRP V 36 -34.04 -25.09 -13.81
CA TRP V 36 -34.80 -26.27 -13.41
C TRP V 36 -35.49 -26.86 -14.62
N VAL V 37 -35.37 -28.16 -14.79
CA VAL V 37 -35.99 -28.84 -15.91
C VAL V 37 -36.73 -30.05 -15.36
N ARG V 38 -37.72 -30.51 -16.12
CA ARG V 38 -38.49 -31.67 -15.73
C ARG V 38 -38.41 -32.71 -16.84
N LEU V 39 -38.66 -33.96 -16.46
CA LEU V 39 -38.77 -35.07 -17.40
C LEU V 39 -40.04 -35.83 -17.05
N ILE V 40 -41.05 -35.66 -17.88
CA ILE V 40 -42.31 -36.39 -17.77
C ILE V 40 -42.18 -37.58 -18.71
N PRO V 41 -42.61 -38.79 -18.30
CA PRO V 41 -42.61 -39.92 -19.22
C PRO V 41 -43.60 -39.71 -20.36
N ASP V 42 -43.15 -40.06 -21.57
CA ASP V 42 -43.88 -39.93 -22.82
C ASP V 42 -44.25 -38.49 -23.16
N LYS V 43 -43.53 -37.51 -22.60
CA LYS V 43 -43.71 -36.12 -22.94
C LYS V 43 -42.40 -35.40 -23.22
N GLY V 44 -41.26 -36.04 -23.00
CA GLY V 44 -39.99 -35.39 -23.22
C GLY V 44 -39.65 -34.42 -22.10
N PHE V 45 -38.74 -33.51 -22.42
CA PHE V 45 -38.31 -32.52 -21.45
C PHE V 45 -39.25 -31.33 -21.45
N GLU V 46 -39.21 -30.58 -20.36
CA GLU V 46 -39.94 -29.32 -20.28
C GLU V 46 -39.20 -28.41 -19.32
N TRP V 47 -38.77 -27.26 -19.82
CA TRP V 47 -38.02 -26.31 -19.02
C TRP V 47 -38.98 -25.58 -18.07
N ILE V 48 -38.46 -25.23 -16.90
CA ILE V 48 -39.31 -24.60 -15.88
C ILE V 48 -38.93 -23.15 -15.70
N GLY V 49 -37.71 -22.90 -15.24
CA GLY V 49 -37.30 -21.53 -15.00
C GLY V 49 -35.86 -21.48 -14.53
N TRP V 50 -35.29 -20.29 -14.64
CA TRP V 50 -33.92 -20.07 -14.18
C TRP V 50 -33.90 -19.06 -13.05
N ILE V 51 -32.84 -19.13 -12.25
CA ILE V 51 -32.63 -18.23 -11.13
C ILE V 51 -31.16 -17.85 -11.10
N LYS V 52 -30.89 -16.54 -11.07
CA LYS V 52 -29.55 -16.02 -10.87
C LYS V 52 -29.38 -15.73 -9.40
N PRO V 53 -28.46 -16.40 -8.71
CA PRO V 53 -28.42 -16.31 -7.24
C PRO V 53 -27.80 -15.04 -6.70
N LEU V 54 -27.16 -14.24 -7.56
CA LEU V 54 -26.51 -13.01 -7.10
C LEU V 54 -27.53 -12.03 -6.52
N TRP V 55 -28.71 -11.97 -7.12
CA TRP V 55 -29.84 -11.30 -6.51
C TRP V 55 -31.08 -12.17 -6.51
N GLY V 56 -30.94 -13.45 -6.88
CA GLY V 56 -32.09 -14.32 -6.94
C GLY V 56 -33.09 -13.96 -8.00
N ALA V 57 -32.65 -13.37 -9.09
CA ALA V 57 -33.58 -12.96 -10.14
C ALA V 57 -34.07 -14.19 -10.88
N VAL V 58 -35.39 -14.36 -10.94
CA VAL V 58 -35.96 -15.59 -11.46
C VAL V 58 -36.76 -15.30 -12.72
N SER V 59 -36.93 -16.33 -13.53
CA SER V 59 -37.85 -16.29 -14.65
C SER V 59 -38.44 -17.67 -14.84
N TYR V 60 -39.76 -17.74 -14.97
CA TYR V 60 -40.48 -18.99 -15.05
C TYR V 60 -41.04 -19.16 -16.45
N ALA V 61 -41.39 -20.41 -16.78
CA ALA V 61 -42.02 -20.67 -18.05
C ALA V 61 -43.43 -20.10 -18.08
N ARG V 62 -43.94 -19.89 -19.29
CA ARG V 62 -45.22 -19.22 -19.44
C ARG V 62 -46.37 -20.09 -18.98
N GLN V 63 -46.32 -21.38 -19.27
CA GLN V 63 -47.41 -22.28 -18.90
C GLN V 63 -47.30 -22.78 -17.47
N LEU V 64 -46.37 -22.23 -16.68
CA LEU V 64 -46.21 -22.66 -15.28
C LEU V 64 -46.25 -21.49 -14.32
N GLN V 65 -46.66 -20.30 -14.76
CA GLN V 65 -46.63 -19.14 -13.88
C GLN V 65 -47.75 -19.21 -12.86
N GLY V 66 -47.45 -18.72 -11.66
CA GLY V 66 -48.36 -18.79 -10.54
C GLY V 66 -48.31 -20.07 -9.75
N ARG V 67 -47.66 -21.12 -10.27
CA ARG V 67 -47.61 -22.40 -9.59
C ARG V 67 -46.24 -22.74 -9.03
N VAL V 68 -45.20 -22.01 -9.41
CA VAL V 68 -43.84 -22.34 -9.03
C VAL V 68 -43.21 -21.13 -8.34
N SER V 69 -42.19 -21.38 -7.52
CA SER V 69 -41.49 -20.31 -6.82
C SER V 69 -40.08 -20.77 -6.52
N MET V 70 -39.09 -20.02 -6.95
CA MET V 70 -37.69 -20.40 -6.79
C MET V 70 -37.00 -19.41 -5.87
N THR V 71 -36.37 -19.93 -4.83
CA THR V 71 -35.57 -19.11 -3.92
C THR V 71 -34.15 -19.66 -3.87
N ARG V 72 -33.29 -18.96 -3.13
CA ARG V 72 -31.93 -19.43 -2.96
C ARG V 72 -31.42 -19.01 -1.60
N GLN V 73 -30.41 -19.74 -1.13
CA GLN V 73 -29.70 -19.45 0.10
C GLN V 73 -28.23 -19.40 -0.25
N LEU V 74 -27.65 -18.22 -0.17
CA LEU V 74 -26.23 -18.03 -0.41
C LEU V 74 -25.44 -18.46 0.81
N SER V 75 -24.12 -18.47 0.65
CA SER V 75 -23.21 -18.73 1.74
C SER V 75 -22.65 -17.40 2.22
N GLN V 76 -23.00 -17.01 3.45
CA GLN V 76 -22.50 -15.76 4.00
C GLN V 76 -21.52 -16.11 5.11
N ASP V 77 -20.28 -16.41 4.70
CA ASP V 77 -19.12 -16.56 5.56
C ASP V 77 -17.89 -16.43 4.69
N PRO V 78 -16.81 -15.82 5.18
CA PRO V 78 -15.63 -15.63 4.34
C PRO V 78 -14.74 -16.85 4.21
N ASP V 79 -15.16 -18.02 4.69
CA ASP V 79 -14.35 -19.23 4.62
C ASP V 79 -14.86 -20.23 3.61
N ASP V 80 -16.18 -20.43 3.49
CA ASP V 80 -16.77 -21.29 2.47
C ASP V 80 -17.70 -20.46 1.61
N PRO V 81 -17.16 -19.71 0.64
CA PRO V 81 -18.00 -18.89 -0.22
C PRO V 81 -18.55 -19.63 -1.43
N ASP V 82 -18.29 -20.93 -1.55
CA ASP V 82 -18.60 -21.64 -2.78
C ASP V 82 -19.98 -22.29 -2.77
N TRP V 83 -20.36 -22.93 -1.67
CA TRP V 83 -21.59 -23.70 -1.65
C TRP V 83 -22.81 -22.79 -1.63
N GLY V 84 -23.93 -23.32 -2.11
CA GLY V 84 -25.17 -22.57 -2.10
C GLY V 84 -26.32 -23.55 -2.27
N VAL V 85 -27.53 -23.08 -2.01
CA VAL V 85 -28.70 -23.95 -2.13
C VAL V 85 -29.77 -23.24 -2.94
N ALA V 86 -30.20 -23.84 -4.03
CA ALA V 86 -31.41 -23.38 -4.69
C ALA V 86 -32.61 -24.17 -4.15
N TYR V 87 -33.78 -23.55 -4.20
CA TYR V 87 -35.01 -24.20 -3.80
C TYR V 87 -36.05 -23.97 -4.88
N MET V 88 -36.68 -25.05 -5.34
CA MET V 88 -37.83 -24.94 -6.23
C MET V 88 -39.06 -25.46 -5.49
N GLU V 89 -40.05 -24.60 -5.31
CA GLU V 89 -41.32 -24.99 -4.70
C GLU V 89 -42.38 -25.05 -5.78
N PHE V 90 -42.96 -26.22 -5.94
CA PHE V 90 -43.98 -26.49 -6.94
C PHE V 90 -45.30 -26.70 -6.22
N SER V 91 -46.26 -25.83 -6.48
CA SER V 91 -47.55 -25.87 -5.81
C SER V 91 -48.65 -26.24 -6.79
N GLY V 92 -49.78 -26.68 -6.23
CA GLY V 92 -50.91 -27.08 -7.05
C GLY V 92 -50.63 -28.33 -7.82
N LEU V 93 -50.44 -29.44 -7.12
CA LEU V 93 -50.01 -30.68 -7.76
C LEU V 93 -51.19 -31.43 -8.36
N THR V 94 -50.98 -31.95 -9.55
CA THR V 94 -51.93 -32.74 -10.31
C THR V 94 -51.31 -34.12 -10.54
N PRO V 95 -52.10 -35.13 -10.92
CA PRO V 95 -51.51 -36.41 -11.30
C PRO V 95 -50.62 -36.36 -12.53
N ALA V 96 -50.76 -35.33 -13.38
CA ALA V 96 -49.85 -35.18 -14.50
C ALA V 96 -48.47 -34.72 -14.07
N ASP V 97 -48.33 -34.20 -12.85
CA ASP V 97 -47.05 -33.68 -12.38
C ASP V 97 -46.10 -34.74 -11.88
N THR V 98 -46.49 -36.02 -11.89
CA THR V 98 -45.59 -37.09 -11.50
C THR V 98 -44.50 -37.22 -12.54
N ALA V 99 -43.27 -36.92 -12.14
CA ALA V 99 -42.18 -36.77 -13.10
C ALA V 99 -40.86 -36.88 -12.37
N GLU V 100 -39.78 -36.54 -13.06
CA GLU V 100 -38.45 -36.44 -12.45
C GLU V 100 -37.89 -35.06 -12.68
N TYR V 101 -37.51 -34.38 -11.61
CA TYR V 101 -37.09 -32.99 -11.67
C TYR V 101 -35.57 -32.90 -11.51
N PHE V 102 -34.99 -31.94 -12.23
CA PHE V 102 -33.55 -31.78 -12.30
C PHE V 102 -33.19 -30.31 -12.11
N CYS V 103 -32.12 -30.05 -11.38
CA CYS V 103 -31.46 -28.75 -11.38
C CYS V 103 -30.17 -28.85 -12.17
N VAL V 104 -29.89 -27.83 -12.98
CA VAL V 104 -28.77 -27.89 -13.90
C VAL V 104 -28.01 -26.57 -13.90
N ARG V 105 -26.71 -26.68 -14.19
CA ARG V 105 -25.84 -25.53 -14.40
C ARG V 105 -25.20 -25.62 -15.77
N ARG V 106 -25.02 -24.46 -16.40
CA ARG V 106 -24.42 -24.33 -17.71
C ARG V 106 -22.92 -24.62 -17.66
N GLY V 107 -22.32 -24.68 -18.84
CA GLY V 107 -20.89 -24.82 -18.93
C GLY V 107 -20.17 -23.54 -18.56
N SER V 108 -18.84 -23.62 -18.53
CA SER V 108 -18.01 -22.50 -18.12
C SER V 108 -17.09 -21.99 -19.22
N CYS V 109 -17.32 -22.42 -20.47
CA CYS V 109 -16.44 -22.02 -21.55
C CYS V 109 -16.87 -20.67 -22.13
N ASP V 110 -16.15 -20.23 -23.16
CA ASP V 110 -16.45 -18.94 -23.78
C ASP V 110 -17.71 -19.02 -24.64
N TYR V 111 -17.71 -19.89 -25.63
CA TYR V 111 -18.84 -20.03 -26.54
C TYR V 111 -20.01 -20.78 -25.92
N CYS V 112 -19.86 -21.29 -24.70
CA CYS V 112 -20.98 -21.85 -23.97
C CYS V 112 -21.99 -20.76 -23.66
N GLY V 113 -23.25 -21.01 -24.01
CA GLY V 113 -24.29 -20.03 -23.76
C GLY V 113 -24.79 -20.12 -22.34
N ASP V 114 -26.09 -20.17 -22.16
CA ASP V 114 -26.67 -20.34 -20.83
C ASP V 114 -27.48 -21.61 -20.70
N PHE V 115 -28.23 -21.95 -21.71
CA PHE V 115 -29.00 -23.18 -21.82
C PHE V 115 -28.27 -24.49 -22.12
N PRO V 116 -27.08 -24.52 -22.77
CA PRO V 116 -26.34 -25.78 -22.80
C PRO V 116 -25.82 -26.22 -21.44
N TRP V 117 -26.71 -26.86 -20.68
CA TRP V 117 -26.46 -27.23 -19.29
C TRP V 117 -25.42 -28.33 -19.23
N GLN V 118 -24.24 -28.01 -18.71
CA GLN V 118 -23.20 -29.02 -18.58
C GLN V 118 -23.45 -29.94 -17.40
N TYR V 119 -23.57 -29.38 -16.20
CA TYR V 119 -23.62 -30.19 -15.00
C TYR V 119 -25.06 -30.40 -14.55
N TRP V 120 -25.36 -31.62 -14.15
CA TRP V 120 -26.71 -32.07 -13.88
C TRP V 120 -26.78 -32.66 -12.48
N GLY V 121 -27.88 -32.41 -11.78
CA GLY V 121 -28.14 -33.12 -10.56
C GLY V 121 -28.55 -34.55 -10.81
N GLN V 122 -28.65 -35.33 -9.74
CA GLN V 122 -28.97 -36.73 -9.89
C GLN V 122 -30.45 -36.97 -10.20
N GLY V 123 -31.29 -35.95 -10.06
CA GLY V 123 -32.70 -36.13 -10.35
C GLY V 123 -33.50 -36.48 -9.12
N THR V 124 -34.77 -36.07 -9.10
CA THR V 124 -35.64 -36.32 -7.96
C THR V 124 -37.00 -36.76 -8.48
N VAL V 125 -37.45 -37.93 -8.06
CA VAL V 125 -38.72 -38.48 -8.52
C VAL V 125 -39.85 -37.94 -7.64
N VAL V 126 -40.84 -37.33 -8.26
CA VAL V 126 -42.00 -36.81 -7.54
C VAL V 126 -43.23 -37.55 -8.05
N VAL V 127 -43.95 -38.22 -7.15
CA VAL V 127 -45.13 -38.98 -7.51
C VAL V 127 -46.34 -38.37 -6.81
N VAL V 128 -47.37 -38.06 -7.60
CA VAL V 128 -48.61 -37.52 -7.08
C VAL V 128 -49.65 -38.62 -7.07
N SER V 129 -50.27 -38.86 -5.91
CA SER V 129 -51.29 -39.89 -5.80
C SER V 129 -52.29 -39.58 -4.68
N GLU W 1 41.77 -34.51 14.96
CA GLU W 1 42.00 -33.25 15.66
C GLU W 1 43.13 -32.49 15.02
N ILE W 2 43.37 -31.29 15.51
CA ILE W 2 44.47 -30.44 15.05
C ILE W 2 45.32 -30.13 16.26
N VAL W 3 46.59 -30.47 16.17
CA VAL W 3 47.55 -30.16 17.21
C VAL W 3 48.29 -28.88 16.84
N LEU W 4 48.27 -27.91 17.74
CA LEU W 4 48.94 -26.65 17.51
C LEU W 4 50.15 -26.54 18.42
N THR W 5 51.20 -25.90 17.90
CA THR W 5 52.46 -25.80 18.63
C THR W 5 52.98 -24.36 18.54
N GLN W 6 53.17 -23.74 19.68
CA GLN W 6 53.76 -22.42 19.77
C GLN W 6 55.27 -22.58 19.99
N SER W 7 56.04 -22.39 18.94
CA SER W 7 57.46 -22.77 18.96
C SER W 7 58.41 -21.86 19.76
N PRO W 8 58.31 -20.52 19.79
CA PRO W 8 59.29 -19.78 20.60
C PRO W 8 59.06 -19.92 22.09
N GLY W 9 57.83 -20.15 22.52
CA GLY W 9 57.53 -20.25 23.94
C GLY W 9 57.73 -18.92 24.64
N ILE W 10 58.78 -18.83 25.44
CA ILE W 10 59.18 -17.57 26.05
C ILE W 10 60.12 -16.85 25.10
N LEU W 11 59.82 -15.59 24.81
CA LEU W 11 60.66 -14.76 23.96
C LEU W 11 61.09 -13.55 24.76
N SER W 12 62.39 -13.33 24.86
CA SER W 12 62.96 -12.30 25.72
C SER W 12 63.50 -11.18 24.82
N LEU W 13 62.79 -10.06 24.79
CA LEU W 13 63.15 -8.93 23.95
C LEU W 13 63.03 -7.63 24.72
N SER W 14 63.55 -6.57 24.10
CA SER W 14 63.58 -5.22 24.64
C SER W 14 62.60 -4.34 23.88
N PRO W 15 62.12 -3.25 24.49
CA PRO W 15 61.18 -2.37 23.78
C PRO W 15 61.77 -1.69 22.57
N GLY W 16 60.89 -1.35 21.63
CA GLY W 16 61.28 -0.75 20.38
C GLY W 16 61.74 -1.72 19.31
N GLU W 17 61.95 -2.98 19.65
CA GLU W 17 62.48 -3.96 18.70
C GLU W 17 61.35 -4.56 17.87
N THR W 18 61.66 -5.62 17.14
CA THR W 18 60.69 -6.39 16.39
C THR W 18 60.68 -7.82 16.91
N ALA W 19 59.56 -8.51 16.69
CA ALA W 19 59.37 -9.86 17.21
C ALA W 19 58.68 -10.70 16.14
N THR W 20 59.00 -11.99 16.14
CA THR W 20 58.42 -12.95 15.20
C THR W 20 58.03 -14.19 15.98
N LEU W 21 56.73 -14.45 16.07
CA LEU W 21 56.20 -15.61 16.78
C LEU W 21 55.70 -16.61 15.76
N PHE W 22 56.22 -17.83 15.83
CA PHE W 22 55.88 -18.88 14.88
C PHE W 22 54.88 -19.83 15.50
N CYS W 23 53.90 -20.25 14.70
CA CYS W 23 53.02 -21.34 15.09
C CYS W 23 52.93 -22.35 13.96
N LYS W 24 52.72 -23.60 14.35
CA LYS W 24 52.74 -24.72 13.43
C LYS W 24 51.49 -25.55 13.62
N ALA W 25 50.83 -25.88 12.53
CA ALA W 25 49.62 -26.69 12.56
C ALA W 25 49.96 -28.15 12.27
N SER W 26 49.01 -29.02 12.55
CA SER W 26 49.12 -30.42 12.19
C SER W 26 48.42 -30.75 10.89
N GLN W 27 47.68 -29.79 10.32
CA GLN W 27 46.95 -30.00 9.08
C GLN W 27 46.90 -28.69 8.32
N GLY W 28 47.37 -28.71 7.08
CA GLY W 28 47.50 -27.51 6.30
C GLY W 28 46.21 -27.10 5.62
N GLY W 29 46.26 -25.93 4.98
CA GLY W 29 45.14 -25.44 4.20
C GLY W 29 44.00 -24.91 5.04
N ASN W 30 44.29 -23.98 5.94
CA ASN W 30 43.28 -23.43 6.84
C ASN W 30 43.67 -22.01 7.20
N ALA W 31 42.77 -21.34 7.90
CA ALA W 31 43.04 -20.00 8.40
C ALA W 31 43.67 -20.09 9.80
N MET W 32 43.97 -18.94 10.38
CA MET W 32 44.65 -18.90 11.66
C MET W 32 44.20 -17.67 12.43
N THR W 33 44.02 -17.82 13.73
CA THR W 33 43.61 -16.71 14.58
C THR W 33 44.68 -16.42 15.62
N TRP W 34 45.05 -15.16 15.73
CA TRP W 34 46.04 -14.71 16.71
C TRP W 34 45.38 -13.84 17.77
N TYR W 35 45.58 -14.23 19.02
CA TYR W 35 45.01 -13.59 20.20
C TYR W 35 46.09 -13.00 21.08
N GLN W 36 45.86 -11.79 21.58
CA GLN W 36 46.71 -11.17 22.59
C GLN W 36 46.02 -11.22 23.95
N LYS W 37 46.76 -11.60 24.98
CA LYS W 37 46.24 -11.60 26.34
C LYS W 37 47.28 -11.01 27.26
N ARG W 38 47.03 -9.81 27.78
CA ARG W 38 47.89 -9.24 28.79
C ARG W 38 47.61 -9.90 30.14
N ARG W 39 48.44 -9.55 31.12
CA ARG W 39 48.37 -10.19 32.42
C ARG W 39 47.15 -9.72 33.20
N GLY W 40 46.31 -10.67 33.59
CA GLY W 40 45.15 -10.36 34.42
C GLY W 40 44.09 -9.54 33.72
N GLN W 41 43.96 -9.67 32.41
CA GLN W 41 43.00 -8.88 31.65
C GLN W 41 42.18 -9.80 30.76
N VAL W 42 41.27 -9.19 30.01
CA VAL W 42 40.45 -9.90 29.03
C VAL W 42 41.31 -10.12 27.79
N PRO W 43 41.29 -11.30 27.18
CA PRO W 43 41.99 -11.48 25.90
C PRO W 43 41.35 -10.66 24.80
N ARG W 44 42.12 -10.48 23.73
CA ARG W 44 41.76 -9.52 22.69
C ARG W 44 42.22 -10.06 21.36
N LEU W 45 41.34 -10.01 20.36
CA LEU W 45 41.68 -10.51 19.04
C LEU W 45 42.70 -9.62 18.36
N LEU W 46 43.64 -10.24 17.66
CA LEU W 46 44.56 -9.51 16.80
C LEU W 46 44.34 -9.85 15.33
N ILE W 47 44.47 -11.12 14.97
CA ILE W 47 44.47 -11.50 13.56
C ILE W 47 43.43 -12.57 13.33
N TYR W 48 42.51 -12.31 12.40
CA TYR W 48 41.69 -13.35 11.83
C TYR W 48 42.01 -13.46 10.35
N ASP W 49 41.69 -14.62 9.77
CA ASP W 49 41.90 -14.96 8.36
C ASP W 49 43.37 -14.86 7.94
N THR W 50 44.29 -14.98 8.91
CA THR W 50 45.73 -15.15 8.78
C THR W 50 46.45 -13.90 8.26
N SER W 51 45.71 -12.89 7.80
CA SER W 51 46.34 -11.65 7.38
C SER W 51 45.55 -10.40 7.73
N ARG W 52 44.35 -10.52 8.27
CA ARG W 52 43.50 -9.36 8.50
C ARG W 52 43.57 -8.95 9.95
N ARG W 53 43.33 -7.67 10.19
CA ARG W 53 43.39 -7.10 11.53
C ARG W 53 42.00 -6.69 11.98
N ALA W 54 41.77 -6.76 13.28
CA ALA W 54 40.47 -6.44 13.86
C ALA W 54 40.37 -4.93 14.09
N SER W 55 39.29 -4.52 14.75
CA SER W 55 39.11 -3.11 15.07
C SER W 55 40.04 -2.70 16.20
N GLY W 56 40.64 -1.53 16.07
CA GLY W 56 41.56 -1.05 17.07
C GLY W 56 42.92 -1.73 17.07
N VAL W 57 43.21 -2.55 16.07
CA VAL W 57 44.50 -3.22 15.97
C VAL W 57 45.43 -2.33 15.15
N PRO W 58 46.57 -1.93 15.68
CA PRO W 58 47.53 -1.16 14.89
C PRO W 58 48.18 -2.04 13.83
N ASP W 59 48.50 -1.42 12.69
CA ASP W 59 49.01 -2.16 11.55
C ASP W 59 50.45 -2.64 11.71
N ARG W 60 51.11 -2.34 12.84
CA ARG W 60 52.43 -2.91 13.10
C ARG W 60 52.35 -4.41 13.37
N PHE W 61 51.18 -4.92 13.74
CA PHE W 61 50.95 -6.35 13.75
C PHE W 61 50.73 -6.83 12.33
N VAL W 62 51.51 -7.83 11.92
CA VAL W 62 51.38 -8.42 10.58
C VAL W 62 51.30 -9.93 10.77
N GLY W 63 50.15 -10.51 10.43
CA GLY W 63 50.03 -11.94 10.37
C GLY W 63 50.35 -12.44 8.97
N SER W 64 51.01 -13.58 8.90
CA SER W 64 51.38 -14.15 7.62
C SER W 64 51.52 -15.65 7.78
N GLY W 65 51.93 -16.33 6.72
CA GLY W 65 52.09 -17.76 6.76
C GLY W 65 51.10 -18.46 5.87
N SER W 66 51.42 -19.71 5.55
CA SER W 66 50.55 -20.54 4.73
C SER W 66 50.82 -22.00 5.07
N GLY W 67 49.96 -22.86 4.54
CA GLY W 67 50.06 -24.29 4.74
C GLY W 67 49.91 -24.67 6.19
N THR W 68 51.00 -25.15 6.79
CA THR W 68 51.03 -25.49 8.19
C THR W 68 51.82 -24.50 9.03
N ASP W 69 52.41 -23.47 8.42
CA ASP W 69 53.37 -22.62 9.10
C ASP W 69 52.92 -21.17 9.06
N PHE W 70 52.75 -20.56 10.23
CA PHE W 70 52.25 -19.19 10.29
C PHE W 70 53.15 -18.33 11.18
N PHE W 71 53.26 -17.06 10.79
CA PHE W 71 54.08 -16.09 11.48
C PHE W 71 53.21 -14.95 12.00
N LEU W 72 53.60 -14.40 13.14
CA LEU W 72 53.05 -13.15 13.64
C LEU W 72 54.21 -12.22 13.92
N THR W 73 54.31 -11.16 13.13
CA THR W 73 55.40 -10.20 13.25
C THR W 73 54.87 -8.95 13.94
N ILE W 74 55.51 -8.57 15.03
CA ILE W 74 55.18 -7.35 15.75
C ILE W 74 56.38 -6.42 15.65
N ASN W 75 56.24 -5.38 14.84
CA ASN W 75 57.27 -4.36 14.73
C ASN W 75 57.03 -3.30 15.79
N LYS W 76 58.12 -2.65 16.22
CA LYS W 76 58.11 -1.49 17.13
C LYS W 76 57.45 -1.86 18.46
N LEU W 77 58.13 -2.76 19.18
CA LEU W 77 57.59 -3.33 20.41
C LEU W 77 57.42 -2.27 21.49
N ASP W 78 56.17 -2.03 21.87
CA ASP W 78 55.87 -1.21 23.02
C ASP W 78 55.96 -2.06 24.29
N ARG W 79 55.99 -1.38 25.44
CA ARG W 79 55.92 -2.07 26.72
C ARG W 79 54.58 -2.74 26.91
N GLU W 80 53.51 -2.17 26.36
CA GLU W 80 52.17 -2.74 26.51
C GLU W 80 52.03 -4.05 25.75
N ASP W 81 52.82 -4.24 24.70
CA ASP W 81 52.67 -5.42 23.85
C ASP W 81 53.31 -6.67 24.44
N PHE W 82 54.03 -6.56 25.55
CA PHE W 82 54.60 -7.73 26.20
C PHE W 82 53.47 -8.49 26.88
N ALA W 83 53.01 -9.55 26.23
CA ALA W 83 51.84 -10.28 26.70
C ALA W 83 51.95 -11.72 26.22
N VAL W 84 50.93 -12.51 26.54
CA VAL W 84 50.84 -13.88 26.04
C VAL W 84 50.11 -13.84 24.71
N TYR W 85 50.53 -14.70 23.78
CA TYR W 85 49.97 -14.70 22.44
C TYR W 85 49.57 -16.11 22.04
N TYR W 86 48.32 -16.27 21.61
CA TYR W 86 47.73 -17.57 21.34
C TYR W 86 47.35 -17.71 19.88
N CYS W 87 47.35 -18.95 19.39
CA CYS W 87 46.90 -19.28 18.05
C CYS W 87 45.66 -20.16 18.15
N GLN W 88 44.76 -20.01 17.18
CA GLN W 88 43.47 -20.68 17.23
C GLN W 88 43.09 -21.21 15.86
N GLN W 89 42.76 -22.50 15.82
CA GLN W 89 42.22 -23.15 14.64
C GLN W 89 40.97 -23.91 15.04
N PHE W 90 39.82 -23.29 14.84
CA PHE W 90 38.44 -23.81 14.87
C PHE W 90 37.93 -24.29 16.21
N GLU W 91 38.81 -24.82 17.10
CA GLU W 91 38.52 -25.04 18.51
C GLU W 91 39.79 -25.27 19.31
N PHE W 92 40.86 -25.68 18.67
CA PHE W 92 42.09 -26.08 19.33
C PHE W 92 42.98 -24.87 19.48
N PHE W 93 43.70 -24.81 20.60
CA PHE W 93 44.54 -23.66 20.87
C PHE W 93 45.96 -24.10 21.14
N GLY W 94 46.91 -23.30 20.66
CA GLY W 94 48.28 -23.45 21.13
C GLY W 94 48.41 -23.02 22.57
N LEU W 95 49.45 -23.51 23.23
CA LEU W 95 49.57 -23.28 24.67
C LEU W 95 50.03 -21.88 25.01
N GLY W 96 50.48 -21.12 24.02
CA GLY W 96 50.70 -19.69 24.24
C GLY W 96 52.17 -19.32 24.21
N SER W 97 52.48 -18.29 23.45
CA SER W 97 53.81 -17.71 23.41
C SER W 97 53.81 -16.49 24.32
N GLU W 98 54.68 -16.50 25.32
CA GLU W 98 54.76 -15.43 26.30
C GLU W 98 55.90 -14.49 25.92
N LEU W 99 55.59 -13.21 25.75
CA LEU W 99 56.57 -12.21 25.40
C LEU W 99 57.13 -11.62 26.69
N GLU W 100 58.45 -11.66 26.83
CA GLU W 100 59.12 -11.32 28.08
C GLU W 100 60.00 -10.11 27.89
N VAL W 101 60.00 -9.23 28.89
CA VAL W 101 60.80 -8.00 28.85
C VAL W 101 62.25 -8.34 29.12
N HIS W 102 63.13 -7.98 28.18
CA HIS W 102 64.56 -8.13 28.40
C HIS W 102 65.20 -6.76 28.57
N GLU X 1 -42.75 -19.57 -30.77
CA GLU X 1 -42.07 -20.74 -30.26
C GLU X 1 -41.23 -21.40 -31.35
N ILE X 2 -40.50 -22.43 -30.96
CA ILE X 2 -39.69 -23.21 -31.88
C ILE X 2 -40.14 -24.65 -31.76
N VAL X 3 -40.55 -25.23 -32.87
CA VAL X 3 -40.96 -26.62 -32.92
C VAL X 3 -39.76 -27.44 -33.40
N LEU X 4 -39.38 -28.45 -32.63
CA LEU X 4 -38.29 -29.31 -33.00
C LEU X 4 -38.80 -30.69 -33.35
N THR X 5 -38.14 -31.33 -34.31
CA THR X 5 -38.60 -32.62 -34.83
C THR X 5 -37.40 -33.55 -34.95
N GLN X 6 -37.47 -34.69 -34.27
CA GLN X 6 -36.46 -35.74 -34.37
C GLN X 6 -36.90 -36.73 -35.43
N SER X 7 -36.33 -36.65 -36.62
CA SER X 7 -36.84 -37.39 -37.76
C SER X 7 -36.58 -38.90 -37.80
N PRO X 8 -35.43 -39.46 -37.37
CA PRO X 8 -35.32 -40.93 -37.45
C PRO X 8 -36.16 -41.65 -36.41
N GLY X 9 -36.41 -41.03 -35.25
CA GLY X 9 -37.17 -41.68 -34.21
C GLY X 9 -36.43 -42.86 -33.63
N ILE X 10 -36.91 -44.06 -33.93
CA ILE X 10 -36.20 -45.28 -33.58
C ILE X 10 -35.24 -45.60 -34.71
N LEU X 11 -33.98 -45.83 -34.37
CA LEU X 11 -32.96 -46.22 -35.34
C LEU X 11 -32.38 -47.56 -34.93
N SER X 12 -32.45 -48.53 -35.82
CA SER X 12 -32.08 -49.91 -35.52
C SER X 12 -30.74 -50.20 -36.20
N LEU X 13 -29.68 -50.26 -35.41
CA LEU X 13 -28.34 -50.48 -35.93
C LEU X 13 -27.59 -51.51 -35.08
N SER X 14 -26.46 -51.94 -35.60
CA SER X 14 -25.58 -52.92 -35.01
C SER X 14 -24.31 -52.23 -34.53
N PRO X 15 -23.61 -52.81 -33.54
CA PRO X 15 -22.38 -52.17 -33.04
C PRO X 15 -21.27 -52.13 -34.08
N GLY X 16 -20.38 -51.16 -33.90
CA GLY X 16 -19.30 -50.93 -34.82
C GLY X 16 -19.66 -50.11 -36.04
N GLU X 17 -20.93 -49.86 -36.29
CA GLU X 17 -21.37 -49.14 -37.49
C GLU X 17 -21.31 -47.64 -37.24
N THR X 18 -21.89 -46.88 -38.17
CA THR X 18 -22.04 -45.44 -38.04
C THR X 18 -23.52 -45.08 -38.04
N ALA X 19 -23.83 -43.92 -37.46
CA ALA X 19 -25.20 -43.48 -37.32
C ALA X 19 -25.29 -41.99 -37.63
N THR X 20 -26.44 -41.59 -38.17
CA THR X 20 -26.70 -40.19 -38.48
C THR X 20 -28.11 -39.85 -38.00
N LEU X 21 -28.19 -38.97 -37.01
CA LEU X 21 -29.46 -38.53 -36.46
C LEU X 21 -29.75 -37.11 -36.93
N PHE X 22 -30.89 -36.93 -37.57
CA PHE X 22 -31.26 -35.63 -38.12
C PHE X 22 -32.25 -34.93 -37.20
N CYS X 23 -32.07 -33.63 -37.04
CA CYS X 23 -33.07 -32.82 -36.37
C CYS X 23 -33.37 -31.60 -37.22
N LYS X 24 -34.61 -31.12 -37.10
CA LYS X 24 -35.10 -30.04 -37.93
C LYS X 24 -35.75 -29.00 -37.04
N ALA X 25 -35.38 -27.74 -37.25
CA ALA X 25 -35.91 -26.63 -36.50
C ALA X 25 -37.06 -25.99 -37.24
N SER X 26 -37.82 -25.16 -36.53
CA SER X 26 -38.86 -24.36 -37.13
C SER X 26 -38.40 -22.96 -37.47
N GLN X 27 -37.21 -22.58 -37.02
CA GLN X 27 -36.66 -21.25 -37.26
C GLN X 27 -35.16 -21.36 -37.39
N GLY X 28 -34.62 -20.89 -38.51
CA GLY X 28 -33.20 -21.06 -38.79
C GLY X 28 -32.35 -19.99 -38.14
N GLY X 29 -31.04 -20.17 -38.30
CA GLY X 29 -30.08 -19.20 -37.82
C GLY X 29 -29.88 -19.24 -36.31
N ASN X 30 -29.55 -20.40 -35.77
CA ASN X 30 -29.38 -20.56 -34.33
C ASN X 30 -28.41 -21.70 -34.09
N ALA X 31 -28.07 -21.91 -32.82
CA ALA X 31 -27.22 -23.01 -32.44
C ALA X 31 -28.09 -24.22 -32.09
N MET X 32 -27.43 -25.32 -31.74
CA MET X 32 -28.13 -26.57 -31.47
C MET X 32 -27.38 -27.33 -30.39
N THR X 33 -28.13 -27.98 -29.50
CA THR X 33 -27.53 -28.75 -28.42
C THR X 33 -27.96 -30.21 -28.53
N TRP X 34 -27.00 -31.12 -28.47
CA TRP X 34 -27.24 -32.56 -28.52
C TRP X 34 -26.93 -33.19 -27.17
N TYR X 35 -27.91 -33.91 -26.63
CA TYR X 35 -27.84 -34.57 -25.34
C TYR X 35 -27.93 -36.09 -25.52
N GLN X 36 -27.12 -36.82 -24.76
CA GLN X 36 -27.22 -38.27 -24.66
C GLN X 36 -27.83 -38.65 -23.32
N LYS X 37 -28.77 -39.58 -23.33
CA LYS X 37 -29.36 -40.10 -22.11
C LYS X 37 -29.50 -41.61 -22.22
N ARG X 38 -28.72 -42.34 -21.45
CA ARG X 38 -28.87 -43.78 -21.38
C ARG X 38 -30.07 -44.14 -20.52
N ARG X 39 -30.38 -45.43 -20.49
CA ARG X 39 -31.59 -45.91 -19.81
C ARG X 39 -31.40 -45.85 -18.31
N GLY X 40 -32.30 -45.12 -17.64
CA GLY X 40 -32.28 -45.04 -16.19
C GLY X 40 -31.09 -44.33 -15.60
N GLN X 41 -30.53 -43.36 -16.32
CA GLN X 41 -29.34 -42.65 -15.87
C GLN X 41 -29.56 -41.15 -15.98
N VAL X 42 -28.53 -40.41 -15.63
CA VAL X 42 -28.52 -38.95 -15.74
C VAL X 42 -28.23 -38.59 -17.18
N PRO X 43 -28.91 -37.61 -17.77
CA PRO X 43 -28.53 -37.15 -19.11
C PRO X 43 -27.16 -36.49 -19.10
N ARG X 44 -26.58 -36.39 -20.29
CA ARG X 44 -25.20 -35.98 -20.43
C ARG X 44 -25.04 -35.19 -21.71
N LEU X 45 -24.36 -34.06 -21.63
CA LEU X 45 -24.19 -33.20 -22.80
C LEU X 45 -23.21 -33.84 -23.78
N LEU X 46 -23.52 -33.71 -25.07
CA LEU X 46 -22.60 -34.09 -26.12
C LEU X 46 -22.13 -32.88 -26.92
N ILE X 47 -23.06 -32.15 -27.53
CA ILE X 47 -22.70 -31.10 -28.48
C ILE X 47 -23.35 -29.80 -28.07
N TYR X 48 -22.55 -28.77 -27.88
CA TYR X 48 -23.04 -27.41 -27.84
C TYR X 48 -22.44 -26.64 -29.01
N ASP X 49 -23.10 -25.54 -29.36
CA ASP X 49 -22.72 -24.62 -30.45
C ASP X 49 -22.64 -25.32 -31.80
N THR X 50 -23.36 -26.45 -31.95
CA THR X 50 -23.64 -27.19 -33.17
C THR X 50 -22.41 -27.90 -33.75
N SER X 51 -21.21 -27.62 -33.23
CA SER X 51 -20.03 -28.33 -33.69
C SER X 51 -19.03 -28.64 -32.60
N ARG X 52 -19.22 -28.16 -31.37
CA ARG X 52 -18.23 -28.32 -30.33
C ARG X 52 -18.60 -29.46 -29.40
N ARG X 53 -17.60 -30.05 -28.78
CA ARG X 53 -17.78 -31.18 -27.89
C ARG X 53 -17.44 -30.76 -26.45
N ALA X 54 -18.13 -31.38 -25.51
CA ALA X 54 -17.94 -31.08 -24.10
C ALA X 54 -16.77 -31.88 -23.54
N SER X 55 -16.60 -31.82 -22.23
CA SER X 55 -15.54 -32.57 -21.58
C SER X 55 -15.89 -34.04 -21.53
N GLY X 56 -14.90 -34.89 -21.80
CA GLY X 56 -15.13 -36.32 -21.80
C GLY X 56 -15.89 -36.84 -22.99
N VAL X 57 -16.12 -36.02 -24.00
CA VAL X 57 -16.83 -36.44 -25.21
C VAL X 57 -15.80 -36.94 -26.21
N PRO X 58 -15.89 -38.19 -26.66
CA PRO X 58 -14.97 -38.65 -27.70
C PRO X 58 -15.30 -38.00 -29.04
N ASP X 59 -14.25 -37.77 -29.83
CA ASP X 59 -14.38 -37.04 -31.08
C ASP X 59 -15.08 -37.83 -32.19
N ARG X 60 -15.48 -39.08 -31.95
CA ARG X 60 -16.29 -39.81 -32.92
C ARG X 60 -17.69 -39.23 -33.02
N PHE X 61 -18.14 -38.48 -32.02
CA PHE X 61 -19.34 -37.65 -32.16
C PHE X 61 -18.99 -36.41 -32.96
N VAL X 62 -19.74 -36.17 -34.03
CA VAL X 62 -19.57 -34.99 -34.87
C VAL X 62 -20.93 -34.34 -35.04
N GLY X 63 -21.09 -33.14 -34.51
CA GLY X 63 -22.27 -32.35 -34.78
C GLY X 63 -22.05 -31.46 -36.00
N SER X 64 -23.09 -31.31 -36.80
CA SER X 64 -22.99 -30.48 -38.00
C SER X 64 -24.38 -29.97 -38.33
N GLY X 65 -24.48 -29.24 -39.43
CA GLY X 65 -25.75 -28.71 -39.86
C GLY X 65 -25.76 -27.20 -39.78
N SER X 66 -26.72 -26.62 -40.50
CA SER X 66 -26.91 -25.18 -40.50
C SER X 66 -28.36 -24.88 -40.84
N GLY X 67 -28.72 -23.61 -40.67
CA GLY X 67 -30.06 -23.13 -40.95
C GLY X 67 -31.09 -23.80 -40.07
N THR X 68 -31.94 -24.61 -40.67
CA THR X 68 -32.94 -25.36 -39.94
C THR X 68 -32.62 -26.84 -39.81
N ASP X 69 -31.51 -27.29 -40.40
CA ASP X 69 -31.24 -28.73 -40.54
C ASP X 69 -29.92 -29.08 -39.89
N PHE X 70 -29.95 -29.98 -38.92
CA PHE X 70 -28.74 -30.35 -38.19
C PHE X 70 -28.58 -31.86 -38.15
N PHE X 71 -27.32 -32.29 -38.18
CA PHE X 71 -26.95 -33.70 -38.16
C PHE X 71 -26.10 -33.99 -36.94
N LEU X 72 -26.26 -35.20 -36.41
CA LEU X 72 -25.35 -35.74 -35.40
C LEU X 72 -24.85 -37.08 -35.91
N THR X 73 -23.57 -37.16 -36.22
CA THR X 73 -22.95 -38.36 -36.75
C THR X 73 -22.16 -39.04 -35.65
N ILE X 74 -22.48 -40.30 -35.39
CA ILE X 74 -21.75 -41.11 -34.43
C ILE X 74 -21.07 -42.22 -35.20
N ASN X 75 -19.75 -42.12 -35.34
CA ASN X 75 -18.97 -43.18 -35.96
C ASN X 75 -18.56 -44.19 -34.90
N LYS X 76 -18.37 -45.44 -35.33
CA LYS X 76 -17.85 -46.54 -34.51
C LYS X 76 -18.73 -46.78 -33.28
N LEU X 77 -19.96 -47.22 -33.57
CA LEU X 77 -20.99 -47.37 -32.55
C LEU X 77 -20.61 -48.43 -31.53
N ASP X 78 -20.43 -48.01 -30.28
CA ASP X 78 -20.27 -48.91 -29.17
C ASP X 78 -21.63 -49.38 -28.69
N ARG X 79 -21.62 -50.43 -27.85
CA ARG X 79 -22.85 -50.87 -27.19
C ARG X 79 -23.35 -49.82 -26.21
N GLU X 80 -22.44 -49.07 -25.59
CA GLU X 80 -22.81 -48.06 -24.60
C GLU X 80 -23.54 -46.88 -25.24
N ASP X 81 -23.29 -46.62 -26.52
CA ASP X 81 -23.86 -45.45 -27.16
C ASP X 81 -25.31 -45.65 -27.60
N PHE X 82 -25.85 -46.86 -27.47
CA PHE X 82 -27.26 -47.08 -27.76
C PHE X 82 -28.09 -46.45 -26.66
N ALA X 83 -28.59 -45.24 -26.92
CA ALA X 83 -29.27 -44.47 -25.90
C ALA X 83 -30.28 -43.56 -26.59
N VAL X 84 -30.95 -42.75 -25.79
CA VAL X 84 -31.85 -41.74 -26.31
C VAL X 84 -31.04 -40.47 -26.57
N TYR X 85 -31.38 -39.75 -27.63
CA TYR X 85 -30.62 -38.57 -28.02
C TYR X 85 -31.57 -37.42 -28.27
N TYR X 86 -31.32 -36.29 -27.62
CA TYR X 86 -32.23 -35.15 -27.62
C TYR X 86 -31.56 -33.93 -28.25
N CYS X 87 -32.38 -33.07 -28.86
CA CYS X 87 -31.93 -31.80 -29.40
C CYS X 87 -32.56 -30.67 -28.61
N GLN X 88 -31.83 -29.56 -28.48
CA GLN X 88 -32.23 -28.46 -27.63
C GLN X 88 -31.95 -27.12 -28.29
N GLN X 89 -32.99 -26.29 -28.35
CA GLN X 89 -32.87 -24.91 -28.79
C GLN X 89 -33.56 -24.03 -27.75
N PHE X 90 -32.75 -23.50 -26.83
CA PHE X 90 -33.00 -22.43 -25.88
C PHE X 90 -34.01 -22.72 -24.78
N GLU X 91 -35.04 -23.56 -25.05
CA GLU X 91 -35.90 -24.16 -24.05
C GLU X 91 -36.69 -25.33 -24.60
N PHE X 92 -36.85 -25.41 -25.91
CA PHE X 92 -37.70 -26.39 -26.54
C PHE X 92 -36.87 -27.61 -26.86
N PHE X 93 -37.47 -28.79 -26.74
CA PHE X 93 -36.75 -30.03 -26.94
C PHE X 93 -37.46 -30.89 -27.97
N GLY X 94 -36.68 -31.58 -28.80
CA GLY X 94 -37.22 -32.66 -29.58
C GLY X 94 -37.60 -33.83 -28.70
N LEU X 95 -38.50 -34.67 -29.20
CA LEU X 95 -39.04 -35.73 -28.36
C LEU X 95 -38.06 -36.89 -28.18
N GLY X 96 -36.99 -36.92 -28.93
CA GLY X 96 -35.92 -37.86 -28.65
C GLY X 96 -35.78 -38.92 -29.72
N SER X 97 -34.55 -39.12 -30.18
CA SER X 97 -34.23 -40.20 -31.09
C SER X 97 -33.65 -41.34 -30.27
N GLU X 98 -34.28 -42.50 -30.35
CA GLU X 98 -33.87 -43.67 -29.58
C GLU X 98 -33.03 -44.59 -30.46
N LEU X 99 -31.83 -44.90 -30.01
CA LEU X 99 -30.92 -45.77 -30.75
C LEU X 99 -31.15 -47.20 -30.28
N GLU X 100 -31.45 -48.09 -31.23
CA GLU X 100 -31.87 -49.44 -30.93
C GLU X 100 -30.85 -50.45 -31.46
N VAL X 101 -30.61 -51.49 -30.67
CA VAL X 101 -29.64 -52.52 -31.02
C VAL X 101 -30.27 -53.44 -32.07
N HIS X 102 -29.60 -53.60 -33.21
CA HIS X 102 -30.03 -54.56 -34.21
C HIS X 102 -29.08 -55.74 -34.28
#